data_9UIO
#
_entry.id   9UIO
#
loop_
_entity.id
_entity.type
_entity.pdbx_description
1 polymer 'Spike glycoprotein E1'
2 polymer 'Spike glycoprotein E2'
3 polymer 'Very low-density lipoprotein receptor'
4 non-polymer 'CALCIUM ION'
#
loop_
_entity_poly.entity_id
_entity_poly.type
_entity_poly.pdbx_seq_one_letter_code
_entity_poly.pdbx_strand_id
1 'polypeptide(L)'
;FEHATTVPNVPGIPYKALVERAGYAPLNLEITVVSSELTPSTNKEYVTCKFHTVIPSPQVKCCGSLECKASSKADYTCRV
FGGVYPFMWGGAQCFCDSENTQLSEAYVEFAPDCTIDHAVALKVHTAALKVGLRIVYGNTTAHLDTFVNGVTPGSSRDLK
VIAGPISAAFSPFDHKVVIRKGLVYNYDFPEYGAMKPGAFGDIQASSLYATDIVARTDIRLLKPSVKNIHVPYTQAVSGY
EMWKNNSGRPLQETAPFGCKIEVEPLRASNCAYGHIPISIDIPDAAFVRSSESPTILEVSCTVADCIYSADFGGSLTLQY
KADREGHCPVHSHSTTAVLKEATTHVTATGSITLHFSTSSPQANFIVSLCGKKTTCNAECKPPADHIIGEPHKVDQEFQA
AVSKTSWNWLLALFGGASSLIVVGLIVLVCSSMLINTRR
;
A,C,E
2 'polypeptide(L)'
;SITDDFTLTSPYLGFCPYCRHSAPCFSPIKIENVWDESDDGSIRIQVSAQFGYNQAGTADVTKFRYMSYDHDHDIKEDSM
EKIAISTSGPCRRLGHKGYFLLAQCPPGDSVTVSITSGASENSCTVEKKIRRKFVGREEYLFPPVHGKLLKCHIYDHLKE
TSAGYITMHRPGPHAYKSYLKEASGEVYIKPPSGKNVTYECKCGDYSTGIVSTQTKMNGCTKARQCIAYTRDQTKWVFNS
PDLIRHTDHSVQGKLHIPFRLTPTVCRVPLAHTPTVTKWFKGITLHLTATRPTLLTTRKLGLRADATAEWITGTTSRNFS
VGREGLEYVWGNHEPVRVWAQESAPGDPHGWPHEIIIHYYHRHPVYTVIVLCGVALAILVGTASSAACIAKARRDCLTPY
ALAPNATVPTALAVLCCI
;
B,D,F
3 'polypeptide(L)' KCEPSQFQCTNGRCITLLWKCDGDEDCVDGSDEKNCVKKTCAESDFVCNNGQCVPSRWKCDGDPDCEDGSDESPEQCHM R,S,T
#
loop_
_chem_comp.id
_chem_comp.type
_chem_comp.name
_chem_comp.formula
CA non-polymer 'CALCIUM ION' 'Ca 2'
#
# COMPACT_ATOMS: atom_id res chain seq x y z
N PHE A 1 -9.15 15.98 -70.68
CA PHE A 1 -9.16 14.52 -70.63
C PHE A 1 -9.53 14.00 -69.24
N GLU A 2 -10.18 12.84 -69.22
CA GLU A 2 -10.62 12.21 -67.98
C GLU A 2 -9.69 11.05 -67.64
N HIS A 3 -9.23 11.02 -66.39
CA HIS A 3 -8.38 9.94 -65.90
C HIS A 3 -8.99 9.34 -64.65
N ALA A 4 -9.23 8.03 -64.68
CA ALA A 4 -9.82 7.31 -63.55
C ALA A 4 -8.69 6.63 -62.79
N THR A 5 -8.29 7.23 -61.68
CA THR A 5 -7.25 6.68 -60.84
C THR A 5 -7.82 6.31 -59.48
N THR A 6 -7.16 5.37 -58.81
CA THR A 6 -7.54 4.93 -57.47
C THR A 6 -6.38 5.31 -56.55
N VAL A 7 -6.53 6.43 -55.86
CA VAL A 7 -5.46 7.00 -55.04
C VAL A 7 -5.60 6.45 -53.62
N PRO A 8 -4.63 5.69 -53.13
CA PRO A 8 -4.70 5.21 -51.74
C PRO A 8 -4.70 6.38 -50.77
N ASN A 9 -5.56 6.29 -49.76
CA ASN A 9 -5.72 7.36 -48.78
C ASN A 9 -4.73 7.15 -47.64
N VAL A 10 -3.48 7.50 -47.91
CA VAL A 10 -2.47 7.58 -46.85
C VAL A 10 -1.80 8.94 -46.97
N PRO A 11 -1.87 9.78 -45.94
CA PRO A 11 -1.46 11.20 -46.04
C PRO A 11 0.05 11.46 -46.06
N GLY A 12 0.62 11.44 -47.26
CA GLY A 12 2.01 11.82 -47.40
C GLY A 12 2.79 11.11 -48.50
N ILE A 13 2.28 10.00 -48.99
CA ILE A 13 2.91 9.26 -50.08
C ILE A 13 2.23 9.66 -51.38
N PRO A 14 2.91 10.35 -52.29
CA PRO A 14 2.30 10.68 -53.57
C PRO A 14 2.02 9.44 -54.40
N TYR A 15 0.96 9.51 -55.20
CA TYR A 15 0.60 8.45 -56.14
C TYR A 15 0.93 8.93 -57.54
N LYS A 16 1.85 8.24 -58.19
CA LYS A 16 2.36 8.67 -59.50
C LYS A 16 1.61 7.95 -60.60
N ALA A 17 0.93 8.71 -61.45
CA ALA A 17 0.19 8.17 -62.57
C ALA A 17 0.70 8.79 -63.86
N LEU A 18 0.47 8.08 -64.97
CA LEU A 18 0.88 8.54 -66.29
C LEU A 18 -0.34 8.55 -67.19
N VAL A 19 -0.82 9.74 -67.53
CA VAL A 19 -1.97 9.92 -68.41
C VAL A 19 -1.44 10.16 -69.81
N GLU A 20 -1.82 9.30 -70.75
CA GLU A 20 -1.38 9.43 -72.13
C GLU A 20 -2.60 9.39 -73.05
N ARG A 21 -2.60 10.29 -74.02
CA ARG A 21 -3.62 10.33 -75.06
C ARG A 21 -2.92 10.20 -76.41
N ALA A 22 -3.65 9.67 -77.39
CA ALA A 22 -3.10 9.50 -78.71
C ALA A 22 -2.73 10.85 -79.33
N GLY A 23 -1.54 10.91 -79.91
CA GLY A 23 -1.06 12.12 -80.55
C GLY A 23 -0.46 13.15 -79.62
N TYR A 24 -0.46 12.90 -78.31
CA TYR A 24 0.13 13.82 -77.34
C TYR A 24 1.15 13.07 -76.50
N ALA A 25 2.18 13.79 -76.08
CA ALA A 25 3.20 13.19 -75.23
C ALA A 25 2.62 12.83 -73.87
N PRO A 26 3.09 11.74 -73.26
CA PRO A 26 2.57 11.34 -71.95
C PRO A 26 2.81 12.42 -70.90
N LEU A 27 1.85 12.54 -69.98
CA LEU A 27 1.87 13.57 -68.94
C LEU A 27 1.97 12.91 -67.58
N ASN A 28 2.84 13.44 -66.74
CA ASN A 28 3.04 12.88 -65.41
C ASN A 28 2.07 13.50 -64.41
N LEU A 29 1.43 12.65 -63.62
CA LEU A 29 0.43 13.06 -62.65
C LEU A 29 0.87 12.61 -61.26
N GLU A 30 0.60 13.45 -60.26
CA GLU A 30 1.00 13.15 -58.89
C GLU A 30 -0.09 13.64 -57.96
N ILE A 31 -0.78 12.71 -57.31
CA ILE A 31 -1.86 13.02 -56.38
C ILE A 31 -1.38 12.72 -54.97
N THR A 32 -1.28 13.76 -54.16
CA THR A 32 -0.83 13.64 -52.77
C THR A 32 -1.94 14.14 -51.85
N VAL A 33 -2.26 13.34 -50.83
CA VAL A 33 -3.26 13.71 -49.85
C VAL A 33 -2.53 14.42 -48.72
N VAL A 34 -2.46 15.75 -48.81
CA VAL A 34 -1.76 16.52 -47.78
C VAL A 34 -2.52 16.49 -46.46
N SER A 35 -3.85 16.50 -46.53
CA SER A 35 -4.67 16.50 -45.33
C SER A 35 -5.97 15.75 -45.60
N SER A 36 -6.57 15.26 -44.51
CA SER A 36 -7.87 14.60 -44.57
C SER A 36 -8.65 14.97 -43.32
N GLU A 37 -9.96 15.08 -43.48
CA GLU A 37 -10.85 15.45 -42.38
C GLU A 37 -12.06 14.54 -42.38
N LEU A 38 -12.35 13.92 -41.23
CA LEU A 38 -13.53 13.09 -41.05
C LEU A 38 -14.46 13.82 -40.09
N THR A 39 -15.38 14.60 -40.64
CA THR A 39 -16.27 15.43 -39.84
C THR A 39 -17.64 14.77 -39.73
N PRO A 40 -18.05 14.31 -38.55
CA PRO A 40 -19.38 13.74 -38.39
C PRO A 40 -20.40 14.78 -37.96
N SER A 41 -21.65 14.53 -38.32
CA SER A 41 -22.75 15.39 -37.89
C SER A 41 -23.07 15.10 -36.43
N THR A 42 -23.04 16.14 -35.60
CA THR A 42 -23.18 15.99 -34.16
C THR A 42 -24.52 16.52 -33.68
N ASN A 43 -24.92 16.06 -32.51
CA ASN A 43 -26.15 16.53 -31.87
C ASN A 43 -25.90 16.56 -30.38
N LYS A 44 -26.00 17.76 -29.79
CA LYS A 44 -25.71 17.93 -28.37
C LYS A 44 -26.93 17.49 -27.55
N GLU A 45 -26.79 16.36 -26.86
CA GLU A 45 -27.86 15.89 -26.00
C GLU A 45 -28.01 16.78 -24.77
N TYR A 46 -26.96 16.87 -23.95
CA TYR A 46 -27.01 17.69 -22.76
C TYR A 46 -25.58 18.03 -22.34
N VAL A 47 -25.48 18.66 -21.18
CA VAL A 47 -24.20 19.05 -20.57
C VAL A 47 -24.24 18.61 -19.11
N THR A 48 -23.18 17.97 -18.65
CA THR A 48 -23.10 17.48 -17.28
C THR A 48 -21.77 17.91 -16.65
N CYS A 49 -21.78 17.99 -15.34
CA CYS A 49 -20.59 18.31 -14.55
C CYS A 49 -20.90 18.00 -13.08
N LYS A 50 -20.00 18.39 -12.19
CA LYS A 50 -20.21 18.18 -10.77
C LYS A 50 -21.35 19.07 -10.27
N PHE A 51 -22.14 18.54 -9.33
CA PHE A 51 -23.31 19.25 -8.84
C PHE A 51 -23.01 19.89 -7.49
N HIS A 52 -23.67 21.01 -7.23
CA HIS A 52 -23.56 21.73 -5.97
C HIS A 52 -24.87 21.61 -5.22
N THR A 53 -24.83 20.98 -4.06
CA THR A 53 -26.05 20.72 -3.29
C THR A 53 -26.44 21.99 -2.55
N VAL A 54 -27.53 22.62 -2.99
CA VAL A 54 -28.03 23.83 -2.38
C VAL A 54 -29.02 23.44 -1.29
N ILE A 55 -28.64 23.70 -0.04
CA ILE A 55 -29.54 23.50 1.09
C ILE A 55 -30.00 24.87 1.58
N PRO A 56 -31.23 25.27 1.30
CA PRO A 56 -31.68 26.59 1.74
C PRO A 56 -31.79 26.68 3.25
N SER A 57 -31.95 27.90 3.74
CA SER A 57 -32.12 28.12 5.16
C SER A 57 -33.39 27.43 5.64
N PRO A 58 -33.32 26.63 6.71
CA PRO A 58 -34.50 25.88 7.13
C PRO A 58 -35.63 26.80 7.55
N GLN A 59 -36.86 26.35 7.32
CA GLN A 59 -38.06 27.05 7.75
C GLN A 59 -38.67 26.30 8.91
N VAL A 60 -38.97 27.02 9.98
CA VAL A 60 -39.60 26.44 11.16
C VAL A 60 -40.86 27.23 11.49
N LYS A 61 -41.94 26.51 11.78
CA LYS A 61 -43.17 27.08 12.29
C LYS A 61 -43.33 26.60 13.74
N CYS A 62 -43.46 27.55 14.65
CA CYS A 62 -43.27 27.24 16.07
C CYS A 62 -44.48 26.50 16.64
N CYS A 63 -45.69 26.99 16.37
CA CYS A 63 -46.92 26.29 16.74
C CYS A 63 -47.82 26.28 15.51
N GLY A 64 -47.65 25.27 14.68
CA GLY A 64 -48.40 25.17 13.44
C GLY A 64 -47.79 24.13 12.54
N SER A 65 -48.44 23.90 11.41
CA SER A 65 -48.03 22.87 10.47
C SER A 65 -47.47 23.49 9.21
N LEU A 66 -46.47 22.82 8.64
CA LEU A 66 -45.85 23.23 7.39
C LEU A 66 -46.15 22.19 6.32
N GLU A 67 -46.29 22.66 5.08
CA GLU A 67 -46.67 21.81 3.96
C GLU A 67 -45.59 21.84 2.89
N CYS A 68 -45.30 20.66 2.33
CA CYS A 68 -44.38 20.56 1.21
C CYS A 68 -45.03 21.13 -0.05
N LYS A 69 -44.27 21.96 -0.77
CA LYS A 69 -44.72 22.52 -2.04
C LYS A 69 -43.90 21.92 -3.18
N ALA A 70 -44.41 22.11 -4.40
CA ALA A 70 -43.77 21.59 -5.60
C ALA A 70 -42.93 22.68 -6.24
N SER A 71 -41.68 22.34 -6.55
CA SER A 71 -40.75 23.26 -7.18
C SER A 71 -40.02 22.55 -8.30
N SER A 72 -39.63 23.31 -9.32
CA SER A 72 -39.08 22.76 -10.55
C SER A 72 -37.55 22.72 -10.57
N LYS A 73 -36.89 22.98 -9.45
CA LYS A 73 -35.44 22.91 -9.42
C LYS A 73 -34.98 21.46 -9.50
N ALA A 74 -33.70 21.29 -9.80
CA ALA A 74 -33.14 19.96 -10.04
C ALA A 74 -33.12 19.15 -8.76
N ASP A 75 -33.81 18.01 -8.77
CA ASP A 75 -33.85 17.09 -7.64
C ASP A 75 -34.27 17.81 -6.36
N TYR A 76 -35.44 18.44 -6.43
CA TYR A 76 -35.97 19.18 -5.29
C TYR A 76 -36.60 18.19 -4.32
N THR A 77 -35.97 18.00 -3.17
CA THR A 77 -36.47 17.14 -2.12
C THR A 77 -36.95 18.00 -0.96
N CYS A 78 -38.15 17.72 -0.48
CA CYS A 78 -38.74 18.45 0.63
C CYS A 78 -39.33 17.46 1.63
N ARG A 79 -39.08 17.69 2.92
CA ARG A 79 -39.66 16.87 3.95
C ARG A 79 -40.01 17.73 5.15
N VAL A 80 -41.03 17.29 5.89
CA VAL A 80 -41.59 18.02 7.02
C VAL A 80 -41.46 17.14 8.26
N PHE A 81 -40.85 17.67 9.31
CA PHE A 81 -40.58 16.92 10.52
C PHE A 81 -41.41 17.46 11.68
N GLY A 82 -41.81 16.54 12.57
CA GLY A 82 -42.90 16.78 13.49
C GLY A 82 -42.62 17.59 14.74
N GLY A 83 -41.66 17.16 15.55
CA GLY A 83 -41.28 17.91 16.74
C GLY A 83 -39.79 18.16 16.80
N VAL A 84 -39.37 19.42 16.73
CA VAL A 84 -37.97 19.77 16.53
C VAL A 84 -37.39 20.53 17.72
N TYR A 85 -37.98 21.67 18.08
CA TYR A 85 -37.41 22.56 19.09
C TYR A 85 -35.97 22.91 18.74
N PRO A 86 -35.73 23.73 17.73
CA PRO A 86 -34.35 24.01 17.30
C PRO A 86 -33.68 25.10 18.11
N PHE A 87 -32.37 25.00 18.20
CA PHE A 87 -31.53 25.90 18.97
C PHE A 87 -30.55 26.62 18.05
N MET A 88 -30.39 27.91 18.27
CA MET A 88 -29.35 28.71 17.64
C MET A 88 -28.45 29.27 18.74
N TRP A 89 -27.52 30.15 18.36
CA TRP A 89 -26.70 30.82 19.36
C TRP A 89 -27.55 31.89 20.04
N GLY A 90 -28.13 31.53 21.18
CA GLY A 90 -29.03 32.43 21.87
C GLY A 90 -30.20 31.69 22.50
N GLY A 91 -30.27 30.39 22.28
CA GLY A 91 -31.28 29.55 22.90
C GLY A 91 -32.30 29.03 21.92
N ALA A 92 -33.43 28.60 22.47
CA ALA A 92 -34.51 28.05 21.67
C ALA A 92 -35.13 29.11 20.78
N GLN A 93 -35.55 28.71 19.59
CA GLN A 93 -36.13 29.62 18.62
C GLN A 93 -37.66 29.55 18.55
N CYS A 94 -38.28 28.70 19.35
CA CYS A 94 -39.73 28.60 19.39
C CYS A 94 -40.23 28.51 20.84
N PHE A 95 -41.50 28.85 21.00
CA PHE A 95 -42.16 28.88 22.30
C PHE A 95 -42.93 27.61 22.61
N CYS A 96 -43.42 26.89 21.60
CA CYS A 96 -44.02 25.59 21.83
C CYS A 96 -42.93 24.59 22.25
N ASP A 97 -43.38 23.44 22.76
CA ASP A 97 -42.45 22.43 23.24
C ASP A 97 -42.16 21.35 22.20
N SER A 98 -43.21 20.80 21.58
CA SER A 98 -43.03 19.77 20.56
C SER A 98 -43.93 19.95 19.35
N GLU A 99 -44.66 21.06 19.24
CA GLU A 99 -45.49 21.33 18.08
C GLU A 99 -44.76 22.17 17.03
N ASN A 100 -43.44 22.28 17.14
CA ASN A 100 -42.65 23.00 16.16
C ASN A 100 -42.39 22.10 14.95
N THR A 101 -42.44 22.69 13.76
CA THR A 101 -42.30 21.95 12.51
C THR A 101 -41.16 22.52 11.69
N GLN A 102 -40.39 21.63 11.06
CA GLN A 102 -39.27 22.02 10.22
C GLN A 102 -39.51 21.58 8.80
N LEU A 103 -39.03 22.36 7.84
CA LEU A 103 -39.16 22.06 6.42
C LEU A 103 -37.76 22.05 5.80
N SER A 104 -37.29 20.86 5.47
CA SER A 104 -35.96 20.69 4.90
C SER A 104 -36.04 20.71 3.38
N GLU A 105 -35.20 21.51 2.75
CA GLU A 105 -35.13 21.59 1.29
C GLU A 105 -33.72 21.29 0.84
N ALA A 106 -33.61 20.66 -0.33
CA ALA A 106 -32.31 20.39 -0.92
C ALA A 106 -32.51 20.15 -2.41
N TYR A 107 -31.92 20.99 -3.24
CA TYR A 107 -31.89 20.76 -4.68
C TYR A 107 -30.45 20.83 -5.16
N VAL A 108 -30.28 20.72 -6.46
CA VAL A 108 -28.97 20.59 -7.07
C VAL A 108 -28.78 21.71 -8.10
N GLU A 109 -27.61 22.33 -8.06
CA GLU A 109 -27.24 23.39 -8.97
C GLU A 109 -26.00 22.97 -9.75
N PHE A 110 -25.53 23.86 -10.62
CA PHE A 110 -24.30 23.65 -11.37
C PHE A 110 -23.15 24.30 -10.61
N ALA A 111 -22.07 23.54 -10.40
CA ALA A 111 -20.93 24.06 -9.65
C ALA A 111 -20.37 25.29 -10.37
N PRO A 112 -19.89 26.29 -9.62
CA PRO A 112 -19.40 27.52 -10.26
C PRO A 112 -18.25 27.28 -11.22
N ASP A 113 -17.41 26.28 -10.98
CA ASP A 113 -16.28 25.96 -11.84
C ASP A 113 -16.67 25.11 -13.03
N CYS A 114 -17.96 24.95 -13.30
CA CYS A 114 -18.40 24.08 -14.39
C CYS A 114 -18.30 24.76 -15.75
N THR A 115 -18.10 26.07 -15.80
CA THR A 115 -17.85 26.72 -17.09
C THR A 115 -16.58 26.19 -17.74
N ILE A 116 -15.65 25.66 -16.95
CA ILE A 116 -14.42 25.09 -17.46
C ILE A 116 -14.44 23.56 -17.38
N ASP A 117 -14.97 23.01 -16.29
CA ASP A 117 -15.00 21.57 -16.07
C ASP A 117 -16.43 21.08 -16.32
N HIS A 118 -16.69 20.71 -17.58
CA HIS A 118 -17.98 20.15 -17.95
C HIS A 118 -17.78 19.22 -19.13
N ALA A 119 -18.72 18.30 -19.30
CA ALA A 119 -18.69 17.31 -20.37
C ALA A 119 -19.91 17.48 -21.26
N VAL A 120 -19.70 17.28 -22.56
CA VAL A 120 -20.75 17.41 -23.55
C VAL A 120 -21.06 16.02 -24.09
N ALA A 121 -22.32 15.61 -23.97
CA ALA A 121 -22.79 14.33 -24.51
C ALA A 121 -23.32 14.57 -25.92
N LEU A 122 -22.80 13.83 -26.89
CA LEU A 122 -23.13 14.04 -28.29
C LEU A 122 -23.52 12.72 -28.95
N LYS A 123 -24.32 12.83 -30.01
CA LYS A 123 -24.64 11.72 -30.90
C LYS A 123 -24.14 12.08 -32.29
N VAL A 124 -23.30 11.22 -32.86
CA VAL A 124 -22.66 11.50 -34.15
C VAL A 124 -23.20 10.54 -35.19
N HIS A 125 -23.69 11.10 -36.29
CA HIS A 125 -24.20 10.33 -37.42
C HIS A 125 -23.07 10.11 -38.44
N THR A 126 -23.45 9.73 -39.66
CA THR A 126 -22.49 9.48 -40.72
C THR A 126 -21.45 10.59 -40.83
N ALA A 127 -20.24 10.22 -41.22
CA ALA A 127 -19.12 11.13 -41.30
C ALA A 127 -18.87 11.54 -42.75
N ALA A 128 -18.19 12.67 -42.91
CA ALA A 128 -17.84 13.22 -44.21
C ALA A 128 -16.33 13.31 -44.35
N LEU A 129 -15.82 12.84 -45.48
CA LEU A 129 -14.39 12.90 -45.75
C LEU A 129 -14.11 14.10 -46.66
N LYS A 130 -13.25 14.99 -46.19
CA LYS A 130 -12.80 16.15 -46.96
C LYS A 130 -11.29 16.14 -47.01
N VAL A 131 -10.73 16.00 -48.20
CA VAL A 131 -9.30 15.80 -48.37
C VAL A 131 -8.71 17.01 -49.08
N GLY A 132 -7.42 17.23 -48.84
CA GLY A 132 -6.65 18.23 -49.56
C GLY A 132 -5.66 17.54 -50.49
N LEU A 133 -5.55 18.04 -51.71
CA LEU A 133 -4.79 17.39 -52.76
C LEU A 133 -3.70 18.33 -53.28
N ARG A 134 -2.65 17.73 -53.80
CA ARG A 134 -1.51 18.45 -54.39
C ARG A 134 -1.28 17.93 -55.80
N ILE A 135 -2.34 17.88 -56.60
CA ILE A 135 -2.23 17.31 -57.94
C ILE A 135 -1.22 18.10 -58.76
N VAL A 136 -0.21 17.39 -59.27
CA VAL A 136 0.83 17.97 -60.11
C VAL A 136 0.68 17.39 -61.50
N TYR A 137 0.38 18.24 -62.47
CA TYR A 137 0.34 17.85 -63.87
C TYR A 137 1.28 18.74 -64.66
N GLY A 138 2.20 18.14 -65.39
CA GLY A 138 3.23 18.90 -66.08
C GLY A 138 4.11 19.66 -65.11
N ASN A 139 4.21 20.98 -65.28
CA ASN A 139 4.99 21.82 -64.38
C ASN A 139 4.10 22.82 -63.65
N THR A 140 2.81 22.52 -63.48
CA THR A 140 1.89 23.35 -62.72
C THR A 140 1.36 22.53 -61.54
N THR A 141 1.43 23.11 -60.35
CA THR A 141 1.00 22.44 -59.13
C THR A 141 -0.25 23.13 -58.60
N ALA A 142 -1.31 22.34 -58.38
CA ALA A 142 -2.58 22.85 -57.92
C ALA A 142 -2.92 22.28 -56.54
N HIS A 143 -3.28 23.17 -55.62
CA HIS A 143 -3.73 22.79 -54.28
C HIS A 143 -5.22 23.02 -54.19
N LEU A 144 -5.96 22.02 -53.71
CA LEU A 144 -7.41 22.15 -53.63
C LEU A 144 -7.94 21.28 -52.51
N ASP A 145 -9.13 21.63 -52.03
CA ASP A 145 -9.85 20.86 -51.02
C ASP A 145 -11.17 20.41 -51.62
N THR A 146 -11.49 19.13 -51.45
CA THR A 146 -12.66 18.54 -52.09
C THR A 146 -13.38 17.61 -51.13
N PHE A 147 -14.69 17.50 -51.32
CA PHE A 147 -15.54 16.58 -50.56
C PHE A 147 -15.54 15.22 -51.23
N VAL A 148 -15.27 14.18 -50.44
CA VAL A 148 -15.30 12.80 -50.93
C VAL A 148 -16.73 12.32 -50.73
N ASN A 149 -17.59 12.63 -51.70
CA ASN A 149 -18.96 12.12 -51.72
C ASN A 149 -19.38 11.54 -53.06
N GLY A 150 -18.65 11.79 -54.15
CA GLY A 150 -18.95 11.20 -55.43
C GLY A 150 -19.51 12.16 -56.46
N VAL A 151 -20.00 13.32 -56.04
CA VAL A 151 -20.69 14.23 -56.95
C VAL A 151 -20.15 15.66 -56.92
N THR A 152 -19.35 16.03 -55.92
CA THR A 152 -18.97 17.44 -55.75
C THR A 152 -17.78 17.80 -56.64
N PRO A 153 -17.90 18.82 -57.50
CA PRO A 153 -16.74 19.25 -58.34
C PRO A 153 -15.81 20.19 -57.61
N GLY A 154 -15.03 19.65 -56.67
CA GLY A 154 -14.09 20.48 -55.94
C GLY A 154 -12.83 20.76 -56.72
N SER A 155 -12.69 21.98 -57.22
CA SER A 155 -11.58 22.36 -58.09
C SER A 155 -10.93 23.64 -57.58
N SER A 156 -9.61 23.73 -57.71
CA SER A 156 -8.91 24.93 -57.27
C SER A 156 -9.13 26.07 -58.25
N ARG A 157 -8.63 25.94 -59.48
CA ARG A 157 -8.87 26.95 -60.50
C ARG A 157 -9.56 26.36 -61.73
N ASP A 158 -8.99 25.30 -62.33
CA ASP A 158 -9.61 24.70 -63.51
C ASP A 158 -9.45 23.18 -63.55
N LEU A 159 -8.93 22.56 -62.49
CA LEU A 159 -8.55 21.14 -62.58
C LEU A 159 -9.77 20.23 -62.70
N LYS A 160 -10.85 20.54 -62.00
CA LYS A 160 -12.09 19.76 -62.05
C LYS A 160 -11.86 18.29 -61.65
N VAL A 161 -11.48 18.11 -60.38
CA VAL A 161 -11.28 16.77 -59.82
C VAL A 161 -12.54 16.37 -59.07
N ILE A 162 -12.98 15.14 -59.27
CA ILE A 162 -14.14 14.57 -58.60
C ILE A 162 -13.68 13.37 -57.81
N ALA A 163 -13.81 13.44 -56.48
CA ALA A 163 -13.40 12.35 -55.60
C ALA A 163 -14.61 11.44 -55.37
N GLY A 164 -14.52 10.22 -55.89
CA GLY A 164 -15.61 9.28 -55.78
C GLY A 164 -15.76 8.76 -54.36
N PRO A 165 -16.74 7.90 -54.14
CA PRO A 165 -17.02 7.42 -52.78
C PRO A 165 -15.85 6.61 -52.22
N ILE A 166 -15.66 6.71 -50.91
CA ILE A 166 -14.59 5.96 -50.26
C ILE A 166 -14.91 4.47 -50.31
N SER A 167 -13.86 3.65 -50.51
CA SER A 167 -14.07 2.22 -50.66
C SER A 167 -14.63 1.60 -49.38
N ALA A 168 -14.11 1.99 -48.22
CA ALA A 168 -14.57 1.50 -46.94
C ALA A 168 -15.09 2.65 -46.10
N ALA A 169 -16.25 2.45 -45.48
CA ALA A 169 -16.84 3.46 -44.61
C ALA A 169 -16.35 3.20 -43.19
N PHE A 170 -15.51 4.11 -42.68
CA PHE A 170 -14.88 3.96 -41.38
C PHE A 170 -15.11 5.22 -40.56
N SER A 171 -15.36 5.04 -39.27
CA SER A 171 -15.56 6.15 -38.36
C SER A 171 -15.00 5.78 -36.98
N PRO A 172 -14.01 6.52 -36.49
CA PRO A 172 -13.48 6.23 -35.15
C PRO A 172 -14.50 6.49 -34.04
N PHE A 173 -15.56 7.24 -34.33
CA PHE A 173 -16.60 7.54 -33.36
C PHE A 173 -17.74 6.55 -33.51
N ASP A 174 -18.18 5.97 -32.40
CA ASP A 174 -19.46 5.26 -32.39
C ASP A 174 -20.57 6.25 -32.08
N HIS A 175 -21.78 5.73 -31.80
CA HIS A 175 -22.95 6.59 -31.78
C HIS A 175 -22.86 7.70 -30.74
N LYS A 176 -22.30 7.41 -29.57
CA LYS A 176 -22.31 8.34 -28.45
C LYS A 176 -20.89 8.74 -28.06
N VAL A 177 -20.66 10.04 -27.93
CA VAL A 177 -19.35 10.62 -27.65
C VAL A 177 -19.47 11.63 -26.52
N VAL A 178 -18.44 11.66 -25.66
CA VAL A 178 -18.35 12.60 -24.55
C VAL A 178 -17.07 13.40 -24.70
N ILE A 179 -17.21 14.74 -24.72
CA ILE A 179 -16.08 15.64 -24.89
C ILE A 179 -15.89 16.43 -23.61
N ARG A 180 -14.70 16.32 -23.01
CA ARG A 180 -14.38 17.03 -21.78
C ARG A 180 -13.01 17.66 -21.92
N LYS A 181 -12.97 19.00 -21.90
CA LYS A 181 -11.72 19.76 -21.94
C LYS A 181 -10.86 19.35 -23.13
N GLY A 182 -11.49 19.17 -24.29
CA GLY A 182 -10.79 18.84 -25.50
C GLY A 182 -10.57 17.36 -25.72
N LEU A 183 -10.71 16.53 -24.70
CA LEU A 183 -10.58 15.09 -24.85
C LEU A 183 -11.89 14.50 -25.36
N VAL A 184 -11.78 13.40 -26.09
CA VAL A 184 -12.92 12.75 -26.72
C VAL A 184 -12.99 11.32 -26.22
N TYR A 185 -14.15 10.94 -25.68
CA TYR A 185 -14.37 9.59 -25.17
C TYR A 185 -15.56 8.97 -25.88
N ASN A 186 -15.53 7.65 -25.98
CA ASN A 186 -16.61 6.87 -26.58
C ASN A 186 -17.39 6.21 -25.45
N TYR A 187 -18.40 6.90 -24.96
CA TYR A 187 -19.11 6.50 -23.76
C TYR A 187 -20.61 6.39 -24.04
N ASP A 188 -21.23 5.34 -23.51
CA ASP A 188 -22.66 5.12 -23.65
C ASP A 188 -23.38 5.89 -22.53
N PHE A 189 -23.48 7.19 -22.72
CA PHE A 189 -24.07 8.03 -21.69
C PHE A 189 -25.58 7.81 -21.60
N PRO A 190 -26.18 8.09 -20.46
CA PRO A 190 -27.64 8.01 -20.36
C PRO A 190 -28.32 9.06 -21.24
N GLU A 191 -29.53 8.73 -21.67
CA GLU A 191 -30.30 9.65 -22.50
C GLU A 191 -30.78 10.84 -21.65
N TYR A 192 -31.29 11.86 -22.33
CA TYR A 192 -31.81 13.02 -21.63
C TYR A 192 -33.13 12.67 -20.94
N GLY A 193 -33.16 12.84 -19.62
CA GLY A 193 -34.33 12.52 -18.84
C GLY A 193 -34.25 11.21 -18.08
N ALA A 194 -33.32 10.33 -18.43
CA ALA A 194 -33.11 9.07 -17.71
C ALA A 194 -31.71 9.13 -17.10
N MET A 195 -31.62 9.71 -15.90
CA MET A 195 -30.36 9.85 -15.19
C MET A 195 -30.34 8.92 -13.99
N LYS A 196 -29.20 8.30 -13.74
CA LYS A 196 -29.06 7.33 -12.67
C LYS A 196 -28.12 7.87 -11.60
N PRO A 197 -28.52 7.81 -10.33
CA PRO A 197 -27.64 8.30 -9.26
C PRO A 197 -26.33 7.53 -9.21
N GLY A 198 -25.24 8.27 -8.98
CA GLY A 198 -23.92 7.69 -8.88
C GLY A 198 -23.26 7.36 -10.20
N ALA A 199 -23.86 7.72 -11.33
CA ALA A 199 -23.32 7.44 -12.64
C ALA A 199 -23.23 8.71 -13.45
N PHE A 200 -22.50 8.62 -14.56
CA PHE A 200 -22.33 9.76 -15.46
C PHE A 200 -23.69 10.27 -15.93
N GLY A 201 -23.84 11.58 -15.95
CA GLY A 201 -25.07 12.18 -16.41
C GLY A 201 -26.17 12.26 -15.39
N ASP A 202 -25.85 12.13 -14.10
CA ASP A 202 -26.88 12.25 -13.08
C ASP A 202 -27.51 13.64 -13.04
N ILE A 203 -26.78 14.67 -13.47
CA ILE A 203 -27.32 16.00 -13.67
C ILE A 203 -27.18 16.35 -15.15
N GLN A 204 -28.27 16.81 -15.75
CA GLN A 204 -28.31 17.12 -17.17
C GLN A 204 -28.96 18.47 -17.38
N ALA A 205 -28.52 19.16 -18.44
CA ALA A 205 -29.10 20.43 -18.83
C ALA A 205 -28.75 20.70 -20.29
N SER A 206 -29.60 21.48 -20.95
CA SER A 206 -29.33 21.82 -22.35
C SER A 206 -28.18 22.81 -22.48
N SER A 207 -27.84 23.52 -21.41
CA SER A 207 -26.76 24.49 -21.43
C SER A 207 -26.27 24.67 -20.00
N LEU A 208 -25.15 25.41 -19.87
CA LEU A 208 -24.63 25.70 -18.53
C LEU A 208 -25.50 26.72 -17.81
N TYR A 209 -26.06 27.67 -18.56
CA TYR A 209 -26.90 28.72 -17.99
C TYR A 209 -28.39 28.47 -18.25
N ALA A 210 -28.78 27.22 -18.42
CA ALA A 210 -30.17 26.89 -18.65
C ALA A 210 -30.95 26.88 -17.34
N THR A 211 -32.27 27.04 -17.46
CA THR A 211 -33.17 27.05 -16.31
C THR A 211 -33.97 25.77 -16.21
N ASP A 212 -33.66 24.75 -17.02
CA ASP A 212 -34.40 23.49 -17.04
C ASP A 212 -33.54 22.31 -16.59
N ILE A 213 -32.67 22.55 -15.60
CA ILE A 213 -31.75 21.51 -15.14
C ILE A 213 -32.54 20.36 -14.55
N VAL A 214 -32.17 19.13 -14.93
CA VAL A 214 -32.78 17.92 -14.41
C VAL A 214 -31.71 17.11 -13.71
N ALA A 215 -32.05 16.53 -12.57
CA ALA A 215 -31.07 15.76 -11.81
C ALA A 215 -31.77 14.63 -11.07
N ARG A 216 -30.98 13.60 -10.74
CA ARG A 216 -31.41 12.52 -9.87
C ARG A 216 -30.17 12.06 -9.09
N THR A 217 -29.97 12.64 -7.92
CA THR A 217 -28.76 12.46 -7.14
C THR A 217 -29.00 11.75 -5.82
N ASP A 218 -30.22 11.26 -5.59
CA ASP A 218 -30.55 10.48 -4.39
C ASP A 218 -30.30 11.28 -3.12
N ILE A 219 -31.04 12.37 -2.98
CA ILE A 219 -30.97 13.22 -1.79
C ILE A 219 -31.98 12.68 -0.78
N ARG A 220 -31.48 12.12 0.31
CA ARG A 220 -32.32 11.66 1.40
C ARG A 220 -32.22 12.65 2.54
N LEU A 221 -33.37 13.20 2.94
CA LEU A 221 -33.44 14.18 4.02
C LEU A 221 -33.75 13.44 5.32
N LEU A 222 -32.85 13.56 6.28
CA LEU A 222 -32.91 12.78 7.51
C LEU A 222 -33.56 13.59 8.63
N LYS A 223 -34.07 12.88 9.62
CA LYS A 223 -34.70 13.53 10.75
C LYS A 223 -33.65 14.24 11.60
N PRO A 224 -33.86 15.52 11.92
CA PRO A 224 -32.88 16.22 12.78
C PRO A 224 -32.77 15.55 14.14
N SER A 225 -31.54 15.49 14.64
CA SER A 225 -31.26 14.86 15.92
C SER A 225 -30.67 15.81 16.94
N VAL A 226 -29.70 16.62 16.54
CA VAL A 226 -29.10 17.58 17.47
C VAL A 226 -30.08 18.70 17.77
N LYS A 227 -29.85 19.37 18.89
CA LYS A 227 -30.72 20.49 19.26
C LYS A 227 -30.50 21.68 18.35
N ASN A 228 -29.28 21.86 17.85
CA ASN A 228 -28.99 22.99 16.99
C ASN A 228 -29.68 22.83 15.64
N ILE A 229 -29.91 23.96 14.97
CA ILE A 229 -30.63 23.93 13.70
C ILE A 229 -29.77 23.25 12.64
N HIS A 230 -30.36 22.28 11.95
CA HIS A 230 -29.61 21.42 11.06
C HIS A 230 -30.54 20.85 10.01
N VAL A 231 -30.09 20.87 8.76
CA VAL A 231 -30.71 20.08 7.71
C VAL A 231 -29.77 18.91 7.45
N PRO A 232 -30.06 17.72 7.97
CA PRO A 232 -29.17 16.58 7.72
C PRO A 232 -29.56 15.86 6.44
N TYR A 233 -28.57 15.59 5.60
CA TYR A 233 -28.84 14.97 4.31
C TYR A 233 -27.74 13.98 3.99
N THR A 234 -28.07 13.01 3.15
CA THR A 234 -27.10 12.11 2.57
C THR A 234 -27.39 12.00 1.08
N GLN A 235 -26.33 11.79 0.29
CA GLN A 235 -26.43 11.92 -1.14
C GLN A 235 -25.44 10.97 -1.81
N ALA A 236 -25.72 10.65 -3.06
CA ALA A 236 -24.80 9.84 -3.85
C ALA A 236 -23.58 10.66 -4.25
N VAL A 237 -22.56 9.95 -4.73
CA VAL A 237 -21.37 10.65 -5.21
C VAL A 237 -21.67 11.27 -6.57
N SER A 238 -20.78 12.17 -6.99
CA SER A 238 -20.93 12.79 -8.30
C SER A 238 -20.56 11.77 -9.37
N GLY A 239 -21.53 11.45 -10.23
CA GLY A 239 -21.25 10.58 -11.35
C GLY A 239 -20.18 11.15 -12.26
N TYR A 240 -20.10 12.48 -12.34
CA TYR A 240 -19.03 13.11 -13.11
C TYR A 240 -17.67 12.78 -12.51
N GLU A 241 -17.53 12.85 -11.19
CA GLU A 241 -16.26 12.50 -10.56
C GLU A 241 -15.95 11.02 -10.70
N MET A 242 -16.96 10.17 -10.57
CA MET A 242 -16.73 8.73 -10.75
C MET A 242 -16.28 8.43 -12.17
N TRP A 243 -16.90 9.07 -13.16
CA TRP A 243 -16.51 8.87 -14.55
C TRP A 243 -15.13 9.45 -14.82
N LYS A 244 -14.78 10.57 -14.18
CA LYS A 244 -13.43 11.10 -14.32
C LYS A 244 -12.40 10.13 -13.78
N ASN A 245 -12.69 9.50 -12.65
CA ASN A 245 -11.76 8.53 -12.10
C ASN A 245 -11.70 7.26 -12.96
N ASN A 246 -12.80 6.89 -13.60
CA ASN A 246 -12.85 5.69 -14.43
C ASN A 246 -13.09 6.04 -15.89
N SER A 247 -12.42 7.07 -16.39
CA SER A 247 -12.65 7.53 -17.76
C SER A 247 -11.96 6.64 -18.79
N GLY A 248 -10.82 6.06 -18.45
CA GLY A 248 -10.06 5.32 -19.43
C GLY A 248 -9.22 6.25 -20.28
N ARG A 249 -8.86 5.78 -21.47
CA ARG A 249 -8.05 6.63 -22.32
C ARG A 249 -8.89 7.21 -23.46
N PRO A 250 -8.60 8.43 -23.90
CA PRO A 250 -9.42 9.06 -24.93
C PRO A 250 -9.24 8.43 -26.30
N LEU A 251 -10.15 8.81 -27.20
CA LEU A 251 -10.02 8.44 -28.60
C LEU A 251 -8.76 9.03 -29.22
N GLN A 252 -8.21 10.09 -28.62
CA GLN A 252 -6.95 10.64 -29.11
C GLN A 252 -5.80 9.63 -28.99
N GLU A 253 -5.99 8.58 -28.19
CA GLU A 253 -4.97 7.55 -28.01
C GLU A 253 -5.46 6.15 -28.32
N THR A 254 -6.78 5.94 -28.40
CA THR A 254 -7.32 4.62 -28.75
C THR A 254 -7.84 4.55 -30.19
N ALA A 255 -7.68 5.61 -30.98
CA ALA A 255 -8.24 5.62 -32.32
C ALA A 255 -7.50 4.67 -33.25
N PRO A 256 -8.21 4.01 -34.14
CA PRO A 256 -7.57 3.17 -35.16
C PRO A 256 -7.15 3.99 -36.38
N PHE A 257 -6.30 3.36 -37.20
CA PHE A 257 -5.80 3.93 -38.44
C PHE A 257 -4.96 5.18 -38.22
N GLY A 258 -4.48 5.39 -36.99
CA GLY A 258 -3.64 6.53 -36.68
C GLY A 258 -4.31 7.88 -36.91
N CYS A 259 -5.55 8.00 -36.46
CA CYS A 259 -6.32 9.23 -36.64
C CYS A 259 -6.00 10.22 -35.53
N LYS A 260 -6.04 11.50 -35.87
CA LYS A 260 -5.83 12.58 -34.92
C LYS A 260 -7.18 13.19 -34.58
N ILE A 261 -7.69 12.88 -33.39
CA ILE A 261 -9.01 13.35 -32.97
C ILE A 261 -8.89 14.78 -32.47
N GLU A 262 -9.69 15.67 -33.06
CA GLU A 262 -9.65 17.09 -32.76
C GLU A 262 -11.08 17.59 -32.54
N VAL A 263 -11.19 18.67 -31.77
CA VAL A 263 -12.48 19.22 -31.38
C VAL A 263 -12.62 20.62 -31.95
N GLU A 264 -13.85 21.12 -31.92
CA GLU A 264 -14.21 22.47 -32.38
C GLU A 264 -13.81 22.71 -33.84
N PRO A 265 -14.47 22.06 -34.81
CA PRO A 265 -15.53 21.05 -34.68
C PRO A 265 -14.95 19.66 -34.45
N LEU A 266 -15.76 18.71 -33.99
CA LEU A 266 -15.26 17.35 -33.79
C LEU A 266 -14.93 16.72 -35.14
N ARG A 267 -13.72 16.18 -35.24
CA ARG A 267 -13.25 15.63 -36.51
C ARG A 267 -12.13 14.64 -36.22
N ALA A 268 -11.84 13.81 -37.22
CA ALA A 268 -10.70 12.91 -37.20
C ALA A 268 -9.84 13.24 -38.41
N SER A 269 -8.64 13.77 -38.16
CA SER A 269 -7.79 14.28 -39.23
C SER A 269 -6.64 13.33 -39.50
N ASN A 270 -6.27 13.23 -40.78
CA ASN A 270 -5.13 12.43 -41.25
C ASN A 270 -5.30 10.95 -40.89
N CYS A 271 -6.36 10.36 -41.42
CA CYS A 271 -6.63 8.94 -41.29
C CYS A 271 -6.18 8.21 -42.54
N ALA A 272 -5.57 7.05 -42.36
CA ALA A 272 -5.02 6.26 -43.47
C ALA A 272 -5.84 5.00 -43.63
N TYR A 273 -6.90 5.07 -44.44
CA TYR A 273 -7.75 3.92 -44.70
C TYR A 273 -8.38 4.04 -46.07
N GLY A 274 -8.50 2.91 -46.76
CA GLY A 274 -9.28 2.86 -47.98
C GLY A 274 -8.61 3.48 -49.20
N HIS A 275 -9.38 3.53 -50.28
CA HIS A 275 -8.93 4.05 -51.56
C HIS A 275 -9.93 5.09 -52.06
N ILE A 276 -9.42 6.14 -52.69
CA ILE A 276 -10.23 7.25 -53.17
C ILE A 276 -10.26 7.21 -54.69
N PRO A 277 -11.38 6.90 -55.32
CA PRO A 277 -11.46 6.89 -56.79
C PRO A 277 -11.52 8.28 -57.40
N ILE A 278 -10.37 8.91 -57.60
CA ILE A 278 -10.31 10.28 -58.08
C ILE A 278 -10.40 10.29 -59.61
N SER A 279 -11.23 11.19 -60.14
CA SER A 279 -11.33 11.40 -61.57
C SER A 279 -10.96 12.85 -61.88
N ILE A 280 -10.01 13.04 -62.80
CA ILE A 280 -9.44 14.35 -63.06
C ILE A 280 -9.78 14.76 -64.49
N ASP A 281 -9.90 16.07 -64.69
CA ASP A 281 -10.19 16.65 -66.00
C ASP A 281 -9.05 17.62 -66.30
N ILE A 282 -7.98 17.10 -66.89
CA ILE A 282 -6.78 17.91 -67.10
C ILE A 282 -7.04 18.93 -68.20
N PRO A 283 -6.72 20.20 -67.99
CA PRO A 283 -6.84 21.19 -69.07
C PRO A 283 -5.93 20.86 -70.25
N ASP A 284 -6.40 21.22 -71.44
CA ASP A 284 -5.69 20.84 -72.66
C ASP A 284 -4.35 21.56 -72.80
N ALA A 285 -4.15 22.66 -72.07
CA ALA A 285 -2.89 23.38 -72.18
C ALA A 285 -1.73 22.57 -71.60
N ALA A 286 -2.01 21.72 -70.62
CA ALA A 286 -0.95 20.92 -70.01
C ALA A 286 -0.37 19.92 -71.01
N PHE A 287 -1.22 19.30 -71.81
CA PHE A 287 -0.75 18.32 -72.77
C PHE A 287 0.03 19.00 -73.90
N VAL A 288 0.98 18.26 -74.45
CA VAL A 288 1.85 18.78 -75.50
C VAL A 288 1.90 17.75 -76.62
N ARG A 289 2.10 18.22 -77.85
CA ARG A 289 2.15 17.33 -78.99
C ARG A 289 3.45 16.52 -78.98
N SER A 290 3.41 15.37 -79.64
CA SER A 290 4.59 14.50 -79.68
C SER A 290 5.66 15.04 -80.62
N SER A 291 5.28 15.87 -81.58
CA SER A 291 6.23 16.33 -82.59
C SER A 291 7.36 17.13 -81.98
N GLU A 292 7.05 18.03 -81.04
CA GLU A 292 8.06 18.88 -80.41
C GLU A 292 8.50 18.35 -79.05
N SER A 293 8.10 17.13 -78.70
CA SER A 293 8.59 16.49 -77.49
C SER A 293 9.69 15.49 -77.84
N PRO A 294 10.68 15.31 -76.96
CA PRO A 294 11.77 14.38 -77.26
C PRO A 294 11.26 12.97 -77.49
N THR A 295 11.87 12.27 -78.45
CA THR A 295 11.50 10.92 -78.81
C THR A 295 12.69 10.00 -78.59
N ILE A 296 12.46 8.90 -77.87
CA ILE A 296 13.49 7.93 -77.51
C ILE A 296 13.59 6.90 -78.62
N LEU A 297 14.80 6.43 -78.88
CA LEU A 297 15.04 5.44 -79.93
C LEU A 297 15.43 4.07 -79.37
N GLU A 298 16.18 4.04 -78.27
CA GLU A 298 16.67 2.78 -77.72
C GLU A 298 17.02 3.03 -76.26
N VAL A 299 16.30 2.39 -75.35
CA VAL A 299 16.52 2.56 -73.92
C VAL A 299 16.70 1.19 -73.28
N SER A 300 17.77 1.03 -72.50
CA SER A 300 18.06 -0.23 -71.82
C SER A 300 18.23 0.03 -70.34
N CYS A 301 17.51 -0.72 -69.52
CA CYS A 301 17.47 -0.50 -68.08
C CYS A 301 18.32 -1.52 -67.35
N THR A 302 19.28 -1.04 -66.56
CA THR A 302 20.04 -1.88 -65.66
C THR A 302 19.91 -1.32 -64.26
N VAL A 303 19.64 -2.19 -63.30
CA VAL A 303 19.49 -1.79 -61.89
C VAL A 303 20.70 -2.29 -61.13
N ALA A 304 21.37 -1.37 -60.43
CA ALA A 304 22.65 -1.68 -59.82
C ALA A 304 22.47 -2.53 -58.56
N ASP A 305 21.78 -1.99 -57.56
CA ASP A 305 21.52 -2.73 -56.34
C ASP A 305 20.22 -2.24 -55.74
N CYS A 306 19.50 -3.13 -55.08
CA CYS A 306 18.19 -2.79 -54.54
C CYS A 306 17.90 -3.61 -53.28
N ILE A 307 17.09 -3.03 -52.41
CA ILE A 307 16.43 -3.74 -51.32
C ILE A 307 14.97 -3.32 -51.35
N TYR A 308 14.12 -4.15 -50.76
CA TYR A 308 12.71 -3.81 -50.61
C TYR A 308 12.50 -3.26 -49.21
N SER A 309 12.41 -1.94 -49.11
CA SER A 309 12.27 -1.23 -47.84
C SER A 309 11.25 -0.13 -48.04
N ALA A 310 10.93 0.58 -46.94
CA ALA A 310 9.97 1.66 -47.02
C ALA A 310 10.50 2.87 -47.77
N ASP A 311 11.81 3.10 -47.72
CA ASP A 311 12.42 4.26 -48.35
C ASP A 311 12.72 3.95 -49.81
N PHE A 312 13.44 4.85 -50.48
CA PHE A 312 13.83 4.64 -51.88
C PHE A 312 15.13 3.83 -51.93
N GLY A 313 15.00 2.56 -51.57
CA GLY A 313 16.14 1.66 -51.54
C GLY A 313 16.36 0.94 -52.85
N GLY A 314 16.59 1.69 -53.91
CA GLY A 314 16.84 1.11 -55.21
C GLY A 314 17.50 2.10 -56.14
N SER A 315 18.30 1.57 -57.06
CA SER A 315 18.98 2.38 -58.06
C SER A 315 18.72 1.78 -59.44
N LEU A 316 18.58 2.66 -60.42
CA LEU A 316 18.19 2.22 -61.76
C LEU A 316 18.74 3.20 -62.78
N THR A 317 19.83 2.82 -63.44
CA THR A 317 20.41 3.60 -64.52
C THR A 317 19.96 2.99 -65.84
N LEU A 318 19.64 3.85 -66.81
CA LEU A 318 19.23 3.38 -68.12
C LEU A 318 19.92 4.23 -69.19
N GLN A 319 20.43 3.55 -70.21
CA GLN A 319 21.14 4.21 -71.30
C GLN A 319 20.22 4.34 -72.50
N TYR A 320 19.94 5.57 -72.89
CA TYR A 320 19.03 5.88 -73.97
C TYR A 320 19.75 6.69 -75.04
N LYS A 321 19.17 6.69 -76.23
CA LYS A 321 19.67 7.50 -77.35
C LYS A 321 18.48 8.24 -77.95
N ALA A 322 18.46 9.56 -77.82
CA ALA A 322 17.36 10.38 -78.30
C ALA A 322 17.91 11.44 -79.23
N ASP A 323 17.02 12.02 -80.03
CA ASP A 323 17.42 12.93 -81.10
C ASP A 323 17.46 14.39 -80.69
N ARG A 324 16.93 14.77 -79.53
CA ARG A 324 16.79 16.17 -79.22
C ARG A 324 16.78 16.42 -77.72
N GLU A 325 17.02 17.68 -77.34
CA GLU A 325 17.00 18.11 -75.96
C GLU A 325 15.57 18.20 -75.44
N GLY A 326 15.43 18.29 -74.13
CA GLY A 326 14.12 18.55 -73.55
C GLY A 326 13.94 17.80 -72.25
N HIS A 327 12.69 17.73 -71.80
CA HIS A 327 12.31 17.02 -70.60
C HIS A 327 11.27 15.97 -70.96
N CYS A 328 11.57 14.70 -70.65
CA CYS A 328 10.67 13.59 -70.88
C CYS A 328 10.31 12.93 -69.56
N PRO A 329 9.02 12.70 -69.30
CA PRO A 329 8.62 12.07 -68.05
C PRO A 329 8.93 10.57 -68.05
N VAL A 330 9.13 10.04 -66.84
CA VAL A 330 9.33 8.62 -66.63
C VAL A 330 8.23 8.09 -65.73
N HIS A 331 8.05 6.77 -65.75
CA HIS A 331 7.00 6.12 -64.99
C HIS A 331 7.27 4.63 -64.93
N SER A 332 6.93 4.03 -63.80
CA SER A 332 7.00 2.58 -63.61
C SER A 332 5.59 2.03 -63.72
N HIS A 333 5.35 1.22 -64.75
CA HIS A 333 4.03 0.63 -64.98
C HIS A 333 3.87 -0.66 -64.16
N SER A 334 4.12 -0.52 -62.87
CA SER A 334 4.02 -1.64 -61.93
C SER A 334 3.51 -1.11 -60.60
N THR A 335 2.59 -1.85 -59.99
CA THR A 335 2.06 -1.47 -58.69
C THR A 335 3.03 -1.75 -57.55
N THR A 336 4.09 -2.53 -57.80
CA THR A 336 5.01 -2.92 -56.74
C THR A 336 6.26 -2.05 -56.70
N ALA A 337 6.50 -1.24 -57.73
CA ALA A 337 7.65 -0.35 -57.78
C ALA A 337 7.19 1.06 -58.09
N VAL A 338 7.80 2.04 -57.44
CA VAL A 338 7.49 3.46 -57.65
C VAL A 338 8.80 4.20 -57.86
N LEU A 339 8.75 5.32 -58.56
CA LEU A 339 9.94 6.10 -58.88
C LEU A 339 9.93 7.42 -58.11
N LYS A 340 11.10 7.79 -57.58
CA LYS A 340 11.20 9.05 -56.86
C LYS A 340 11.07 10.25 -57.81
N GLU A 341 11.80 10.22 -58.91
CA GLU A 341 11.72 11.32 -59.86
C GLU A 341 10.75 10.97 -60.98
N ALA A 342 10.08 12.00 -61.50
CA ALA A 342 9.11 11.84 -62.56
C ALA A 342 9.48 12.53 -63.85
N THR A 343 10.21 13.64 -63.80
CA THR A 343 10.66 14.35 -64.98
C THR A 343 12.18 14.32 -65.04
N THR A 344 12.71 13.93 -66.20
CA THR A 344 14.15 13.81 -66.36
C THR A 344 14.60 14.67 -67.54
N HIS A 345 15.75 15.32 -67.35
CA HIS A 345 16.35 16.16 -68.38
C HIS A 345 17.08 15.27 -69.36
N VAL A 346 16.71 15.37 -70.64
CA VAL A 346 17.27 14.53 -71.69
C VAL A 346 18.37 15.30 -72.38
N THR A 347 19.56 14.72 -72.43
CA THR A 347 20.71 15.29 -73.12
C THR A 347 21.17 14.31 -74.20
N ALA A 348 20.54 14.38 -75.37
CA ALA A 348 20.92 13.58 -76.54
C ALA A 348 21.19 12.12 -76.20
N THR A 349 22.45 11.72 -76.27
CA THR A 349 22.90 10.43 -75.79
C THR A 349 23.46 10.56 -74.38
N GLY A 350 22.94 9.75 -73.48
CA GLY A 350 23.35 9.82 -72.08
C GLY A 350 22.60 8.81 -71.25
N SER A 351 22.80 8.94 -69.93
CA SER A 351 22.16 8.07 -68.96
C SER A 351 21.67 8.90 -67.79
N ILE A 352 20.62 8.41 -67.14
CA ILE A 352 20.08 9.04 -65.94
C ILE A 352 19.84 7.96 -64.90
N THR A 353 20.32 8.20 -63.68
CA THR A 353 20.19 7.25 -62.58
C THR A 353 18.96 7.62 -61.77
N LEU A 354 18.00 6.70 -61.70
CA LEU A 354 16.70 6.93 -61.10
C LEU A 354 16.56 6.04 -59.87
N HIS A 355 16.22 6.64 -58.73
CA HIS A 355 15.96 5.85 -57.53
C HIS A 355 14.51 5.37 -57.53
N PHE A 356 14.31 4.15 -57.04
CA PHE A 356 12.99 3.56 -56.98
C PHE A 356 12.82 2.82 -55.66
N SER A 357 11.57 2.57 -55.30
CA SER A 357 11.24 1.78 -54.12
C SER A 357 10.36 0.61 -54.54
N THR A 358 10.63 -0.56 -53.95
CA THR A 358 9.90 -1.77 -54.29
C THR A 358 9.63 -2.55 -53.02
N SER A 359 8.59 -3.40 -53.08
CA SER A 359 8.28 -4.30 -51.99
C SER A 359 8.36 -5.76 -52.38
N SER A 360 8.38 -6.08 -53.66
CA SER A 360 8.68 -7.42 -54.11
C SER A 360 10.17 -7.67 -53.94
N PRO A 361 10.61 -8.91 -53.85
CA PRO A 361 12.04 -9.15 -53.76
C PRO A 361 12.71 -9.16 -55.13
N GLN A 362 12.21 -8.33 -56.04
CA GLN A 362 12.71 -8.29 -57.42
C GLN A 362 12.33 -6.97 -58.06
N ALA A 363 13.23 -6.45 -58.89
CA ALA A 363 12.93 -5.36 -59.81
C ALA A 363 12.55 -5.98 -61.14
N ASN A 364 11.25 -6.18 -61.35
CA ASN A 364 10.72 -6.81 -62.56
C ASN A 364 9.62 -5.93 -63.16
N PHE A 365 9.90 -4.64 -63.28
CA PHE A 365 8.89 -3.68 -63.71
C PHE A 365 9.27 -3.06 -65.05
N ILE A 366 8.31 -2.31 -65.61
CA ILE A 366 8.45 -1.71 -66.94
C ILE A 366 8.50 -0.20 -66.78
N VAL A 367 9.59 0.41 -67.24
CA VAL A 367 9.82 1.84 -67.11
C VAL A 367 9.71 2.47 -68.49
N SER A 368 8.90 3.52 -68.60
CA SER A 368 8.69 4.22 -69.85
C SER A 368 9.28 5.62 -69.76
N LEU A 369 10.17 5.95 -70.68
CA LEU A 369 10.77 7.28 -70.76
C LEU A 369 10.05 8.03 -71.88
N CYS A 370 8.92 8.65 -71.54
CA CYS A 370 8.03 9.32 -72.48
C CYS A 370 7.79 8.42 -73.70
N GLY A 371 7.36 7.21 -73.39
CA GLY A 371 7.21 6.16 -74.38
C GLY A 371 8.37 5.19 -74.34
N LYS A 372 8.25 4.14 -75.17
CA LYS A 372 9.28 3.12 -75.32
C LYS A 372 9.62 2.46 -73.99
N LYS A 373 8.64 1.79 -73.42
CA LYS A 373 8.80 1.11 -72.15
C LYS A 373 9.79 -0.05 -72.28
N THR A 374 10.56 -0.27 -71.20
CA THR A 374 11.58 -1.31 -71.17
C THR A 374 11.45 -2.09 -69.87
N THR A 375 11.88 -3.35 -69.90
CA THR A 375 11.79 -4.22 -68.74
C THR A 375 13.12 -4.25 -67.98
N CYS A 376 13.02 -4.42 -66.67
CA CYS A 376 14.17 -4.46 -65.79
C CYS A 376 14.20 -5.78 -65.04
N ASN A 377 15.40 -6.33 -64.84
CA ASN A 377 15.60 -7.57 -64.11
C ASN A 377 16.61 -7.32 -63.00
N ALA A 378 16.33 -7.85 -61.80
CA ALA A 378 17.26 -7.76 -60.69
C ALA A 378 16.81 -8.68 -59.56
N GLU A 379 17.67 -8.78 -58.55
CA GLU A 379 17.35 -9.44 -57.30
C GLU A 379 17.41 -8.40 -56.18
N CYS A 380 16.31 -8.23 -55.45
CA CYS A 380 16.25 -7.28 -54.35
C CYS A 380 16.43 -8.02 -53.04
N LYS A 381 17.53 -7.76 -52.35
CA LYS A 381 17.81 -8.41 -51.09
C LYS A 381 16.96 -7.82 -49.97
N PRO A 382 16.75 -8.58 -48.89
CA PRO A 382 16.02 -8.02 -47.76
C PRO A 382 16.79 -6.88 -47.13
N PRO A 383 16.11 -5.93 -46.51
CA PRO A 383 16.79 -4.76 -45.95
C PRO A 383 17.55 -5.12 -44.68
N ALA A 384 18.42 -4.19 -44.26
CA ALA A 384 19.20 -4.40 -43.06
C ALA A 384 18.46 -3.90 -41.82
N ASP A 385 17.91 -2.69 -41.88
CA ASP A 385 17.17 -2.15 -40.74
C ASP A 385 15.86 -2.89 -40.56
N HIS A 386 15.56 -3.23 -39.31
CA HIS A 386 14.31 -3.89 -38.97
C HIS A 386 13.14 -2.91 -38.88
N ILE A 387 13.40 -1.73 -38.33
CA ILE A 387 12.36 -0.73 -38.08
C ILE A 387 12.78 0.57 -38.76
N ILE A 388 11.85 1.20 -39.46
CA ILE A 388 12.11 2.46 -40.15
C ILE A 388 11.07 3.47 -39.70
N GLY A 389 11.41 4.74 -39.86
CA GLY A 389 10.54 5.82 -39.43
C GLY A 389 9.82 6.51 -40.57
N GLU A 390 9.33 5.72 -41.53
CA GLU A 390 8.75 6.30 -42.74
C GLU A 390 7.83 5.28 -43.38
N PRO A 391 6.66 5.67 -43.87
CA PRO A 391 5.67 4.69 -44.32
C PRO A 391 6.09 3.96 -45.58
N HIS A 392 5.52 2.76 -45.75
CA HIS A 392 5.77 1.99 -46.95
C HIS A 392 5.04 2.57 -48.14
N LYS A 393 5.80 2.99 -49.14
CA LYS A 393 5.24 3.69 -50.30
C LYS A 393 4.47 2.78 -51.23
N VAL A 394 4.64 1.47 -51.13
CA VAL A 394 4.02 0.51 -52.04
C VAL A 394 3.40 -0.62 -51.22
N ASP A 395 2.21 -1.03 -51.64
CA ASP A 395 1.48 -2.11 -50.98
C ASP A 395 2.05 -3.46 -51.37
N GLN A 396 1.79 -4.46 -50.52
CA GLN A 396 2.36 -5.79 -50.68
C GLN A 396 1.38 -6.69 -51.43
N GLU A 397 1.79 -7.17 -52.59
CA GLU A 397 1.00 -8.13 -53.36
C GLU A 397 1.44 -9.54 -52.99
N PHE A 398 0.98 -10.53 -53.75
CA PHE A 398 1.33 -11.93 -53.54
C PHE A 398 2.30 -12.44 -54.60
N GLN A 399 1.91 -12.33 -55.88
CA GLN A 399 2.77 -12.74 -56.97
C GLN A 399 4.07 -11.96 -56.95
N ALA A 400 3.99 -10.65 -56.68
CA ALA A 400 5.20 -9.86 -56.51
C ALA A 400 5.99 -10.32 -55.28
N ALA A 401 5.30 -10.57 -54.16
CA ALA A 401 5.99 -10.86 -52.92
C ALA A 401 6.75 -12.18 -52.97
N VAL A 402 6.33 -13.12 -53.81
CA VAL A 402 7.06 -14.38 -53.96
C VAL A 402 8.16 -14.18 -55.00
N SER A 403 9.38 -14.58 -54.65
CA SER A 403 10.54 -14.39 -55.52
C SER A 403 10.50 -15.36 -56.69
N LYS A 404 11.34 -15.09 -57.69
CA LYS A 404 11.41 -15.98 -58.86
C LYS A 404 12.07 -17.31 -58.53
N THR A 405 13.06 -17.33 -57.63
CA THR A 405 13.63 -18.62 -57.24
C THR A 405 12.60 -19.48 -56.52
N SER A 406 11.84 -18.88 -55.61
CA SER A 406 10.78 -19.63 -54.93
C SER A 406 9.69 -20.06 -55.91
N TRP A 407 9.34 -19.16 -56.85
CA TRP A 407 8.37 -19.49 -57.88
C TRP A 407 8.85 -20.65 -58.73
N ASN A 408 10.15 -20.64 -59.09
CA ASN A 408 10.71 -21.73 -59.88
C ASN A 408 10.66 -23.04 -59.12
N TRP A 409 11.01 -23.01 -57.83
CA TRP A 409 10.98 -24.23 -57.02
C TRP A 409 9.55 -24.78 -56.93
N LEU A 410 8.60 -23.91 -56.59
CA LEU A 410 7.21 -24.34 -56.45
C LEU A 410 6.64 -24.82 -57.77
N LEU A 411 6.91 -24.08 -58.86
CA LEU A 411 6.43 -24.47 -60.18
C LEU A 411 7.05 -25.77 -60.62
N ALA A 412 8.34 -25.96 -60.36
CA ALA A 412 8.99 -27.21 -60.73
C ALA A 412 8.40 -28.39 -59.99
N LEU A 413 8.13 -28.24 -58.69
CA LEU A 413 7.58 -29.36 -57.93
C LEU A 413 6.13 -29.64 -58.32
N PHE A 414 5.32 -28.59 -58.48
CA PHE A 414 3.94 -28.78 -58.91
C PHE A 414 3.88 -29.33 -60.34
N GLY A 415 4.75 -28.86 -61.22
CA GLY A 415 4.80 -29.38 -62.56
C GLY A 415 5.27 -30.82 -62.61
N GLY A 416 6.18 -31.19 -61.73
CA GLY A 416 6.54 -32.60 -61.60
C GLY A 416 5.36 -33.43 -61.14
N ALA A 417 4.58 -32.90 -60.20
CA ALA A 417 3.36 -33.60 -59.79
C ALA A 417 2.40 -33.79 -60.95
N SER A 418 2.24 -32.75 -61.78
CA SER A 418 1.37 -32.85 -62.94
C SER A 418 1.94 -33.79 -64.01
N SER A 419 3.27 -33.79 -64.17
CA SER A 419 3.90 -34.69 -65.13
C SER A 419 3.74 -36.13 -64.71
N LEU A 420 3.78 -36.41 -63.41
CA LEU A 420 3.51 -37.76 -62.94
C LEU A 420 2.09 -38.18 -63.31
N ILE A 421 1.12 -37.29 -63.14
CA ILE A 421 -0.26 -37.62 -63.49
C ILE A 421 -0.38 -37.87 -65.00
N VAL A 422 0.22 -37.01 -65.81
CA VAL A 422 0.07 -37.17 -67.26
C VAL A 422 0.81 -38.40 -67.77
N VAL A 423 1.98 -38.71 -67.20
CA VAL A 423 2.69 -39.91 -67.63
C VAL A 423 1.94 -41.15 -67.17
N GLY A 424 1.32 -41.11 -66.00
CA GLY A 424 0.45 -42.21 -65.59
C GLY A 424 -0.71 -42.39 -66.54
N LEU A 425 -1.33 -41.30 -66.97
CA LEU A 425 -2.45 -41.39 -67.90
C LEU A 425 -2.01 -41.94 -69.25
N ILE A 426 -0.87 -41.49 -69.77
CA ILE A 426 -0.42 -41.97 -71.08
C ILE A 426 0.01 -43.43 -70.99
N VAL A 427 0.62 -43.85 -69.88
CA VAL A 427 0.94 -45.26 -69.71
C VAL A 427 -0.34 -46.08 -69.60
N LEU A 428 -1.36 -45.56 -68.92
CA LEU A 428 -2.62 -46.26 -68.79
C LEU A 428 -3.27 -46.47 -70.15
N VAL A 429 -3.31 -45.41 -70.97
CA VAL A 429 -3.92 -45.57 -72.29
C VAL A 429 -3.05 -46.47 -73.18
N CYS A 430 -1.72 -46.35 -73.08
CA CYS A 430 -0.86 -47.22 -73.86
C CYS A 430 -1.16 -48.68 -73.56
N SER A 431 -1.26 -49.03 -72.27
CA SER A 431 -1.62 -50.39 -71.90
C SER A 431 -3.06 -50.71 -72.31
N SER A 432 -3.93 -49.71 -72.37
CA SER A 432 -5.32 -49.98 -72.73
C SER A 432 -5.44 -50.43 -74.19
N MET A 433 -4.86 -49.68 -75.13
CA MET A 433 -4.89 -50.22 -76.50
C MET A 433 -3.91 -51.38 -76.69
N LEU A 434 -2.91 -51.54 -75.84
CA LEU A 434 -2.11 -52.77 -75.90
C LEU A 434 -2.96 -54.00 -75.61
N ILE A 435 -3.79 -53.93 -74.56
CA ILE A 435 -4.69 -55.03 -74.25
C ILE A 435 -5.74 -55.19 -75.34
N ASN A 436 -6.25 -54.07 -75.85
CA ASN A 436 -7.26 -54.14 -76.90
C ASN A 436 -6.72 -54.84 -78.15
N THR A 437 -5.47 -54.55 -78.53
CA THR A 437 -4.86 -55.22 -79.66
C THR A 437 -4.42 -56.64 -79.34
N ARG A 438 -4.20 -56.96 -78.06
CA ARG A 438 -3.81 -58.32 -77.69
C ARG A 438 -4.90 -59.32 -78.04
N ARG A 439 -6.16 -58.98 -77.75
CA ARG A 439 -7.29 -59.84 -78.12
C ARG A 439 -7.81 -59.47 -79.50
N SER B 1 -29.57 41.99 -10.46
CA SER B 1 -28.20 42.40 -10.76
C SER B 1 -27.28 42.07 -9.59
N ILE B 2 -26.02 41.79 -9.91
CA ILE B 2 -25.03 41.42 -8.91
C ILE B 2 -24.43 42.69 -8.31
N THR B 3 -24.47 42.80 -7.00
CA THR B 3 -23.96 43.98 -6.30
C THR B 3 -22.61 43.69 -5.67
N ASP B 4 -21.81 44.74 -5.55
CA ASP B 4 -20.55 44.70 -4.82
C ASP B 4 -20.61 45.54 -3.56
N ASP B 5 -21.82 45.91 -3.12
CA ASP B 5 -22.01 46.78 -1.96
C ASP B 5 -22.20 45.89 -0.74
N PHE B 6 -21.15 45.74 0.05
CA PHE B 6 -21.21 44.92 1.25
C PHE B 6 -21.78 45.64 2.46
N THR B 7 -22.11 46.93 2.33
CA THR B 7 -22.84 47.60 3.39
C THR B 7 -24.26 47.06 3.51
N LEU B 8 -24.78 46.43 2.45
CA LEU B 8 -26.09 45.79 2.49
C LEU B 8 -26.06 44.39 3.05
N THR B 9 -24.89 43.79 3.20
CA THR B 9 -24.75 42.42 3.66
C THR B 9 -24.10 42.41 5.05
N SER B 10 -24.16 41.25 5.70
CA SER B 10 -23.63 41.10 7.05
C SER B 10 -23.05 39.70 7.19
N PRO B 11 -22.04 39.51 8.03
CA PRO B 11 -21.57 38.15 8.33
C PRO B 11 -22.57 37.42 9.23
N TYR B 12 -22.34 36.15 9.52
CA TYR B 12 -23.28 35.39 10.32
C TYR B 12 -22.54 34.32 11.11
N LEU B 13 -23.29 33.63 11.95
CA LEU B 13 -22.78 32.54 12.76
C LEU B 13 -23.28 31.21 12.19
N GLY B 14 -22.36 30.30 11.90
CA GLY B 14 -22.69 28.99 11.42
C GLY B 14 -22.53 27.93 12.50
N PHE B 15 -22.61 26.68 12.06
CA PHE B 15 -22.39 25.54 12.94
C PHE B 15 -21.21 24.73 12.38
N CYS B 16 -20.04 24.97 12.95
CA CYS B 16 -18.84 24.26 12.51
C CYS B 16 -18.82 22.86 13.11
N PRO B 17 -18.68 21.81 12.29
CA PRO B 17 -18.60 20.46 12.83
C PRO B 17 -17.40 20.21 13.74
N TYR B 18 -16.35 21.05 13.64
CA TYR B 18 -15.13 20.83 14.40
C TYR B 18 -14.55 22.20 14.75
N CYS B 19 -14.74 22.62 16.00
CA CYS B 19 -14.18 23.87 16.50
C CYS B 19 -12.82 23.60 17.13
N ARG B 20 -12.29 24.58 17.85
CA ARG B 20 -10.98 24.43 18.48
C ARG B 20 -10.96 23.28 19.48
N HIS B 21 -12.02 23.15 20.26
CA HIS B 21 -12.10 22.15 21.32
C HIS B 21 -12.56 20.79 20.83
N SER B 22 -12.41 20.51 19.53
CA SER B 22 -12.73 19.22 18.94
C SER B 22 -14.20 18.86 19.06
N ALA B 23 -15.07 19.84 19.23
CA ALA B 23 -16.51 19.62 19.30
C ALA B 23 -17.23 20.64 18.46
N PRO B 24 -18.43 20.31 17.97
CA PRO B 24 -19.21 21.29 17.21
C PRO B 24 -19.60 22.49 18.06
N CYS B 25 -19.61 23.66 17.44
CA CYS B 25 -19.95 24.89 18.13
C CYS B 25 -20.39 25.93 17.10
N PHE B 26 -21.00 27.00 17.58
CA PHE B 26 -21.38 28.12 16.73
C PHE B 26 -20.18 29.02 16.54
N SER B 27 -19.84 29.30 15.29
CA SER B 27 -18.58 29.95 14.97
C SER B 27 -18.82 31.10 14.00
N PRO B 28 -17.99 32.14 14.06
CA PRO B 28 -18.06 33.20 13.05
C PRO B 28 -17.24 32.94 11.80
N ILE B 29 -16.57 31.79 11.71
CA ILE B 29 -15.72 31.46 10.57
C ILE B 29 -16.11 30.11 10.00
N LYS B 30 -17.39 29.76 10.08
CA LYS B 30 -17.85 28.48 9.57
C LYS B 30 -17.51 28.34 8.08
N ILE B 31 -16.94 27.20 7.71
CA ILE B 31 -16.56 26.92 6.33
C ILE B 31 -17.74 26.25 5.64
N GLU B 32 -18.29 26.93 4.62
CA GLU B 32 -19.46 26.41 3.92
C GLU B 32 -19.08 25.49 2.77
N ASN B 33 -18.32 25.99 1.80
CA ASN B 33 -17.92 25.21 0.65
C ASN B 33 -16.42 25.34 0.41
N VAL B 34 -15.83 24.29 -0.13
CA VAL B 34 -14.43 24.29 -0.57
C VAL B 34 -14.39 23.78 -2.00
N TRP B 35 -13.76 24.53 -2.89
CA TRP B 35 -13.65 24.18 -4.30
C TRP B 35 -12.18 23.99 -4.64
N ASP B 36 -11.84 22.81 -5.17
CA ASP B 36 -10.49 22.53 -5.64
C ASP B 36 -10.58 21.98 -7.06
N GLU B 37 -10.64 22.88 -8.03
CA GLU B 37 -10.55 22.52 -9.44
C GLU B 37 -9.34 23.16 -10.11
N SER B 38 -8.57 23.96 -9.38
CA SER B 38 -7.36 24.56 -9.94
C SER B 38 -6.30 23.49 -10.15
N ASP B 39 -5.56 23.61 -11.25
CA ASP B 39 -4.51 22.67 -11.56
C ASP B 39 -3.19 22.99 -10.88
N ASP B 40 -3.09 24.11 -10.16
CA ASP B 40 -1.88 24.46 -9.43
C ASP B 40 -2.04 24.33 -7.92
N GLY B 41 -3.11 23.68 -7.46
CA GLY B 41 -3.28 23.36 -6.06
C GLY B 41 -3.98 24.39 -5.20
N SER B 42 -4.47 25.48 -5.80
CA SER B 42 -5.17 26.50 -5.02
C SER B 42 -6.62 26.08 -4.81
N ILE B 43 -7.19 26.53 -3.69
CA ILE B 43 -8.55 26.17 -3.30
C ILE B 43 -9.32 27.44 -2.95
N ARG B 44 -10.63 27.39 -3.14
CA ARG B 44 -11.53 28.47 -2.81
C ARG B 44 -12.34 28.06 -1.58
N ILE B 45 -12.39 28.93 -0.58
CA ILE B 45 -13.07 28.65 0.68
C ILE B 45 -14.14 29.71 0.91
N GLN B 46 -15.32 29.27 1.29
CA GLN B 46 -16.41 30.15 1.68
C GLN B 46 -16.55 30.13 3.19
N VAL B 47 -16.58 31.32 3.80
CA VAL B 47 -16.56 31.49 5.24
C VAL B 47 -17.69 32.44 5.62
N SER B 48 -18.30 32.20 6.78
CA SER B 48 -19.40 33.05 7.23
C SER B 48 -18.93 34.47 7.52
N ALA B 49 -17.63 34.68 7.66
CA ALA B 49 -17.08 36.02 7.83
C ALA B 49 -16.84 36.66 6.46
N GLN B 50 -16.69 37.98 6.47
CA GLN B 50 -16.40 38.75 5.27
C GLN B 50 -15.02 39.37 5.40
N PHE B 51 -14.15 39.07 4.43
CA PHE B 51 -12.76 39.51 4.46
C PHE B 51 -12.55 40.66 3.49
N GLY B 52 -11.63 41.55 3.84
CA GLY B 52 -11.35 42.71 3.02
C GLY B 52 -12.26 43.89 3.23
N TYR B 53 -13.10 43.87 4.26
CA TYR B 53 -14.04 44.95 4.51
C TYR B 53 -14.05 45.29 5.99
N ASN B 54 -14.36 46.55 6.29
CA ASN B 54 -14.36 47.03 7.67
C ASN B 54 -15.76 46.86 8.27
N GLN B 55 -15.99 47.49 9.42
CA GLN B 55 -17.26 47.32 10.12
C GLN B 55 -18.42 47.86 9.30
N ALA B 56 -18.22 48.98 8.61
CA ALA B 56 -19.30 49.57 7.82
C ALA B 56 -19.52 48.88 6.49
N GLY B 57 -18.69 47.91 6.12
CA GLY B 57 -18.80 47.24 4.84
C GLY B 57 -18.02 47.89 3.72
N THR B 58 -17.24 48.93 4.01
CA THR B 58 -16.43 49.60 3.01
C THR B 58 -15.09 48.89 2.86
N ALA B 59 -14.56 48.90 1.63
CA ALA B 59 -13.38 48.13 1.29
C ALA B 59 -12.18 48.55 2.12
N ASP B 60 -11.66 47.63 2.93
CA ASP B 60 -10.43 47.82 3.68
C ASP B 60 -9.66 46.50 3.61
N VAL B 61 -8.61 46.48 2.78
CA VAL B 61 -7.94 45.22 2.45
C VAL B 61 -7.26 44.58 3.65
N THR B 62 -7.12 45.30 4.75
CA THR B 62 -6.41 44.79 5.92
C THR B 62 -7.34 44.30 7.03
N LYS B 63 -8.65 44.38 6.85
CA LYS B 63 -9.61 44.04 7.90
C LYS B 63 -10.55 42.94 7.44
N PHE B 64 -11.29 42.40 8.41
CA PHE B 64 -12.40 41.49 8.12
C PHE B 64 -13.45 41.69 9.19
N ARG B 65 -14.70 41.40 8.83
CA ARG B 65 -15.83 41.58 9.73
C ARG B 65 -16.46 40.23 10.07
N TYR B 66 -16.92 40.11 11.31
CA TYR B 66 -17.55 38.89 11.80
C TYR B 66 -18.61 39.26 12.82
N MET B 67 -19.49 38.31 13.10
CA MET B 67 -20.54 38.52 14.09
C MET B 67 -20.05 38.10 15.47
N SER B 68 -20.29 38.96 16.46
CA SER B 68 -19.85 38.68 17.81
C SER B 68 -20.82 37.73 18.49
N TYR B 69 -20.36 37.14 19.60
CA TYR B 69 -21.22 36.32 20.43
C TYR B 69 -22.14 37.15 21.32
N ASP B 70 -21.95 38.47 21.34
CA ASP B 70 -22.80 39.34 22.14
C ASP B 70 -24.20 39.37 21.55
N HIS B 71 -25.19 39.52 22.43
CA HIS B 71 -26.60 39.31 22.09
C HIS B 71 -27.22 40.40 21.24
N ASP B 72 -26.53 41.51 21.00
CA ASP B 72 -27.09 42.61 20.23
C ASP B 72 -26.62 42.61 18.77
N HIS B 73 -26.15 41.48 18.26
CA HIS B 73 -25.87 41.28 16.84
C HIS B 73 -24.87 42.31 16.31
N ASP B 74 -23.78 42.52 17.05
CA ASP B 74 -22.74 43.45 16.63
C ASP B 74 -21.98 42.86 15.46
N ILE B 75 -21.51 43.73 14.58
CA ILE B 75 -20.47 43.37 13.62
C ILE B 75 -19.16 43.91 14.16
N LYS B 76 -18.17 43.03 14.32
CA LYS B 76 -16.87 43.41 14.82
C LYS B 76 -15.84 43.28 13.71
N GLU B 77 -14.75 44.03 13.84
CA GLU B 77 -13.70 44.04 12.83
C GLU B 77 -12.36 43.68 13.47
N ASP B 78 -11.54 42.95 12.72
CA ASP B 78 -10.22 42.55 13.18
C ASP B 78 -9.29 42.51 11.98
N SER B 79 -7.98 42.53 12.27
CA SER B 79 -7.00 42.56 11.20
C SER B 79 -6.90 41.20 10.51
N MET B 80 -6.41 41.21 9.27
CA MET B 80 -6.28 40.01 8.48
C MET B 80 -5.03 39.20 8.83
N GLU B 81 -4.13 39.75 9.65
CA GLU B 81 -2.98 38.98 10.09
C GLU B 81 -3.37 37.78 10.94
N LYS B 82 -4.59 37.75 11.45
CA LYS B 82 -5.05 36.68 12.31
C LYS B 82 -5.77 35.56 11.57
N ILE B 83 -5.94 35.67 10.26
CA ILE B 83 -6.65 34.67 9.48
C ILE B 83 -5.63 33.71 8.89
N ALA B 84 -5.69 32.45 9.31
CA ALA B 84 -4.75 31.42 8.87
C ALA B 84 -5.50 30.22 8.32
N ILE B 85 -5.07 29.74 7.16
CA ILE B 85 -5.62 28.54 6.55
C ILE B 85 -4.60 27.42 6.67
N SER B 86 -5.09 26.20 6.83
CA SER B 86 -4.19 25.04 6.91
C SER B 86 -4.94 23.79 6.47
N THR B 87 -4.21 22.87 5.87
CA THR B 87 -4.74 21.54 5.52
C THR B 87 -4.06 20.45 6.33
N SER B 88 -2.74 20.36 6.24
CA SER B 88 -1.92 19.64 7.22
C SER B 88 -0.76 20.48 7.73
N GLY B 89 -0.32 21.46 6.95
CA GLY B 89 0.57 22.50 7.42
C GLY B 89 -0.01 23.84 7.02
N PRO B 90 0.72 24.92 7.29
CA PRO B 90 0.21 26.25 6.95
C PRO B 90 -0.01 26.41 5.45
N CYS B 91 -1.07 27.14 5.10
CA CYS B 91 -1.42 27.45 3.73
C CYS B 91 -1.13 28.92 3.45
N ARG B 92 -0.85 29.21 2.18
CA ARG B 92 -0.51 30.56 1.75
C ARG B 92 -1.78 31.26 1.25
N ARG B 93 -2.02 32.46 1.78
CA ARG B 93 -3.21 33.22 1.44
C ARG B 93 -2.96 34.00 0.16
N LEU B 94 -3.75 33.71 -0.88
CA LEU B 94 -3.56 34.30 -2.19
C LEU B 94 -4.48 35.48 -2.45
N GLY B 95 -5.59 35.59 -1.73
CA GLY B 95 -6.52 36.68 -1.94
C GLY B 95 -7.76 36.49 -1.11
N HIS B 96 -8.49 37.59 -0.95
CA HIS B 96 -9.69 37.57 -0.12
C HIS B 96 -10.67 38.62 -0.61
N LYS B 97 -11.95 38.28 -0.57
CA LYS B 97 -13.02 39.23 -0.87
C LYS B 97 -14.32 38.66 -0.35
N GLY B 98 -14.99 39.41 0.53
CA GLY B 98 -16.27 38.95 1.05
C GLY B 98 -16.15 37.63 1.75
N TYR B 99 -17.12 36.75 1.51
CA TYR B 99 -17.16 35.45 2.15
C TYR B 99 -16.09 34.49 1.65
N PHE B 100 -15.19 34.93 0.78
CA PHE B 100 -14.37 34.00 0.01
C PHE B 100 -12.88 34.24 0.26
N LEU B 101 -12.14 33.15 0.36
CA LEU B 101 -10.69 33.15 0.48
C LEU B 101 -10.10 32.27 -0.61
N LEU B 102 -8.85 32.54 -0.96
CA LEU B 102 -8.08 31.71 -1.87
C LEU B 102 -6.80 31.29 -1.16
N ALA B 103 -6.52 29.99 -1.17
CA ALA B 103 -5.40 29.44 -0.42
C ALA B 103 -4.61 28.46 -1.28
N GLN B 104 -3.29 28.52 -1.17
CA GLN B 104 -2.40 27.55 -1.77
C GLN B 104 -2.08 26.52 -0.69
N CYS B 105 -2.66 25.33 -0.80
CA CYS B 105 -2.65 24.42 0.33
C CYS B 105 -1.93 23.12 0.00
N PRO B 106 -1.25 22.52 0.96
CA PRO B 106 -0.64 21.21 0.75
C PRO B 106 -1.69 20.12 0.78
N PRO B 107 -1.36 18.91 0.29
CA PRO B 107 -2.31 17.80 0.38
C PRO B 107 -2.67 17.48 1.82
N GLY B 108 -3.93 17.09 2.02
CA GLY B 108 -4.40 16.76 3.36
C GLY B 108 -5.83 16.28 3.30
N ASP B 109 -6.39 16.04 4.49
CA ASP B 109 -7.73 15.50 4.63
C ASP B 109 -8.75 16.51 5.16
N SER B 110 -8.31 17.64 5.70
CA SER B 110 -9.22 18.60 6.30
C SER B 110 -8.73 20.01 6.01
N VAL B 111 -9.67 20.95 5.99
CA VAL B 111 -9.37 22.36 5.74
C VAL B 111 -9.76 23.15 6.98
N THR B 112 -8.82 23.94 7.50
CA THR B 112 -9.00 24.69 8.73
C THR B 112 -8.81 26.17 8.47
N VAL B 113 -9.73 26.99 8.98
CA VAL B 113 -9.62 28.44 8.98
C VAL B 113 -9.62 28.90 10.42
N SER B 114 -8.61 29.68 10.78
CA SER B 114 -8.39 30.03 12.18
C SER B 114 -8.27 31.54 12.34
N ILE B 115 -8.89 32.06 13.39
CA ILE B 115 -8.56 33.36 13.95
C ILE B 115 -7.52 33.09 15.03
N THR B 116 -6.27 33.43 14.75
CA THR B 116 -5.14 32.91 15.51
C THR B 116 -4.76 33.78 16.70
N SER B 117 -5.48 34.87 16.97
CA SER B 117 -5.16 35.74 18.09
C SER B 117 -6.44 36.45 18.54
N GLY B 118 -6.29 37.32 19.53
CA GLY B 118 -7.38 38.13 20.00
C GLY B 118 -8.32 37.37 20.91
N ALA B 119 -9.39 38.08 21.32
CA ALA B 119 -10.41 37.46 22.16
C ALA B 119 -11.18 36.39 21.39
N SER B 120 -11.47 36.64 20.12
CA SER B 120 -12.23 35.68 19.31
C SER B 120 -11.33 34.71 18.58
N GLU B 121 -10.42 34.06 19.31
CA GLU B 121 -9.58 33.02 18.73
C GLU B 121 -10.42 31.76 18.55
N ASN B 122 -10.42 31.21 17.33
CA ASN B 122 -11.27 30.08 17.02
C ASN B 122 -10.72 29.36 15.79
N SER B 123 -11.28 28.18 15.55
CA SER B 123 -10.95 27.39 14.37
C SER B 123 -12.23 26.78 13.82
N CYS B 124 -12.19 26.45 12.54
CA CYS B 124 -13.29 25.73 11.89
C CYS B 124 -12.69 24.74 10.92
N THR B 125 -12.93 23.45 11.15
CA THR B 125 -12.39 22.39 10.33
C THR B 125 -13.52 21.66 9.61
N VAL B 126 -13.34 21.44 8.32
CA VAL B 126 -14.28 20.65 7.53
C VAL B 126 -13.48 19.56 6.81
N GLU B 127 -14.17 18.47 6.48
CA GLU B 127 -13.53 17.31 5.87
C GLU B 127 -13.51 17.51 4.36
N LYS B 128 -12.31 17.67 3.79
CA LYS B 128 -12.17 17.86 2.37
C LYS B 128 -10.85 17.24 1.92
N LYS B 129 -10.93 16.39 0.90
CA LYS B 129 -9.76 15.66 0.42
C LYS B 129 -9.02 16.52 -0.59
N ILE B 130 -7.92 17.14 -0.15
CA ILE B 130 -7.06 17.95 -1.00
C ILE B 130 -5.88 17.09 -1.40
N ARG B 131 -5.73 16.84 -2.70
CA ARG B 131 -4.67 15.98 -3.21
C ARG B 131 -3.71 16.79 -4.07
N ARG B 132 -2.70 16.10 -4.57
CA ARG B 132 -1.76 16.73 -5.49
C ARG B 132 -2.28 16.65 -6.92
N LYS B 133 -2.34 17.80 -7.59
CA LYS B 133 -2.87 17.89 -8.94
C LYS B 133 -1.74 18.26 -9.89
N PHE B 134 -1.62 17.49 -10.97
CA PHE B 134 -0.59 17.72 -11.97
C PHE B 134 -1.24 17.73 -13.36
N VAL B 135 -0.54 18.34 -14.31
CA VAL B 135 -1.03 18.51 -15.67
C VAL B 135 -0.18 17.66 -16.60
N GLY B 136 -0.84 16.95 -17.51
CA GLY B 136 -0.15 16.20 -18.53
C GLY B 136 0.09 14.75 -18.14
N ARG B 137 1.07 14.16 -18.81
CA ARG B 137 1.42 12.76 -18.65
C ARG B 137 2.67 12.58 -17.81
N GLU B 138 3.04 13.57 -17.00
CA GLU B 138 4.19 13.58 -16.12
C GLU B 138 3.79 13.96 -14.71
N GLU B 139 4.20 13.15 -13.73
CA GLU B 139 4.00 13.48 -12.34
C GLU B 139 5.18 14.26 -11.80
N TYR B 140 4.89 15.24 -10.95
CA TYR B 140 5.93 16.09 -10.40
C TYR B 140 5.48 16.63 -9.04
N LEU B 141 6.45 17.04 -8.24
CA LEU B 141 6.14 17.68 -6.97
C LEU B 141 5.76 19.14 -7.16
N PHE B 142 6.62 19.90 -7.81
CA PHE B 142 6.33 21.25 -8.27
C PHE B 142 6.79 21.35 -9.72
N PRO B 143 6.21 22.28 -10.50
CA PRO B 143 6.55 22.37 -11.91
C PRO B 143 8.04 22.62 -12.11
N PRO B 144 8.64 22.00 -13.11
CA PRO B 144 10.09 22.13 -13.33
C PRO B 144 10.41 23.51 -13.91
N VAL B 145 11.71 23.72 -14.14
CA VAL B 145 12.16 24.92 -14.83
C VAL B 145 12.18 24.72 -16.33
N HIS B 146 12.59 23.54 -16.78
CA HIS B 146 12.62 23.21 -18.19
C HIS B 146 11.47 22.26 -18.53
N GLY B 147 10.75 22.58 -19.59
CA GLY B 147 9.65 21.75 -20.02
C GLY B 147 8.92 22.41 -21.18
N LYS B 148 7.73 21.90 -21.45
CA LYS B 148 6.85 22.47 -22.46
C LYS B 148 5.63 23.07 -21.79
N LEU B 149 4.89 23.87 -22.56
CA LEU B 149 3.77 24.63 -22.04
C LEU B 149 2.46 23.96 -22.47
N LEU B 150 1.67 23.55 -21.47
CA LEU B 150 0.38 22.91 -21.70
C LEU B 150 -0.72 23.80 -21.16
N LYS B 151 -1.94 23.58 -21.66
CA LYS B 151 -3.08 24.36 -21.20
C LYS B 151 -3.55 23.84 -19.85
N CYS B 152 -3.51 24.70 -18.84
CA CYS B 152 -4.02 24.40 -17.51
C CYS B 152 -4.95 25.52 -17.09
N HIS B 153 -5.92 25.19 -16.25
CA HIS B 153 -6.86 26.16 -15.72
C HIS B 153 -6.57 26.39 -14.25
N ILE B 154 -6.35 27.66 -13.88
CA ILE B 154 -5.99 28.03 -12.52
C ILE B 154 -6.96 29.08 -12.00
N TYR B 155 -6.97 29.24 -10.69
CA TYR B 155 -7.80 30.26 -10.05
C TYR B 155 -7.11 31.61 -10.17
N ASP B 156 -7.78 32.57 -10.80
CA ASP B 156 -7.21 33.90 -10.94
C ASP B 156 -7.06 34.55 -9.57
N HIS B 157 -5.84 35.00 -9.27
CA HIS B 157 -5.57 35.62 -7.97
C HIS B 157 -6.27 36.96 -7.82
N LEU B 158 -6.81 37.52 -8.90
CA LEU B 158 -7.55 38.76 -8.82
C LEU B 158 -8.92 38.53 -8.23
N LYS B 159 -9.37 39.47 -7.41
CA LYS B 159 -10.70 39.41 -6.83
C LYS B 159 -11.76 40.07 -7.70
N GLU B 160 -11.36 40.71 -8.80
CA GLU B 160 -12.32 41.34 -9.70
C GLU B 160 -12.92 40.37 -10.71
N THR B 161 -12.45 39.13 -10.74
CA THR B 161 -13.04 38.11 -11.59
C THR B 161 -14.20 37.43 -10.87
N SER B 162 -15.12 36.88 -11.65
CA SER B 162 -16.34 36.27 -11.11
C SER B 162 -16.52 34.89 -11.71
N ALA B 163 -16.75 33.90 -10.85
CA ALA B 163 -17.04 32.53 -11.26
C ALA B 163 -18.50 32.16 -11.09
N GLY B 164 -19.37 33.12 -10.88
CA GLY B 164 -20.77 32.86 -10.61
C GLY B 164 -21.30 33.86 -9.59
N TYR B 165 -22.32 33.42 -8.85
CA TYR B 165 -22.92 34.28 -7.84
C TYR B 165 -23.51 33.44 -6.73
N ILE B 166 -23.68 34.09 -5.57
CA ILE B 166 -24.38 33.50 -4.44
C ILE B 166 -25.51 34.43 -4.05
N THR B 167 -26.60 33.86 -3.57
CA THR B 167 -27.82 34.62 -3.33
C THR B 167 -27.83 35.19 -1.92
N MET B 168 -28.33 36.43 -1.80
CA MET B 168 -28.49 37.10 -0.52
C MET B 168 -29.96 37.14 -0.14
N HIS B 169 -30.26 36.82 1.12
CA HIS B 169 -31.63 36.70 1.59
C HIS B 169 -31.79 37.52 2.86
N ARG B 170 -33.03 37.95 3.10
CA ARG B 170 -33.31 38.77 4.26
C ARG B 170 -33.03 37.97 5.54
N PRO B 171 -32.38 38.58 6.53
CA PRO B 171 -32.05 37.84 7.75
C PRO B 171 -33.31 37.45 8.51
N GLY B 172 -33.27 36.25 9.09
CA GLY B 172 -34.38 35.72 9.83
C GLY B 172 -34.38 36.18 11.27
N PRO B 173 -35.42 35.80 12.03
CA PRO B 173 -35.46 36.12 13.45
C PRO B 173 -34.37 35.38 14.21
N HIS B 174 -33.93 35.98 15.31
CA HIS B 174 -32.94 35.36 16.19
C HIS B 174 -33.38 35.61 17.63
N ALA B 175 -33.84 34.56 18.30
CA ALA B 175 -34.31 34.67 19.67
C ALA B 175 -33.14 34.53 20.63
N TYR B 176 -33.12 35.38 21.65
CA TYR B 176 -32.09 35.34 22.69
C TYR B 176 -32.78 35.15 24.04
N LYS B 177 -32.33 34.15 24.78
CA LYS B 177 -32.88 33.91 26.11
C LYS B 177 -32.42 34.94 27.12
N SER B 178 -31.44 35.76 26.79
CA SER B 178 -31.03 36.85 27.67
C SER B 178 -32.09 37.94 27.78
N TYR B 179 -33.08 37.94 26.88
CA TYR B 179 -34.21 38.87 26.97
C TYR B 179 -35.29 38.39 27.93
N LEU B 180 -35.16 37.18 28.47
CA LEU B 180 -36.13 36.62 29.40
C LEU B 180 -35.53 36.58 30.80
N LYS B 181 -36.31 36.98 31.80
CA LYS B 181 -35.82 37.11 33.17
C LYS B 181 -36.34 36.03 34.11
N GLU B 182 -37.66 35.83 34.16
CA GLU B 182 -38.27 34.81 35.01
C GLU B 182 -37.93 35.05 36.49
N ALA B 183 -38.44 36.17 37.01
CA ALA B 183 -38.08 36.61 38.35
C ALA B 183 -38.47 35.62 39.44
N SER B 184 -39.77 35.43 39.68
CA SER B 184 -40.22 34.50 40.70
C SER B 184 -41.06 33.38 40.11
N GLY B 185 -42.18 33.71 39.47
CA GLY B 185 -43.00 32.73 38.80
C GLY B 185 -43.62 33.31 37.54
N GLU B 186 -43.22 34.53 37.21
CA GLU B 186 -43.63 35.20 35.99
C GLU B 186 -42.39 35.52 35.16
N VAL B 187 -42.58 35.59 33.86
CA VAL B 187 -41.50 35.90 32.93
C VAL B 187 -41.52 37.38 32.61
N TYR B 188 -40.36 37.94 32.32
CA TYR B 188 -40.20 39.36 32.05
C TYR B 188 -39.40 39.55 30.78
N ILE B 189 -39.88 40.45 29.92
CA ILE B 189 -39.21 40.74 28.65
C ILE B 189 -38.33 41.96 28.86
N LYS B 190 -37.03 41.82 28.55
CA LYS B 190 -36.05 42.88 28.78
C LYS B 190 -35.38 43.26 27.47
N PRO B 191 -35.76 44.38 26.86
CA PRO B 191 -35.06 44.82 25.65
C PRO B 191 -33.67 45.31 25.99
N PRO B 192 -32.73 45.23 25.04
CA PRO B 192 -31.35 45.71 25.28
C PRO B 192 -31.23 47.24 25.22
N SER B 193 -31.52 47.86 26.36
CA SER B 193 -31.49 49.32 26.53
C SER B 193 -32.47 49.91 25.53
N GLY B 194 -32.08 50.91 24.73
CA GLY B 194 -33.02 51.55 23.83
C GLY B 194 -33.22 50.82 22.52
N LYS B 195 -33.85 49.65 22.57
CA LYS B 195 -34.16 48.88 21.38
C LYS B 195 -35.57 48.31 21.50
N ASN B 196 -36.19 48.04 20.36
CA ASN B 196 -37.52 47.46 20.32
C ASN B 196 -37.41 45.96 20.09
N VAL B 197 -38.10 45.19 20.91
CA VAL B 197 -38.04 43.73 20.89
C VAL B 197 -39.44 43.19 20.69
N THR B 198 -39.59 42.26 19.74
CA THR B 198 -40.86 41.59 19.51
C THR B 198 -40.87 40.24 20.21
N TYR B 199 -41.93 39.99 20.97
CA TYR B 199 -42.07 38.77 21.76
C TYR B 199 -43.19 37.91 21.20
N GLU B 200 -43.03 36.59 21.36
CA GLU B 200 -44.01 35.61 20.93
C GLU B 200 -44.17 34.58 22.05
N CYS B 201 -45.40 34.39 22.51
CA CYS B 201 -45.65 33.50 23.63
C CYS B 201 -46.91 32.70 23.40
N LYS B 202 -46.94 31.49 23.97
CA LYS B 202 -48.07 30.58 23.90
C LYS B 202 -48.46 30.13 25.30
N CYS B 203 -48.57 31.09 26.22
CA CYS B 203 -48.97 30.82 27.59
C CYS B 203 -50.50 30.74 27.64
N GLY B 204 -51.01 29.61 27.14
CA GLY B 204 -52.44 29.45 26.96
C GLY B 204 -52.96 29.98 25.65
N ASP B 205 -52.61 31.22 25.30
CA ASP B 205 -53.02 31.82 24.04
C ASP B 205 -51.82 32.54 23.42
N TYR B 206 -51.90 32.72 22.11
CA TYR B 206 -50.81 33.30 21.33
C TYR B 206 -50.86 34.83 21.44
N SER B 207 -49.79 35.42 21.94
CA SER B 207 -49.67 36.86 22.10
C SER B 207 -48.36 37.35 21.48
N THR B 208 -48.46 38.42 20.69
CA THR B 208 -47.29 39.00 20.03
C THR B 208 -47.33 40.51 20.19
N GLY B 209 -46.20 41.11 20.55
CA GLY B 209 -46.13 42.54 20.74
C GLY B 209 -44.71 43.04 20.68
N ILE B 210 -44.57 44.35 20.50
CA ILE B 210 -43.28 45.02 20.45
C ILE B 210 -43.18 45.93 21.66
N VAL B 211 -42.07 45.84 22.38
CA VAL B 211 -41.89 46.56 23.64
C VAL B 211 -40.52 47.23 23.65
N SER B 212 -40.40 48.28 24.46
CA SER B 212 -39.16 49.01 24.63
C SER B 212 -38.73 49.13 26.08
N THR B 213 -39.35 48.37 26.98
CA THR B 213 -38.97 48.33 28.38
C THR B 213 -39.39 46.99 28.96
N GLN B 214 -39.19 46.82 30.27
CA GLN B 214 -39.60 45.59 30.93
C GLN B 214 -41.12 45.40 30.81
N THR B 215 -41.53 44.14 30.65
CA THR B 215 -42.94 43.78 30.52
C THR B 215 -43.21 42.52 31.33
N LYS B 216 -44.24 42.57 32.16
CA LYS B 216 -44.59 41.45 33.02
C LYS B 216 -45.25 40.31 32.27
N MET B 217 -45.85 40.58 31.11
CA MET B 217 -46.56 39.59 30.30
C MET B 217 -47.78 39.08 31.08
N ASN B 218 -48.24 37.87 30.77
CA ASN B 218 -49.49 37.38 31.32
C ASN B 218 -49.50 35.86 31.30
N GLY B 219 -49.66 35.25 32.48
CA GLY B 219 -49.91 33.82 32.57
C GLY B 219 -48.78 32.93 32.14
N CYS B 220 -47.54 33.41 32.16
CA CYS B 220 -46.39 32.62 31.79
C CYS B 220 -45.59 32.29 33.04
N THR B 221 -45.37 30.99 33.28
CA THR B 221 -44.68 30.53 34.46
C THR B 221 -43.22 30.18 34.22
N LYS B 222 -42.85 29.88 32.98
CA LYS B 222 -41.47 29.56 32.62
C LYS B 222 -41.09 30.33 31.36
N ALA B 223 -39.79 30.58 31.21
CA ALA B 223 -39.30 31.35 30.08
C ALA B 223 -39.28 30.57 28.79
N ARG B 224 -39.39 29.24 28.84
CA ARG B 224 -39.41 28.43 27.63
C ARG B 224 -40.70 28.58 26.83
N GLN B 225 -41.71 29.23 27.39
CA GLN B 225 -42.95 29.49 26.68
C GLN B 225 -42.93 30.80 25.90
N CYS B 226 -41.79 31.51 25.90
CA CYS B 226 -41.67 32.79 25.24
C CYS B 226 -40.36 32.85 24.47
N ILE B 227 -40.39 33.58 23.35
CA ILE B 227 -39.19 33.92 22.60
C ILE B 227 -39.22 35.41 22.29
N ALA B 228 -38.04 36.00 22.21
CA ALA B 228 -37.92 37.42 21.92
C ALA B 228 -36.79 37.65 20.94
N TYR B 229 -37.07 38.41 19.88
CA TYR B 229 -36.07 38.72 18.87
C TYR B 229 -36.17 40.20 18.51
N THR B 230 -35.16 40.67 17.79
CA THR B 230 -35.08 42.07 17.35
C THR B 230 -35.28 42.13 15.84
N ARG B 231 -36.11 43.07 15.41
CA ARG B 231 -36.37 43.27 13.98
C ARG B 231 -35.51 44.39 13.38
N ASP B 232 -34.58 44.95 14.16
CA ASP B 232 -33.75 46.03 13.65
C ASP B 232 -32.82 45.55 12.54
N GLN B 233 -32.41 44.28 12.60
CA GLN B 233 -31.46 43.76 11.63
C GLN B 233 -32.11 43.62 10.26
N THR B 234 -31.47 44.19 9.24
CA THR B 234 -32.00 44.13 7.89
C THR B 234 -30.93 43.83 6.84
N LYS B 235 -29.70 43.57 7.24
CA LYS B 235 -28.62 43.33 6.29
C LYS B 235 -28.67 41.91 5.77
N TRP B 236 -28.60 41.77 4.46
CA TRP B 236 -28.78 40.48 3.80
C TRP B 236 -27.71 39.49 4.25
N VAL B 237 -28.08 38.21 4.26
CA VAL B 237 -27.23 37.14 4.74
C VAL B 237 -27.25 36.02 3.72
N PHE B 238 -26.27 35.12 3.82
CA PHE B 238 -26.17 34.02 2.87
C PHE B 238 -27.30 33.02 3.10
N ASN B 239 -27.58 32.24 2.05
CA ASN B 239 -28.59 31.17 2.09
C ASN B 239 -27.96 29.95 2.76
N SER B 240 -27.70 30.09 4.06
CA SER B 240 -26.96 29.13 4.86
C SER B 240 -27.89 28.14 5.54
N PRO B 241 -27.47 26.87 5.67
CA PRO B 241 -28.30 25.87 6.36
C PRO B 241 -28.38 26.05 7.86
N ASP B 242 -27.62 26.99 8.45
CA ASP B 242 -27.56 27.16 9.89
C ASP B 242 -28.37 28.36 10.39
N LEU B 243 -29.17 28.98 9.52
CA LEU B 243 -29.99 30.11 9.90
C LEU B 243 -31.45 29.80 9.58
N ILE B 244 -32.35 30.28 10.42
CA ILE B 244 -33.79 30.11 10.19
C ILE B 244 -34.27 31.23 9.30
N ARG B 245 -34.97 30.89 8.23
CA ARG B 245 -35.31 31.83 7.18
C ARG B 245 -36.42 32.77 7.62
N HIS B 246 -36.47 33.92 6.96
CA HIS B 246 -37.54 34.89 7.12
C HIS B 246 -38.83 34.35 6.50
N THR B 247 -39.95 34.99 6.88
CA THR B 247 -41.21 34.63 6.25
C THR B 247 -41.22 34.96 4.76
N ASP B 248 -40.32 35.84 4.31
CA ASP B 248 -40.15 36.17 2.90
C ASP B 248 -38.72 35.81 2.53
N HIS B 249 -38.52 34.57 2.07
CA HIS B 249 -37.20 34.11 1.63
C HIS B 249 -37.01 34.32 0.13
N SER B 250 -37.23 35.56 -0.32
CA SER B 250 -37.00 35.92 -1.71
C SER B 250 -35.57 36.40 -1.89
N VAL B 251 -35.03 36.18 -3.09
CA VAL B 251 -33.68 36.64 -3.39
C VAL B 251 -33.66 38.16 -3.41
N GLN B 252 -32.98 38.75 -2.42
CA GLN B 252 -32.89 40.20 -2.32
C GLN B 252 -31.73 40.77 -3.12
N GLY B 253 -30.70 39.97 -3.38
CA GLY B 253 -29.57 40.42 -4.18
C GLY B 253 -28.67 39.25 -4.49
N LYS B 254 -27.60 39.55 -5.21
CA LYS B 254 -26.60 38.56 -5.56
C LYS B 254 -25.21 39.12 -5.29
N LEU B 255 -24.28 38.23 -4.96
CA LEU B 255 -22.91 38.59 -4.66
C LEU B 255 -21.98 37.77 -5.53
N HIS B 256 -20.90 38.40 -5.98
CA HIS B 256 -19.95 37.73 -6.87
C HIS B 256 -19.17 36.64 -6.12
N ILE B 257 -18.77 35.62 -6.87
CA ILE B 257 -17.84 34.60 -6.37
C ILE B 257 -16.48 34.88 -7.01
N PRO B 258 -15.52 35.40 -6.26
CA PRO B 258 -14.26 35.83 -6.88
C PRO B 258 -13.38 34.68 -7.33
N PHE B 259 -12.23 35.01 -7.92
CA PHE B 259 -11.22 34.04 -8.34
C PHE B 259 -11.79 33.06 -9.36
N ARG B 260 -12.13 33.60 -10.52
CA ARG B 260 -12.61 32.79 -11.64
C ARG B 260 -11.54 31.82 -12.11
N LEU B 261 -11.97 30.64 -12.55
CA LEU B 261 -11.06 29.67 -13.15
C LEU B 261 -10.76 30.12 -14.57
N THR B 262 -9.52 30.52 -14.82
CA THR B 262 -9.13 31.04 -16.12
C THR B 262 -8.13 30.13 -16.82
N PRO B 263 -8.17 30.06 -18.14
CA PRO B 263 -7.16 29.28 -18.87
C PRO B 263 -5.81 29.98 -18.88
N THR B 264 -4.76 29.18 -18.72
CA THR B 264 -3.38 29.67 -18.73
C THR B 264 -2.48 28.53 -19.19
N VAL B 265 -1.18 28.75 -19.14
CA VAL B 265 -0.20 27.76 -19.57
C VAL B 265 0.68 27.38 -18.40
N CYS B 266 0.86 26.08 -18.19
CA CYS B 266 1.71 25.53 -17.15
C CYS B 266 2.97 24.95 -17.78
N ARG B 267 4.00 24.77 -16.95
CA ARG B 267 5.24 24.15 -17.37
C ARG B 267 5.24 22.70 -16.90
N VAL B 268 5.27 21.77 -17.85
CA VAL B 268 5.20 20.35 -17.53
C VAL B 268 6.51 19.68 -17.92
N PRO B 269 6.93 18.65 -17.18
CA PRO B 269 8.25 18.05 -17.45
C PRO B 269 8.29 17.32 -18.78
N LEU B 270 9.49 17.26 -19.34
CA LEU B 270 9.80 16.42 -20.49
C LEU B 270 10.61 15.24 -20.01
N ALA B 271 10.14 14.03 -20.29
CA ALA B 271 10.79 12.84 -19.75
C ALA B 271 12.12 12.60 -20.46
N HIS B 272 12.82 11.56 -19.99
CA HIS B 272 14.09 11.19 -20.59
C HIS B 272 13.85 10.41 -21.88
N THR B 273 14.46 10.86 -22.97
CA THR B 273 14.19 10.29 -24.28
C THR B 273 14.57 8.81 -24.30
N PRO B 274 13.66 7.92 -24.68
CA PRO B 274 13.94 6.49 -24.57
C PRO B 274 14.96 6.02 -25.61
N THR B 275 15.67 4.96 -25.25
CA THR B 275 16.55 4.26 -26.17
C THR B 275 15.77 3.18 -26.88
N VAL B 276 15.87 3.14 -28.20
CA VAL B 276 15.05 2.25 -29.03
C VAL B 276 15.95 1.12 -29.55
N THR B 277 15.59 -0.10 -29.23
CA THR B 277 16.24 -1.29 -29.78
C THR B 277 15.33 -1.91 -30.83
N LYS B 278 15.85 -2.07 -32.04
CA LYS B 278 15.06 -2.54 -33.18
C LYS B 278 15.33 -4.01 -33.41
N TRP B 279 14.26 -4.81 -33.43
CA TRP B 279 14.39 -6.18 -33.92
C TRP B 279 13.29 -6.45 -34.94
N PHE B 280 13.17 -7.70 -35.37
CA PHE B 280 12.23 -8.06 -36.43
C PHE B 280 10.80 -7.82 -35.96
N LYS B 281 10.10 -6.90 -36.62
CA LYS B 281 8.69 -6.60 -36.34
C LYS B 281 8.45 -6.25 -34.88
N GLY B 282 9.35 -5.44 -34.30
CA GLY B 282 9.17 -5.03 -32.93
C GLY B 282 10.24 -4.03 -32.52
N ILE B 283 9.98 -3.40 -31.37
CA ILE B 283 10.92 -2.46 -30.76
C ILE B 283 10.95 -2.70 -29.26
N THR B 284 12.06 -2.33 -28.64
CA THR B 284 12.22 -2.35 -27.19
C THR B 284 12.50 -0.93 -26.72
N LEU B 285 11.73 -0.47 -25.74
CA LEU B 285 11.88 0.87 -25.20
C LEU B 285 12.53 0.77 -23.82
N HIS B 286 13.71 1.39 -23.69
CA HIS B 286 14.42 1.46 -22.42
C HIS B 286 14.06 2.79 -21.77
N LEU B 287 13.12 2.74 -20.83
CA LEU B 287 12.47 3.93 -20.29
C LEU B 287 12.99 4.23 -18.89
N THR B 288 13.47 5.46 -18.69
CA THR B 288 13.95 5.92 -17.39
C THR B 288 12.95 6.93 -16.86
N ALA B 289 12.35 6.62 -15.72
CA ALA B 289 11.39 7.51 -15.08
C ALA B 289 11.72 7.61 -13.60
N THR B 290 11.74 8.84 -13.08
CA THR B 290 11.82 9.04 -11.64
C THR B 290 10.44 9.14 -11.00
N ARG B 291 9.47 9.65 -11.74
CA ARG B 291 8.09 9.81 -11.31
C ARG B 291 7.18 9.19 -12.37
N PRO B 292 5.97 8.77 -12.00
CA PRO B 292 5.12 8.04 -12.94
C PRO B 292 4.94 8.76 -14.27
N THR B 293 5.17 8.02 -15.35
CA THR B 293 5.10 8.50 -16.72
C THR B 293 4.15 7.64 -17.52
N LEU B 294 3.37 8.28 -18.40
CA LEU B 294 2.38 7.58 -19.21
C LEU B 294 2.98 7.20 -20.55
N LEU B 295 3.00 5.91 -20.83
CA LEU B 295 3.46 5.37 -22.11
C LEU B 295 2.23 4.85 -22.84
N THR B 296 1.90 5.47 -23.97
CA THR B 296 0.74 5.12 -24.76
C THR B 296 1.20 4.64 -26.13
N THR B 297 0.77 3.45 -26.52
CA THR B 297 1.08 2.91 -27.84
C THR B 297 -0.21 2.52 -28.55
N ARG B 298 -0.19 2.59 -29.87
CA ARG B 298 -1.33 2.19 -30.68
C ARG B 298 -0.84 1.83 -32.07
N LYS B 299 -1.50 0.84 -32.67
CA LYS B 299 -1.21 0.45 -34.03
C LYS B 299 -1.95 1.34 -35.02
N LEU B 300 -1.32 1.60 -36.16
CA LEU B 300 -1.83 2.53 -37.15
C LEU B 300 -2.66 1.83 -38.23
N GLY B 301 -3.29 0.71 -37.91
CA GLY B 301 -4.09 -0.02 -38.87
C GLY B 301 -5.53 -0.18 -38.44
N LEU B 302 -6.22 -1.18 -39.00
CA LEU B 302 -7.61 -1.41 -38.63
C LEU B 302 -7.73 -1.74 -37.15
N ARG B 303 -6.86 -2.60 -36.65
CA ARG B 303 -6.83 -2.95 -35.24
C ARG B 303 -5.85 -2.04 -34.53
N ALA B 304 -6.27 -1.50 -33.39
CA ALA B 304 -5.52 -0.45 -32.71
C ALA B 304 -5.23 -0.81 -31.26
N ASP B 305 -4.67 -1.99 -31.03
CA ASP B 305 -4.33 -2.43 -29.68
C ASP B 305 -3.59 -1.33 -28.94
N ALA B 306 -4.22 -0.81 -27.89
CA ALA B 306 -3.73 0.38 -27.20
C ALA B 306 -3.27 0.00 -25.80
N THR B 307 -2.04 0.36 -25.48
CA THR B 307 -1.48 0.13 -24.16
C THR B 307 -1.35 1.46 -23.43
N ALA B 308 -1.75 1.47 -22.16
CA ALA B 308 -1.65 2.66 -21.33
C ALA B 308 -1.06 2.23 -20.00
N GLU B 309 0.14 2.69 -19.70
CA GLU B 309 0.86 2.28 -18.50
C GLU B 309 1.50 3.49 -17.85
N TRP B 310 1.50 3.50 -16.52
CA TRP B 310 2.21 4.50 -15.73
C TRP B 310 3.49 3.84 -15.23
N ILE B 311 4.62 4.37 -15.65
CA ILE B 311 5.92 3.73 -15.49
C ILE B 311 6.78 4.56 -14.55
N THR B 312 7.38 3.90 -13.57
CA THR B 312 8.38 4.52 -12.70
C THR B 312 9.59 3.58 -12.64
N GLY B 313 10.76 4.16 -12.43
CA GLY B 313 11.99 3.40 -12.46
C GLY B 313 12.48 3.16 -13.87
N THR B 314 13.59 2.42 -13.95
CA THR B 314 14.16 2.03 -15.23
C THR B 314 13.61 0.67 -15.63
N THR B 315 12.91 0.61 -16.76
CA THR B 315 12.26 -0.60 -17.22
C THR B 315 12.42 -0.73 -18.71
N SER B 316 11.91 -1.84 -19.26
CA SER B 316 11.92 -2.09 -20.69
C SER B 316 10.57 -2.68 -21.09
N ARG B 317 10.04 -2.24 -22.22
CA ARG B 317 8.75 -2.70 -22.70
C ARG B 317 8.86 -3.12 -24.16
N ASN B 318 8.21 -4.23 -24.51
CA ASN B 318 8.28 -4.82 -25.83
C ASN B 318 6.99 -4.55 -26.59
N PHE B 319 7.12 -4.01 -27.80
CA PHE B 319 5.96 -3.66 -28.61
C PHE B 319 6.14 -4.19 -30.03
N SER B 320 5.08 -4.77 -30.57
CA SER B 320 5.10 -5.41 -31.88
C SER B 320 4.70 -4.40 -32.96
N VAL B 321 5.60 -4.18 -33.91
CA VAL B 321 5.36 -3.26 -35.01
C VAL B 321 5.12 -4.05 -36.28
N GLY B 322 4.06 -3.68 -36.99
CA GLY B 322 3.73 -4.31 -38.25
C GLY B 322 4.02 -3.41 -39.44
N ARG B 323 3.62 -3.87 -40.63
CA ARG B 323 3.78 -3.04 -41.82
C ARG B 323 3.02 -1.73 -41.72
N GLU B 324 1.93 -1.71 -40.94
CA GLU B 324 1.09 -0.53 -40.86
C GLU B 324 1.68 0.53 -39.94
N GLY B 325 2.43 0.13 -38.91
CA GLY B 325 3.16 1.06 -38.08
C GLY B 325 2.76 0.97 -36.62
N LEU B 326 3.35 1.86 -35.83
CA LEU B 326 3.09 1.94 -34.40
C LEU B 326 3.44 3.35 -33.94
N GLU B 327 2.59 3.90 -33.08
CA GLU B 327 2.78 5.24 -32.54
C GLU B 327 2.88 5.14 -31.02
N TYR B 328 3.99 5.64 -30.47
CA TYR B 328 4.19 5.61 -29.03
C TYR B 328 4.46 7.02 -28.52
N VAL B 329 3.78 7.39 -27.45
CA VAL B 329 3.92 8.68 -26.80
C VAL B 329 4.48 8.45 -25.41
N TRP B 330 5.63 9.04 -25.13
CA TRP B 330 6.34 8.84 -23.87
C TRP B 330 6.30 10.16 -23.11
N GLY B 331 5.42 10.23 -22.11
CA GLY B 331 5.29 11.47 -21.35
C GLY B 331 4.75 12.59 -22.22
N ASN B 332 5.19 13.80 -21.93
CA ASN B 332 4.76 14.98 -22.68
C ASN B 332 5.62 15.18 -23.92
N HIS B 333 5.76 14.13 -24.72
CA HIS B 333 6.59 14.15 -25.92
C HIS B 333 5.70 14.04 -27.16
N GLU B 334 6.22 14.52 -28.28
CA GLU B 334 5.49 14.40 -29.53
C GLU B 334 5.39 12.93 -29.93
N PRO B 335 4.27 12.51 -30.50
CA PRO B 335 4.15 11.13 -30.96
C PRO B 335 5.20 10.81 -32.02
N VAL B 336 5.76 9.61 -31.91
CA VAL B 336 6.78 9.13 -32.83
C VAL B 336 6.28 7.81 -33.43
N ARG B 337 6.35 7.70 -34.76
CA ARG B 337 5.79 6.57 -35.47
C ARG B 337 6.90 5.76 -36.12
N VAL B 338 6.79 4.44 -36.01
CA VAL B 338 7.78 3.51 -36.54
C VAL B 338 7.05 2.42 -37.31
N TRP B 339 7.56 2.08 -38.49
CA TRP B 339 7.02 1.03 -39.35
C TRP B 339 8.01 -0.12 -39.41
N ALA B 340 7.51 -1.29 -39.77
CA ALA B 340 8.29 -2.53 -39.78
C ALA B 340 8.56 -2.99 -41.20
N GLN B 341 9.79 -3.41 -41.45
CA GLN B 341 10.21 -3.92 -42.75
C GLN B 341 10.38 -5.44 -42.69
N GLU B 342 10.45 -6.05 -43.86
CA GLU B 342 10.62 -7.50 -43.95
C GLU B 342 12.10 -7.86 -43.96
N SER B 343 12.76 -7.54 -42.84
CA SER B 343 14.14 -7.94 -42.63
C SER B 343 14.22 -9.32 -41.97
N ALA B 344 13.53 -10.28 -42.55
CA ALA B 344 13.46 -11.61 -41.97
C ALA B 344 14.78 -12.36 -42.19
N PRO B 345 15.19 -13.16 -41.21
CA PRO B 345 16.40 -13.98 -41.38
C PRO B 345 16.27 -14.91 -42.59
N GLY B 346 17.35 -15.03 -43.34
CA GLY B 346 17.37 -15.88 -44.51
C GLY B 346 17.50 -15.07 -45.78
N ASP B 347 17.64 -15.79 -46.90
CA ASP B 347 17.77 -15.16 -48.20
C ASP B 347 16.68 -15.69 -49.13
N PRO B 348 15.79 -14.83 -49.62
CA PRO B 348 14.76 -15.31 -50.56
C PRO B 348 15.32 -15.79 -51.89
N HIS B 349 16.55 -15.43 -52.23
CA HIS B 349 17.15 -15.80 -53.50
C HIS B 349 18.16 -16.93 -53.38
N GLY B 350 18.43 -17.41 -52.17
CA GLY B 350 19.46 -18.42 -51.98
C GLY B 350 18.94 -19.83 -52.15
N TRP B 351 19.39 -20.72 -51.27
CA TRP B 351 18.98 -22.11 -51.34
C TRP B 351 17.57 -22.28 -50.76
N PRO B 352 16.91 -23.42 -51.05
CA PRO B 352 15.53 -23.58 -50.60
C PRO B 352 15.32 -23.43 -49.11
N HIS B 353 16.26 -23.84 -48.27
CA HIS B 353 16.02 -23.76 -46.83
C HIS B 353 16.11 -22.31 -46.33
N GLU B 354 17.00 -21.49 -46.88
CA GLU B 354 16.97 -20.08 -46.53
C GLU B 354 15.72 -19.40 -47.07
N ILE B 355 15.26 -19.81 -48.26
CA ILE B 355 13.98 -19.30 -48.75
C ILE B 355 12.88 -19.62 -47.76
N ILE B 356 12.85 -20.85 -47.26
CA ILE B 356 11.83 -21.29 -46.33
C ILE B 356 11.91 -20.50 -45.03
N ILE B 357 13.12 -20.29 -44.52
CA ILE B 357 13.28 -19.53 -43.28
C ILE B 357 12.77 -18.10 -43.46
N HIS B 358 13.14 -17.46 -44.56
CA HIS B 358 12.67 -16.10 -44.82
C HIS B 358 11.15 -16.04 -44.85
N TYR B 359 10.52 -16.90 -45.66
CA TYR B 359 9.09 -16.78 -45.84
C TYR B 359 8.32 -17.25 -44.60
N TYR B 360 8.89 -18.18 -43.83
CA TYR B 360 8.26 -18.57 -42.57
C TYR B 360 8.33 -17.44 -41.56
N HIS B 361 9.46 -16.77 -41.44
CA HIS B 361 9.54 -15.65 -40.50
C HIS B 361 8.68 -14.49 -40.95
N ARG B 362 8.40 -14.37 -42.25
CA ARG B 362 7.52 -13.29 -42.70
C ARG B 362 6.05 -13.66 -42.53
N HIS B 363 5.59 -14.72 -43.20
CA HIS B 363 4.20 -15.16 -43.15
C HIS B 363 4.16 -16.64 -42.77
N PRO B 364 4.14 -16.94 -41.48
CA PRO B 364 4.31 -18.34 -41.06
C PRO B 364 3.19 -19.27 -41.50
N VAL B 365 1.92 -18.86 -41.31
CA VAL B 365 0.81 -19.75 -41.64
C VAL B 365 0.71 -19.95 -43.16
N TYR B 366 0.96 -18.89 -43.93
CA TYR B 366 0.96 -19.02 -45.38
C TYR B 366 2.08 -19.94 -45.85
N THR B 367 3.27 -19.80 -45.28
CA THR B 367 4.39 -20.67 -45.65
C THR B 367 4.10 -22.12 -45.29
N VAL B 368 3.52 -22.36 -44.11
CA VAL B 368 3.18 -23.72 -43.71
C VAL B 368 2.15 -24.30 -44.66
N ILE B 369 1.13 -23.50 -45.02
CA ILE B 369 0.11 -23.98 -45.94
C ILE B 369 0.73 -24.34 -47.29
N VAL B 370 1.63 -23.50 -47.79
CA VAL B 370 2.21 -23.73 -49.11
C VAL B 370 3.12 -24.96 -49.10
N LEU B 371 3.94 -25.10 -48.05
CA LEU B 371 4.83 -26.26 -47.96
C LEU B 371 4.04 -27.56 -47.79
N CYS B 372 3.00 -27.53 -46.95
CA CYS B 372 2.13 -28.70 -46.84
C CYS B 372 1.44 -29.01 -48.15
N GLY B 373 1.02 -27.97 -48.89
CA GLY B 373 0.41 -28.19 -50.19
C GLY B 373 1.35 -28.83 -51.19
N VAL B 374 2.61 -28.40 -51.19
CA VAL B 374 3.57 -28.98 -52.13
C VAL B 374 3.91 -30.41 -51.74
N ALA B 375 4.01 -30.69 -50.43
CA ALA B 375 4.21 -32.06 -49.99
C ALA B 375 3.03 -32.95 -50.38
N LEU B 376 1.81 -32.45 -50.20
CA LEU B 376 0.64 -33.20 -50.62
C LEU B 376 0.63 -33.40 -52.13
N ALA B 377 1.02 -32.37 -52.89
CA ALA B 377 1.02 -32.47 -54.34
C ALA B 377 2.03 -33.50 -54.82
N ILE B 378 3.20 -33.58 -54.18
CA ILE B 378 4.14 -34.62 -54.56
C ILE B 378 3.62 -35.99 -54.15
N LEU B 379 3.01 -36.10 -52.96
CA LEU B 379 2.58 -37.41 -52.46
C LEU B 379 1.46 -37.98 -53.31
N VAL B 380 0.40 -37.21 -53.55
CA VAL B 380 -0.63 -37.64 -54.49
C VAL B 380 -0.17 -37.18 -55.88
N GLY B 381 0.22 -38.14 -56.68
CA GLY B 381 0.94 -37.89 -57.92
C GLY B 381 2.13 -38.83 -57.97
N THR B 382 2.88 -38.99 -56.87
CA THR B 382 3.74 -40.15 -56.78
C THR B 382 2.91 -41.41 -56.56
N ALA B 383 1.93 -41.33 -55.67
CA ALA B 383 0.99 -42.45 -55.51
C ALA B 383 0.21 -42.69 -56.79
N SER B 384 -0.18 -41.63 -57.48
CA SER B 384 -0.94 -41.78 -58.73
C SER B 384 -0.09 -42.43 -59.82
N SER B 385 1.14 -41.96 -60.00
CA SER B 385 2.02 -42.58 -61.00
C SER B 385 2.33 -44.04 -60.64
N ALA B 386 2.58 -44.31 -59.36
CA ALA B 386 2.84 -45.68 -58.94
C ALA B 386 1.64 -46.58 -59.22
N ALA B 387 0.44 -46.10 -58.91
CA ALA B 387 -0.75 -46.89 -59.18
C ALA B 387 -0.94 -47.13 -60.67
N CYS B 388 -0.72 -46.10 -61.50
CA CYS B 388 -0.90 -46.25 -62.95
C CYS B 388 0.08 -47.26 -63.50
N ILE B 389 1.37 -47.14 -63.13
CA ILE B 389 2.36 -48.13 -63.55
C ILE B 389 2.00 -49.50 -63.02
N ALA B 390 1.48 -49.57 -61.80
CA ALA B 390 1.15 -50.86 -61.20
C ALA B 390 0.02 -51.56 -61.96
N LYS B 391 -1.09 -50.87 -62.19
CA LYS B 391 -2.19 -51.51 -62.90
C LYS B 391 -1.83 -51.79 -64.34
N ALA B 392 -1.01 -50.93 -64.96
CA ALA B 392 -0.57 -51.24 -66.31
C ALA B 392 0.27 -52.51 -66.33
N ARG B 393 1.17 -52.65 -65.35
CA ARG B 393 2.00 -53.84 -65.24
C ARG B 393 1.15 -55.08 -65.06
N ARG B 394 0.15 -55.01 -64.18
CA ARG B 394 -0.66 -56.21 -63.93
C ARG B 394 -1.58 -56.51 -65.11
N ASP B 395 -2.15 -55.48 -65.74
CA ASP B 395 -3.01 -55.74 -66.89
C ASP B 395 -2.23 -56.11 -68.14
N CYS B 396 -0.91 -55.96 -68.13
CA CYS B 396 -0.09 -56.51 -69.21
C CYS B 396 0.45 -57.90 -68.88
N LEU B 397 0.66 -58.19 -67.59
CA LEU B 397 1.28 -59.44 -67.17
C LEU B 397 0.26 -60.56 -66.99
N THR B 398 -0.81 -60.30 -66.24
CA THR B 398 -1.79 -61.36 -65.95
C THR B 398 -2.48 -61.93 -67.18
N PRO B 399 -2.96 -61.12 -68.17
CA PRO B 399 -3.80 -61.70 -69.23
C PRO B 399 -3.17 -62.85 -70.01
N TYR B 400 -2.01 -62.60 -70.62
CA TYR B 400 -1.35 -63.63 -71.42
C TYR B 400 0.14 -63.76 -71.16
N ALA B 401 0.81 -62.78 -70.54
CA ALA B 401 2.23 -62.92 -70.27
C ALA B 401 2.51 -64.08 -69.32
N LEU B 402 1.69 -64.24 -68.28
CA LEU B 402 1.79 -65.34 -67.35
C LEU B 402 0.50 -66.17 -67.31
N ALA B 403 -0.21 -66.23 -68.43
CA ALA B 403 -1.36 -67.12 -68.52
C ALA B 403 -0.88 -68.56 -68.53
N PRO B 404 -1.70 -69.50 -68.02
CA PRO B 404 -1.28 -70.90 -68.03
C PRO B 404 -1.02 -71.40 -69.44
N ASN B 405 0.00 -72.25 -69.56
CA ASN B 405 0.48 -72.81 -70.83
C ASN B 405 0.47 -71.76 -71.95
N ALA B 406 1.02 -70.60 -71.64
CA ALA B 406 1.17 -69.51 -72.60
C ALA B 406 2.62 -69.06 -72.64
N THR B 407 3.13 -68.79 -73.84
CA THR B 407 4.53 -68.45 -74.05
C THR B 407 4.64 -67.06 -74.66
N VAL B 408 5.49 -66.23 -74.07
CA VAL B 408 5.77 -64.88 -74.59
C VAL B 408 7.27 -64.78 -74.85
N PRO B 409 7.69 -64.63 -76.10
CA PRO B 409 9.13 -64.58 -76.40
C PRO B 409 9.74 -63.24 -76.01
N THR B 410 11.04 -63.11 -76.31
CA THR B 410 11.80 -61.95 -75.86
C THR B 410 11.27 -60.66 -76.47
N ALA B 411 10.89 -60.69 -77.75
CA ALA B 411 10.54 -59.46 -78.46
C ALA B 411 9.41 -58.71 -77.75
N LEU B 412 8.37 -59.41 -77.32
CA LEU B 412 7.28 -58.80 -76.58
C LEU B 412 7.33 -59.11 -75.09
N ALA B 413 8.45 -59.63 -74.59
CA ALA B 413 8.67 -59.74 -73.15
C ALA B 413 9.57 -58.63 -72.61
N VAL B 414 10.78 -58.52 -73.14
CA VAL B 414 11.77 -57.59 -72.59
C VAL B 414 11.48 -56.15 -72.96
N LEU B 415 10.56 -55.91 -73.89
CA LEU B 415 10.25 -54.54 -74.29
C LEU B 415 9.79 -53.70 -73.11
N CYS B 416 9.15 -54.33 -72.12
CA CYS B 416 8.83 -53.66 -70.87
C CYS B 416 9.17 -54.46 -69.62
N CYS B 417 9.21 -55.79 -69.68
CA CYS B 417 9.37 -56.58 -68.46
C CYS B 417 10.80 -56.47 -67.91
N ILE B 418 10.92 -56.73 -66.61
CA ILE B 418 12.19 -56.68 -65.89
C ILE B 418 12.87 -55.33 -66.07
N LYS C 1 -39.73 3.34 31.61
CA LYS C 1 -38.33 3.69 31.81
C LYS C 1 -37.56 3.65 30.49
N CYS C 2 -36.27 3.95 30.56
CA CYS C 2 -35.40 3.92 29.39
C CYS C 2 -33.97 3.69 29.86
N GLU C 3 -33.08 3.46 28.89
CA GLU C 3 -31.77 2.91 29.17
C GLU C 3 -30.92 3.89 30.00
N PRO C 4 -29.89 3.38 30.69
CA PRO C 4 -29.00 4.27 31.44
C PRO C 4 -28.22 5.25 30.57
N SER C 5 -28.29 5.13 29.26
CA SER C 5 -27.69 6.10 28.34
C SER C 5 -28.51 7.38 28.21
N GLN C 6 -29.66 7.47 28.90
CA GLN C 6 -30.49 8.66 28.88
C GLN C 6 -30.79 9.12 30.29
N PHE C 7 -31.20 10.38 30.41
CA PHE C 7 -31.62 10.97 31.67
C PHE C 7 -33.14 11.11 31.65
N GLN C 8 -33.79 10.52 32.65
CA GLN C 8 -35.24 10.59 32.81
C GLN C 8 -35.62 11.85 33.58
N CYS C 9 -36.25 12.79 32.89
CA CYS C 9 -36.81 13.95 33.59
C CYS C 9 -38.01 13.51 34.42
N THR C 10 -38.44 14.39 35.33
CA THR C 10 -39.62 14.10 36.13
C THR C 10 -40.87 14.50 35.37
N ASN C 11 -40.98 14.07 34.10
CA ASN C 11 -42.16 14.32 33.29
C ASN C 11 -42.66 13.09 32.54
N GLY C 12 -41.80 12.13 32.21
CA GLY C 12 -42.16 11.00 31.37
C GLY C 12 -41.34 10.89 30.09
N ARG C 13 -40.37 11.78 29.88
CA ARG C 13 -39.52 11.78 28.69
C ARG C 13 -38.07 11.77 29.12
N CYS C 14 -37.23 11.05 28.39
CA CYS C 14 -35.79 11.04 28.65
C CYS C 14 -35.02 11.59 27.47
N ILE C 15 -34.08 12.48 27.75
CA ILE C 15 -33.20 13.06 26.76
C ILE C 15 -31.79 12.53 26.98
N THR C 16 -30.95 12.73 25.97
CA THR C 16 -29.60 12.16 25.99
C THR C 16 -28.78 12.75 27.13
N LEU C 17 -27.89 11.91 27.68
CA LEU C 17 -27.05 12.31 28.81
C LEU C 17 -26.23 13.56 28.53
N LEU C 18 -25.81 13.79 27.28
CA LEU C 18 -25.10 15.02 26.94
C LEU C 18 -25.98 16.25 27.10
N TRP C 19 -27.28 16.15 26.78
CA TRP C 19 -28.17 17.29 26.92
C TRP C 19 -28.38 17.70 28.37
N LYS C 20 -28.12 16.81 29.32
CA LYS C 20 -28.20 17.15 30.73
C LYS C 20 -26.89 17.80 31.16
N CYS C 21 -27.00 18.81 32.02
CA CYS C 21 -25.86 19.40 32.69
C CYS C 21 -24.98 20.18 31.69
N ASP C 22 -25.64 20.79 30.70
CA ASP C 22 -24.92 21.49 29.64
C ASP C 22 -25.38 22.92 29.39
N GLY C 23 -26.25 23.47 30.23
CA GLY C 23 -26.60 24.88 30.16
C GLY C 23 -27.91 25.21 29.48
N ASP C 24 -28.60 24.23 28.90
CA ASP C 24 -29.90 24.45 28.28
C ASP C 24 -30.98 23.76 29.10
N GLU C 25 -32.13 24.41 29.21
CA GLU C 25 -33.28 23.86 29.92
C GLU C 25 -34.04 22.94 28.97
N ASP C 26 -33.91 21.63 29.19
CA ASP C 26 -34.41 20.65 28.23
C ASP C 26 -35.72 20.00 28.64
N CYS C 27 -35.94 19.74 29.91
CA CYS C 27 -37.19 19.17 30.39
C CYS C 27 -38.19 20.29 30.66
N VAL C 28 -39.48 19.94 30.66
CA VAL C 28 -40.52 20.95 30.84
C VAL C 28 -40.42 21.62 32.20
N ASP C 29 -39.78 20.98 33.17
CA ASP C 29 -39.57 21.57 34.48
C ASP C 29 -38.10 21.89 34.76
N GLY C 30 -37.24 21.81 33.74
CA GLY C 30 -35.85 22.19 33.88
C GLY C 30 -35.04 21.33 34.84
N SER C 31 -35.42 20.05 34.98
CA SER C 31 -34.71 19.16 35.89
C SER C 31 -33.28 18.86 35.42
N ASP C 32 -33.02 18.91 34.12
CA ASP C 32 -31.68 18.65 33.61
C ASP C 32 -30.68 19.72 33.99
N GLU C 33 -31.14 20.87 34.46
CA GLU C 33 -30.27 21.99 34.80
C GLU C 33 -30.07 22.18 36.30
N LYS C 34 -31.16 22.17 37.06
CA LYS C 34 -31.12 22.47 38.49
C LYS C 34 -30.74 21.25 39.32
N ASN C 35 -29.66 20.56 38.91
CA ASN C 35 -29.13 19.45 39.68
C ASN C 35 -27.61 19.42 39.80
N CYS C 36 -26.86 20.08 38.92
CA CYS C 36 -25.43 19.89 38.81
C CYS C 36 -24.64 20.85 39.69
N VAL C 37 -23.32 20.76 39.55
CA VAL C 37 -22.37 21.64 40.21
C VAL C 37 -21.77 22.58 39.17
N LYS C 38 -22.48 22.76 38.05
CA LYS C 38 -22.03 23.64 36.98
C LYS C 38 -22.30 25.09 37.40
N LYS C 39 -21.50 25.56 38.34
CA LYS C 39 -21.57 26.94 38.81
C LYS C 39 -20.73 27.88 37.98
N THR C 40 -20.04 27.38 36.96
CA THR C 40 -19.30 28.24 36.07
C THR C 40 -20.25 29.18 35.32
N CYS C 41 -19.91 30.46 35.33
CA CYS C 41 -20.78 31.49 34.80
C CYS C 41 -20.00 32.29 33.74
N ALA C 42 -20.66 32.59 32.63
CA ALA C 42 -19.98 32.88 31.38
C ALA C 42 -19.17 34.18 31.46
N GLU C 43 -18.31 34.38 30.45
CA GLU C 43 -17.45 35.55 30.41
C GLU C 43 -18.26 36.84 30.31
N SER C 44 -19.24 36.88 29.42
CA SER C 44 -20.14 38.02 29.30
C SER C 44 -21.19 38.03 30.40
N ASP C 45 -21.18 37.03 31.27
CA ASP C 45 -22.20 36.86 32.30
C ASP C 45 -21.63 37.33 33.64
N PHE C 46 -22.16 38.43 34.15
CA PHE C 46 -21.74 38.95 35.44
C PHE C 46 -22.25 38.08 36.58
N VAL C 47 -21.45 37.95 37.62
CA VAL C 47 -21.79 37.11 38.77
C VAL C 47 -22.31 38.01 39.88
N CYS C 48 -23.58 37.85 40.23
CA CYS C 48 -24.19 38.65 41.28
C CYS C 48 -23.63 38.27 42.64
N ASN C 49 -23.85 39.16 43.63
CA ASN C 49 -23.35 38.92 44.97
C ASN C 49 -24.04 37.74 45.65
N ASN C 50 -25.22 37.34 45.17
CA ASN C 50 -25.93 36.20 45.73
C ASN C 50 -25.52 34.87 45.11
N GLY C 51 -24.55 34.87 44.20
CA GLY C 51 -24.08 33.67 43.56
C GLY C 51 -24.74 33.34 42.24
N GLN C 52 -25.69 34.15 41.79
CA GLN C 52 -26.44 33.85 40.58
C GLN C 52 -25.79 34.50 39.36
N CYS C 53 -25.76 33.74 38.26
CA CYS C 53 -25.35 34.24 36.95
C CYS C 53 -26.41 35.17 36.39
N VAL C 54 -26.03 36.42 36.17
CA VAL C 54 -26.92 37.41 35.56
C VAL C 54 -26.15 38.12 34.45
N PRO C 55 -26.72 38.23 33.25
CA PRO C 55 -25.97 38.82 32.13
C PRO C 55 -25.54 40.25 32.41
N SER C 56 -24.39 40.63 31.83
CA SER C 56 -23.79 41.92 32.12
C SER C 56 -24.66 43.08 31.70
N ARG C 57 -25.54 42.88 30.72
CA ARG C 57 -26.37 43.99 30.24
C ARG C 57 -27.38 44.42 31.29
N TRP C 58 -27.89 43.49 32.10
CA TRP C 58 -28.87 43.83 33.11
C TRP C 58 -28.28 44.68 34.22
N LYS C 59 -26.94 44.81 34.27
CA LYS C 59 -26.27 45.41 35.40
C LYS C 59 -26.57 46.92 35.46
N CYS C 60 -27.14 47.34 36.59
CA CYS C 60 -27.67 48.68 36.83
C CYS C 60 -28.33 49.27 35.59
N ASP C 61 -29.35 48.57 35.10
CA ASP C 61 -30.19 49.05 34.01
C ASP C 61 -31.36 49.90 34.49
N GLY C 62 -31.48 50.12 35.79
CA GLY C 62 -32.61 50.83 36.36
C GLY C 62 -33.67 49.94 36.97
N ASP C 63 -33.57 48.63 36.82
CA ASP C 63 -34.54 47.69 37.35
C ASP C 63 -33.82 46.56 38.07
N PRO C 64 -34.33 46.12 39.22
CA PRO C 64 -33.66 45.04 39.95
C PRO C 64 -33.68 43.74 39.18
N ASP C 65 -32.61 42.95 39.33
CA ASP C 65 -32.50 41.64 38.71
C ASP C 65 -32.35 40.52 39.73
N CYS C 66 -31.40 40.65 40.65
CA CYS C 66 -31.10 39.58 41.60
C CYS C 66 -32.13 39.58 42.73
N GLU C 67 -32.05 38.53 43.55
CA GLU C 67 -32.90 38.47 44.74
C GLU C 67 -32.58 39.60 45.71
N ASP C 68 -31.29 39.91 45.87
CA ASP C 68 -30.86 41.02 46.72
C ASP C 68 -30.78 42.34 45.96
N GLY C 69 -30.98 42.33 44.65
CA GLY C 69 -30.93 43.56 43.87
C GLY C 69 -29.57 44.23 43.84
N SER C 70 -28.49 43.44 43.79
CA SER C 70 -27.15 44.02 43.76
C SER C 70 -26.88 44.79 42.49
N ASP C 71 -27.59 44.48 41.40
CA ASP C 71 -27.35 45.19 40.14
C ASP C 71 -27.67 46.67 40.27
N GLU C 72 -28.77 47.02 40.92
CA GLU C 72 -29.18 48.40 41.09
C GLU C 72 -28.52 49.08 42.28
N SER C 73 -27.66 48.37 43.01
CA SER C 73 -27.01 48.97 44.17
C SER C 73 -26.13 50.13 43.75
N PRO C 74 -26.26 51.30 44.38
CA PRO C 74 -25.43 52.45 43.98
C PRO C 74 -23.95 52.22 44.18
N GLU C 75 -23.56 51.30 45.05
CA GLU C 75 -22.14 50.96 45.19
C GLU C 75 -21.61 50.34 43.90
N GLN C 76 -22.39 49.47 43.28
CA GLN C 76 -21.96 48.85 42.03
C GLN C 76 -21.85 49.87 40.90
N CYS C 77 -22.83 50.76 40.79
CA CYS C 77 -22.84 51.80 39.76
C CYS C 77 -23.17 53.13 40.41
N HIS C 78 -22.27 54.10 40.26
CA HIS C 78 -22.49 55.43 40.81
C HIS C 78 -23.67 56.10 40.10
N MET C 79 -24.57 56.68 40.90
CA MET C 79 -25.76 57.31 40.36
C MET C 79 -26.11 58.58 41.14
N PHE D 1 -60.10 -27.89 29.64
CA PHE D 1 -59.87 -28.84 28.55
C PHE D 1 -58.40 -28.83 28.09
N GLU D 2 -57.92 -29.99 27.64
CA GLU D 2 -56.52 -30.16 27.27
C GLU D 2 -56.41 -30.12 25.76
N HIS D 3 -55.57 -29.22 25.26
CA HIS D 3 -55.25 -29.15 23.84
C HIS D 3 -53.77 -29.44 23.64
N ALA D 4 -53.47 -30.41 22.79
CA ALA D 4 -52.10 -30.83 22.50
C ALA D 4 -51.75 -30.32 21.11
N THR D 5 -50.85 -29.34 21.07
CA THR D 5 -50.45 -28.71 19.82
C THR D 5 -48.92 -28.64 19.75
N THR D 6 -48.42 -28.30 18.56
CA THR D 6 -46.98 -28.19 18.32
C THR D 6 -46.73 -26.88 17.58
N VAL D 7 -46.40 -25.83 18.34
CA VAL D 7 -46.17 -24.51 17.78
C VAL D 7 -44.77 -24.43 17.16
N PRO D 8 -44.62 -23.83 15.99
CA PRO D 8 -43.27 -23.56 15.49
C PRO D 8 -42.63 -22.41 16.27
N ASN D 9 -41.34 -22.56 16.55
CA ASN D 9 -40.61 -21.56 17.32
C ASN D 9 -40.06 -20.52 16.35
N VAL D 10 -40.93 -19.64 15.86
CA VAL D 10 -40.53 -18.49 15.08
C VAL D 10 -41.19 -17.28 15.71
N PRO D 11 -40.46 -16.39 16.38
CA PRO D 11 -41.07 -15.27 17.14
C PRO D 11 -41.84 -14.27 16.27
N GLY D 12 -43.08 -14.02 16.68
CA GLY D 12 -43.90 -13.03 16.01
C GLY D 12 -45.05 -13.63 15.23
N ILE D 13 -44.82 -14.81 14.65
CA ILE D 13 -45.79 -15.45 13.77
C ILE D 13 -46.88 -16.07 14.64
N PRO D 14 -48.14 -15.71 14.46
CA PRO D 14 -49.22 -16.39 15.18
C PRO D 14 -49.34 -17.85 14.76
N TYR D 15 -49.75 -18.68 15.71
CA TYR D 15 -50.16 -20.05 15.42
C TYR D 15 -51.61 -20.20 15.85
N LYS D 16 -52.49 -20.41 14.88
CA LYS D 16 -53.93 -20.46 15.13
C LYS D 16 -54.38 -21.90 15.22
N ALA D 17 -55.22 -22.20 16.20
CA ALA D 17 -55.76 -23.53 16.41
C ALA D 17 -57.23 -23.42 16.80
N LEU D 18 -57.93 -24.54 16.68
CA LEU D 18 -59.34 -24.63 17.03
C LEU D 18 -59.53 -25.79 18.00
N VAL D 19 -59.95 -25.47 19.22
CA VAL D 19 -60.18 -26.46 20.25
C VAL D 19 -61.68 -26.63 20.43
N GLU D 20 -62.16 -27.86 20.30
CA GLU D 20 -63.58 -28.15 20.40
C GLU D 20 -63.84 -29.15 21.52
N ARG D 21 -65.04 -29.08 22.09
CA ARG D 21 -65.54 -30.07 23.03
C ARG D 21 -66.89 -30.57 22.54
N ALA D 22 -67.21 -31.81 22.89
CA ALA D 22 -68.52 -32.36 22.54
C ALA D 22 -69.60 -31.61 23.29
N GLY D 23 -70.49 -30.94 22.54
CA GLY D 23 -71.55 -30.16 23.12
C GLY D 23 -71.19 -28.75 23.51
N TYR D 24 -69.93 -28.36 23.36
CA TYR D 24 -69.48 -27.01 23.65
C TYR D 24 -69.01 -26.36 22.36
N ALA D 25 -69.34 -25.08 22.21
CA ALA D 25 -69.04 -24.37 20.97
C ALA D 25 -67.53 -24.27 20.75
N PRO D 26 -67.09 -24.24 19.48
CA PRO D 26 -65.65 -24.17 19.21
C PRO D 26 -65.02 -22.90 19.79
N LEU D 27 -63.75 -23.03 20.16
CA LEU D 27 -62.98 -21.96 20.76
C LEU D 27 -61.74 -21.68 19.92
N ASN D 28 -61.45 -20.40 19.71
CA ASN D 28 -60.30 -19.99 18.95
C ASN D 28 -59.08 -19.89 19.85
N LEU D 29 -57.99 -20.54 19.45
CA LEU D 29 -56.74 -20.53 20.18
C LEU D 29 -55.67 -19.85 19.33
N GLU D 30 -54.77 -19.15 20.00
CA GLU D 30 -53.82 -18.26 19.34
C GLU D 30 -52.56 -18.20 20.20
N ILE D 31 -51.53 -18.95 19.81
CA ILE D 31 -50.28 -19.00 20.56
C ILE D 31 -49.21 -18.25 19.78
N THR D 32 -48.68 -17.19 20.36
CA THR D 32 -47.68 -16.36 19.72
C THR D 32 -46.44 -16.29 20.59
N VAL D 33 -45.28 -16.52 19.99
CA VAL D 33 -44.01 -16.43 20.70
C VAL D 33 -43.53 -14.98 20.58
N VAL D 34 -43.72 -14.21 21.65
CA VAL D 34 -43.34 -12.80 21.61
C VAL D 34 -41.84 -12.63 21.83
N SER D 35 -41.22 -13.55 22.56
CA SER D 35 -39.79 -13.48 22.83
C SER D 35 -39.28 -14.87 23.21
N SER D 36 -37.97 -15.04 23.09
CA SER D 36 -37.31 -16.28 23.50
C SER D 36 -35.95 -15.95 24.07
N GLU D 37 -35.54 -16.72 25.08
CA GLU D 37 -34.23 -16.57 25.70
C GLU D 37 -33.55 -17.92 25.78
N LEU D 38 -32.32 -18.00 25.30
CA LEU D 38 -31.49 -19.19 25.44
C LEU D 38 -30.37 -18.82 26.41
N THR D 39 -30.53 -19.20 27.68
CA THR D 39 -29.57 -18.82 28.70
C THR D 39 -28.72 -20.03 29.07
N PRO D 40 -27.44 -20.05 28.73
CA PRO D 40 -26.58 -21.17 29.13
C PRO D 40 -25.97 -20.95 30.51
N SER D 41 -25.75 -22.06 31.19
CA SER D 41 -25.08 -22.01 32.49
C SER D 41 -23.62 -21.64 32.29
N THR D 42 -23.16 -20.64 33.04
CA THR D 42 -21.81 -20.13 32.86
C THR D 42 -20.95 -20.41 34.09
N ASN D 43 -19.64 -20.44 33.85
CA ASN D 43 -18.66 -20.52 34.93
C ASN D 43 -17.48 -19.65 34.51
N LYS D 44 -17.16 -18.65 35.32
CA LYS D 44 -16.09 -17.72 34.97
C LYS D 44 -14.75 -18.32 35.33
N GLU D 45 -13.87 -18.49 34.34
CA GLU D 45 -12.55 -19.05 34.58
C GLU D 45 -11.58 -17.98 35.06
N TYR D 46 -11.34 -16.96 34.22
CA TYR D 46 -10.40 -15.91 34.59
C TYR D 46 -10.75 -14.64 33.82
N VAL D 47 -10.04 -13.56 34.13
CA VAL D 47 -10.17 -12.27 33.48
C VAL D 47 -8.81 -11.88 32.92
N THR D 48 -8.77 -11.45 31.67
CA THR D 48 -7.53 -11.08 31.02
C THR D 48 -7.65 -9.69 30.41
N CYS D 49 -6.49 -9.06 30.22
CA CYS D 49 -6.40 -7.72 29.62
C CYS D 49 -4.93 -7.49 29.28
N LYS D 50 -4.62 -6.26 28.88
CA LYS D 50 -3.24 -5.90 28.57
C LYS D 50 -2.44 -5.75 29.86
N PHE D 51 -1.27 -6.38 29.90
CA PHE D 51 -0.44 -6.31 31.09
C PHE D 51 0.39 -5.04 31.09
N HIS D 52 0.77 -4.61 32.30
CA HIS D 52 1.65 -3.47 32.48
C HIS D 52 2.91 -3.95 33.17
N THR D 53 4.04 -3.83 32.48
CA THR D 53 5.30 -4.34 33.00
C THR D 53 5.81 -3.39 34.09
N VAL D 54 6.05 -3.94 35.28
CA VAL D 54 6.54 -3.17 36.41
C VAL D 54 8.01 -3.52 36.59
N ILE D 55 8.87 -2.53 36.39
CA ILE D 55 10.31 -2.72 36.56
C ILE D 55 10.72 -1.89 37.77
N PRO D 56 10.86 -2.48 38.95
CA PRO D 56 11.22 -1.71 40.13
C PRO D 56 12.60 -1.08 39.99
N SER D 57 12.90 -0.19 40.92
CA SER D 57 14.18 0.49 40.91
C SER D 57 15.30 -0.53 41.11
N PRO D 58 16.35 -0.50 40.31
CA PRO D 58 17.43 -1.48 40.46
C PRO D 58 18.10 -1.39 41.82
N GLN D 59 18.50 -2.54 42.34
CA GLN D 59 19.26 -2.62 43.58
C GLN D 59 20.71 -2.92 43.23
N VAL D 60 21.61 -2.05 43.66
CA VAL D 60 23.04 -2.23 43.41
C VAL D 60 23.76 -2.34 44.75
N LYS D 61 24.71 -3.27 44.82
CA LYS D 61 25.59 -3.42 45.97
C LYS D 61 27.01 -3.20 45.47
N CYS D 62 27.76 -2.35 46.16
CA CYS D 62 29.03 -1.88 45.61
C CYS D 62 30.09 -2.96 45.62
N CYS D 63 30.54 -3.39 46.81
CA CYS D 63 31.40 -4.57 46.94
C CYS D 63 30.58 -5.60 47.69
N GLY D 64 29.91 -6.47 46.96
CA GLY D 64 29.09 -7.49 47.56
C GLY D 64 28.24 -8.18 46.53
N SER D 65 27.52 -9.19 46.99
CA SER D 65 26.70 -10.03 46.12
C SER D 65 25.24 -9.95 46.55
N LEU D 66 24.36 -9.92 45.56
CA LEU D 66 22.92 -9.94 45.79
C LEU D 66 22.35 -11.28 45.39
N GLU D 67 21.31 -11.71 46.10
CA GLU D 67 20.66 -12.99 45.86
C GLU D 67 19.30 -12.76 45.22
N CYS D 68 18.90 -13.66 44.33
CA CYS D 68 17.58 -13.64 43.74
C CYS D 68 16.61 -14.32 44.71
N LYS D 69 15.69 -13.55 45.27
CA LYS D 69 14.66 -14.10 46.14
C LYS D 69 13.43 -14.47 45.32
N ALA D 70 12.47 -15.08 46.01
CA ALA D 70 11.24 -15.54 45.37
C ALA D 70 10.08 -14.66 45.77
N SER D 71 9.29 -14.23 44.79
CA SER D 71 8.13 -13.39 45.01
C SER D 71 6.95 -13.97 44.27
N SER D 72 5.75 -13.72 44.79
CA SER D 72 4.52 -14.30 44.28
C SER D 72 3.89 -13.48 43.15
N LYS D 73 4.52 -12.40 42.73
CA LYS D 73 3.94 -11.56 41.70
C LYS D 73 3.97 -12.29 40.35
N ALA D 74 3.17 -11.77 39.42
CA ALA D 74 2.96 -12.44 38.14
C ALA D 74 4.19 -12.30 37.26
N ASP D 75 4.69 -13.44 36.77
CA ASP D 75 5.87 -13.49 35.91
C ASP D 75 7.04 -12.74 36.53
N TYR D 76 7.31 -13.03 37.79
CA TYR D 76 8.44 -12.41 38.50
C TYR D 76 9.74 -12.98 37.95
N THR D 77 10.52 -12.14 37.29
CA THR D 77 11.83 -12.51 36.78
C THR D 77 12.89 -11.73 37.54
N CYS D 78 13.86 -12.45 38.10
CA CYS D 78 14.93 -11.85 38.89
C CYS D 78 16.26 -12.36 38.37
N ARG D 79 17.19 -11.44 38.10
CA ARG D 79 18.51 -11.81 37.65
C ARG D 79 19.55 -10.92 38.31
N VAL D 80 20.73 -11.48 38.51
CA VAL D 80 21.85 -10.78 39.18
C VAL D 80 23.00 -10.70 38.19
N PHE D 81 23.54 -9.49 38.02
CA PHE D 81 24.62 -9.24 37.09
C PHE D 81 25.88 -8.84 37.85
N GLY D 82 27.03 -9.29 37.34
CA GLY D 82 28.24 -9.35 38.13
C GLY D 82 29.01 -8.06 38.34
N GLY D 83 29.35 -7.35 37.28
CA GLY D 83 30.06 -6.09 37.39
C GLY D 83 29.46 -5.03 36.49
N VAL D 84 29.00 -3.90 37.06
CA VAL D 84 28.20 -2.93 36.34
C VAL D 84 28.83 -1.54 36.35
N TYR D 85 29.21 -1.06 37.54
CA TYR D 85 29.67 0.32 37.70
C TYR D 85 28.65 1.31 37.12
N PRO D 86 27.52 1.52 37.78
CA PRO D 86 26.45 2.33 37.18
C PRO D 86 26.67 3.82 37.39
N PHE D 87 25.99 4.60 36.54
CA PHE D 87 26.05 6.05 36.57
C PHE D 87 24.65 6.63 36.65
N MET D 88 24.47 7.58 37.56
CA MET D 88 23.33 8.48 37.57
C MET D 88 23.82 9.86 37.18
N TRP D 89 22.92 10.84 37.24
CA TRP D 89 23.33 12.23 37.06
C TRP D 89 24.13 12.66 38.28
N GLY D 90 25.45 12.70 38.14
CA GLY D 90 26.31 13.03 39.26
C GLY D 90 27.55 12.16 39.31
N GLY D 91 27.69 11.27 38.34
CA GLY D 91 28.84 10.40 38.25
C GLY D 91 28.57 9.00 38.76
N ALA D 92 29.66 8.31 39.09
CA ALA D 92 29.57 6.92 39.51
C ALA D 92 28.84 6.80 40.84
N GLN D 93 28.01 5.77 40.96
CA GLN D 93 27.23 5.53 42.17
C GLN D 93 27.86 4.49 43.09
N CYS D 94 28.89 3.79 42.63
CA CYS D 94 29.60 2.83 43.48
C CYS D 94 31.09 3.11 43.43
N PHE D 95 31.73 2.90 44.58
CA PHE D 95 33.17 3.06 44.73
C PHE D 95 33.95 1.86 44.21
N CYS D 96 33.31 0.71 44.16
CA CYS D 96 33.98 -0.54 43.86
C CYS D 96 34.15 -0.65 42.34
N ASP D 97 35.31 -1.14 41.91
CA ASP D 97 35.66 -1.08 40.50
C ASP D 97 34.84 -2.05 39.65
N SER D 98 34.98 -3.35 39.89
CA SER D 98 34.27 -4.35 39.10
C SER D 98 33.46 -5.34 39.92
N GLU D 99 33.36 -5.14 41.23
CA GLU D 99 32.59 -6.04 42.09
C GLU D 99 31.17 -5.53 42.36
N ASN D 100 30.62 -4.73 41.45
CA ASN D 100 29.31 -4.12 41.64
C ASN D 100 28.23 -5.05 41.11
N THR D 101 27.28 -5.40 41.96
CA THR D 101 26.22 -6.34 41.63
C THR D 101 24.91 -5.57 41.44
N GLN D 102 24.18 -5.89 40.37
CA GLN D 102 22.89 -5.28 40.08
C GLN D 102 21.81 -6.35 40.08
N LEU D 103 20.66 -6.03 40.65
CA LEU D 103 19.54 -6.95 40.75
C LEU D 103 18.38 -6.38 39.94
N SER D 104 17.98 -7.10 38.89
CA SER D 104 16.90 -6.68 38.02
C SER D 104 15.64 -7.47 38.32
N GLU D 105 14.55 -6.75 38.61
CA GLU D 105 13.25 -7.35 38.83
C GLU D 105 12.28 -6.85 37.77
N ALA D 106 11.40 -7.75 37.33
CA ALA D 106 10.34 -7.37 36.39
C ALA D 106 9.18 -8.32 36.57
N TYR D 107 8.04 -7.79 36.99
CA TYR D 107 6.81 -8.56 37.00
C TYR D 107 5.76 -7.81 36.20
N VAL D 108 4.54 -8.34 36.11
CA VAL D 108 3.48 -7.71 35.34
C VAL D 108 2.28 -7.51 36.23
N GLU D 109 1.46 -6.53 35.88
CA GLU D 109 0.28 -6.16 36.63
C GLU D 109 -0.88 -5.97 35.66
N PHE D 110 -2.02 -5.57 36.20
CA PHE D 110 -3.17 -5.21 35.37
C PHE D 110 -3.08 -3.73 35.05
N ALA D 111 -3.17 -3.40 33.76
CA ALA D 111 -3.10 -2.01 33.34
C ALA D 111 -4.24 -1.22 33.98
N PRO D 112 -4.03 0.06 34.27
CA PRO D 112 -5.06 0.84 34.96
C PRO D 112 -6.38 0.90 34.21
N ASP D 113 -6.35 0.90 32.88
CA ASP D 113 -7.56 0.96 32.06
C ASP D 113 -8.21 -0.40 31.86
N CYS D 114 -7.77 -1.43 32.59
CA CYS D 114 -8.32 -2.77 32.42
C CYS D 114 -9.69 -2.93 33.07
N THR D 115 -10.13 -1.97 33.88
CA THR D 115 -11.47 -2.04 34.43
C THR D 115 -12.54 -1.90 33.34
N ILE D 116 -12.15 -1.39 32.18
CA ILE D 116 -13.05 -1.24 31.04
C ILE D 116 -12.68 -2.21 29.92
N ASP D 117 -11.39 -2.25 29.56
CA ASP D 117 -10.92 -3.07 28.45
C ASP D 117 -10.40 -4.40 28.98
N HIS D 118 -11.33 -5.27 29.35
CA HIS D 118 -10.98 -6.59 29.86
C HIS D 118 -11.91 -7.62 29.24
N ALA D 119 -11.42 -8.85 29.15
CA ALA D 119 -12.17 -9.97 28.60
C ALA D 119 -12.40 -11.02 29.67
N VAL D 120 -13.58 -11.63 29.64
CA VAL D 120 -13.98 -12.65 30.61
C VAL D 120 -14.06 -13.99 29.89
N ALA D 121 -13.32 -14.97 30.39
CA ALA D 121 -13.34 -16.31 29.83
C ALA D 121 -14.36 -17.15 30.59
N LEU D 122 -15.32 -17.72 29.86
CA LEU D 122 -16.42 -18.47 30.45
C LEU D 122 -16.52 -19.85 29.83
N LYS D 123 -17.02 -20.80 30.61
CA LYS D 123 -17.37 -22.14 30.14
C LYS D 123 -18.87 -22.30 30.28
N VAL D 124 -19.55 -22.53 29.16
CA VAL D 124 -21.02 -22.55 29.13
C VAL D 124 -21.51 -23.97 28.89
N HIS D 125 -22.34 -24.45 29.81
CA HIS D 125 -22.95 -25.77 29.74
C HIS D 125 -24.30 -25.69 29.02
N THR D 126 -25.11 -26.73 29.18
CA THR D 126 -26.41 -26.85 28.54
C THR D 126 -27.19 -25.54 28.56
N ALA D 127 -27.88 -25.25 27.46
CA ALA D 127 -28.68 -24.06 27.31
C ALA D 127 -30.16 -24.38 27.53
N ALA D 128 -30.89 -23.39 28.04
CA ALA D 128 -32.29 -23.53 28.39
C ALA D 128 -33.11 -22.47 27.66
N LEU D 129 -34.29 -22.87 27.19
CA LEU D 129 -35.15 -22.00 26.40
C LEU D 129 -36.30 -21.49 27.25
N LYS D 130 -36.39 -20.17 27.39
CA LYS D 130 -37.52 -19.51 28.04
C LYS D 130 -38.28 -18.72 26.99
N VAL D 131 -39.56 -19.02 26.83
CA VAL D 131 -40.38 -18.37 25.81
C VAL D 131 -41.46 -17.54 26.49
N GLY D 132 -41.80 -16.43 25.86
CA GLY D 132 -42.96 -15.64 26.25
C GLY D 132 -44.06 -15.85 25.24
N LEU D 133 -45.27 -16.06 25.74
CA LEU D 133 -46.41 -16.39 24.90
C LEU D 133 -47.52 -15.37 25.09
N ARG D 134 -48.37 -15.26 24.06
CA ARG D 134 -49.48 -14.31 24.02
C ARG D 134 -50.79 -15.05 23.71
N ILE D 135 -51.04 -16.12 24.47
CA ILE D 135 -52.18 -16.99 24.20
C ILE D 135 -53.48 -16.18 24.20
N VAL D 136 -54.30 -16.38 23.17
CA VAL D 136 -55.62 -15.79 23.07
C VAL D 136 -56.64 -16.93 22.96
N TYR D 137 -57.47 -17.06 23.98
CA TYR D 137 -58.57 -18.02 23.96
C TYR D 137 -59.87 -17.27 24.21
N GLY D 138 -60.80 -17.38 23.26
CA GLY D 138 -62.00 -16.57 23.31
C GLY D 138 -61.70 -15.10 23.12
N ASN D 139 -62.03 -14.28 24.11
CA ASN D 139 -61.73 -12.85 24.06
C ASN D 139 -60.79 -12.43 25.19
N THR D 140 -60.05 -13.37 25.76
CA THR D 140 -59.10 -13.09 26.83
C THR D 140 -57.69 -13.32 26.31
N THR D 141 -56.79 -12.38 26.61
CA THR D 141 -55.40 -12.45 26.20
C THR D 141 -54.55 -12.62 27.44
N ALA D 142 -53.73 -13.67 27.47
CA ALA D 142 -52.88 -13.99 28.59
C ALA D 142 -51.42 -13.90 28.18
N HIS D 143 -50.61 -13.26 29.02
CA HIS D 143 -49.18 -13.11 28.80
C HIS D 143 -48.44 -13.90 29.87
N LEU D 144 -47.63 -14.87 29.45
CA LEU D 144 -46.96 -15.73 30.42
C LEU D 144 -45.58 -16.10 29.91
N ASP D 145 -44.72 -16.49 30.85
CA ASP D 145 -43.34 -16.84 30.60
C ASP D 145 -43.08 -18.26 31.08
N THR D 146 -42.58 -19.11 30.19
CA THR D 146 -42.44 -20.53 30.48
C THR D 146 -41.04 -21.01 30.11
N PHE D 147 -40.65 -22.12 30.73
CA PHE D 147 -39.44 -22.82 30.38
C PHE D 147 -39.78 -24.00 29.47
N VAL D 148 -39.07 -24.10 28.36
CA VAL D 148 -39.31 -25.18 27.39
C VAL D 148 -38.44 -26.34 27.83
N ASN D 149 -38.93 -27.08 28.82
CA ASN D 149 -38.27 -28.29 29.29
C ASN D 149 -39.19 -29.47 29.49
N GLY D 150 -40.50 -29.27 29.67
CA GLY D 150 -41.47 -30.34 29.67
C GLY D 150 -42.23 -30.55 30.97
N VAL D 151 -41.82 -29.92 32.06
CA VAL D 151 -42.50 -30.11 33.33
C VAL D 151 -42.97 -28.81 33.98
N THR D 152 -42.38 -27.66 33.69
CA THR D 152 -42.66 -26.46 34.46
C THR D 152 -43.94 -25.79 33.96
N PRO D 153 -44.96 -25.64 34.82
CA PRO D 153 -46.24 -25.03 34.42
C PRO D 153 -46.29 -23.52 34.67
N GLY D 154 -45.64 -22.75 33.81
CA GLY D 154 -45.73 -21.30 33.89
C GLY D 154 -47.14 -20.85 33.56
N SER D 155 -47.86 -20.33 34.56
CA SER D 155 -49.26 -19.96 34.39
C SER D 155 -49.47 -18.54 34.88
N SER D 156 -50.08 -17.71 34.03
CA SER D 156 -50.36 -16.34 34.41
C SER D 156 -51.33 -16.27 35.58
N ARG D 157 -52.59 -16.66 35.36
CA ARG D 157 -53.56 -16.74 36.43
C ARG D 157 -54.15 -18.14 36.58
N ASP D 158 -54.76 -18.70 35.53
CA ASP D 158 -55.33 -20.04 35.62
C ASP D 158 -55.20 -20.77 34.27
N LEU D 159 -54.21 -20.39 33.45
CA LEU D 159 -54.10 -20.98 32.13
C LEU D 159 -53.34 -22.29 32.12
N LYS D 160 -52.29 -22.40 32.93
CA LYS D 160 -51.57 -23.67 33.14
C LYS D 160 -51.00 -24.23 31.83
N VAL D 161 -50.04 -23.51 31.28
CA VAL D 161 -49.39 -23.92 30.03
C VAL D 161 -48.13 -24.71 30.35
N ILE D 162 -47.97 -25.85 29.69
CA ILE D 162 -46.78 -26.69 29.81
C ILE D 162 -46.12 -26.75 28.45
N ALA D 163 -44.87 -26.29 28.39
CA ALA D 163 -44.10 -26.29 27.15
C ALA D 163 -43.17 -27.50 27.16
N GLY D 164 -43.44 -28.47 26.28
CA GLY D 164 -42.69 -29.69 26.23
C GLY D 164 -41.34 -29.53 25.58
N PRO D 165 -40.57 -30.62 25.51
CA PRO D 165 -39.18 -30.51 25.05
C PRO D 165 -39.09 -29.99 23.62
N ILE D 166 -38.12 -29.09 23.41
CA ILE D 166 -37.87 -28.56 22.08
C ILE D 166 -37.37 -29.69 21.17
N SER D 167 -37.81 -29.65 19.91
CA SER D 167 -37.48 -30.72 18.98
C SER D 167 -35.98 -30.77 18.68
N ALA D 168 -35.37 -29.60 18.48
CA ALA D 168 -33.96 -29.50 18.12
C ALA D 168 -33.17 -29.02 19.33
N ALA D 169 -32.11 -29.76 19.67
CA ALA D 169 -31.18 -29.35 20.71
C ALA D 169 -30.09 -28.53 20.05
N PHE D 170 -30.19 -27.21 20.16
CA PHE D 170 -29.30 -26.28 19.48
C PHE D 170 -28.78 -25.25 20.47
N SER D 171 -27.54 -24.82 20.26
CA SER D 171 -26.93 -23.79 21.07
C SER D 171 -25.92 -22.99 20.24
N PRO D 172 -26.07 -21.67 20.16
CA PRO D 172 -25.10 -20.88 19.39
C PRO D 172 -23.74 -20.80 20.04
N PHE D 173 -23.64 -21.08 21.34
CA PHE D 173 -22.39 -20.98 22.07
C PHE D 173 -21.64 -22.30 22.04
N ASP D 174 -20.33 -22.22 21.86
CA ASP D 174 -19.46 -23.37 21.96
C ASP D 174 -19.22 -23.64 23.45
N HIS D 175 -18.28 -24.53 23.77
CA HIS D 175 -18.01 -24.78 25.18
C HIS D 175 -17.35 -23.58 25.86
N LYS D 176 -16.49 -22.86 25.13
CA LYS D 176 -15.72 -21.77 25.69
C LYS D 176 -16.10 -20.46 25.02
N VAL D 177 -16.33 -19.43 25.83
CA VAL D 177 -16.82 -18.14 25.37
C VAL D 177 -15.96 -17.04 25.98
N VAL D 178 -15.70 -16.00 25.18
CA VAL D 178 -14.99 -14.81 25.63
C VAL D 178 -15.91 -13.61 25.44
N ILE D 179 -16.08 -12.81 26.48
CA ILE D 179 -16.94 -11.63 26.45
C ILE D 179 -16.07 -10.41 26.65
N ARG D 180 -16.02 -9.53 25.64
CA ARG D 180 -15.25 -8.30 25.70
C ARG D 180 -16.14 -7.13 25.31
N LYS D 181 -16.45 -6.28 26.28
CA LYS D 181 -17.21 -5.05 26.06
C LYS D 181 -18.52 -5.33 25.33
N GLY D 182 -19.25 -6.34 25.79
CA GLY D 182 -20.55 -6.66 25.25
C GLY D 182 -20.55 -7.60 24.07
N LEU D 183 -19.39 -7.81 23.43
CA LEU D 183 -19.30 -8.71 22.29
C LEU D 183 -18.93 -10.11 22.76
N VAL D 184 -19.53 -11.12 22.13
CA VAL D 184 -19.35 -12.51 22.51
C VAL D 184 -18.58 -13.22 21.41
N TYR D 185 -17.53 -13.92 21.79
CA TYR D 185 -16.71 -14.67 20.85
C TYR D 185 -16.61 -16.12 21.30
N ASN D 186 -16.55 -17.03 20.33
CA ASN D 186 -16.34 -18.44 20.59
C ASN D 186 -14.85 -18.72 20.40
N TYR D 187 -14.12 -18.77 21.50
CA TYR D 187 -12.68 -18.93 21.47
C TYR D 187 -12.24 -20.04 22.41
N ASP D 188 -11.29 -20.86 21.96
CA ASP D 188 -10.75 -21.95 22.77
C ASP D 188 -9.61 -21.40 23.60
N PHE D 189 -9.96 -20.75 24.71
CA PHE D 189 -8.97 -20.06 25.50
C PHE D 189 -8.15 -21.05 26.33
N PRO D 190 -6.93 -20.69 26.70
CA PRO D 190 -6.13 -21.55 27.59
C PRO D 190 -6.78 -21.66 28.96
N GLU D 191 -6.55 -22.80 29.60
CA GLU D 191 -7.11 -23.06 30.92
C GLU D 191 -6.42 -22.18 31.98
N TYR D 192 -6.92 -22.26 33.20
CA TYR D 192 -6.31 -21.52 34.30
C TYR D 192 -5.03 -22.21 34.74
N GLY D 193 -3.93 -21.46 34.74
CA GLY D 193 -2.63 -21.96 35.11
C GLY D 193 -1.80 -22.46 33.95
N ALA D 194 -2.40 -22.61 32.77
CA ALA D 194 -1.68 -23.01 31.57
C ALA D 194 -1.80 -21.87 30.57
N MET D 195 -0.89 -20.91 30.65
CA MET D 195 -0.89 -19.72 29.82
C MET D 195 0.31 -19.73 28.89
N LYS D 196 0.07 -19.51 27.60
CA LYS D 196 1.13 -19.43 26.61
C LYS D 196 1.50 -17.98 26.36
N PRO D 197 2.79 -17.64 26.32
CA PRO D 197 3.17 -16.27 25.97
C PRO D 197 2.72 -15.91 24.56
N GLY D 198 2.27 -14.67 24.39
CA GLY D 198 1.82 -14.18 23.11
C GLY D 198 0.44 -14.65 22.69
N ALA D 199 -0.26 -15.37 23.55
CA ALA D 199 -1.60 -15.87 23.24
C ALA D 199 -2.61 -15.25 24.19
N PHE D 200 -3.88 -15.38 23.82
CA PHE D 200 -4.95 -14.92 24.70
C PHE D 200 -4.86 -15.58 26.06
N GLY D 201 -5.00 -14.78 27.11
CA GLY D 201 -4.91 -15.31 28.45
C GLY D 201 -3.50 -15.60 28.92
N ASP D 202 -2.51 -14.88 28.40
CA ASP D 202 -1.16 -15.01 28.96
C ASP D 202 -1.10 -14.46 30.37
N ILE D 203 -2.01 -13.57 30.73
CA ILE D 203 -2.19 -13.12 32.10
C ILE D 203 -3.61 -13.47 32.54
N GLN D 204 -3.74 -14.10 33.69
CA GLN D 204 -5.00 -14.61 34.18
C GLN D 204 -5.19 -14.24 35.65
N ALA D 205 -6.41 -13.87 36.01
CA ALA D 205 -6.74 -13.61 37.40
C ALA D 205 -8.21 -13.93 37.62
N SER D 206 -8.54 -14.27 38.87
CA SER D 206 -9.93 -14.63 39.17
C SER D 206 -10.83 -13.40 39.13
N SER D 207 -10.30 -12.24 39.47
CA SER D 207 -11.02 -10.98 39.37
C SER D 207 -10.07 -9.90 38.87
N LEU D 208 -10.58 -8.68 38.76
CA LEU D 208 -9.72 -7.56 38.38
C LEU D 208 -8.92 -7.03 39.57
N TYR D 209 -9.49 -7.12 40.77
CA TYR D 209 -8.84 -6.63 41.98
C TYR D 209 -8.32 -7.75 42.87
N ALA D 210 -7.99 -8.88 42.26
CA ALA D 210 -7.47 -10.02 43.00
C ALA D 210 -5.95 -9.92 43.13
N THR D 211 -5.42 -10.58 44.15
CA THR D 211 -3.99 -10.62 44.40
C THR D 211 -3.39 -11.99 44.06
N ASP D 212 -4.06 -12.78 43.23
CA ASP D 212 -3.57 -14.08 42.80
C ASP D 212 -3.18 -14.12 41.33
N ILE D 213 -2.77 -12.97 40.78
CA ILE D 213 -2.52 -12.84 39.35
C ILE D 213 -1.41 -13.79 38.93
N VAL D 214 -1.65 -14.56 37.87
CA VAL D 214 -0.66 -15.45 37.29
C VAL D 214 -0.45 -15.04 35.84
N ALA D 215 0.80 -15.08 35.39
CA ALA D 215 1.10 -14.68 34.02
C ALA D 215 2.35 -15.41 33.54
N ARG D 216 2.48 -15.48 32.21
CA ARG D 216 3.65 -16.04 31.55
C ARG D 216 3.84 -15.25 30.26
N THR D 217 4.65 -14.20 30.33
CA THR D 217 4.82 -13.27 29.22
C THR D 217 6.24 -13.26 28.66
N ASP D 218 7.09 -14.20 29.07
CA ASP D 218 8.44 -14.36 28.53
C ASP D 218 9.27 -13.09 28.72
N ILE D 219 9.47 -12.72 29.97
CA ILE D 219 10.30 -11.58 30.33
C ILE D 219 11.74 -12.05 30.40
N ARG D 220 12.57 -11.61 29.47
CA ARG D 220 13.99 -11.91 29.47
C ARG D 220 14.75 -10.66 29.90
N LEU D 221 15.49 -10.77 30.99
CA LEU D 221 16.25 -9.65 31.53
C LEU D 221 17.66 -9.69 30.96
N LEU D 222 18.08 -8.60 30.34
CA LEU D 222 19.33 -8.54 29.62
C LEU D 222 20.43 -7.91 30.48
N LYS D 223 21.66 -8.25 30.15
CA LYS D 223 22.81 -7.67 30.85
C LYS D 223 22.94 -6.20 30.49
N PRO D 224 23.05 -5.30 31.47
CA PRO D 224 23.20 -3.88 31.13
C PRO D 224 24.51 -3.62 30.40
N SER D 225 24.42 -2.78 29.37
CA SER D 225 25.58 -2.42 28.55
C SER D 225 26.00 -0.98 28.70
N VAL D 226 25.05 -0.06 28.89
CA VAL D 226 25.40 1.34 29.04
C VAL D 226 25.83 1.63 30.47
N LYS D 227 26.54 2.75 30.64
CA LYS D 227 27.01 3.14 31.96
C LYS D 227 25.85 3.61 32.84
N ASN D 228 24.91 4.33 32.25
CA ASN D 228 23.77 4.84 33.01
C ASN D 228 22.92 3.68 33.53
N ILE D 229 22.33 3.88 34.71
CA ILE D 229 21.58 2.81 35.36
C ILE D 229 20.39 2.43 34.49
N HIS D 230 20.25 1.13 34.23
CA HIS D 230 19.29 0.65 33.25
C HIS D 230 18.93 -0.80 33.57
N VAL D 231 17.64 -1.10 33.48
CA VAL D 231 17.20 -2.48 33.47
C VAL D 231 16.70 -2.79 32.06
N PRO D 232 17.51 -3.44 31.23
CA PRO D 232 17.06 -3.77 29.88
C PRO D 232 16.27 -5.07 29.90
N TYR D 233 15.10 -5.04 29.26
CA TYR D 233 14.23 -6.20 29.24
C TYR D 233 13.61 -6.34 27.86
N THR D 234 13.24 -7.56 27.52
CA THR D 234 12.47 -7.84 26.32
C THR D 234 11.33 -8.78 26.69
N GLN D 235 10.21 -8.63 25.98
CA GLN D 235 8.98 -9.30 26.36
C GLN D 235 8.20 -9.70 25.12
N ALA D 236 7.31 -10.67 25.31
CA ALA D 236 6.37 -11.01 24.25
C ALA D 236 5.29 -9.94 24.14
N VAL D 237 4.60 -9.94 23.00
CA VAL D 237 3.51 -9.00 22.83
C VAL D 237 2.34 -9.40 23.70
N SER D 238 1.46 -8.44 23.96
CA SER D 238 0.27 -8.72 24.75
C SER D 238 -0.64 -9.67 23.97
N GLY D 239 -0.92 -10.83 24.57
CA GLY D 239 -1.84 -11.75 23.95
C GLY D 239 -3.23 -11.15 23.80
N TYR D 240 -3.62 -10.29 24.73
CA TYR D 240 -4.89 -9.59 24.62
C TYR D 240 -4.91 -8.71 23.36
N GLU D 241 -3.83 -7.96 23.13
CA GLU D 241 -3.76 -7.11 21.94
C GLU D 241 -3.73 -7.94 20.67
N MET D 242 -2.99 -9.04 20.67
CA MET D 242 -2.93 -9.90 19.49
C MET D 242 -4.30 -10.52 19.18
N TRP D 243 -5.00 -10.96 20.23
CA TRP D 243 -6.35 -11.49 20.03
C TRP D 243 -7.30 -10.40 19.59
N LYS D 244 -7.09 -9.16 20.05
CA LYS D 244 -7.89 -8.04 19.57
C LYS D 244 -7.65 -7.81 18.08
N ASN D 245 -6.42 -8.04 17.62
CA ASN D 245 -6.12 -7.90 16.19
C ASN D 245 -6.71 -9.05 15.37
N ASN D 246 -6.71 -10.26 15.91
CA ASN D 246 -7.22 -11.43 15.20
C ASN D 246 -8.43 -12.03 15.91
N SER D 247 -9.36 -11.17 16.34
CA SER D 247 -10.54 -11.65 17.05
C SER D 247 -11.48 -12.40 16.13
N GLY D 248 -11.65 -11.91 14.90
CA GLY D 248 -12.65 -12.45 14.02
C GLY D 248 -13.93 -11.64 14.11
N ARG D 249 -15.05 -12.23 13.76
CA ARG D 249 -16.28 -11.48 13.93
C ARG D 249 -17.10 -12.03 15.10
N PRO D 250 -17.81 -11.16 15.81
CA PRO D 250 -18.52 -11.62 17.01
C PRO D 250 -19.63 -12.61 16.70
N LEU D 251 -20.00 -13.36 17.73
CA LEU D 251 -21.18 -14.22 17.67
C LEU D 251 -22.44 -13.43 17.35
N GLN D 252 -22.49 -12.15 17.73
CA GLN D 252 -23.63 -11.31 17.36
C GLN D 252 -23.83 -11.25 15.85
N GLU D 253 -22.77 -11.46 15.07
CA GLU D 253 -22.86 -11.44 13.62
C GLU D 253 -22.75 -12.81 12.98
N THR D 254 -22.09 -13.77 13.62
CA THR D 254 -21.95 -15.11 13.07
C THR D 254 -22.97 -16.11 13.60
N ALA D 255 -23.92 -15.69 14.44
CA ALA D 255 -24.84 -16.64 15.05
C ALA D 255 -25.83 -17.16 14.02
N PRO D 256 -26.22 -18.44 14.12
CA PRO D 256 -27.22 -18.99 13.22
C PRO D 256 -28.63 -18.71 13.72
N PHE D 257 -29.61 -19.02 12.86
CA PHE D 257 -31.04 -18.89 13.16
C PHE D 257 -31.43 -17.46 13.52
N GLY D 258 -30.65 -16.47 13.12
CA GLY D 258 -31.00 -15.09 13.39
C GLY D 258 -31.08 -14.75 14.86
N CYS D 259 -30.11 -15.22 15.64
CA CYS D 259 -30.13 -15.02 17.09
C CYS D 259 -29.51 -13.68 17.45
N LYS D 260 -30.08 -13.04 18.48
CA LYS D 260 -29.54 -11.80 19.02
C LYS D 260 -28.76 -12.14 20.30
N ILE D 261 -27.45 -12.09 20.22
CA ILE D 261 -26.59 -12.47 21.33
C ILE D 261 -26.38 -11.25 22.23
N GLU D 262 -26.82 -11.37 23.48
CA GLU D 262 -26.66 -10.30 24.45
C GLU D 262 -26.00 -10.84 25.71
N VAL D 263 -25.58 -9.92 26.58
CA VAL D 263 -24.84 -10.24 27.79
C VAL D 263 -25.60 -9.73 29.00
N GLU D 264 -25.16 -10.17 30.18
CA GLU D 264 -25.70 -9.79 31.48
C GLU D 264 -27.18 -10.11 31.60
N PRO D 265 -27.56 -11.40 31.68
CA PRO D 265 -26.73 -12.60 31.58
C PRO D 265 -26.50 -12.98 30.13
N LEU D 266 -25.56 -13.88 29.85
CA LEU D 266 -25.33 -14.32 28.49
C LEU D 266 -26.56 -15.06 27.97
N ARG D 267 -27.09 -14.59 26.84
CA ARG D 267 -28.29 -15.20 26.27
C ARG D 267 -28.28 -15.02 24.77
N ALA D 268 -29.02 -15.90 24.09
CA ALA D 268 -29.36 -15.74 22.68
C ALA D 268 -30.87 -15.61 22.60
N SER D 269 -31.35 -14.53 21.99
CA SER D 269 -32.75 -14.17 22.04
C SER D 269 -33.38 -14.23 20.66
N ASN D 270 -34.67 -14.55 20.62
CA ASN D 270 -35.48 -14.55 19.41
C ASN D 270 -34.86 -15.45 18.34
N CYS D 271 -34.49 -16.66 18.75
CA CYS D 271 -33.95 -17.67 17.85
C CYS D 271 -35.10 -18.50 17.28
N ALA D 272 -35.02 -18.77 15.98
CA ALA D 272 -36.06 -19.48 15.26
C ALA D 272 -35.55 -20.87 14.89
N TYR D 273 -35.84 -21.85 15.75
CA TYR D 273 -35.44 -23.23 15.48
C TYR D 273 -36.42 -24.17 16.18
N GLY D 274 -36.86 -25.20 15.45
CA GLY D 274 -37.59 -26.29 16.05
C GLY D 274 -39.06 -25.97 16.34
N HIS D 275 -39.70 -26.95 16.96
CA HIS D 275 -41.11 -26.88 17.32
C HIS D 275 -41.26 -27.16 18.81
N ILE D 276 -42.23 -26.48 19.42
CA ILE D 276 -42.49 -26.57 20.85
C ILE D 276 -43.85 -27.26 21.04
N PRO D 277 -43.91 -28.44 21.64
CA PRO D 277 -45.21 -29.05 21.99
C PRO D 277 -45.84 -28.36 23.20
N ILE D 278 -47.01 -27.77 22.99
CA ILE D 278 -47.67 -27.02 24.05
C ILE D 278 -48.96 -27.73 24.45
N SER D 279 -49.13 -27.92 25.75
CA SER D 279 -50.36 -28.48 26.30
C SER D 279 -51.04 -27.40 27.14
N ILE D 280 -52.26 -27.05 26.79
CA ILE D 280 -52.94 -25.90 27.37
C ILE D 280 -54.20 -26.36 28.09
N ASP D 281 -54.41 -25.84 29.29
CA ASP D 281 -55.59 -26.14 30.10
C ASP D 281 -56.49 -24.92 30.06
N ILE D 282 -57.42 -24.90 29.11
CA ILE D 282 -58.33 -23.76 29.00
C ILE D 282 -59.32 -23.80 30.15
N PRO D 283 -59.57 -22.68 30.83
CA PRO D 283 -60.60 -22.66 31.86
C PRO D 283 -61.97 -22.95 31.26
N ASP D 284 -62.82 -23.62 32.06
CA ASP D 284 -64.16 -23.93 31.61
C ASP D 284 -65.04 -22.67 31.54
N ALA D 285 -64.61 -21.58 32.16
CA ALA D 285 -65.35 -20.32 32.02
C ALA D 285 -65.22 -19.75 30.62
N ALA D 286 -64.08 -20.00 29.97
CA ALA D 286 -63.88 -19.50 28.61
C ALA D 286 -64.81 -20.19 27.62
N PHE D 287 -65.02 -21.50 27.79
CA PHE D 287 -65.86 -22.26 26.89
C PHE D 287 -67.32 -21.88 27.09
N VAL D 288 -68.11 -22.08 26.04
CA VAL D 288 -69.54 -21.81 26.07
C VAL D 288 -70.27 -23.01 25.50
N ARG D 289 -71.55 -23.11 25.83
CA ARG D 289 -72.36 -24.21 25.35
C ARG D 289 -72.65 -24.07 23.86
N SER D 290 -73.07 -25.18 23.24
CA SER D 290 -73.44 -25.15 21.84
C SER D 290 -74.65 -24.26 21.60
N SER D 291 -75.59 -24.26 22.54
CA SER D 291 -76.91 -23.66 22.30
C SER D 291 -76.87 -22.15 22.31
N GLU D 292 -75.93 -21.52 23.03
CA GLU D 292 -75.90 -20.07 23.03
C GLU D 292 -75.14 -19.54 21.81
N SER D 293 -74.20 -20.32 21.29
CA SER D 293 -73.46 -19.84 20.14
C SER D 293 -74.34 -19.85 18.89
N PRO D 294 -74.08 -18.95 17.95
CA PRO D 294 -74.86 -18.94 16.70
C PRO D 294 -74.62 -20.20 15.87
N THR D 295 -75.64 -20.58 15.12
CA THR D 295 -75.60 -21.78 14.29
C THR D 295 -75.71 -21.38 12.82
N ILE D 296 -74.82 -21.91 12.00
CA ILE D 296 -74.76 -21.57 10.58
C ILE D 296 -75.49 -22.64 9.79
N LEU D 297 -76.62 -22.27 9.19
CA LEU D 297 -77.42 -23.20 8.41
C LEU D 297 -76.80 -23.51 7.05
N GLU D 298 -76.25 -22.51 6.36
CA GLU D 298 -75.69 -22.73 5.03
C GLU D 298 -74.63 -21.67 4.77
N VAL D 299 -73.43 -22.11 4.40
CA VAL D 299 -72.31 -21.22 4.09
C VAL D 299 -71.56 -21.79 2.90
N SER D 300 -71.15 -20.93 1.99
CA SER D 300 -70.41 -21.32 0.79
C SER D 300 -69.24 -20.38 0.58
N CYS D 301 -68.10 -20.93 0.17
CA CYS D 301 -66.85 -20.19 0.09
C CYS D 301 -66.51 -19.86 -1.36
N THR D 302 -66.29 -18.58 -1.63
CA THR D 302 -65.75 -18.11 -2.91
C THR D 302 -64.45 -17.38 -2.62
N VAL D 303 -63.39 -17.77 -3.32
CA VAL D 303 -62.05 -17.21 -3.14
C VAL D 303 -61.74 -16.33 -4.34
N ALA D 304 -61.34 -15.09 -4.07
CA ALA D 304 -61.29 -14.08 -5.13
C ALA D 304 -60.03 -14.21 -5.98
N ASP D 305 -58.86 -14.03 -5.36
CA ASP D 305 -57.60 -14.08 -6.09
C ASP D 305 -56.48 -14.17 -5.08
N CYS D 306 -55.62 -15.18 -5.24
CA CYS D 306 -54.64 -15.50 -4.21
C CYS D 306 -53.26 -15.67 -4.84
N ILE D 307 -52.25 -15.26 -4.08
CA ILE D 307 -50.87 -15.64 -4.31
C ILE D 307 -50.38 -16.34 -3.05
N TYR D 308 -49.38 -17.21 -3.23
CA TYR D 308 -48.76 -17.88 -2.08
C TYR D 308 -47.51 -17.08 -1.72
N SER D 309 -47.63 -16.25 -0.69
CA SER D 309 -46.57 -15.36 -0.28
C SER D 309 -46.41 -15.42 1.23
N ALA D 310 -45.35 -14.78 1.73
CA ALA D 310 -45.16 -14.69 3.16
C ALA D 310 -46.22 -13.83 3.83
N ASP D 311 -46.84 -12.92 3.10
CA ASP D 311 -47.87 -12.04 3.64
C ASP D 311 -49.24 -12.67 3.47
N PHE D 312 -50.29 -11.92 3.75
CA PHE D 312 -51.67 -12.40 3.58
C PHE D 312 -52.15 -12.06 2.16
N GLY D 313 -51.61 -12.81 1.21
CA GLY D 313 -51.96 -12.62 -0.19
C GLY D 313 -53.12 -13.45 -0.65
N GLY D 314 -54.21 -13.44 0.12
CA GLY D 314 -55.37 -14.22 -0.24
C GLY D 314 -56.63 -13.59 0.32
N SER D 315 -57.72 -13.76 -0.40
CA SER D 315 -59.01 -13.18 -0.01
C SER D 315 -60.09 -14.24 -0.16
N LEU D 316 -61.01 -14.24 0.80
CA LEU D 316 -62.04 -15.27 0.87
C LEU D 316 -63.36 -14.65 1.31
N THR D 317 -64.37 -14.82 0.48
CA THR D 317 -65.72 -14.36 0.81
C THR D 317 -66.61 -15.57 0.96
N LEU D 318 -67.26 -15.69 2.12
CA LEU D 318 -68.22 -16.76 2.32
C LEU D 318 -69.56 -16.16 2.70
N GLN D 319 -70.62 -16.69 2.10
CA GLN D 319 -71.97 -16.18 2.28
C GLN D 319 -72.71 -17.15 3.19
N TYR D 320 -73.13 -16.66 4.36
CA TYR D 320 -73.69 -17.52 5.39
C TYR D 320 -75.18 -17.23 5.58
N LYS D 321 -75.81 -18.10 6.38
CA LYS D 321 -77.22 -17.96 6.76
C LYS D 321 -77.34 -18.51 8.17
N ALA D 322 -77.29 -17.63 9.15
CA ALA D 322 -77.38 -18.00 10.56
C ALA D 322 -78.66 -17.44 11.16
N ASP D 323 -79.27 -18.22 12.05
CA ASP D 323 -80.55 -17.86 12.63
C ASP D 323 -80.45 -16.82 13.75
N ARG D 324 -79.26 -16.52 14.25
CA ARG D 324 -79.11 -15.62 15.37
C ARG D 324 -77.96 -14.66 15.15
N GLU D 325 -77.94 -13.61 15.95
CA GLU D 325 -76.84 -12.67 16.07
C GLU D 325 -75.85 -13.16 17.12
N GLY D 326 -74.57 -12.94 16.85
CA GLY D 326 -73.55 -13.30 17.81
C GLY D 326 -72.18 -13.31 17.17
N HIS D 327 -71.21 -13.83 17.93
CA HIS D 327 -69.82 -13.95 17.51
C HIS D 327 -69.54 -15.40 17.16
N CYS D 328 -68.87 -15.63 16.04
CA CYS D 328 -68.51 -16.98 15.65
C CYS D 328 -67.04 -17.04 15.27
N PRO D 329 -66.37 -18.16 15.55
CA PRO D 329 -64.96 -18.30 15.18
C PRO D 329 -64.82 -18.78 13.74
N VAL D 330 -63.63 -18.52 13.18
CA VAL D 330 -63.25 -18.97 11.86
C VAL D 330 -61.90 -19.67 11.97
N HIS D 331 -61.72 -20.73 11.19
CA HIS D 331 -60.48 -21.48 11.22
C HIS D 331 -60.32 -22.24 9.92
N SER D 332 -59.08 -22.37 9.47
CA SER D 332 -58.74 -23.16 8.30
C SER D 332 -58.16 -24.50 8.78
N HIS D 333 -58.86 -25.58 8.44
CA HIS D 333 -58.42 -26.92 8.81
C HIS D 333 -57.37 -27.44 7.84
N SER D 334 -56.29 -26.67 7.69
CA SER D 334 -55.18 -27.05 6.84
C SER D 334 -53.90 -26.45 7.38
N THR D 335 -52.81 -27.22 7.28
CA THR D 335 -51.53 -26.77 7.78
C THR D 335 -50.76 -25.91 6.79
N THR D 336 -51.30 -25.70 5.59
CA THR D 336 -50.66 -24.86 4.58
C THR D 336 -51.34 -23.52 4.40
N ALA D 337 -52.55 -23.34 4.93
CA ALA D 337 -53.28 -22.08 4.83
C ALA D 337 -53.63 -21.59 6.23
N VAL D 338 -53.32 -20.33 6.51
CA VAL D 338 -53.57 -19.72 7.81
C VAL D 338 -54.43 -18.48 7.60
N LEU D 339 -55.49 -18.34 8.40
CA LEU D 339 -56.33 -17.17 8.33
C LEU D 339 -55.75 -16.04 9.17
N LYS D 340 -56.24 -14.82 8.92
CA LYS D 340 -55.81 -13.67 9.69
C LYS D 340 -56.73 -13.38 10.86
N GLU D 341 -58.04 -13.50 10.66
CA GLU D 341 -59.00 -13.29 11.73
C GLU D 341 -59.29 -14.60 12.45
N ALA D 342 -59.68 -14.48 13.72
CA ALA D 342 -60.09 -15.63 14.52
C ALA D 342 -61.57 -15.60 14.88
N THR D 343 -62.16 -14.42 14.99
CA THR D 343 -63.58 -14.27 15.31
C THR D 343 -64.20 -13.25 14.36
N THR D 344 -65.52 -13.33 14.21
CA THR D 344 -66.23 -12.47 13.27
C THR D 344 -67.65 -12.24 13.77
N HIS D 345 -68.28 -11.22 13.18
CA HIS D 345 -69.67 -10.87 13.47
C HIS D 345 -70.56 -11.40 12.36
N VAL D 346 -71.58 -12.17 12.74
CA VAL D 346 -72.47 -12.82 11.77
C VAL D 346 -73.89 -12.32 12.01
N THR D 347 -74.54 -11.87 10.93
CA THR D 347 -75.91 -11.37 10.99
C THR D 347 -76.75 -12.02 9.90
N ALA D 348 -77.79 -12.75 10.33
CA ALA D 348 -78.81 -13.33 9.45
C ALA D 348 -78.22 -13.89 8.17
N THR D 349 -78.45 -13.20 7.07
CA THR D 349 -77.77 -13.45 5.80
C THR D 349 -76.74 -12.35 5.57
N GLY D 350 -75.57 -12.73 5.09
CA GLY D 350 -74.52 -11.77 4.86
C GLY D 350 -73.29 -12.44 4.30
N SER D 351 -72.21 -11.66 4.23
CA SER D 351 -70.93 -12.13 3.75
C SER D 351 -69.82 -11.48 4.56
N ILE D 352 -68.72 -12.21 4.72
CA ILE D 352 -67.54 -11.71 5.42
C ILE D 352 -66.32 -11.98 4.54
N THR D 353 -65.43 -10.99 4.48
CA THR D 353 -64.19 -11.11 3.72
C THR D 353 -63.06 -11.41 4.68
N LEU D 354 -62.45 -12.57 4.53
CA LEU D 354 -61.35 -13.03 5.37
C LEU D 354 -60.08 -13.11 4.52
N HIS D 355 -58.96 -12.71 5.11
CA HIS D 355 -57.67 -12.78 4.42
C HIS D 355 -56.85 -13.92 4.97
N PHE D 356 -56.18 -14.64 4.08
CA PHE D 356 -55.41 -15.80 4.48
C PHE D 356 -54.07 -15.80 3.75
N SER D 357 -53.19 -16.69 4.18
CA SER D 357 -51.89 -16.91 3.56
C SER D 357 -51.76 -18.39 3.20
N THR D 358 -50.89 -18.69 2.26
CA THR D 358 -50.74 -20.06 1.81
C THR D 358 -49.33 -20.28 1.29
N SER D 359 -48.85 -21.52 1.42
CA SER D 359 -47.60 -21.95 0.82
C SER D 359 -47.80 -22.82 -0.40
N SER D 360 -49.04 -23.17 -0.72
CA SER D 360 -49.39 -24.07 -1.80
C SER D 360 -49.93 -23.30 -2.99
N PRO D 361 -49.70 -23.78 -4.21
CA PRO D 361 -50.31 -23.13 -5.37
C PRO D 361 -51.73 -23.63 -5.63
N GLN D 362 -52.51 -23.82 -4.56
CA GLN D 362 -53.94 -24.10 -4.66
C GLN D 362 -54.56 -23.94 -3.28
N ALA D 363 -55.62 -23.13 -3.21
CA ALA D 363 -56.42 -23.02 -1.99
C ALA D 363 -57.41 -24.17 -1.98
N ASN D 364 -57.02 -25.28 -1.37
CA ASN D 364 -57.84 -26.48 -1.25
C ASN D 364 -58.07 -26.82 0.21
N PHE D 365 -58.36 -25.81 1.01
CA PHE D 365 -58.51 -25.98 2.45
C PHE D 365 -59.99 -25.85 2.85
N ILE D 366 -60.24 -26.16 4.11
CA ILE D 366 -61.58 -26.20 4.68
C ILE D 366 -61.69 -25.11 5.73
N VAL D 367 -62.76 -24.33 5.67
CA VAL D 367 -62.99 -23.20 6.58
C VAL D 367 -64.24 -23.48 7.39
N SER D 368 -64.14 -23.31 8.71
CA SER D 368 -65.25 -23.56 9.62
C SER D 368 -65.70 -22.25 10.25
N LEU D 369 -66.96 -21.91 10.06
CA LEU D 369 -67.60 -20.78 10.71
C LEU D 369 -68.47 -21.36 11.83
N CYS D 370 -67.95 -21.33 13.05
CA CYS D 370 -68.52 -22.04 14.21
C CYS D 370 -69.03 -23.41 13.79
N GLY D 371 -68.11 -24.21 13.28
CA GLY D 371 -68.47 -25.47 12.64
C GLY D 371 -68.86 -25.26 11.19
N LYS D 372 -69.53 -26.27 10.63
CA LYS D 372 -70.01 -26.23 9.25
C LYS D 372 -68.86 -25.98 8.27
N LYS D 373 -67.99 -26.98 8.22
CA LYS D 373 -66.85 -26.96 7.32
C LYS D 373 -67.29 -26.76 5.87
N THR D 374 -66.56 -25.91 5.14
CA THR D 374 -66.80 -25.69 3.72
C THR D 374 -65.48 -25.76 2.97
N THR D 375 -65.54 -26.23 1.73
CA THR D 375 -64.36 -26.45 0.91
C THR D 375 -64.20 -25.33 -0.11
N CYS D 376 -62.99 -24.80 -0.19
CA CYS D 376 -62.64 -23.76 -1.15
C CYS D 376 -61.77 -24.34 -2.26
N ASN D 377 -62.02 -23.92 -3.48
CA ASN D 377 -61.25 -24.34 -4.65
C ASN D 377 -60.75 -23.10 -5.37
N ALA D 378 -59.46 -23.06 -5.70
CA ALA D 378 -58.87 -21.85 -6.24
C ALA D 378 -57.68 -22.19 -7.13
N GLU D 379 -57.00 -21.15 -7.60
CA GLU D 379 -55.81 -21.26 -8.43
C GLU D 379 -54.85 -20.17 -7.94
N CYS D 380 -53.97 -20.53 -7.01
CA CYS D 380 -53.07 -19.56 -6.39
C CYS D 380 -51.88 -19.34 -7.31
N LYS D 381 -51.77 -18.14 -7.87
CA LYS D 381 -50.67 -17.80 -8.74
C LYS D 381 -49.43 -17.40 -7.93
N PRO D 382 -48.24 -17.52 -8.51
CA PRO D 382 -47.04 -17.12 -7.78
C PRO D 382 -47.02 -15.63 -7.53
N PRO D 383 -46.31 -15.17 -6.51
CA PRO D 383 -46.28 -13.75 -6.20
C PRO D 383 -45.44 -12.97 -7.21
N ALA D 384 -45.71 -11.68 -7.29
CA ALA D 384 -44.95 -10.79 -8.17
C ALA D 384 -43.65 -10.33 -7.50
N ASP D 385 -43.74 -9.90 -6.24
CA ASP D 385 -42.54 -9.48 -5.53
C ASP D 385 -41.61 -10.66 -5.28
N HIS D 386 -40.32 -10.43 -5.44
CA HIS D 386 -39.32 -11.46 -5.21
C HIS D 386 -38.89 -11.53 -3.75
N ILE D 387 -38.71 -10.39 -3.11
CA ILE D 387 -38.21 -10.29 -1.76
C ILE D 387 -39.20 -9.51 -0.91
N ILE D 388 -39.52 -10.05 0.27
CA ILE D 388 -40.45 -9.43 1.20
C ILE D 388 -39.75 -9.26 2.54
N GLY D 389 -40.26 -8.33 3.33
CA GLY D 389 -39.65 -8.02 4.61
C GLY D 389 -40.40 -8.59 5.80
N GLU D 390 -40.87 -9.84 5.67
CA GLU D 390 -41.68 -10.45 6.71
C GLU D 390 -41.61 -11.96 6.56
N PRO D 391 -41.51 -12.72 7.64
CA PRO D 391 -41.27 -14.17 7.52
C PRO D 391 -42.48 -14.90 6.99
N HIS D 392 -42.21 -16.08 6.44
CA HIS D 392 -43.29 -16.93 5.93
C HIS D 392 -44.09 -17.50 7.09
N LYS D 393 -45.41 -17.49 6.94
CA LYS D 393 -46.30 -17.86 8.03
C LYS D 393 -46.68 -19.33 8.06
N VAL D 394 -46.53 -20.04 6.95
CA VAL D 394 -46.85 -21.46 6.88
C VAL D 394 -45.67 -22.21 6.29
N ASP D 395 -45.58 -23.50 6.62
CA ASP D 395 -44.47 -24.33 6.19
C ASP D 395 -44.77 -24.93 4.82
N GLN D 396 -43.71 -25.21 4.08
CA GLN D 396 -43.82 -25.76 2.74
C GLN D 396 -43.89 -27.28 2.83
N GLU D 397 -45.07 -27.84 2.57
CA GLU D 397 -45.23 -29.28 2.49
C GLU D 397 -44.86 -29.75 1.08
N PHE D 398 -45.14 -31.02 0.78
CA PHE D 398 -44.91 -31.56 -0.55
C PHE D 398 -46.19 -31.80 -1.32
N GLN D 399 -47.17 -32.45 -0.70
CA GLN D 399 -48.43 -32.75 -1.39
C GLN D 399 -49.14 -31.47 -1.81
N ALA D 400 -49.20 -30.49 -0.93
CA ALA D 400 -49.87 -29.23 -1.26
C ALA D 400 -49.04 -28.36 -2.20
N ALA D 401 -47.71 -28.48 -2.16
CA ALA D 401 -46.86 -27.60 -2.96
C ALA D 401 -46.88 -27.93 -4.44
N VAL D 402 -47.42 -29.08 -4.82
CA VAL D 402 -47.53 -29.47 -6.23
C VAL D 402 -48.94 -29.13 -6.70
N SER D 403 -49.03 -28.38 -7.80
CA SER D 403 -50.32 -27.92 -8.29
C SER D 403 -51.17 -29.09 -8.77
N LYS D 404 -52.48 -28.89 -8.78
CA LYS D 404 -53.37 -29.96 -9.20
C LYS D 404 -53.24 -30.26 -10.70
N THR D 405 -52.91 -29.25 -11.50
CA THR D 405 -52.60 -29.51 -12.91
C THR D 405 -51.37 -30.40 -13.04
N SER D 406 -50.34 -30.13 -12.22
CA SER D 406 -49.16 -30.98 -12.21
C SER D 406 -49.51 -32.39 -11.75
N TRP D 407 -50.38 -32.51 -10.75
CA TRP D 407 -50.82 -33.82 -10.31
C TRP D 407 -51.57 -34.55 -11.42
N ASN D 408 -52.43 -33.83 -12.14
CA ASN D 408 -53.14 -34.43 -13.27
C ASN D 408 -52.16 -34.97 -14.30
N TRP D 409 -51.18 -34.16 -14.69
CA TRP D 409 -50.22 -34.59 -15.72
C TRP D 409 -49.38 -35.76 -15.24
N LEU D 410 -48.83 -35.66 -14.02
CA LEU D 410 -47.98 -36.71 -13.49
C LEU D 410 -48.75 -38.01 -13.30
N LEU D 411 -49.97 -37.92 -12.77
CA LEU D 411 -50.78 -39.11 -12.58
C LEU D 411 -51.22 -39.70 -13.91
N ALA D 412 -51.47 -38.86 -14.92
CA ALA D 412 -51.80 -39.39 -16.23
C ALA D 412 -50.62 -40.15 -16.83
N LEU D 413 -49.42 -39.60 -16.75
CA LEU D 413 -48.25 -40.29 -17.27
C LEU D 413 -47.98 -41.58 -16.51
N PHE D 414 -48.01 -41.52 -15.18
CA PHE D 414 -47.77 -42.72 -14.37
C PHE D 414 -48.88 -43.74 -14.55
N GLY D 415 -50.12 -43.29 -14.74
CA GLY D 415 -51.21 -44.21 -14.99
C GLY D 415 -51.08 -44.90 -16.34
N GLY D 416 -50.64 -44.17 -17.36
CA GLY D 416 -50.33 -44.82 -18.62
C GLY D 416 -49.23 -45.85 -18.46
N ALA D 417 -48.17 -45.50 -17.72
CA ALA D 417 -47.10 -46.45 -17.47
C ALA D 417 -47.58 -47.70 -16.72
N SER D 418 -48.38 -47.52 -15.68
CA SER D 418 -48.86 -48.63 -14.86
C SER D 418 -50.08 -49.31 -15.44
N SER D 419 -50.64 -48.79 -16.52
CA SER D 419 -51.74 -49.44 -17.23
C SER D 419 -51.26 -50.25 -18.41
N LEU D 420 -50.19 -49.81 -19.08
CA LEU D 420 -49.59 -50.64 -20.12
C LEU D 420 -49.09 -51.96 -19.55
N ILE D 421 -48.53 -51.94 -18.34
CA ILE D 421 -48.05 -53.18 -17.74
C ILE D 421 -49.21 -54.10 -17.40
N VAL D 422 -50.32 -53.55 -16.90
CA VAL D 422 -51.43 -54.42 -16.51
C VAL D 422 -52.12 -54.99 -17.75
N VAL D 423 -52.22 -54.20 -18.83
CA VAL D 423 -52.80 -54.76 -20.05
C VAL D 423 -51.87 -55.82 -20.64
N GLY D 424 -50.55 -55.59 -20.60
CA GLY D 424 -49.63 -56.64 -20.98
C GLY D 424 -49.81 -57.89 -20.14
N LEU D 425 -50.04 -57.71 -18.83
CA LEU D 425 -50.17 -58.86 -17.95
C LEU D 425 -51.43 -59.67 -18.28
N ILE D 426 -52.56 -59.01 -18.50
CA ILE D 426 -53.77 -59.81 -18.69
C ILE D 426 -53.79 -60.40 -20.10
N VAL D 427 -53.20 -59.72 -21.09
CA VAL D 427 -53.09 -60.38 -22.38
C VAL D 427 -52.13 -61.56 -22.29
N LEU D 428 -51.09 -61.45 -21.47
CA LEU D 428 -50.18 -62.58 -21.27
C LEU D 428 -50.91 -63.77 -20.66
N VAL D 429 -51.71 -63.54 -19.63
CA VAL D 429 -52.38 -64.66 -18.98
C VAL D 429 -53.44 -65.27 -19.90
N CYS D 430 -54.16 -64.43 -20.65
CA CYS D 430 -55.14 -64.97 -21.59
C CYS D 430 -54.47 -65.78 -22.70
N SER D 431 -53.37 -65.28 -23.26
CA SER D 431 -52.67 -66.05 -24.27
C SER D 431 -52.15 -67.36 -23.70
N SER D 432 -51.65 -67.33 -22.46
CA SER D 432 -51.13 -68.54 -21.85
C SER D 432 -52.24 -69.58 -21.65
N MET D 433 -53.43 -69.16 -21.25
CA MET D 433 -54.47 -70.17 -21.04
C MET D 433 -55.09 -70.61 -22.37
N LEU D 434 -55.06 -69.77 -23.40
CA LEU D 434 -55.35 -70.25 -24.74
C LEU D 434 -54.36 -71.33 -25.17
N ILE D 435 -53.07 -71.13 -24.89
CA ILE D 435 -52.07 -72.13 -25.23
C ILE D 435 -52.32 -73.42 -24.45
N ASN D 436 -52.62 -73.29 -23.16
CA ASN D 436 -52.87 -74.47 -22.33
C ASN D 436 -54.08 -75.24 -22.84
N THR D 437 -55.12 -74.55 -23.28
CA THR D 437 -56.27 -75.24 -23.87
C THR D 437 -55.98 -75.77 -25.26
N ARG D 438 -54.97 -75.22 -25.95
CA ARG D 438 -54.69 -75.65 -27.31
C ARG D 438 -54.25 -77.11 -27.36
N ARG D 439 -53.38 -77.52 -26.45
CA ARG D 439 -52.91 -78.91 -26.40
C ARG D 439 -53.51 -79.66 -25.23
N SER E 1 -3.68 3.82 52.39
CA SER E 1 -4.63 4.58 51.60
C SER E 1 -3.93 5.34 50.49
N ILE E 2 -4.70 5.93 49.58
CA ILE E 2 -4.18 6.73 48.49
C ILE E 2 -4.22 8.19 48.90
N THR E 3 -3.07 8.83 48.92
CA THR E 3 -2.93 10.20 49.40
C THR E 3 -2.86 11.17 48.22
N ASP E 4 -3.21 12.42 48.50
CA ASP E 4 -3.03 13.51 47.56
C ASP E 4 -2.12 14.60 48.14
N ASP E 5 -1.29 14.24 49.11
CA ASP E 5 -0.35 15.17 49.73
C ASP E 5 0.93 15.15 48.91
N PHE E 6 1.08 16.12 48.02
CA PHE E 6 2.24 16.19 47.16
C PHE E 6 3.42 16.90 47.82
N THR E 7 3.22 17.47 49.01
CA THR E 7 4.34 17.91 49.82
C THR E 7 5.21 16.75 50.27
N LEU E 8 4.65 15.55 50.34
CA LEU E 8 5.40 14.35 50.73
C LEU E 8 6.13 13.71 49.56
N THR E 9 5.87 14.15 48.33
CA THR E 9 6.48 13.59 47.14
C THR E 9 7.43 14.60 46.50
N SER E 10 8.23 14.10 45.56
CA SER E 10 9.20 14.94 44.86
C SER E 10 9.33 14.45 43.43
N PRO E 11 9.69 15.31 42.49
CA PRO E 11 10.05 14.85 41.14
C PRO E 11 11.44 14.22 41.14
N TYR E 12 11.82 13.74 39.97
CA TYR E 12 13.09 13.04 39.84
C TYR E 12 13.62 13.19 38.42
N LEU E 13 14.83 12.67 38.22
CA LEU E 13 15.49 12.71 36.92
C LEU E 13 15.48 11.32 36.31
N GLY E 14 14.89 11.20 35.13
CA GLY E 14 14.87 9.95 34.40
C GLY E 14 15.93 9.89 33.32
N PHE E 15 15.90 8.81 32.55
CA PHE E 15 16.80 8.64 31.41
C PHE E 15 15.96 8.57 30.15
N CYS E 16 15.80 9.71 29.49
CA CYS E 16 15.02 9.77 28.27
C CYS E 16 15.84 9.20 27.11
N PRO E 17 15.29 8.26 26.34
CA PRO E 17 16.05 7.73 25.19
C PRO E 17 16.27 8.73 24.07
N TYR E 18 15.56 9.87 24.08
CA TYR E 18 15.66 10.84 22.99
C TYR E 18 15.43 12.22 23.58
N CYS E 19 16.52 12.92 23.87
CA CYS E 19 16.46 14.29 24.36
C CYS E 19 16.45 15.25 23.16
N ARG E 20 16.65 16.54 23.41
CA ARG E 20 16.63 17.52 22.32
C ARG E 20 17.71 17.24 21.30
N HIS E 21 18.91 16.89 21.76
CA HIS E 21 20.05 16.64 20.89
C HIS E 21 20.02 15.25 20.25
N SER E 22 18.87 14.59 20.26
CA SER E 22 18.69 13.28 19.63
C SER E 22 19.61 12.22 20.23
N ALA E 23 19.95 12.37 21.51
CA ALA E 23 20.76 11.40 22.21
C ALA E 23 20.16 11.15 23.59
N PRO E 24 20.37 9.96 24.15
CA PRO E 24 19.93 9.73 25.52
C PRO E 24 20.61 10.68 26.50
N CYS E 25 19.85 11.10 27.50
CA CYS E 25 20.36 12.02 28.51
C CYS E 25 19.49 11.90 29.75
N PHE E 26 19.88 12.62 30.80
CA PHE E 26 19.10 12.63 32.02
C PHE E 26 18.17 13.83 32.01
N SER E 27 16.87 13.56 32.14
CA SER E 27 15.85 14.57 31.88
C SER E 27 14.96 14.75 33.08
N PRO E 28 14.41 15.95 33.28
CA PRO E 28 13.38 16.16 34.30
C PRO E 28 11.97 15.87 33.81
N ILE E 29 11.80 15.57 32.52
CA ILE E 29 10.48 15.34 31.95
C ILE E 29 10.41 13.96 31.28
N LYS E 30 11.14 12.99 31.83
CA LYS E 30 11.15 11.65 31.24
C LYS E 30 9.75 11.06 31.21
N ILE E 31 9.40 10.45 30.09
CA ILE E 31 8.10 9.84 29.91
C ILE E 31 8.19 8.37 30.32
N GLU E 32 7.40 7.99 31.32
CA GLU E 32 7.43 6.63 31.84
C GLU E 32 6.42 5.73 31.15
N ASN E 33 5.16 6.17 31.08
CA ASN E 33 4.10 5.39 30.45
C ASN E 33 3.25 6.29 29.56
N VAL E 34 2.70 5.70 28.51
CA VAL E 34 1.73 6.35 27.63
C VAL E 34 0.56 5.40 27.45
N TRP E 35 -0.65 5.88 27.71
CA TRP E 35 -1.86 5.07 27.61
C TRP E 35 -2.79 5.70 26.57
N ASP E 36 -3.20 4.90 25.59
CA ASP E 36 -4.18 5.34 24.59
C ASP E 36 -5.26 4.27 24.49
N GLU E 37 -6.26 4.37 25.36
CA GLU E 37 -7.44 3.51 25.31
C GLU E 37 -8.72 4.32 25.19
N SER E 38 -8.60 5.61 24.93
CA SER E 38 -9.74 6.50 24.81
C SER E 38 -10.26 6.49 23.38
N ASP E 39 -11.58 6.39 23.24
CA ASP E 39 -12.18 6.36 21.91
C ASP E 39 -12.15 7.70 21.21
N ASP E 40 -11.85 8.79 21.92
CA ASP E 40 -11.76 10.11 21.31
C ASP E 40 -10.32 10.53 21.01
N GLY E 41 -9.35 9.63 21.21
CA GLY E 41 -7.98 9.91 20.84
C GLY E 41 -7.17 10.70 21.84
N SER E 42 -7.51 10.63 23.12
CA SER E 42 -6.73 11.28 24.14
C SER E 42 -5.80 10.27 24.80
N ILE E 43 -4.65 10.76 25.28
CA ILE E 43 -3.62 9.90 25.83
C ILE E 43 -3.24 10.39 27.22
N ARG E 44 -2.77 9.44 28.03
CA ARG E 44 -2.34 9.72 29.40
C ARG E 44 -0.83 9.51 29.45
N ILE E 45 -0.12 10.55 29.88
CA ILE E 45 1.34 10.58 29.85
C ILE E 45 1.84 10.72 31.27
N GLN E 46 2.75 9.84 31.67
CA GLN E 46 3.39 9.92 32.97
C GLN E 46 4.78 10.51 32.81
N VAL E 47 5.09 11.52 33.62
CA VAL E 47 6.29 12.32 33.49
C VAL E 47 7.00 12.33 34.84
N SER E 48 8.32 12.46 34.82
CA SER E 48 9.07 12.55 36.06
C SER E 48 8.86 13.87 36.79
N ALA E 49 8.22 14.84 36.14
CA ALA E 49 7.89 16.12 36.74
C ALA E 49 6.46 16.09 37.25
N GLN E 50 6.18 16.96 38.22
CA GLN E 50 4.85 17.07 38.81
C GLN E 50 4.19 18.37 38.35
N PHE E 51 3.01 18.24 37.75
CA PHE E 51 2.29 19.35 37.15
C PHE E 51 1.13 19.74 38.05
N GLY E 52 0.78 21.01 38.04
CA GLY E 52 -0.32 21.49 38.86
C GLY E 52 0.05 21.77 40.30
N TYR E 53 1.33 21.71 40.65
CA TYR E 53 1.77 21.96 42.01
C TYR E 53 3.01 22.84 41.98
N ASN E 54 3.18 23.65 43.02
CA ASN E 54 4.33 24.55 43.09
C ASN E 54 5.48 23.86 43.81
N GLN E 55 6.54 24.62 44.11
CA GLN E 55 7.76 24.01 44.64
C GLN E 55 7.52 23.37 46.00
N ALA E 56 6.75 24.04 46.87
CA ALA E 56 6.49 23.49 48.20
C ALA E 56 5.60 22.26 48.16
N GLY E 57 4.96 21.98 47.03
CA GLY E 57 4.04 20.86 46.91
C GLY E 57 2.58 21.24 47.01
N THR E 58 2.27 22.51 47.25
CA THR E 58 0.89 22.96 47.34
C THR E 58 0.29 23.07 45.95
N ALA E 59 -1.05 23.01 45.90
CA ALA E 59 -1.75 23.01 44.64
C ALA E 59 -1.67 24.38 43.97
N ASP E 60 -1.29 24.39 42.69
CA ASP E 60 -1.24 25.62 41.90
C ASP E 60 -1.36 25.22 40.43
N VAL E 61 -2.49 25.55 39.83
CA VAL E 61 -2.83 25.03 38.50
C VAL E 61 -1.82 25.51 37.45
N THR E 62 -1.19 26.66 37.66
CA THR E 62 -0.33 27.25 36.66
C THR E 62 1.15 26.87 36.81
N LYS E 63 1.50 26.04 37.79
CA LYS E 63 2.89 25.76 38.12
C LYS E 63 3.18 24.28 38.00
N PHE E 64 4.41 23.96 37.60
CA PHE E 64 4.91 22.60 37.64
C PHE E 64 6.30 22.59 38.27
N ARG E 65 6.57 21.57 39.08
CA ARG E 65 7.84 21.41 39.76
C ARG E 65 8.65 20.31 39.08
N TYR E 66 9.97 20.46 39.12
CA TYR E 66 10.87 19.51 38.48
C TYR E 66 12.20 19.51 39.22
N MET E 67 13.02 18.52 38.89
CA MET E 67 14.31 18.33 39.56
C MET E 67 15.41 19.01 38.76
N SER E 68 16.21 19.82 39.44
CA SER E 68 17.24 20.59 38.78
C SER E 68 18.51 19.77 38.60
N TYR E 69 19.30 20.14 37.60
CA TYR E 69 20.61 19.53 37.40
C TYR E 69 21.62 19.95 38.45
N ASP E 70 21.27 20.92 39.29
CA ASP E 70 22.17 21.37 40.34
C ASP E 70 22.46 20.24 41.31
N HIS E 71 23.66 20.27 41.88
CA HIS E 71 24.15 19.21 42.75
C HIS E 71 23.60 19.30 44.17
N ASP E 72 22.57 20.10 44.41
CA ASP E 72 21.98 20.24 45.73
C ASP E 72 20.58 19.64 45.81
N HIS E 73 20.16 18.84 44.82
CA HIS E 73 18.86 18.19 44.82
C HIS E 73 17.72 19.19 44.95
N ASP E 74 17.76 20.23 44.14
CA ASP E 74 16.79 21.32 44.24
C ASP E 74 15.57 21.05 43.38
N ILE E 75 14.44 21.58 43.82
CA ILE E 75 13.17 21.49 43.10
C ILE E 75 12.80 22.90 42.65
N LYS E 76 12.70 23.09 41.34
CA LYS E 76 12.38 24.39 40.75
C LYS E 76 10.98 24.36 40.16
N GLU E 77 10.31 25.51 40.21
CA GLU E 77 8.95 25.64 39.70
C GLU E 77 8.94 26.59 38.51
N ASP E 78 8.20 26.20 37.48
CA ASP E 78 8.02 27.01 36.28
C ASP E 78 6.55 26.97 35.89
N SER E 79 6.17 27.84 34.96
CA SER E 79 4.80 27.96 34.51
C SER E 79 4.44 26.80 33.58
N MET E 80 3.18 26.38 33.63
CA MET E 80 2.69 25.33 32.76
C MET E 80 2.57 25.77 31.31
N GLU E 81 2.69 27.08 31.04
CA GLU E 81 2.63 27.56 29.67
C GLU E 81 3.83 27.13 28.85
N LYS E 82 4.86 26.60 29.49
CA LYS E 82 6.05 26.09 28.80
C LYS E 82 5.97 24.60 28.53
N ILE E 83 4.86 23.94 28.87
CA ILE E 83 4.71 22.51 28.66
C ILE E 83 4.00 22.28 27.33
N ALA E 84 4.65 21.58 26.42
CA ALA E 84 4.09 21.28 25.11
C ALA E 84 4.13 19.77 24.88
N ILE E 85 2.99 19.22 24.47
CA ILE E 85 2.87 17.82 24.08
C ILE E 85 2.70 17.76 22.58
N SER E 86 3.40 16.83 21.93
CA SER E 86 3.31 16.68 20.49
C SER E 86 3.57 15.23 20.10
N THR E 87 2.89 14.78 19.06
CA THR E 87 3.12 13.45 18.49
C THR E 87 3.71 13.54 17.09
N SER E 88 3.04 14.22 16.18
CA SER E 88 3.61 14.59 14.89
C SER E 88 3.48 16.10 14.75
N GLY E 89 2.39 16.63 15.26
CA GLY E 89 2.20 18.05 15.42
C GLY E 89 1.81 18.35 16.85
N PRO E 90 1.57 19.61 17.17
CA PRO E 90 1.23 19.98 18.55
C PRO E 90 -0.07 19.33 19.00
N CYS E 91 -0.12 18.97 20.28
CA CYS E 91 -1.27 18.37 20.92
C CYS E 91 -1.91 19.36 21.89
N ARG E 92 -3.18 19.13 22.17
CA ARG E 92 -3.97 20.00 23.05
C ARG E 92 -3.93 19.44 24.47
N ARG E 93 -3.58 20.30 25.42
CA ARG E 93 -3.49 19.88 26.82
C ARG E 93 -4.87 19.94 27.46
N LEU E 94 -5.36 18.80 27.93
CA LEU E 94 -6.70 18.70 28.51
C LEU E 94 -6.71 18.71 30.03
N GLY E 95 -5.59 18.41 30.66
CA GLY E 95 -5.52 18.42 32.10
C GLY E 95 -4.17 17.96 32.58
N HIS E 96 -3.90 18.25 33.86
CA HIS E 96 -2.64 17.88 34.46
C HIS E 96 -2.82 17.73 35.96
N LYS E 97 -2.16 16.72 36.53
CA LYS E 97 -2.13 16.54 37.98
C LYS E 97 -1.00 15.60 38.31
N GLY E 98 -0.08 16.04 39.17
CA GLY E 98 1.04 15.21 39.54
C GLY E 98 1.88 14.83 38.34
N TYR E 99 2.22 13.55 38.25
CA TYR E 99 3.06 13.08 37.16
C TYR E 99 2.31 12.92 35.86
N PHE E 100 1.04 13.32 35.77
CA PHE E 100 0.17 12.87 34.69
C PHE E 100 -0.33 14.04 33.87
N LEU E 101 -0.33 13.85 32.55
CA LEU E 101 -0.86 14.79 31.58
C LEU E 101 -1.89 14.08 30.72
N LEU E 102 -2.87 14.85 30.24
CA LEU E 102 -3.86 14.37 29.29
C LEU E 102 -3.77 15.23 28.04
N ALA E 103 -3.67 14.59 26.88
CA ALA E 103 -3.44 15.31 25.63
C ALA E 103 -4.29 14.75 24.52
N GLN E 104 -4.80 15.64 23.67
CA GLN E 104 -5.51 15.29 22.45
C GLN E 104 -4.49 15.36 21.32
N CYS E 105 -4.10 14.19 20.80
CA CYS E 105 -2.95 14.12 19.93
C CYS E 105 -3.32 13.60 18.55
N PRO E 106 -2.77 14.18 17.49
CA PRO E 106 -2.90 13.59 16.15
C PRO E 106 -2.09 12.31 16.06
N PRO E 107 -2.39 11.45 15.08
CA PRO E 107 -1.63 10.20 14.94
C PRO E 107 -0.15 10.45 14.69
N GLY E 108 0.67 9.54 15.19
CA GLY E 108 2.11 9.65 15.00
C GLY E 108 2.80 8.44 15.60
N ASP E 109 4.11 8.40 15.41
CA ASP E 109 4.94 7.30 15.87
C ASP E 109 5.71 7.62 17.15
N SER E 110 5.50 8.79 17.74
CA SER E 110 6.24 9.19 18.92
C SER E 110 5.40 10.12 19.77
N VAL E 111 5.80 10.26 21.03
CA VAL E 111 5.18 11.20 21.95
C VAL E 111 6.29 12.05 22.55
N THR E 112 6.14 13.37 22.46
CA THR E 112 7.14 14.33 22.91
C THR E 112 6.55 15.24 23.96
N VAL E 113 7.25 15.38 25.08
CA VAL E 113 6.91 16.34 26.13
C VAL E 113 8.05 17.33 26.20
N SER E 114 7.74 18.62 26.12
CA SER E 114 8.74 19.65 25.94
C SER E 114 8.57 20.78 26.94
N ILE E 115 9.69 21.34 27.37
CA ILE E 115 9.73 22.63 28.03
C ILE E 115 10.21 23.62 26.96
N THR E 116 9.31 24.47 26.50
CA THR E 116 9.50 25.21 25.26
C THR E 116 10.33 26.48 25.42
N SER E 117 10.63 26.90 26.64
CA SER E 117 11.38 28.12 26.84
C SER E 117 12.02 28.08 28.23
N GLY E 118 12.94 29.01 28.46
CA GLY E 118 13.60 29.15 29.74
C GLY E 118 14.94 28.45 29.77
N ALA E 119 15.57 28.53 30.94
CA ALA E 119 16.87 27.89 31.14
C ALA E 119 16.77 26.37 30.98
N SER E 120 15.71 25.77 31.52
CA SER E 120 15.54 24.32 31.46
C SER E 120 14.70 23.90 30.25
N GLU E 121 15.09 24.37 29.07
CA GLU E 121 14.43 23.95 27.84
C GLU E 121 14.90 22.55 27.48
N ASN E 122 13.96 21.62 27.35
CA ASN E 122 14.31 20.22 27.14
C ASN E 122 13.14 19.52 26.48
N SER E 123 13.40 18.30 26.00
CA SER E 123 12.40 17.49 25.36
C SER E 123 12.63 16.03 25.71
N CYS E 124 11.57 15.23 25.60
CA CYS E 124 11.64 13.79 25.82
C CYS E 124 10.73 13.11 24.82
N THR E 125 11.30 12.26 23.98
CA THR E 125 10.57 11.56 22.94
C THR E 125 10.64 10.05 23.20
N VAL E 126 9.49 9.42 23.33
CA VAL E 126 9.41 7.96 23.45
C VAL E 126 8.61 7.43 22.27
N GLU E 127 8.92 6.20 21.90
CA GLU E 127 8.29 5.57 20.75
C GLU E 127 6.91 5.02 21.16
N LYS E 128 5.88 5.40 20.41
CA LYS E 128 4.52 4.96 20.70
C LYS E 128 3.66 5.19 19.47
N LYS E 129 2.91 4.17 19.07
CA LYS E 129 2.05 4.26 17.90
C LYS E 129 0.69 4.80 18.32
N ILE E 130 0.47 6.09 18.08
CA ILE E 130 -0.82 6.72 18.28
C ILE E 130 -1.56 6.68 16.95
N ARG E 131 -2.66 5.94 16.90
CA ARG E 131 -3.42 5.77 15.67
C ARG E 131 -4.75 6.50 15.78
N ARG E 132 -5.49 6.51 14.68
CA ARG E 132 -6.83 7.09 14.65
C ARG E 132 -7.82 6.06 15.17
N LYS E 133 -8.63 6.49 16.14
CA LYS E 133 -9.63 5.63 16.77
C LYS E 133 -11.01 6.14 16.45
N PHE E 134 -11.89 5.23 16.05
CA PHE E 134 -13.29 5.57 15.77
C PHE E 134 -14.18 4.52 16.42
N VAL E 135 -15.41 4.93 16.71
CA VAL E 135 -16.39 4.07 17.37
C VAL E 135 -17.41 3.61 16.35
N GLY E 136 -17.71 2.31 16.36
CA GLY E 136 -18.74 1.77 15.52
C GLY E 136 -18.21 1.08 14.27
N ARG E 137 -19.11 0.93 13.30
CA ARG E 137 -18.84 0.18 12.08
C ARG E 137 -18.66 1.10 10.88
N GLU E 138 -18.31 2.36 11.10
CA GLU E 138 -18.14 3.30 10.01
C GLU E 138 -17.04 4.29 10.37
N GLU E 139 -16.08 4.46 9.45
CA GLU E 139 -14.93 5.31 9.71
C GLU E 139 -15.30 6.78 9.60
N TYR E 140 -14.60 7.60 10.38
CA TYR E 140 -14.76 9.05 10.30
C TYR E 140 -13.44 9.71 10.67
N LEU E 141 -13.29 10.96 10.23
CA LEU E 141 -12.12 11.75 10.61
C LEU E 141 -12.35 12.40 11.98
N PHE E 142 -13.47 13.08 12.14
CA PHE E 142 -13.95 13.58 13.41
C PHE E 142 -15.43 13.25 13.53
N PRO E 143 -15.97 13.20 14.75
CA PRO E 143 -17.38 12.86 14.91
C PRO E 143 -18.27 13.81 14.14
N PRO E 144 -19.30 13.29 13.47
CA PRO E 144 -20.16 14.14 12.66
C PRO E 144 -21.13 14.94 13.51
N VAL E 145 -21.87 15.83 12.83
CA VAL E 145 -22.93 16.56 13.50
C VAL E 145 -24.17 15.70 13.63
N HIS E 146 -24.58 15.05 12.55
CA HIS E 146 -25.75 14.18 12.54
C HIS E 146 -25.31 12.73 12.58
N GLY E 147 -25.97 11.95 13.43
CA GLY E 147 -25.65 10.55 13.56
C GLY E 147 -26.41 9.96 14.74
N LYS E 148 -26.03 8.74 15.10
CA LYS E 148 -26.63 8.06 16.23
C LYS E 148 -25.62 8.03 17.39
N LEU E 149 -26.17 7.95 18.59
CA LEU E 149 -25.36 7.94 19.80
C LEU E 149 -25.00 6.51 20.17
N LEU E 150 -23.71 6.26 20.37
CA LEU E 150 -23.19 4.93 20.67
C LEU E 150 -22.37 4.99 21.94
N LYS E 151 -22.27 3.85 22.62
CA LYS E 151 -21.48 3.80 23.85
C LYS E 151 -20.00 3.80 23.52
N CYS E 152 -19.26 4.72 24.14
CA CYS E 152 -17.82 4.82 23.98
C CYS E 152 -17.22 5.16 25.32
N HIS E 153 -15.95 4.80 25.50
CA HIS E 153 -15.24 5.07 26.74
C HIS E 153 -14.15 6.10 26.48
N ILE E 154 -14.19 7.20 27.24
CA ILE E 154 -13.27 8.30 27.07
C ILE E 154 -12.57 8.56 28.40
N TYR E 155 -11.50 9.35 28.32
CA TYR E 155 -10.78 9.78 29.52
C TYR E 155 -11.46 11.02 30.10
N ASP E 156 -11.95 10.90 31.33
CA ASP E 156 -12.59 12.03 31.98
C ASP E 156 -11.61 13.18 32.12
N HIS E 157 -12.04 14.38 31.73
CA HIS E 157 -11.17 15.55 31.80
C HIS E 157 -10.95 16.02 33.23
N LEU E 158 -11.73 15.53 34.19
CA LEU E 158 -11.59 15.94 35.57
C LEU E 158 -10.43 15.19 36.23
N LYS E 159 -9.58 15.93 36.95
CA LYS E 159 -8.44 15.33 37.61
C LYS E 159 -8.79 14.72 38.95
N GLU E 160 -10.05 14.83 39.40
CA GLU E 160 -10.47 14.26 40.67
C GLU E 160 -10.98 12.84 40.55
N THR E 161 -10.88 12.23 39.36
CA THR E 161 -11.25 10.84 39.16
C THR E 161 -9.98 10.00 39.06
N SER E 162 -10.05 8.77 39.56
CA SER E 162 -8.90 7.88 39.63
C SER E 162 -9.14 6.65 38.78
N ALA E 163 -8.09 6.20 38.09
CA ALA E 163 -8.10 4.96 37.32
C ALA E 163 -7.16 3.92 37.90
N GLY E 164 -6.73 4.10 39.13
CA GLY E 164 -5.78 3.20 39.76
C GLY E 164 -4.87 3.99 40.70
N TYR E 165 -3.71 3.41 40.97
CA TYR E 165 -2.73 4.06 41.85
C TYR E 165 -1.33 3.69 41.41
N ILE E 166 -0.37 4.50 41.85
CA ILE E 166 1.04 4.25 41.63
C ILE E 166 1.76 4.33 42.97
N THR E 167 2.76 3.48 43.14
CA THR E 167 3.37 3.28 44.45
C THR E 167 4.46 4.31 44.69
N MET E 168 4.44 4.92 45.88
CA MET E 168 5.47 5.84 46.33
C MET E 168 6.48 5.11 47.20
N HIS E 169 7.76 5.29 46.87
CA HIS E 169 8.85 4.63 47.56
C HIS E 169 9.84 5.66 48.07
N ARG E 170 10.59 5.27 49.09
CA ARG E 170 11.56 6.18 49.69
C ARG E 170 12.68 6.50 48.69
N PRO E 171 13.19 7.73 48.68
CA PRO E 171 14.25 8.07 47.74
C PRO E 171 15.54 7.33 48.06
N GLY E 172 16.27 6.96 47.01
CA GLY E 172 17.51 6.25 47.16
C GLY E 172 18.70 7.17 47.29
N PRO E 173 19.88 6.60 47.48
CA PRO E 173 21.10 7.42 47.52
C PRO E 173 21.40 8.03 46.16
N HIS E 174 22.07 9.17 46.19
CA HIS E 174 22.48 9.86 44.97
C HIS E 174 23.88 10.41 45.20
N ALA E 175 24.88 9.71 44.69
CA ALA E 175 26.27 10.12 44.83
C ALA E 175 26.60 11.19 43.79
N TYR E 176 27.22 12.27 44.24
CA TYR E 176 27.64 13.36 43.36
C TYR E 176 29.16 13.48 43.41
N LYS E 177 29.78 13.54 42.24
CA LYS E 177 31.23 13.67 42.18
C LYS E 177 31.70 15.10 42.45
N SER E 178 30.78 16.05 42.57
CA SER E 178 31.15 17.39 43.01
C SER E 178 31.61 17.42 44.46
N TYR E 179 31.37 16.35 45.22
CA TYR E 179 31.80 16.25 46.61
C TYR E 179 33.19 15.66 46.76
N LEU E 180 33.91 15.42 45.67
CA LEU E 180 35.24 14.84 45.69
C LEU E 180 36.23 15.81 45.08
N LYS E 181 37.42 15.94 45.70
CA LYS E 181 38.40 16.94 45.28
C LYS E 181 39.59 16.32 44.55
N GLU E 182 40.27 15.36 45.18
CA GLU E 182 41.47 14.76 44.61
C GLU E 182 42.55 15.81 44.35
N ALA E 183 43.02 16.42 45.44
CA ALA E 183 43.92 17.57 45.34
C ALA E 183 45.24 17.24 44.65
N SER E 184 46.08 16.42 45.29
CA SER E 184 47.34 16.02 44.70
C SER E 184 47.45 14.50 44.53
N GLY E 185 47.29 13.75 45.61
CA GLY E 185 47.26 12.31 45.57
C GLY E 185 46.31 11.83 46.64
N GLU E 186 45.56 12.78 47.20
CA GLU E 186 44.68 12.55 48.33
C GLU E 186 43.28 13.00 47.95
N VAL E 187 42.28 12.35 48.52
CA VAL E 187 40.89 12.65 48.25
C VAL E 187 40.31 13.43 49.41
N TYR E 188 39.56 14.49 49.08
CA TYR E 188 38.94 15.36 50.07
C TYR E 188 37.43 15.34 49.88
N ILE E 189 36.71 15.25 50.99
CA ILE E 189 35.26 15.20 50.96
C ILE E 189 34.73 16.61 51.14
N LYS E 190 33.92 17.05 50.18
CA LYS E 190 33.36 18.41 50.17
C LYS E 190 31.86 18.37 50.36
N PRO E 191 31.36 18.65 51.57
CA PRO E 191 29.91 18.80 51.76
C PRO E 191 29.42 20.08 51.12
N PRO E 192 28.15 20.13 50.70
CA PRO E 192 27.60 21.36 50.10
C PRO E 192 27.23 22.40 51.16
N SER E 193 28.25 23.13 51.60
CA SER E 193 28.15 24.20 52.61
C SER E 193 27.55 23.59 53.87
N GLY E 194 26.45 24.11 54.40
CA GLY E 194 25.87 23.59 55.62
C GLY E 194 24.98 22.38 55.41
N LYS E 195 25.56 21.28 54.94
CA LYS E 195 24.85 20.02 54.76
C LYS E 195 25.73 18.88 55.25
N ASN E 196 25.09 17.77 55.59
CA ASN E 196 25.78 16.58 56.06
C ASN E 196 25.86 15.57 54.93
N VAL E 197 27.07 15.06 54.67
CA VAL E 197 27.34 14.15 53.58
C VAL E 197 27.88 12.85 54.16
N THR E 198 27.31 11.73 53.74
CA THR E 198 27.81 10.41 54.11
C THR E 198 28.63 9.83 52.97
N TYR E 199 29.82 9.35 53.30
CA TYR E 199 30.76 8.87 52.31
C TYR E 199 30.99 7.38 52.50
N GLU E 200 31.36 6.72 51.41
CA GLU E 200 31.74 5.31 51.43
C GLU E 200 33.02 5.17 50.62
N CYS E 201 34.03 4.54 51.22
CA CYS E 201 35.32 4.39 50.57
C CYS E 201 35.83 2.97 50.70
N LYS E 202 36.40 2.45 49.62
CA LYS E 202 37.01 1.14 49.56
C LYS E 202 38.50 1.29 49.32
N CYS E 203 39.11 2.25 50.00
CA CYS E 203 40.56 2.46 49.93
C CYS E 203 41.25 1.50 50.92
N GLY E 204 41.35 0.26 50.49
CA GLY E 204 41.86 -0.81 51.34
C GLY E 204 40.80 -1.46 52.22
N ASP E 205 40.03 -0.65 52.94
CA ASP E 205 38.99 -1.14 53.82
C ASP E 205 37.76 -0.25 53.68
N TYR E 206 36.66 -0.70 54.27
CA TYR E 206 35.39 0.00 54.15
C TYR E 206 35.29 1.11 55.19
N SER E 207 35.14 2.35 54.72
CA SER E 207 35.06 3.52 55.59
C SER E 207 33.76 4.27 55.32
N THR E 208 33.05 4.61 56.39
CA THR E 208 31.79 5.33 56.26
C THR E 208 31.66 6.33 57.40
N GLY E 209 31.13 7.51 57.09
CA GLY E 209 30.88 8.51 58.11
C GLY E 209 30.08 9.66 57.54
N ILE E 210 29.46 10.41 58.45
CA ILE E 210 28.72 11.62 58.11
C ILE E 210 29.55 12.82 58.53
N VAL E 211 29.81 13.72 57.59
CA VAL E 211 30.73 14.83 57.81
C VAL E 211 30.10 16.12 57.31
N SER E 212 30.62 17.24 57.82
CA SER E 212 30.12 18.57 57.45
C SER E 212 31.26 19.51 57.09
N THR E 213 32.47 19.00 56.86
CA THR E 213 33.62 19.82 56.55
C THR E 213 34.55 19.04 55.64
N GLN E 214 35.68 19.65 55.28
CA GLN E 214 36.73 18.95 54.55
C GLN E 214 37.22 17.76 55.35
N THR E 215 37.34 16.62 54.67
CA THR E 215 37.84 15.40 55.30
C THR E 215 38.94 14.81 54.44
N LYS E 216 40.07 14.49 55.08
CA LYS E 216 41.27 14.03 54.39
C LYS E 216 41.16 12.59 53.89
N MET E 217 40.26 11.80 54.45
CA MET E 217 40.11 10.37 54.16
C MET E 217 41.39 9.62 54.55
N ASN E 218 41.40 8.30 54.38
CA ASN E 218 42.57 7.50 54.77
C ASN E 218 42.96 6.61 53.60
N GLY E 219 44.18 6.81 53.09
CA GLY E 219 44.73 5.93 52.07
C GLY E 219 44.03 5.98 50.74
N CYS E 220 43.23 7.02 50.48
CA CYS E 220 42.47 7.14 49.24
C CYS E 220 43.29 7.93 48.24
N THR E 221 43.76 7.25 47.20
CA THR E 221 44.61 7.88 46.20
C THR E 221 43.83 8.46 45.03
N LYS E 222 42.63 7.94 44.77
CA LYS E 222 41.82 8.40 43.65
C LYS E 222 40.39 8.64 44.11
N ALA E 223 39.70 9.53 43.39
CA ALA E 223 38.33 9.87 43.76
C ALA E 223 37.34 8.78 43.37
N ARG E 224 37.69 7.90 42.44
CA ARG E 224 36.79 6.82 42.06
C ARG E 224 36.64 5.76 43.15
N GLN E 225 37.51 5.79 44.15
CA GLN E 225 37.44 4.84 45.25
C GLN E 225 36.50 5.30 46.36
N CYS E 226 35.85 6.45 46.20
CA CYS E 226 34.92 6.97 47.19
C CYS E 226 33.68 7.51 46.50
N ILE E 227 32.54 7.39 47.18
CA ILE E 227 31.31 8.04 46.78
C ILE E 227 30.79 8.85 47.96
N ALA E 228 29.96 9.85 47.66
CA ALA E 228 29.43 10.71 48.70
C ALA E 228 28.03 11.15 48.30
N TYR E 229 27.07 10.94 49.21
CA TYR E 229 25.69 11.32 48.96
C TYR E 229 25.12 11.98 50.21
N THR E 230 23.96 12.62 50.04
CA THR E 230 23.27 13.29 51.13
C THR E 230 22.00 12.52 51.48
N ARG E 231 21.80 12.28 52.77
CA ARG E 231 20.62 11.57 53.26
C ARG E 231 19.55 12.53 53.77
N ASP E 232 19.68 13.82 53.49
CA ASP E 232 18.66 14.78 53.91
C ASP E 232 17.34 14.47 53.20
N GLN E 233 17.40 14.16 51.90
CA GLN E 233 16.19 13.97 51.12
C GLN E 233 15.31 12.87 51.70
N THR E 234 14.04 13.17 51.90
CA THR E 234 13.08 12.22 52.44
C THR E 234 11.81 12.13 51.62
N LYS E 235 11.59 13.04 50.68
CA LYS E 235 10.35 13.05 49.91
C LYS E 235 10.27 11.85 49.00
N TRP E 236 9.11 11.21 48.98
CA TRP E 236 8.92 9.96 48.24
C TRP E 236 9.02 10.18 46.73
N VAL E 237 9.44 9.13 46.04
CA VAL E 237 9.64 9.16 44.60
C VAL E 237 8.97 7.95 43.98
N PHE E 238 8.70 8.04 42.68
CA PHE E 238 8.04 6.96 41.97
C PHE E 238 8.97 5.76 41.84
N ASN E 239 8.37 4.59 41.63
CA ASN E 239 9.11 3.34 41.44
C ASN E 239 9.66 3.32 40.01
N SER E 240 10.73 4.10 39.81
CA SER E 240 11.20 4.27 38.44
C SER E 240 12.39 3.37 38.16
N PRO E 241 12.54 2.88 36.93
CA PRO E 241 13.68 2.05 36.57
C PRO E 241 14.98 2.81 36.35
N ASP E 242 15.02 4.11 36.65
CA ASP E 242 16.21 4.92 36.45
C ASP E 242 16.79 5.45 37.75
N LEU E 243 16.31 4.97 38.89
CA LEU E 243 16.83 5.35 40.19
C LEU E 243 17.30 4.10 40.93
N ILE E 244 18.34 4.26 41.74
CA ILE E 244 18.83 3.17 42.55
C ILE E 244 18.00 3.12 43.82
N ARG E 245 17.41 1.96 44.10
CA ARG E 245 16.44 1.83 45.18
C ARG E 245 17.12 1.98 46.53
N HIS E 246 16.31 2.30 47.54
CA HIS E 246 16.78 2.37 48.92
C HIS E 246 16.92 0.96 49.50
N THR E 247 17.63 0.87 50.62
CA THR E 247 17.72 -0.39 51.33
C THR E 247 16.35 -0.84 51.83
N ASP E 248 15.47 0.10 52.10
CA ASP E 248 14.08 -0.17 52.51
C ASP E 248 13.18 0.35 51.40
N HIS E 249 12.73 -0.55 50.53
CA HIS E 249 11.91 -0.18 49.38
C HIS E 249 10.45 -0.55 49.58
N SER E 250 9.99 -0.52 50.83
CA SER E 250 8.59 -0.76 51.12
C SER E 250 7.74 0.40 50.60
N VAL E 251 6.47 0.12 50.34
CA VAL E 251 5.57 1.13 49.81
C VAL E 251 5.25 2.12 50.93
N GLN E 252 5.60 3.39 50.71
CA GLN E 252 5.35 4.43 51.68
C GLN E 252 3.99 5.09 51.49
N GLY E 253 3.51 5.15 50.26
CA GLY E 253 2.23 5.77 49.97
C GLY E 253 1.79 5.44 48.57
N LYS E 254 0.61 5.94 48.21
CA LYS E 254 0.03 5.71 46.89
C LYS E 254 -0.54 7.02 46.36
N LEU E 255 -0.35 7.24 45.06
CA LEU E 255 -0.89 8.41 44.38
C LEU E 255 -1.90 7.99 43.33
N HIS E 256 -2.93 8.82 43.17
CA HIS E 256 -3.98 8.55 42.20
C HIS E 256 -3.46 8.70 40.77
N ILE E 257 -4.02 7.90 39.87
CA ILE E 257 -3.83 8.08 38.44
C ILE E 257 -5.06 8.80 37.90
N PRO E 258 -4.97 10.07 37.54
CA PRO E 258 -6.17 10.81 37.17
C PRO E 258 -6.72 10.42 35.81
N PHE E 259 -7.79 11.08 35.39
CA PHE E 259 -8.39 10.89 34.07
C PHE E 259 -8.84 9.43 33.86
N ARG E 260 -9.79 9.02 34.69
CA ARG E 260 -10.32 7.66 34.64
C ARG E 260 -11.13 7.44 33.37
N LEU E 261 -11.05 6.24 32.83
CA LEU E 261 -11.83 5.85 31.66
C LEU E 261 -13.30 5.67 32.06
N THR E 262 -14.16 6.56 31.57
CA THR E 262 -15.57 6.55 31.95
C THR E 262 -16.44 6.22 30.75
N PRO E 263 -17.61 5.63 30.98
CA PRO E 263 -18.56 5.42 29.88
C PRO E 263 -19.29 6.70 29.53
N THR E 264 -19.35 6.99 28.23
CA THR E 264 -20.09 8.13 27.72
C THR E 264 -20.74 7.70 26.41
N VAL E 265 -21.30 8.65 25.67
CA VAL E 265 -21.91 8.37 24.38
C VAL E 265 -21.27 9.26 23.31
N CYS E 266 -20.90 8.65 22.21
CA CYS E 266 -20.27 9.32 21.08
C CYS E 266 -21.27 9.44 19.94
N ARG E 267 -20.99 10.36 19.02
CA ARG E 267 -21.81 10.54 17.83
C ARG E 267 -21.11 9.90 16.65
N VAL E 268 -21.75 8.88 16.08
CA VAL E 268 -21.14 8.10 15.01
C VAL E 268 -21.95 8.30 13.73
N PRO E 269 -21.33 8.23 12.56
CA PRO E 269 -22.06 8.53 11.32
C PRO E 269 -23.10 7.47 10.99
N LEU E 270 -24.13 7.91 10.28
CA LEU E 270 -25.11 7.02 9.66
C LEU E 270 -24.87 7.07 8.16
N ALA E 271 -24.63 5.91 7.56
CA ALA E 271 -24.25 5.86 6.17
C ALA E 271 -25.46 6.11 5.26
N HIS E 272 -25.18 6.23 3.97
CA HIS E 272 -26.22 6.38 2.97
C HIS E 272 -26.96 5.06 2.81
N THR E 273 -28.26 5.05 3.10
CA THR E 273 -29.04 3.83 3.04
C THR E 273 -29.01 3.27 1.62
N PRO E 274 -28.75 1.98 1.45
CA PRO E 274 -28.55 1.44 0.11
C PRO E 274 -29.85 1.27 -0.65
N THR E 275 -29.72 1.16 -1.97
CA THR E 275 -30.83 0.82 -2.85
C THR E 275 -30.84 -0.69 -3.06
N VAL E 276 -31.99 -1.31 -2.82
CA VAL E 276 -32.11 -2.76 -2.86
C VAL E 276 -32.78 -3.15 -4.16
N THR E 277 -32.08 -3.93 -4.97
CA THR E 277 -32.62 -4.50 -6.20
C THR E 277 -33.01 -5.94 -5.92
N LYS E 278 -34.27 -6.29 -6.19
CA LYS E 278 -34.82 -7.57 -5.80
C LYS E 278 -34.94 -8.47 -7.02
N TRP E 279 -34.28 -9.63 -6.98
CA TRP E 279 -34.45 -10.63 -8.01
C TRP E 279 -34.82 -11.97 -7.38
N PHE E 280 -34.87 -13.02 -8.18
CA PHE E 280 -35.31 -14.32 -7.69
C PHE E 280 -34.28 -14.90 -6.71
N LYS E 281 -34.70 -15.04 -5.45
CA LYS E 281 -33.85 -15.60 -4.39
C LYS E 281 -32.54 -14.81 -4.27
N GLY E 282 -32.66 -13.50 -4.10
CA GLY E 282 -31.48 -12.68 -3.89
C GLY E 282 -31.75 -11.19 -3.94
N ILE E 283 -30.78 -10.40 -3.47
CA ILE E 283 -30.87 -8.94 -3.52
C ILE E 283 -29.53 -8.39 -3.98
N THR E 284 -29.58 -7.17 -4.52
CA THR E 284 -28.40 -6.41 -4.90
C THR E 284 -28.40 -5.12 -4.09
N LEU E 285 -27.28 -4.83 -3.45
CA LEU E 285 -27.13 -3.65 -2.61
C LEU E 285 -26.24 -2.64 -3.33
N HIS E 286 -26.84 -1.52 -3.75
CA HIS E 286 -26.08 -0.42 -4.35
C HIS E 286 -25.63 0.47 -3.20
N LEU E 287 -24.37 0.33 -2.81
CA LEU E 287 -23.85 0.90 -1.58
C LEU E 287 -22.96 2.09 -1.88
N THR E 288 -23.23 3.22 -1.22
CA THR E 288 -22.42 4.42 -1.34
C THR E 288 -21.69 4.63 -0.01
N ALA E 289 -20.37 4.58 -0.05
CA ALA E 289 -19.54 4.81 1.12
C ALA E 289 -18.39 5.74 0.75
N THR E 290 -18.24 6.83 1.51
CA THR E 290 -17.09 7.70 1.33
C THR E 290 -15.89 7.26 2.15
N ARG E 291 -16.14 6.71 3.35
CA ARG E 291 -15.13 6.19 4.24
C ARG E 291 -15.49 4.74 4.56
N PRO E 292 -14.50 3.92 4.92
CA PRO E 292 -14.76 2.48 5.09
C PRO E 292 -15.93 2.19 6.02
N THR E 293 -16.85 1.37 5.53
CA THR E 293 -18.07 1.02 6.22
C THR E 293 -18.22 -0.49 6.25
N LEU E 294 -18.83 -1.02 7.30
CA LEU E 294 -18.92 -2.46 7.51
C LEU E 294 -20.24 -2.99 6.98
N LEU E 295 -20.18 -4.02 6.15
CA LEU E 295 -21.35 -4.72 5.64
C LEU E 295 -21.31 -6.14 6.20
N THR E 296 -22.26 -6.46 7.07
CA THR E 296 -22.36 -7.78 7.68
C THR E 296 -23.65 -8.43 7.24
N THR E 297 -23.57 -9.67 6.77
CA THR E 297 -24.75 -10.43 6.37
C THR E 297 -24.70 -11.80 7.02
N ARG E 298 -25.88 -12.39 7.20
CA ARG E 298 -25.98 -13.75 7.72
C ARG E 298 -27.36 -14.30 7.37
N LYS E 299 -27.38 -15.57 6.97
CA LYS E 299 -28.63 -16.25 6.72
C LYS E 299 -29.29 -16.64 8.04
N LEU E 300 -30.62 -16.54 8.07
CA LEU E 300 -31.40 -16.76 9.28
C LEU E 300 -31.81 -18.22 9.44
N GLY E 301 -31.03 -19.14 8.87
CA GLY E 301 -31.34 -20.54 8.95
C GLY E 301 -30.32 -21.32 9.76
N LEU E 302 -30.20 -22.62 9.48
CA LEU E 302 -29.25 -23.44 10.23
C LEU E 302 -27.82 -22.97 10.01
N ARG E 303 -27.48 -22.60 8.79
CA ARG E 303 -26.12 -22.22 8.43
C ARG E 303 -26.12 -20.74 8.06
N ALA E 304 -25.55 -19.93 8.95
CA ALA E 304 -25.38 -18.49 8.69
C ALA E 304 -24.06 -18.30 7.97
N ASP E 305 -24.12 -18.15 6.65
CA ASP E 305 -22.93 -17.90 5.84
C ASP E 305 -22.52 -16.44 6.02
N ALA E 306 -21.92 -16.17 7.17
CA ALA E 306 -21.65 -14.80 7.57
C ALA E 306 -20.58 -14.17 6.69
N THR E 307 -20.86 -12.96 6.21
CA THR E 307 -19.89 -12.17 5.46
C THR E 307 -19.65 -10.87 6.21
N ALA E 308 -18.39 -10.43 6.23
CA ALA E 308 -18.03 -9.15 6.82
C ALA E 308 -17.05 -8.46 5.88
N GLU E 309 -17.39 -7.26 5.44
CA GLU E 309 -16.59 -6.54 4.47
C GLU E 309 -16.48 -5.08 4.86
N TRP E 310 -15.32 -4.49 4.60
CA TRP E 310 -15.11 -3.06 4.76
C TRP E 310 -15.15 -2.45 3.36
N ILE E 311 -16.16 -1.61 3.11
CA ILE E 311 -16.49 -1.13 1.78
C ILE E 311 -16.20 0.36 1.71
N THR E 312 -15.46 0.76 0.68
CA THR E 312 -15.25 2.16 0.34
C THR E 312 -15.53 2.35 -1.13
N GLY E 313 -16.19 3.45 -1.47
CA GLY E 313 -16.59 3.71 -2.84
C GLY E 313 -18.01 3.25 -3.12
N THR E 314 -18.41 3.45 -4.37
CA THR E 314 -19.72 3.05 -4.84
C THR E 314 -19.61 1.69 -5.51
N THR E 315 -20.35 0.71 -4.99
CA THR E 315 -20.24 -0.67 -5.46
C THR E 315 -21.61 -1.33 -5.39
N SER E 316 -21.68 -2.55 -5.91
CA SER E 316 -22.84 -3.41 -5.79
C SER E 316 -22.39 -4.77 -5.27
N ARG E 317 -23.14 -5.32 -4.32
CA ARG E 317 -22.83 -6.63 -3.75
C ARG E 317 -24.08 -7.50 -3.83
N ASN E 318 -23.92 -8.70 -4.38
CA ASN E 318 -25.04 -9.60 -4.62
C ASN E 318 -25.09 -10.68 -3.54
N PHE E 319 -26.25 -10.80 -2.89
CA PHE E 319 -26.44 -11.75 -1.81
C PHE E 319 -27.61 -12.66 -2.14
N SER E 320 -27.53 -13.90 -1.67
CA SER E 320 -28.55 -14.91 -1.95
C SER E 320 -29.50 -15.03 -0.77
N VAL E 321 -30.78 -14.78 -1.01
CA VAL E 321 -31.81 -14.89 0.00
C VAL E 321 -32.60 -16.17 -0.23
N GLY E 322 -32.99 -16.82 0.86
CA GLY E 322 -33.78 -18.03 0.77
C GLY E 322 -35.11 -17.90 1.50
N ARG E 323 -35.79 -19.03 1.70
CA ARG E 323 -37.06 -18.99 2.41
C ARG E 323 -36.87 -18.62 3.88
N GLU E 324 -35.72 -18.99 4.46
CA GLU E 324 -35.47 -18.68 5.87
C GLU E 324 -35.07 -17.21 6.08
N GLY E 325 -34.46 -16.58 5.10
CA GLY E 325 -34.24 -15.15 5.12
C GLY E 325 -32.76 -14.79 5.14
N LEU E 326 -32.52 -13.48 5.27
CA LEU E 326 -31.18 -12.92 5.32
C LEU E 326 -31.24 -11.61 6.09
N GLU E 327 -30.16 -11.29 6.78
CA GLU E 327 -30.06 -10.06 7.56
C GLU E 327 -28.77 -9.36 7.19
N TYR E 328 -28.86 -8.07 6.87
CA TYR E 328 -27.66 -7.29 6.56
C TYR E 328 -27.64 -6.02 7.39
N VAL E 329 -26.45 -5.66 7.85
CA VAL E 329 -26.21 -4.45 8.63
C VAL E 329 -25.22 -3.59 7.86
N TRP E 330 -25.63 -2.36 7.55
CA TRP E 330 -24.83 -1.43 6.76
C TRP E 330 -24.38 -0.30 7.67
N GLY E 331 -23.14 -0.38 8.15
CA GLY E 331 -22.64 0.67 9.03
C GLY E 331 -23.36 0.66 10.35
N ASN E 332 -23.55 1.85 10.91
CA ASN E 332 -24.26 2.00 12.18
C ASN E 332 -25.76 2.07 11.97
N HIS E 333 -26.29 1.10 11.22
CA HIS E 333 -27.71 1.04 10.90
C HIS E 333 -28.34 -0.16 11.58
N GLU E 334 -29.65 -0.06 11.83
CA GLU E 334 -30.35 -1.18 12.43
C GLU E 334 -30.38 -2.36 11.47
N PRO E 335 -30.31 -3.58 11.97
CA PRO E 335 -30.38 -4.74 11.07
C PRO E 335 -31.72 -4.81 10.36
N VAL E 336 -31.66 -5.13 9.07
CA VAL E 336 -32.85 -5.22 8.23
C VAL E 336 -32.90 -6.63 7.62
N ARG E 337 -34.03 -7.30 7.80
CA ARG E 337 -34.17 -8.70 7.42
C ARG E 337 -35.08 -8.82 6.20
N VAL E 338 -34.68 -9.68 5.26
CA VAL E 338 -35.42 -9.88 4.01
C VAL E 338 -35.60 -11.36 3.79
N TRP E 339 -36.82 -11.77 3.46
CA TRP E 339 -37.16 -13.14 3.12
C TRP E 339 -37.54 -13.23 1.65
N ALA E 340 -37.35 -14.42 1.08
CA ALA E 340 -37.56 -14.66 -0.34
C ALA E 340 -38.82 -15.50 -0.56
N GLN E 341 -39.59 -15.13 -1.58
CA GLN E 341 -40.83 -15.82 -1.94
C GLN E 341 -40.61 -16.68 -3.17
N GLU E 342 -41.66 -17.40 -3.54
CA GLU E 342 -41.60 -18.33 -4.68
C GLU E 342 -42.09 -17.65 -5.96
N SER E 343 -41.40 -16.57 -6.33
CA SER E 343 -41.72 -15.82 -7.54
C SER E 343 -40.90 -16.30 -8.73
N ALA E 344 -40.95 -17.61 -9.00
CA ALA E 344 -40.19 -18.17 -10.10
C ALA E 344 -40.89 -17.90 -11.43
N PRO E 345 -40.12 -17.72 -12.50
CA PRO E 345 -40.73 -17.59 -13.83
C PRO E 345 -41.50 -18.85 -14.20
N GLY E 346 -42.64 -18.66 -14.84
CA GLY E 346 -43.50 -19.75 -15.24
C GLY E 346 -44.80 -19.79 -14.45
N ASP E 347 -45.75 -20.55 -14.98
CA ASP E 347 -47.08 -20.66 -14.38
C ASP E 347 -47.28 -22.08 -13.86
N PRO E 348 -47.50 -22.26 -12.56
CA PRO E 348 -47.74 -23.61 -12.04
C PRO E 348 -49.04 -24.23 -12.54
N HIS E 349 -49.97 -23.45 -13.09
CA HIS E 349 -51.20 -23.97 -13.65
C HIS E 349 -51.24 -23.88 -15.17
N GLY E 350 -50.17 -23.43 -15.81
CA GLY E 350 -50.18 -23.27 -17.24
C GLY E 350 -49.89 -24.56 -17.98
N TRP E 351 -49.19 -24.45 -19.10
CA TRP E 351 -48.83 -25.62 -19.88
C TRP E 351 -47.65 -26.35 -19.23
N PRO E 352 -47.43 -27.62 -19.59
CA PRO E 352 -46.38 -28.40 -18.91
C PRO E 352 -45.01 -27.76 -18.95
N HIS E 353 -44.64 -27.11 -20.05
CA HIS E 353 -43.33 -26.46 -20.09
C HIS E 353 -43.27 -25.30 -19.10
N GLU E 354 -44.35 -24.54 -18.96
CA GLU E 354 -44.37 -23.46 -17.98
C GLU E 354 -44.27 -24.01 -16.56
N ILE E 355 -44.99 -25.10 -16.27
CA ILE E 355 -44.88 -25.73 -14.96
C ILE E 355 -43.45 -26.19 -14.70
N ILE E 356 -42.81 -26.75 -15.74
CA ILE E 356 -41.45 -27.26 -15.58
C ILE E 356 -40.48 -26.12 -15.32
N ILE E 357 -40.66 -24.99 -16.02
CA ILE E 357 -39.81 -23.83 -15.76
C ILE E 357 -39.98 -23.35 -14.31
N HIS E 358 -41.24 -23.25 -13.87
CA HIS E 358 -41.49 -22.78 -12.50
C HIS E 358 -40.82 -23.68 -11.47
N TYR E 359 -41.07 -24.99 -11.56
CA TYR E 359 -40.54 -25.90 -10.56
C TYR E 359 -39.05 -26.16 -10.72
N TYR E 360 -38.47 -25.91 -11.91
CA TYR E 360 -37.03 -26.00 -12.05
C TYR E 360 -36.35 -24.81 -11.40
N HIS E 361 -36.90 -23.61 -11.58
CA HIS E 361 -36.34 -22.46 -10.89
C HIS E 361 -36.53 -22.57 -9.38
N ARG E 362 -37.62 -23.19 -8.93
CA ARG E 362 -37.82 -23.34 -7.49
C ARG E 362 -36.98 -24.47 -6.91
N HIS E 363 -37.21 -25.71 -7.36
CA HIS E 363 -36.54 -26.90 -6.82
C HIS E 363 -35.91 -27.69 -7.94
N PRO E 364 -34.69 -27.33 -8.35
CA PRO E 364 -34.12 -27.90 -9.59
C PRO E 364 -33.83 -29.39 -9.50
N VAL E 365 -33.11 -29.82 -8.47
CA VAL E 365 -32.75 -31.24 -8.37
C VAL E 365 -34.01 -32.09 -8.23
N TYR E 366 -34.97 -31.62 -7.43
CA TYR E 366 -36.20 -32.37 -7.24
C TYR E 366 -36.98 -32.51 -8.54
N THR E 367 -37.13 -31.41 -9.30
CA THR E 367 -37.89 -31.53 -10.54
C THR E 367 -37.15 -32.37 -11.58
N VAL E 368 -35.81 -32.31 -11.59
CA VAL E 368 -35.05 -33.15 -12.50
C VAL E 368 -35.25 -34.63 -12.15
N ILE E 369 -35.23 -34.94 -10.85
CA ILE E 369 -35.45 -36.31 -10.40
C ILE E 369 -36.85 -36.78 -10.80
N VAL E 370 -37.85 -35.93 -10.61
CA VAL E 370 -39.22 -36.33 -10.94
C VAL E 370 -39.41 -36.50 -12.44
N LEU E 371 -38.81 -35.62 -13.25
CA LEU E 371 -38.92 -35.76 -14.69
C LEU E 371 -38.20 -37.00 -15.19
N CYS E 372 -37.03 -37.30 -14.63
CA CYS E 372 -36.36 -38.55 -14.97
C CYS E 372 -37.19 -39.74 -14.52
N GLY E 373 -37.91 -39.60 -13.40
CA GLY E 373 -38.79 -40.66 -12.96
C GLY E 373 -39.93 -40.92 -13.92
N VAL E 374 -40.52 -39.86 -14.46
CA VAL E 374 -41.60 -40.07 -15.44
C VAL E 374 -41.04 -40.62 -16.74
N ALA E 375 -39.82 -40.22 -17.12
CA ALA E 375 -39.19 -40.79 -18.31
C ALA E 375 -38.94 -42.28 -18.12
N LEU E 376 -38.44 -42.67 -16.95
CA LEU E 376 -38.26 -44.09 -16.66
C LEU E 376 -39.60 -44.80 -16.65
N ALA E 377 -40.64 -44.17 -16.10
CA ALA E 377 -41.94 -44.80 -16.04
C ALA E 377 -42.49 -45.07 -17.43
N ILE E 378 -42.37 -44.11 -18.35
CA ILE E 378 -42.88 -44.36 -19.69
C ILE E 378 -42.02 -45.40 -20.40
N LEU E 379 -40.69 -45.28 -20.32
CA LEU E 379 -39.81 -46.18 -21.07
C LEU E 379 -39.93 -47.61 -20.55
N VAL E 380 -39.62 -47.82 -19.27
CA VAL E 380 -39.84 -49.10 -18.62
C VAL E 380 -41.34 -49.19 -18.35
N GLY E 381 -42.04 -49.89 -19.22
CA GLY E 381 -43.48 -50.01 -19.17
C GLY E 381 -44.07 -49.93 -20.57
N THR E 382 -43.56 -49.06 -21.43
CA THR E 382 -43.83 -49.23 -22.85
C THR E 382 -43.01 -50.39 -23.39
N ALA E 383 -41.73 -50.46 -23.01
CA ALA E 383 -40.93 -51.61 -23.35
C ALA E 383 -41.50 -52.89 -22.74
N SER E 384 -41.95 -52.84 -21.49
CA SER E 384 -42.52 -54.01 -20.84
C SER E 384 -43.82 -54.47 -21.49
N SER E 385 -44.73 -53.54 -21.80
CA SER E 385 -45.96 -53.92 -22.47
C SER E 385 -45.70 -54.47 -23.87
N ALA E 386 -44.79 -53.83 -24.61
CA ALA E 386 -44.45 -54.32 -25.94
C ALA E 386 -43.82 -55.70 -25.87
N ALA E 387 -42.94 -55.94 -24.89
CA ALA E 387 -42.32 -57.24 -24.74
C ALA E 387 -43.35 -58.31 -24.37
N CYS E 388 -44.28 -57.97 -23.47
CA CYS E 388 -45.31 -58.94 -23.09
C CYS E 388 -46.22 -59.27 -24.27
N ILE E 389 -46.65 -58.25 -25.01
CA ILE E 389 -47.53 -58.50 -26.15
C ILE E 389 -46.79 -59.23 -27.26
N ALA E 390 -45.49 -58.98 -27.40
CA ALA E 390 -44.70 -59.69 -28.40
C ALA E 390 -44.48 -61.15 -28.01
N LYS E 391 -44.26 -61.40 -26.72
CA LYS E 391 -44.18 -62.78 -26.25
C LYS E 391 -45.50 -63.50 -26.48
N ALA E 392 -46.62 -62.83 -26.20
CA ALA E 392 -47.92 -63.43 -26.44
C ALA E 392 -48.12 -63.72 -27.93
N ARG E 393 -47.76 -62.78 -28.79
CA ARG E 393 -47.90 -63.00 -30.23
C ARG E 393 -47.02 -64.14 -30.72
N ARG E 394 -45.76 -64.17 -30.28
CA ARG E 394 -44.85 -65.22 -30.69
C ARG E 394 -45.32 -66.58 -30.22
N ASP E 395 -45.71 -66.69 -28.96
CA ASP E 395 -46.13 -67.96 -28.39
C ASP E 395 -47.59 -68.30 -28.70
N CYS E 396 -48.31 -67.42 -29.39
CA CYS E 396 -49.60 -67.80 -29.97
C CYS E 396 -49.43 -68.24 -31.42
N LEU E 397 -48.49 -67.62 -32.14
CA LEU E 397 -48.24 -67.97 -33.55
C LEU E 397 -47.49 -69.29 -33.68
N THR E 398 -46.50 -69.52 -32.81
CA THR E 398 -45.62 -70.68 -32.99
C THR E 398 -46.30 -72.03 -32.82
N PRO E 399 -47.16 -72.28 -31.79
CA PRO E 399 -47.45 -73.69 -31.41
C PRO E 399 -48.11 -74.51 -32.51
N TYR E 400 -49.09 -73.95 -33.20
CA TYR E 400 -49.77 -74.67 -34.27
C TYR E 400 -49.91 -73.87 -35.56
N ALA E 401 -49.98 -72.53 -35.48
CA ALA E 401 -50.12 -71.74 -36.70
C ALA E 401 -48.88 -71.80 -37.56
N LEU E 402 -47.70 -71.72 -36.95
CA LEU E 402 -46.43 -71.77 -37.67
C LEU E 402 -45.92 -73.20 -37.84
N ALA E 403 -46.56 -74.16 -37.20
CA ALA E 403 -46.11 -75.54 -37.27
C ALA E 403 -46.10 -76.04 -38.72
N PRO E 404 -45.12 -76.86 -39.08
CA PRO E 404 -45.03 -77.34 -40.47
C PRO E 404 -46.27 -78.14 -40.85
N ASN E 405 -46.64 -78.02 -42.13
CA ASN E 405 -47.84 -78.63 -42.71
C ASN E 405 -49.03 -78.56 -41.76
N ALA E 406 -49.24 -77.37 -41.19
CA ALA E 406 -50.35 -77.10 -40.30
C ALA E 406 -51.17 -75.94 -40.85
N THR E 407 -52.48 -76.01 -40.65
CA THR E 407 -53.41 -75.01 -41.17
C THR E 407 -54.19 -74.39 -40.03
N VAL E 408 -54.15 -73.06 -39.93
CA VAL E 408 -54.96 -72.31 -38.98
C VAL E 408 -55.77 -71.30 -39.77
N PRO E 409 -57.09 -71.42 -39.83
CA PRO E 409 -57.91 -70.52 -40.65
C PRO E 409 -58.08 -69.16 -40.01
N THR E 410 -58.88 -68.33 -40.70
CA THR E 410 -58.99 -66.91 -40.33
C THR E 410 -59.63 -66.73 -38.97
N ALA E 411 -60.57 -67.61 -38.60
CA ALA E 411 -61.34 -67.43 -37.39
C ALA E 411 -60.46 -67.34 -36.15
N LEU E 412 -59.48 -68.22 -36.04
CA LEU E 412 -58.52 -68.17 -34.94
C LEU E 412 -57.14 -67.66 -35.37
N ALA E 413 -57.02 -67.13 -36.59
CA ALA E 413 -55.79 -66.47 -36.99
C ALA E 413 -55.89 -64.95 -36.85
N VAL E 414 -56.88 -64.34 -37.51
CA VAL E 414 -56.95 -62.88 -37.58
C VAL E 414 -57.65 -62.29 -36.36
N LEU E 415 -58.14 -63.11 -35.43
CA LEU E 415 -58.75 -62.56 -34.23
C LEU E 415 -57.73 -61.79 -33.39
N CYS E 416 -56.47 -62.21 -33.43
CA CYS E 416 -55.41 -61.51 -32.72
C CYS E 416 -54.09 -61.44 -33.50
N CYS E 417 -54.00 -62.02 -34.69
CA CYS E 417 -52.74 -62.04 -35.40
C CYS E 417 -52.57 -60.77 -36.22
N ILE E 418 -51.39 -60.64 -36.85
CA ILE E 418 -51.05 -59.50 -37.69
C ILE E 418 -51.18 -58.19 -36.93
N LYS F 1 45.19 -7.17 22.80
CA LYS F 1 44.70 -6.10 21.95
C LYS F 1 43.21 -6.25 21.67
N CYS F 2 42.62 -5.27 21.00
CA CYS F 2 41.22 -5.31 20.65
C CYS F 2 40.98 -4.43 19.42
N GLU F 3 39.80 -4.60 18.82
CA GLU F 3 39.50 -4.02 17.53
C GLU F 3 39.46 -2.49 17.61
N PRO F 4 39.60 -1.81 16.46
CA PRO F 4 39.46 -0.35 16.45
C PRO F 4 38.12 0.15 16.93
N SER F 5 37.12 -0.73 17.06
CA SER F 5 35.84 -0.36 17.66
C SER F 5 35.95 -0.11 19.16
N GLN F 6 37.13 -0.37 19.76
CA GLN F 6 37.33 -0.15 21.18
C GLN F 6 38.64 0.58 21.40
N PHE F 7 38.65 1.46 22.39
CA PHE F 7 39.82 2.23 22.81
C PHE F 7 40.44 1.56 24.02
N GLN F 8 41.75 1.35 23.97
CA GLN F 8 42.44 0.62 25.02
C GLN F 8 42.84 1.56 26.15
N CYS F 9 42.40 1.23 27.36
CA CYS F 9 42.95 1.82 28.57
C CYS F 9 44.46 1.57 28.60
N THR F 10 45.16 2.31 29.45
CA THR F 10 46.54 1.93 29.74
C THR F 10 46.57 0.93 30.90
N ASN F 11 45.71 -0.07 30.80
CA ASN F 11 45.60 -1.13 31.80
C ASN F 11 45.53 -2.49 31.13
N GLY F 12 44.91 -2.55 29.95
CA GLY F 12 44.71 -3.79 29.24
C GLY F 12 43.26 -4.03 28.84
N ARG F 13 42.34 -3.44 29.59
CA ARG F 13 40.92 -3.51 29.29
C ARG F 13 40.53 -2.32 28.45
N CYS F 14 39.80 -2.56 27.36
CA CYS F 14 39.46 -1.50 26.41
C CYS F 14 37.97 -1.21 26.42
N ILE F 15 37.63 0.08 26.56
CA ILE F 15 36.26 0.57 26.52
C ILE F 15 36.01 1.15 25.13
N THR F 16 34.73 1.28 24.75
CA THR F 16 34.40 1.75 23.42
C THR F 16 34.72 3.24 23.25
N LEU F 17 34.81 3.69 21.99
CA LEU F 17 35.17 5.08 21.71
C LEU F 17 34.14 6.06 22.24
N LEU F 18 32.87 5.65 22.33
CA LEU F 18 31.85 6.56 22.85
C LEU F 18 32.14 6.94 24.30
N TRP F 19 32.92 6.12 25.00
CA TRP F 19 33.31 6.39 26.38
C TRP F 19 34.63 7.12 26.49
N LYS F 20 35.29 7.42 25.36
CA LYS F 20 36.53 8.17 25.35
C LYS F 20 36.26 9.62 24.97
N CYS F 21 36.90 10.53 25.70
CA CYS F 21 36.68 11.96 25.52
C CYS F 21 35.21 12.32 25.66
N ASP F 22 34.59 11.80 26.73
CA ASP F 22 33.19 12.06 27.02
C ASP F 22 33.00 12.78 28.35
N GLY F 23 34.07 13.26 28.97
CA GLY F 23 34.00 13.94 30.24
C GLY F 23 33.87 13.06 31.46
N ASP F 24 33.84 11.74 31.27
CA ASP F 24 33.70 10.78 32.36
C ASP F 24 34.94 9.91 32.44
N GLU F 25 35.48 9.74 33.64
CA GLU F 25 36.65 8.90 33.86
C GLU F 25 36.18 7.45 33.95
N ASP F 26 36.46 6.67 32.91
CA ASP F 26 36.17 5.24 32.94
C ASP F 26 37.42 4.41 32.59
N CYS F 27 38.60 4.95 32.85
CA CYS F 27 39.84 4.20 32.87
C CYS F 27 40.35 4.18 34.30
N VAL F 28 40.94 3.06 34.71
CA VAL F 28 41.43 2.94 36.08
C VAL F 28 42.43 4.04 36.39
N ASP F 29 43.30 4.36 35.44
CA ASP F 29 44.23 5.49 35.58
C ASP F 29 43.77 6.73 34.85
N GLY F 30 42.55 6.73 34.32
CA GLY F 30 42.03 7.91 33.64
C GLY F 30 42.62 8.18 32.28
N SER F 31 43.14 7.17 31.60
CA SER F 31 43.79 7.38 30.31
C SER F 31 42.79 7.54 29.18
N ASP F 32 41.49 7.64 29.46
CA ASP F 32 40.52 7.89 28.41
C ASP F 32 40.07 9.34 28.34
N GLU F 33 40.45 10.16 29.32
CA GLU F 33 40.03 11.55 29.38
C GLU F 33 41.17 12.53 29.21
N LYS F 34 42.30 12.30 29.85
CA LYS F 34 43.41 13.25 29.82
C LYS F 34 44.30 13.05 28.60
N ASN F 35 43.68 12.93 27.43
CA ASN F 35 44.40 12.99 26.16
C ASN F 35 43.69 13.78 25.07
N CYS F 36 42.38 13.92 25.11
CA CYS F 36 41.64 14.56 24.03
C CYS F 36 41.46 16.05 24.34
N VAL F 37 41.06 16.81 23.33
CA VAL F 37 41.08 18.27 23.41
C VAL F 37 39.73 18.81 23.90
N LYS F 38 38.91 17.98 24.54
CA LYS F 38 37.64 18.43 25.11
C LYS F 38 37.92 19.07 26.46
N LYS F 39 38.41 20.30 26.41
CA LYS F 39 38.72 21.09 27.60
C LYS F 39 37.57 22.00 28.02
N THR F 40 36.40 21.86 27.39
CA THR F 40 35.28 22.74 27.68
C THR F 40 34.80 22.55 29.11
N CYS F 41 34.34 23.63 29.72
CA CYS F 41 33.75 23.59 31.06
C CYS F 41 32.23 23.70 30.95
N ALA F 42 31.54 23.05 31.89
CA ALA F 42 30.10 23.00 31.84
C ALA F 42 29.49 24.38 32.11
N GLU F 43 28.17 24.46 31.93
CA GLU F 43 27.47 25.73 32.12
C GLU F 43 27.60 26.23 33.55
N SER F 44 27.53 25.31 34.52
CA SER F 44 27.63 25.66 35.93
C SER F 44 29.05 25.53 36.47
N ASP F 45 30.03 25.27 35.62
CA ASP F 45 31.40 25.02 36.06
C ASP F 45 32.20 26.32 36.04
N PHE F 46 32.74 26.70 37.20
CA PHE F 46 33.62 27.84 37.28
C PHE F 46 34.98 27.51 36.67
N VAL F 47 35.67 28.53 36.18
CA VAL F 47 36.95 28.36 35.48
C VAL F 47 38.01 29.15 36.25
N CYS F 48 39.08 28.48 36.65
CA CYS F 48 40.19 29.19 37.30
C CYS F 48 40.89 30.11 36.32
N ASN F 49 41.70 31.01 36.87
CA ASN F 49 42.67 31.71 36.05
C ASN F 49 43.72 30.76 35.49
N ASN F 50 43.88 29.59 36.10
CA ASN F 50 44.78 28.55 35.62
C ASN F 50 44.13 27.63 34.59
N GLY F 51 42.82 27.80 34.33
CA GLY F 51 42.13 27.02 33.34
C GLY F 51 41.47 25.75 33.87
N GLN F 52 41.64 25.42 35.14
CA GLN F 52 41.04 24.22 35.69
C GLN F 52 39.54 24.36 35.77
N CYS F 53 38.83 23.22 35.68
CA CYS F 53 37.38 23.17 35.69
C CYS F 53 36.94 22.80 37.11
N VAL F 54 36.47 23.78 37.86
CA VAL F 54 36.07 23.59 39.25
C VAL F 54 34.60 23.94 39.39
N PRO F 55 33.83 23.22 40.21
CA PRO F 55 32.42 23.57 40.38
C PRO F 55 32.26 24.95 41.00
N SER F 56 31.18 25.63 40.60
CA SER F 56 30.93 26.99 41.07
C SER F 56 30.76 27.06 42.57
N ARG F 57 30.26 25.99 43.19
CA ARG F 57 30.09 25.98 44.63
C ARG F 57 31.44 26.07 45.35
N TRP F 58 32.50 25.58 44.72
CA TRP F 58 33.81 25.58 45.37
C TRP F 58 34.38 26.99 45.50
N LYS F 59 33.83 27.96 44.79
CA LYS F 59 34.37 29.31 44.81
C LYS F 59 34.06 30.01 46.12
N CYS F 60 35.08 30.65 46.70
CA CYS F 60 35.04 31.27 48.03
C CYS F 60 34.23 30.44 49.01
N ASP F 61 34.63 29.18 49.15
CA ASP F 61 34.09 28.28 50.16
C ASP F 61 34.88 28.31 51.46
N GLY F 62 35.98 29.07 51.51
CA GLY F 62 36.80 29.16 52.69
C GLY F 62 38.09 28.36 52.66
N ASP F 63 38.28 27.49 51.68
CA ASP F 63 39.48 26.67 51.59
C ASP F 63 40.00 26.66 50.16
N PRO F 64 41.30 26.80 49.94
CA PRO F 64 41.84 26.76 48.58
C PRO F 64 41.63 25.39 47.94
N ASP F 65 41.17 25.41 46.68
CA ASP F 65 40.88 24.18 45.97
C ASP F 65 41.67 24.08 44.67
N CYS F 66 41.77 25.19 43.95
CA CYS F 66 42.40 25.19 42.64
C CYS F 66 43.89 25.44 42.79
N GLU F 67 44.65 25.01 41.78
CA GLU F 67 46.11 24.97 41.91
C GLU F 67 46.69 26.36 42.22
N ASP F 68 46.26 27.38 41.49
CA ASP F 68 46.80 28.72 41.69
C ASP F 68 46.17 29.44 42.87
N GLY F 69 45.11 28.89 43.46
CA GLY F 69 44.43 29.56 44.55
C GLY F 69 43.51 30.68 44.14
N SER F 70 43.27 30.85 42.84
CA SER F 70 42.37 31.91 42.37
C SER F 70 40.95 31.71 42.88
N ASP F 71 40.57 30.48 43.21
CA ASP F 71 39.24 30.24 43.77
C ASP F 71 39.06 30.92 45.12
N GLU F 72 40.15 31.14 45.85
CA GLU F 72 40.09 31.74 47.19
C GLU F 72 40.86 33.05 47.27
N SER F 73 41.21 33.65 46.15
CA SER F 73 41.87 34.95 46.19
C SER F 73 40.87 36.02 46.64
N PRO F 74 41.31 37.00 47.42
CA PRO F 74 40.38 38.07 47.83
C PRO F 74 39.83 38.86 46.66
N GLU F 75 40.59 39.02 45.58
CA GLU F 75 40.11 39.72 44.40
C GLU F 75 38.96 38.97 43.74
N GLN F 76 39.10 37.64 43.59
CA GLN F 76 38.10 36.86 42.88
C GLN F 76 36.80 36.72 43.67
N CYS F 77 36.86 36.74 45.00
CA CYS F 77 35.66 36.73 45.83
C CYS F 77 35.97 37.56 47.07
N HIS F 78 35.27 38.69 47.21
CA HIS F 78 35.61 39.65 48.26
C HIS F 78 35.29 39.08 49.64
N MET F 79 36.20 39.32 50.58
CA MET F 79 35.98 38.94 51.98
C MET F 79 36.30 40.12 52.90
N PHE G 1 58.82 -40.47 13.07
CA PHE G 1 58.11 -41.24 12.07
C PHE G 1 57.07 -40.40 11.33
N GLU G 2 56.66 -40.88 10.16
CA GLU G 2 55.59 -40.27 9.39
C GLU G 2 54.29 -41.00 9.69
N HIS G 3 53.25 -40.24 10.03
CA HIS G 3 51.92 -40.78 10.25
C HIS G 3 50.97 -40.19 9.21
N ALA G 4 50.60 -41.00 8.23
CA ALA G 4 49.66 -40.58 7.20
C ALA G 4 48.26 -40.58 7.80
N THR G 5 47.77 -39.41 8.17
CA THR G 5 46.44 -39.25 8.73
C THR G 5 45.63 -38.34 7.81
N THR G 6 44.32 -38.57 7.77
CA THR G 6 43.39 -37.78 6.98
C THR G 6 42.42 -37.11 7.94
N VAL G 7 42.77 -35.89 8.37
CA VAL G 7 41.93 -35.14 9.31
C VAL G 7 40.78 -34.50 8.54
N PRO G 8 39.54 -34.76 8.92
CA PRO G 8 38.41 -34.06 8.30
C PRO G 8 38.47 -32.57 8.61
N ASN G 9 38.23 -31.76 7.59
CA ASN G 9 38.34 -30.30 7.72
C ASN G 9 37.01 -29.75 8.24
N VAL G 10 36.82 -29.89 9.55
CA VAL G 10 35.70 -29.23 10.22
C VAL G 10 36.25 -28.56 11.47
N PRO G 11 36.01 -27.26 11.66
CA PRO G 11 36.76 -26.49 12.67
C PRO G 11 36.26 -26.63 14.10
N GLY G 12 36.78 -27.61 14.83
CA GLY G 12 36.53 -27.66 16.26
C GLY G 12 36.47 -29.02 16.90
N ILE G 13 36.18 -30.06 16.11
CA ILE G 13 36.10 -31.42 16.61
C ILE G 13 37.48 -32.06 16.47
N PRO G 14 38.13 -32.46 17.55
CA PRO G 14 39.45 -33.09 17.45
C PRO G 14 39.36 -34.41 16.71
N TYR G 15 40.46 -34.75 16.04
CA TYR G 15 40.63 -36.04 15.38
C TYR G 15 41.64 -36.84 16.19
N LYS G 16 41.20 -37.97 16.72
CA LYS G 16 42.03 -38.79 17.60
C LYS G 16 42.59 -39.96 16.80
N ALA G 17 43.90 -40.12 16.84
CA ALA G 17 44.57 -41.23 16.18
C ALA G 17 45.55 -41.85 17.17
N LEU G 18 46.23 -42.91 16.73
CA LEU G 18 47.18 -43.63 17.56
C LEU G 18 48.35 -44.03 16.68
N VAL G 19 49.56 -43.63 17.06
CA VAL G 19 50.76 -43.91 16.29
C VAL G 19 51.62 -44.90 17.08
N GLU G 20 51.99 -46.01 16.44
CA GLU G 20 52.82 -47.01 17.07
C GLU G 20 53.93 -47.41 16.10
N ARG G 21 55.07 -47.77 16.68
CA ARG G 21 56.10 -48.51 15.97
C ARG G 21 56.56 -49.66 16.84
N ALA G 22 56.98 -50.75 16.19
CA ALA G 22 57.28 -51.99 16.90
C ALA G 22 58.37 -51.77 17.93
N GLY G 23 58.07 -52.12 19.19
CA GLY G 23 58.99 -51.93 20.28
C GLY G 23 58.80 -50.68 21.09
N TYR G 24 57.84 -49.83 20.73
CA TYR G 24 57.55 -48.59 21.44
C TYR G 24 56.09 -48.57 21.88
N ALA G 25 55.81 -47.81 22.93
CA ALA G 25 54.45 -47.66 23.39
C ALA G 25 53.66 -46.78 22.42
N PRO G 26 52.37 -47.07 22.22
CA PRO G 26 51.55 -46.21 21.36
C PRO G 26 51.42 -44.81 21.94
N LEU G 27 51.28 -43.84 21.04
CA LEU G 27 51.17 -42.44 21.41
C LEU G 27 49.81 -41.92 20.94
N ASN G 28 49.25 -40.98 21.70
CA ASN G 28 47.96 -40.40 21.37
C ASN G 28 48.15 -39.14 20.53
N LEU G 29 47.47 -39.06 19.40
CA LEU G 29 47.54 -37.92 18.50
C LEU G 29 46.19 -37.22 18.47
N GLU G 30 46.19 -35.91 18.68
CA GLU G 30 44.97 -35.12 18.65
C GLU G 30 45.20 -33.90 17.78
N ILE G 31 44.59 -33.88 16.60
CA ILE G 31 44.71 -32.77 15.66
C ILE G 31 43.39 -32.02 15.70
N THR G 32 43.44 -30.75 16.04
CA THR G 32 42.26 -29.88 16.07
C THR G 32 42.46 -28.73 15.11
N VAL G 33 41.50 -28.54 14.22
CA VAL G 33 41.52 -27.44 13.25
C VAL G 33 40.87 -26.24 13.94
N VAL G 34 41.71 -25.32 14.41
CA VAL G 34 41.19 -24.17 15.17
C VAL G 34 40.59 -23.14 14.22
N SER G 35 41.34 -22.74 13.20
CA SER G 35 40.87 -21.74 12.26
C SER G 35 41.31 -22.12 10.86
N SER G 36 40.51 -21.70 9.88
CA SER G 36 40.81 -21.92 8.47
C SER G 36 40.67 -20.60 7.74
N GLU G 37 41.49 -20.40 6.70
CA GLU G 37 41.49 -19.18 5.92
C GLU G 37 41.60 -19.54 4.44
N LEU G 38 40.57 -19.20 3.67
CA LEU G 38 40.58 -19.36 2.22
C LEU G 38 40.78 -17.97 1.62
N THR G 39 42.02 -17.65 1.27
CA THR G 39 42.35 -16.35 0.72
C THR G 39 42.56 -16.48 -0.79
N PRO G 40 41.72 -15.89 -1.62
CA PRO G 40 41.94 -15.95 -3.07
C PRO G 40 42.80 -14.79 -3.55
N SER G 41 43.44 -15.00 -4.68
CA SER G 41 44.28 -13.98 -5.31
C SER G 41 43.38 -13.03 -6.07
N THR G 42 43.32 -11.77 -5.63
CA THR G 42 42.40 -10.81 -6.19
C THR G 42 43.12 -9.87 -7.16
N ASN G 43 42.33 -9.21 -8.00
CA ASN G 43 42.85 -8.21 -8.93
C ASN G 43 41.82 -7.10 -9.02
N LYS G 44 42.22 -5.88 -8.67
CA LYS G 44 41.30 -4.76 -8.63
C LYS G 44 41.03 -4.25 -10.04
N GLU G 45 39.78 -4.36 -10.49
CA GLU G 45 39.41 -3.86 -11.80
C GLU G 45 39.18 -2.35 -11.77
N TYR G 46 38.20 -1.90 -11.00
CA TYR G 46 37.90 -0.47 -10.92
C TYR G 46 37.10 -0.20 -9.64
N VAL G 47 36.76 1.07 -9.46
CA VAL G 47 35.98 1.55 -8.32
C VAL G 47 34.80 2.33 -8.86
N THR G 48 33.61 2.08 -8.31
CA THR G 48 32.40 2.76 -8.74
C THR G 48 31.62 3.26 -7.52
N CYS G 49 30.84 4.31 -7.74
CA CYS G 49 29.97 4.88 -6.73
C CYS G 49 28.96 5.77 -7.45
N LYS G 50 28.20 6.55 -6.67
CA LYS G 50 27.27 7.50 -7.26
C LYS G 50 28.02 8.67 -7.87
N PHE G 51 27.66 9.01 -9.10
CA PHE G 51 28.35 10.08 -9.80
C PHE G 51 27.77 11.43 -9.43
N HIS G 52 28.59 12.47 -9.61
CA HIS G 52 28.16 13.84 -9.41
C HIS G 52 28.22 14.56 -10.76
N THR G 53 27.06 14.94 -11.28
CA THR G 53 27.01 15.62 -12.56
C THR G 53 27.48 17.06 -12.37
N VAL G 54 28.51 17.44 -13.11
CA VAL G 54 29.08 18.77 -13.02
C VAL G 54 28.65 19.55 -14.25
N ILE G 55 27.82 20.57 -14.04
CA ILE G 55 27.42 21.46 -15.12
C ILE G 55 28.16 22.77 -14.92
N PRO G 56 29.19 23.05 -15.71
CA PRO G 56 29.93 24.31 -15.56
C PRO G 56 29.04 25.49 -15.92
N SER G 57 29.56 26.68 -15.64
CA SER G 57 28.84 27.90 -15.95
C SER G 57 28.68 28.01 -17.47
N PRO G 58 27.47 28.25 -17.97
CA PRO G 58 27.27 28.32 -19.41
C PRO G 58 28.09 29.44 -20.04
N GLN G 59 28.57 29.18 -21.26
CA GLN G 59 29.28 30.18 -22.04
C GLN G 59 28.32 30.72 -23.10
N VAL G 60 28.24 32.05 -23.20
CA VAL G 60 27.40 32.71 -24.17
C VAL G 60 28.26 33.66 -25.00
N LYS G 61 28.12 33.57 -26.32
CA LYS G 61 28.76 34.49 -27.24
C LYS G 61 27.66 35.32 -27.89
N CYS G 62 27.68 36.63 -27.63
CA CYS G 62 26.52 37.45 -27.96
C CYS G 62 26.30 37.53 -29.47
N CYS G 63 27.33 37.90 -30.23
CA CYS G 63 27.23 37.95 -31.69
C CYS G 63 28.43 37.18 -32.23
N GLY G 64 28.26 35.87 -32.39
CA GLY G 64 29.34 35.01 -32.80
C GLY G 64 28.91 33.55 -32.70
N SER G 65 29.89 32.67 -32.83
CA SER G 65 29.67 31.24 -32.79
C SER G 65 30.69 30.57 -31.89
N LEU G 66 30.26 29.50 -31.22
CA LEU G 66 31.10 28.74 -30.31
C LEU G 66 31.26 27.32 -30.82
N GLU G 67 32.40 26.72 -30.52
CA GLU G 67 32.73 25.38 -30.98
C GLU G 67 32.83 24.42 -29.81
N CYS G 68 32.56 23.15 -30.09
CA CYS G 68 32.73 22.08 -29.10
C CYS G 68 34.16 21.56 -29.17
N LYS G 69 34.85 21.60 -28.04
CA LYS G 69 36.24 21.15 -27.97
C LYS G 69 36.31 19.88 -27.12
N ALA G 70 37.06 18.90 -27.63
CA ALA G 70 37.13 17.59 -26.98
C ALA G 70 37.83 17.69 -25.64
N SER G 71 37.32 16.95 -24.66
CA SER G 71 37.85 16.94 -23.31
C SER G 71 37.97 15.52 -22.80
N SER G 72 38.82 15.34 -21.79
CA SER G 72 39.11 14.03 -21.22
C SER G 72 38.19 13.66 -20.07
N LYS G 73 37.36 14.58 -19.60
CA LYS G 73 36.54 14.32 -18.41
C LYS G 73 35.49 13.25 -18.69
N ALA G 74 34.98 12.67 -17.61
CA ALA G 74 34.08 11.53 -17.73
C ALA G 74 32.74 11.96 -18.31
N ASP G 75 32.31 11.26 -19.37
CA ASP G 75 31.04 11.52 -20.04
C ASP G 75 30.89 13.00 -20.37
N TYR G 76 31.88 13.54 -21.07
CA TYR G 76 31.87 14.95 -21.44
C TYR G 76 30.91 15.16 -22.61
N THR G 77 29.75 15.73 -22.31
CA THR G 77 28.78 16.10 -23.33
C THR G 77 28.86 17.60 -23.57
N CYS G 78 28.76 18.00 -24.83
CA CYS G 78 29.00 19.39 -25.23
C CYS G 78 28.13 19.71 -26.43
N ARG G 79 27.30 20.74 -26.31
CA ARG G 79 26.41 21.13 -27.39
C ARG G 79 26.37 22.65 -27.50
N VAL G 80 26.06 23.13 -28.70
CA VAL G 80 26.04 24.55 -29.03
C VAL G 80 24.64 24.89 -29.52
N PHE G 81 23.98 25.82 -28.84
CA PHE G 81 22.62 26.22 -29.15
C PHE G 81 22.58 27.66 -29.63
N GLY G 82 22.03 27.89 -30.82
CA GLY G 82 21.87 29.21 -31.36
C GLY G 82 20.55 29.85 -30.96
N GLY G 83 20.52 31.18 -31.01
CA GLY G 83 19.32 31.94 -30.69
C GLY G 83 18.81 31.72 -29.28
N VAL G 84 19.53 32.20 -28.28
CA VAL G 84 19.20 31.94 -26.88
C VAL G 84 18.64 33.17 -26.18
N TYR G 85 19.35 34.30 -26.22
CA TYR G 85 18.99 35.49 -25.47
C TYR G 85 18.80 35.17 -23.99
N PRO G 86 19.86 34.90 -23.25
CA PRO G 86 19.72 34.51 -21.85
C PRO G 86 19.44 35.71 -20.96
N PHE G 87 18.89 35.41 -19.77
CA PHE G 87 18.50 36.41 -18.80
C PHE G 87 19.08 36.07 -17.44
N MET G 88 19.63 37.07 -16.76
CA MET G 88 20.02 36.98 -15.37
C MET G 88 19.21 37.99 -14.57
N TRP G 89 19.52 38.14 -13.29
CA TRP G 89 18.90 39.20 -12.50
C TRP G 89 19.50 40.53 -12.92
N GLY G 90 18.78 41.24 -13.80
CA GLY G 90 19.28 42.47 -14.36
C GLY G 90 18.88 42.63 -15.81
N GLY G 91 18.27 41.60 -16.38
CA GLY G 91 17.75 41.65 -17.72
C GLY G 91 18.60 40.90 -18.72
N ALA G 92 18.53 41.36 -19.97
CA ALA G 92 19.23 40.71 -21.05
C ALA G 92 20.75 40.80 -20.88
N GLN G 93 21.42 39.68 -21.09
CA GLN G 93 22.87 39.63 -21.00
C GLN G 93 23.57 39.85 -22.34
N CYS G 94 22.82 39.87 -23.44
CA CYS G 94 23.40 40.05 -24.75
C CYS G 94 22.70 41.18 -25.50
N PHE G 95 23.39 41.71 -26.50
CA PHE G 95 22.88 42.83 -27.29
C PHE G 95 22.32 42.40 -28.63
N CYS G 96 22.76 41.27 -29.17
CA CYS G 96 22.13 40.69 -30.34
C CYS G 96 20.79 40.06 -29.94
N ASP G 97 19.90 39.93 -30.92
CA ASP G 97 18.58 39.35 -30.66
C ASP G 97 18.53 37.84 -30.88
N SER G 98 19.14 37.35 -31.95
CA SER G 98 19.04 35.92 -32.26
C SER G 98 20.37 35.32 -32.70
N GLU G 99 21.47 36.07 -32.69
CA GLU G 99 22.78 35.56 -33.06
C GLU G 99 23.56 35.04 -31.85
N ASN G 100 22.95 35.02 -30.67
CA ASN G 100 23.62 34.53 -29.48
C ASN G 100 23.74 33.02 -29.52
N THR G 101 24.78 32.49 -28.88
CA THR G 101 24.99 31.05 -28.82
C THR G 101 25.40 30.65 -27.41
N GLN G 102 24.88 29.52 -26.95
CA GLN G 102 25.16 29.01 -25.61
C GLN G 102 25.89 27.67 -25.73
N LEU G 103 26.97 27.53 -24.97
CA LEU G 103 27.76 26.31 -24.92
C LEU G 103 27.37 25.57 -23.65
N SER G 104 26.70 24.43 -23.81
CA SER G 104 26.28 23.60 -22.69
C SER G 104 27.27 22.46 -22.50
N GLU G 105 27.83 22.36 -21.30
CA GLU G 105 28.75 21.29 -20.94
C GLU G 105 28.22 20.57 -19.70
N ALA G 106 28.50 19.27 -19.64
CA ALA G 106 28.11 18.46 -18.49
C ALA G 106 28.97 17.21 -18.48
N TYR G 107 29.93 17.15 -17.56
CA TYR G 107 30.69 15.92 -17.34
C TYR G 107 30.28 15.34 -15.99
N VAL G 108 30.93 14.26 -15.60
CA VAL G 108 30.57 13.52 -14.41
C VAL G 108 31.80 13.36 -13.53
N GLU G 109 31.58 13.24 -12.23
CA GLU G 109 32.67 13.13 -11.27
C GLU G 109 32.36 12.08 -10.21
N PHE G 110 33.17 12.05 -9.16
CA PHE G 110 32.96 11.18 -8.02
C PHE G 110 32.36 12.01 -6.89
N ALA G 111 31.25 11.53 -6.32
CA ALA G 111 30.62 12.25 -5.23
C ALA G 111 31.57 12.36 -4.04
N PRO G 112 31.50 13.45 -3.29
CA PRO G 112 32.43 13.61 -2.16
C PRO G 112 32.33 12.50 -1.13
N ASP G 113 31.13 11.97 -0.88
CA ASP G 113 30.92 10.91 0.08
C ASP G 113 31.29 9.53 -0.47
N CYS G 114 31.91 9.46 -1.64
CA CYS G 114 32.32 8.18 -2.20
C CYS G 114 33.55 7.61 -1.52
N THR G 115 34.25 8.39 -0.69
CA THR G 115 35.37 7.83 0.06
C THR G 115 34.90 6.78 1.05
N ILE G 116 33.61 6.76 1.35
CA ILE G 116 33.02 5.74 2.20
C ILE G 116 32.10 4.82 1.41
N ASP G 117 31.16 5.41 0.66
CA ASP G 117 30.17 4.64 -0.10
C ASP G 117 30.71 4.40 -1.50
N HIS G 118 31.42 3.29 -1.67
CA HIS G 118 31.92 2.91 -2.98
C HIS G 118 32.07 1.39 -3.02
N ALA G 119 32.16 0.86 -4.24
CA ALA G 119 32.30 -0.57 -4.45
C ALA G 119 33.58 -0.85 -5.21
N VAL G 120 34.23 -1.95 -4.85
CA VAL G 120 35.46 -2.39 -5.49
C VAL G 120 35.14 -3.66 -6.28
N ALA G 121 35.34 -3.59 -7.60
CA ALA G 121 35.10 -4.72 -8.47
C ALA G 121 36.40 -5.50 -8.62
N LEU G 122 36.40 -6.76 -8.16
CA LEU G 122 37.59 -7.58 -8.14
C LEU G 122 37.36 -8.86 -8.94
N LYS G 123 38.43 -9.30 -9.61
CA LYS G 123 38.50 -10.63 -10.21
C LYS G 123 39.34 -11.50 -9.29
N VAL G 124 38.78 -12.61 -8.82
CA VAL G 124 39.49 -13.50 -7.91
C VAL G 124 39.85 -14.78 -8.66
N HIS G 125 41.12 -15.16 -8.56
CA HIS G 125 41.62 -16.39 -9.14
C HIS G 125 41.59 -17.50 -8.08
N THR G 126 42.32 -18.59 -8.34
CA THR G 126 42.26 -19.77 -7.48
C THR G 126 42.62 -19.42 -6.04
N ALA G 127 42.01 -20.14 -5.10
CA ALA G 127 42.13 -19.86 -3.68
C ALA G 127 43.21 -20.72 -3.04
N ALA G 128 43.64 -20.30 -1.85
CA ALA G 128 44.60 -21.04 -1.04
C ALA G 128 44.04 -21.24 0.36
N LEU G 129 44.36 -22.38 0.97
CA LEU G 129 43.86 -22.73 2.29
C LEU G 129 45.01 -22.69 3.28
N LYS G 130 44.82 -21.96 4.38
CA LYS G 130 45.77 -21.89 5.48
C LYS G 130 45.03 -22.21 6.77
N VAL G 131 45.52 -23.22 7.50
CA VAL G 131 44.84 -23.72 8.67
C VAL G 131 45.75 -23.59 9.88
N GLY G 132 45.13 -23.26 11.01
CA GLY G 132 45.79 -23.30 12.31
C GLY G 132 45.40 -24.58 13.02
N LEU G 133 46.41 -25.31 13.50
CA LEU G 133 46.21 -26.64 14.05
C LEU G 133 46.65 -26.68 15.50
N ARG G 134 46.23 -27.73 16.19
CA ARG G 134 46.44 -27.89 17.63
C ARG G 134 46.92 -29.31 17.93
N ILE G 135 47.97 -29.75 17.23
CA ILE G 135 48.49 -31.10 17.43
C ILE G 135 48.92 -31.28 18.88
N VAL G 136 48.27 -32.20 19.58
CA VAL G 136 48.67 -32.61 20.92
C VAL G 136 49.14 -34.05 20.85
N TYR G 137 50.45 -34.25 21.02
CA TYR G 137 51.04 -35.58 21.00
C TYR G 137 51.70 -35.83 22.35
N GLY G 138 51.35 -36.95 22.97
CA GLY G 138 51.84 -37.24 24.30
C GLY G 138 51.33 -36.24 25.32
N ASN G 139 52.23 -35.38 25.81
CA ASN G 139 51.86 -34.37 26.80
C ASN G 139 51.99 -32.95 26.28
N THR G 140 52.72 -32.72 25.20
CA THR G 140 52.96 -31.39 24.67
C THR G 140 51.87 -30.99 23.69
N THR G 141 51.52 -29.71 23.71
CA THR G 141 50.54 -29.13 22.80
C THR G 141 51.22 -28.10 21.92
N ALA G 142 51.01 -28.21 20.61
CA ALA G 142 51.67 -27.35 19.64
C ALA G 142 50.64 -26.56 18.84
N HIS G 143 51.00 -25.33 18.48
CA HIS G 143 50.16 -24.47 17.65
C HIS G 143 50.95 -24.04 16.43
N LEU G 144 50.35 -24.18 15.25
CA LEU G 144 51.05 -23.89 14.00
C LEU G 144 50.05 -23.59 12.90
N ASP G 145 50.43 -22.69 12.00
CA ASP G 145 49.63 -22.33 10.84
C ASP G 145 50.34 -22.81 9.59
N THR G 146 49.66 -23.62 8.79
CA THR G 146 50.25 -24.24 7.62
C THR G 146 49.38 -24.03 6.40
N PHE G 147 50.01 -24.11 5.23
CA PHE G 147 49.34 -23.95 3.96
C PHE G 147 49.00 -25.33 3.41
N VAL G 148 47.74 -25.52 3.01
CA VAL G 148 47.26 -26.81 2.52
C VAL G 148 47.52 -26.82 1.02
N ASN G 149 48.75 -27.19 0.65
CA ASN G 149 49.11 -27.37 -0.75
C ASN G 149 49.82 -28.68 -1.05
N GLY G 150 50.32 -29.41 -0.05
CA GLY G 150 50.96 -30.69 -0.23
C GLY G 150 52.47 -30.64 -0.28
N VAL G 151 53.07 -29.45 -0.31
CA VAL G 151 54.51 -29.34 -0.50
C VAL G 151 55.20 -28.46 0.53
N THR G 152 54.51 -27.59 1.26
CA THR G 152 55.21 -26.69 2.18
C THR G 152 55.49 -27.40 3.50
N PRO G 153 56.74 -27.44 3.96
CA PRO G 153 57.04 -28.00 5.30
C PRO G 153 56.79 -26.97 6.42
N GLY G 154 55.54 -26.56 6.54
CA GLY G 154 55.17 -25.63 7.60
C GLY G 154 55.33 -26.26 8.97
N SER G 155 56.24 -25.74 9.77
CA SER G 155 56.61 -26.36 11.04
C SER G 155 56.76 -25.27 12.09
N SER G 156 56.07 -25.43 13.22
CA SER G 156 56.21 -24.49 14.33
C SER G 156 57.62 -24.55 14.91
N ARG G 157 57.97 -25.65 15.55
CA ARG G 157 59.31 -25.82 16.10
C ARG G 157 60.04 -27.03 15.53
N ASP G 158 59.48 -28.23 15.70
CA ASP G 158 60.08 -29.45 15.16
C ASP G 158 59.05 -30.45 14.65
N LEU G 159 57.75 -30.21 14.86
CA LEU G 159 56.74 -31.19 14.51
C LEU G 159 56.74 -31.47 13.01
N LYS G 160 57.07 -30.47 12.19
CA LYS G 160 57.27 -30.61 10.75
C LYS G 160 56.08 -31.31 10.09
N VAL G 161 54.95 -30.63 10.16
CA VAL G 161 53.71 -31.12 9.57
C VAL G 161 53.64 -30.66 8.12
N ILE G 162 53.10 -31.51 7.26
CA ILE G 162 52.83 -31.16 5.87
C ILE G 162 51.36 -31.43 5.61
N ALA G 163 50.63 -30.39 5.20
CA ALA G 163 49.21 -30.52 4.92
C ALA G 163 49.03 -30.85 3.43
N GLY G 164 48.58 -32.06 3.14
CA GLY G 164 48.42 -32.51 1.79
C GLY G 164 47.25 -31.82 1.11
N PRO G 165 47.18 -31.91 -0.21
CA PRO G 165 46.16 -31.15 -0.96
C PRO G 165 44.75 -31.51 -0.52
N ILE G 166 43.89 -30.50 -0.45
CA ILE G 166 42.50 -30.72 -0.08
C ILE G 166 41.82 -31.60 -1.12
N SER G 167 40.98 -32.52 -0.64
CA SER G 167 40.35 -33.50 -1.52
C SER G 167 39.44 -32.83 -2.53
N ALA G 168 38.63 -31.87 -2.09
CA ALA G 168 37.65 -31.22 -2.96
C ALA G 168 37.92 -29.72 -3.00
N ALA G 169 38.36 -29.25 -4.16
CA ALA G 169 38.64 -27.83 -4.36
C ALA G 169 37.32 -27.08 -4.35
N PHE G 170 37.19 -26.13 -3.43
CA PHE G 170 35.95 -25.39 -3.23
C PHE G 170 36.27 -23.92 -3.02
N SER G 171 35.35 -23.05 -3.46
CA SER G 171 35.50 -21.62 -3.28
C SER G 171 34.15 -20.94 -3.29
N PRO G 172 33.80 -20.19 -2.24
CA PRO G 172 32.51 -19.48 -2.24
C PRO G 172 32.42 -18.39 -3.31
N PHE G 173 33.55 -17.92 -3.84
CA PHE G 173 33.58 -16.82 -4.79
C PHE G 173 33.62 -17.31 -6.22
N ASP G 174 32.81 -16.70 -7.08
CA ASP G 174 32.96 -16.88 -8.51
C ASP G 174 34.08 -15.98 -9.01
N HIS G 175 34.22 -15.86 -10.32
CA HIS G 175 35.34 -15.12 -10.90
C HIS G 175 35.25 -13.62 -10.60
N LYS G 176 34.05 -13.08 -10.40
CA LYS G 176 33.88 -11.64 -10.22
C LYS G 176 33.15 -11.38 -8.91
N VAL G 177 33.68 -10.43 -8.14
CA VAL G 177 33.22 -10.17 -6.78
C VAL G 177 33.19 -8.66 -6.56
N VAL G 178 32.13 -8.17 -5.90
CA VAL G 178 31.98 -6.75 -5.58
C VAL G 178 32.03 -6.61 -4.06
N ILE G 179 32.87 -5.69 -3.58
CA ILE G 179 33.03 -5.44 -2.16
C ILE G 179 32.55 -4.01 -1.87
N ARG G 180 31.56 -3.88 -1.00
CA ARG G 180 30.99 -2.58 -0.65
C ARG G 180 30.77 -2.52 0.86
N LYS G 181 31.55 -1.68 1.53
CA LYS G 181 31.41 -1.44 2.96
C LYS G 181 31.40 -2.74 3.76
N GLY G 182 32.32 -3.65 3.42
CA GLY G 182 32.46 -4.89 4.12
C GLY G 182 31.54 -6.00 3.65
N LEU G 183 30.62 -5.72 2.72
CA LEU G 183 29.75 -6.74 2.16
C LEU G 183 30.31 -7.23 0.84
N VAL G 184 30.30 -8.54 0.64
CA VAL G 184 30.87 -9.18 -0.54
C VAL G 184 29.73 -9.79 -1.34
N TYR G 185 29.66 -9.44 -2.62
CA TYR G 185 28.63 -9.94 -3.52
C TYR G 185 29.27 -10.68 -4.68
N ASN G 186 28.52 -11.59 -5.27
CA ASN G 186 28.94 -12.34 -6.45
C ASN G 186 28.19 -11.77 -7.64
N TYR G 187 28.77 -10.73 -8.25
CA TYR G 187 28.13 -9.97 -9.31
C TYR G 187 28.99 -9.98 -10.56
N ASP G 188 28.34 -10.18 -11.71
CA ASP G 188 29.02 -10.19 -12.99
C ASP G 188 29.13 -8.74 -13.49
N PHE G 189 30.08 -8.01 -12.89
CA PHE G 189 30.21 -6.60 -13.20
C PHE G 189 30.72 -6.39 -14.62
N PRO G 190 30.38 -5.27 -15.24
CA PRO G 190 30.95 -4.95 -16.55
C PRO G 190 32.45 -4.74 -16.47
N GLU G 191 33.12 -5.05 -17.57
CA GLU G 191 34.56 -4.91 -17.63
C GLU G 191 34.96 -3.43 -17.68
N TYR G 192 36.25 -3.17 -17.53
CA TYR G 192 36.75 -1.81 -17.53
C TYR G 192 36.71 -1.26 -18.96
N GLY G 193 35.78 -0.35 -19.21
CA GLY G 193 35.62 0.28 -20.51
C GLY G 193 34.29 0.00 -21.19
N ALA G 194 33.61 -1.07 -20.79
CA ALA G 194 32.31 -1.42 -21.35
C ALA G 194 31.27 -1.19 -20.26
N MET G 195 30.78 0.05 -20.19
CA MET G 195 29.87 0.49 -19.14
C MET G 195 28.52 0.83 -19.74
N LYS G 196 27.45 0.31 -19.13
CA LYS G 196 26.14 0.65 -19.67
C LYS G 196 25.46 1.71 -18.80
N PRO G 197 24.70 2.62 -19.41
CA PRO G 197 23.93 3.57 -18.60
C PRO G 197 22.86 2.86 -17.80
N GLY G 198 22.72 3.25 -16.53
CA GLY G 198 21.72 2.69 -15.66
C GLY G 198 22.06 1.34 -15.06
N ALA G 199 23.23 0.79 -15.36
CA ALA G 199 23.67 -0.48 -14.82
C ALA G 199 24.87 -0.25 -13.92
N PHE G 200 25.19 -1.26 -13.12
CA PHE G 200 26.33 -1.17 -12.21
C PHE G 200 27.60 -0.88 -12.98
N GLY G 201 28.40 0.05 -12.47
CA GLY G 201 29.65 0.39 -13.10
C GLY G 201 29.53 1.30 -14.30
N ASP G 202 28.57 2.22 -14.30
CA ASP G 202 28.51 3.21 -15.38
C ASP G 202 29.62 4.24 -15.27
N ILE G 203 30.18 4.43 -14.09
CA ILE G 203 31.35 5.26 -13.88
C ILE G 203 32.43 4.40 -13.25
N GLN G 204 33.64 4.46 -13.81
CA GLN G 204 34.73 3.58 -13.40
C GLN G 204 36.02 4.38 -13.26
N ALA G 205 36.91 3.90 -12.39
CA ALA G 205 38.21 4.50 -12.21
C ALA G 205 39.10 3.50 -11.48
N SER G 206 40.41 3.64 -11.69
CA SER G 206 41.35 2.76 -10.99
C SER G 206 41.38 3.06 -9.50
N SER G 207 41.24 4.33 -9.13
CA SER G 207 41.19 4.74 -7.73
C SER G 207 40.26 5.94 -7.62
N LEU G 208 39.83 6.22 -6.39
CA LEU G 208 38.92 7.33 -6.17
C LEU G 208 39.57 8.67 -6.52
N TYR G 209 40.89 8.76 -6.44
CA TYR G 209 41.61 9.99 -6.69
C TYR G 209 42.33 9.99 -8.03
N ALA G 210 42.05 9.02 -8.90
CA ALA G 210 42.67 9.00 -10.21
C ALA G 210 42.05 10.04 -11.13
N THR G 211 42.81 10.42 -12.15
CA THR G 211 42.37 11.39 -13.13
C THR G 211 41.85 10.73 -14.41
N ASP G 212 41.72 9.40 -14.42
CA ASP G 212 41.33 8.65 -15.61
C ASP G 212 39.88 8.17 -15.58
N ILE G 213 39.00 8.95 -14.93
CA ILE G 213 37.61 8.52 -14.78
C ILE G 213 36.95 8.40 -16.13
N VAL G 214 36.25 7.29 -16.35
CA VAL G 214 35.49 7.03 -17.56
C VAL G 214 34.05 6.79 -17.17
N ALA G 215 33.12 7.33 -17.94
CA ALA G 215 31.70 7.17 -17.61
C ALA G 215 30.87 7.17 -18.89
N ARG G 216 29.75 6.46 -18.84
CA ARG G 216 28.72 6.52 -19.88
C ARG G 216 27.38 6.53 -19.14
N THR G 217 26.91 7.72 -18.80
CA THR G 217 25.69 7.89 -18.02
C THR G 217 24.56 8.49 -18.83
N ASP G 218 24.73 8.64 -20.15
CA ASP G 218 23.69 9.14 -21.05
C ASP G 218 23.25 10.55 -20.65
N ILE G 219 24.19 11.49 -20.73
CA ILE G 219 23.90 12.89 -20.47
C ILE G 219 23.41 13.51 -21.78
N ARG G 220 22.12 13.80 -21.84
CA ARG G 220 21.52 14.44 -23.00
C ARG G 220 21.31 15.91 -22.69
N LEU G 221 21.80 16.77 -23.57
CA LEU G 221 21.71 18.22 -23.39
C LEU G 221 20.57 18.75 -24.24
N LEU G 222 19.71 19.55 -23.63
CA LEU G 222 18.48 20.02 -24.26
C LEU G 222 18.57 21.50 -24.61
N LYS G 223 17.75 21.89 -25.58
CA LYS G 223 17.69 23.29 -25.97
C LYS G 223 17.06 24.11 -24.84
N PRO G 224 17.67 25.23 -24.46
CA PRO G 224 17.07 26.06 -23.40
C PRO G 224 15.74 26.66 -23.87
N SER G 225 14.76 26.67 -22.98
CA SER G 225 13.43 27.18 -23.28
C SER G 225 13.08 28.43 -22.48
N VAL G 226 13.36 28.43 -21.18
CA VAL G 226 13.09 29.61 -20.37
C VAL G 226 14.06 30.72 -20.73
N LYS G 227 13.63 31.96 -20.47
CA LYS G 227 14.47 33.11 -20.77
C LYS G 227 15.67 33.19 -19.83
N ASN G 228 15.50 32.80 -18.59
CA ASN G 228 16.59 32.83 -17.63
C ASN G 228 17.68 31.84 -18.01
N ILE G 229 18.92 32.16 -17.65
CA ILE G 229 20.06 31.35 -18.04
C ILE G 229 19.91 29.95 -17.44
N HIS G 230 20.00 28.94 -18.30
CA HIS G 230 19.71 27.58 -17.90
C HIS G 230 20.45 26.61 -18.81
N VAL G 231 21.04 25.59 -18.20
CA VAL G 231 21.51 24.43 -18.94
C VAL G 231 20.59 23.27 -18.60
N PRO G 232 19.70 22.87 -19.49
CA PRO G 232 18.82 21.74 -19.19
C PRO G 232 19.44 20.42 -19.59
N TYR G 233 19.36 19.42 -18.71
CA TYR G 233 19.95 18.13 -18.99
C TYR G 233 19.04 17.04 -18.44
N THR G 234 19.15 15.86 -19.03
CA THR G 234 18.50 14.67 -18.52
C THR G 234 19.52 13.53 -18.51
N GLN G 235 19.41 12.67 -17.50
CA GLN G 235 20.45 11.69 -17.26
C GLN G 235 19.83 10.39 -16.77
N ALA G 236 20.51 9.29 -17.04
CA ALA G 236 20.07 8.00 -16.54
C ALA G 236 20.31 7.92 -15.04
N VAL G 237 19.52 7.07 -14.37
CA VAL G 237 19.70 6.89 -12.94
C VAL G 237 21.05 6.23 -12.66
N SER G 238 21.54 6.44 -11.45
CA SER G 238 22.84 5.90 -11.08
C SER G 238 22.77 4.38 -11.03
N GLY G 239 23.64 3.72 -11.79
CA GLY G 239 23.71 2.27 -11.73
C GLY G 239 24.13 1.76 -10.37
N TYR G 240 24.98 2.52 -9.67
CA TYR G 240 25.33 2.19 -8.30
C TYR G 240 24.09 2.22 -7.41
N GLU G 241 23.25 3.24 -7.56
CA GLU G 241 22.02 3.31 -6.77
C GLU G 241 21.07 2.17 -7.10
N MET G 242 20.90 1.87 -8.40
CA MET G 242 20.02 0.77 -8.79
C MET G 242 20.52 -0.56 -8.25
N TRP G 243 21.83 -0.80 -8.35
CA TRP G 243 22.39 -2.03 -7.80
C TRP G 243 22.24 -2.08 -6.29
N LYS G 244 22.39 -0.94 -5.61
CA LYS G 244 22.18 -0.92 -4.17
C LYS G 244 20.72 -1.24 -3.84
N ASN G 245 19.81 -0.86 -4.72
CA ASN G 245 18.40 -1.19 -4.50
C ASN G 245 18.13 -2.67 -4.70
N ASN G 246 18.72 -3.28 -5.73
CA ASN G 246 18.46 -4.68 -6.06
C ASN G 246 19.74 -5.52 -6.03
N SER G 247 20.55 -5.35 -4.98
CA SER G 247 21.81 -6.08 -4.89
C SER G 247 21.62 -7.56 -4.67
N GLY G 248 20.59 -7.94 -3.92
CA GLY G 248 20.45 -9.31 -3.49
C GLY G 248 20.97 -9.46 -2.08
N ARG G 249 21.36 -10.66 -1.69
CA ARG G 249 21.93 -10.82 -0.37
C ARG G 249 23.41 -11.15 -0.47
N PRO G 250 24.21 -10.74 0.51
CA PRO G 250 25.65 -10.92 0.40
C PRO G 250 26.07 -12.37 0.57
N LEU G 251 27.33 -12.62 0.21
CA LEU G 251 27.94 -13.93 0.43
C LEU G 251 28.05 -14.26 1.92
N GLN G 252 28.05 -13.24 2.79
CA GLN G 252 28.06 -13.51 4.22
C GLN G 252 26.82 -14.26 4.67
N GLU G 253 25.77 -14.25 3.86
CA GLU G 253 24.55 -14.98 4.16
C GLU G 253 24.24 -16.09 3.16
N THR G 254 24.73 -15.99 1.93
CA THR G 254 24.46 -17.02 0.92
C THR G 254 25.60 -18.00 0.71
N ALA G 255 26.66 -17.92 1.53
CA ALA G 255 27.81 -18.80 1.32
C ALA G 255 27.48 -20.25 1.71
N PRO G 256 28.07 -21.22 1.04
CA PRO G 256 27.92 -22.61 1.43
C PRO G 256 29.01 -23.05 2.41
N PHE G 257 28.80 -24.23 2.99
CA PHE G 257 29.74 -24.88 3.90
C PHE G 257 30.04 -24.03 5.14
N GLY G 258 29.09 -23.20 5.56
CA GLY G 258 29.21 -22.46 6.80
C GLY G 258 30.43 -21.56 6.87
N CYS G 259 30.72 -20.84 5.80
CA CYS G 259 31.92 -20.03 5.71
C CYS G 259 31.63 -18.60 6.17
N LYS G 260 32.60 -18.01 6.87
CA LYS G 260 32.53 -16.63 7.31
C LYS G 260 33.30 -15.78 6.31
N ILE G 261 32.59 -14.96 5.55
CA ILE G 261 33.21 -14.10 4.56
C ILE G 261 33.63 -12.80 5.23
N GLU G 262 34.90 -12.44 5.08
CA GLU G 262 35.48 -11.26 5.72
C GLU G 262 36.31 -10.50 4.71
N VAL G 263 36.52 -9.22 4.98
CA VAL G 263 37.20 -8.32 4.06
C VAL G 263 38.54 -7.89 4.67
N GLU G 264 39.41 -7.38 3.79
CA GLU G 264 40.71 -6.83 4.16
C GLU G 264 41.58 -7.84 4.89
N PRO G 265 42.09 -8.87 4.22
CA PRO G 265 41.88 -9.23 2.81
C PRO G 265 40.59 -10.03 2.62
N LEU G 266 40.09 -10.13 1.39
CA LEU G 266 38.95 -10.98 1.12
C LEU G 266 39.29 -12.43 1.46
N ARG G 267 38.54 -13.01 2.38
CA ARG G 267 38.81 -14.37 2.84
C ARG G 267 37.53 -15.02 3.33
N ALA G 268 37.51 -16.34 3.29
CA ALA G 268 36.44 -17.15 3.87
C ALA G 268 37.05 -17.98 4.99
N SER G 269 36.60 -17.75 6.22
CA SER G 269 37.18 -18.37 7.39
C SER G 269 36.25 -19.44 7.96
N ASN G 270 36.86 -20.50 8.50
CA ASN G 270 36.14 -21.58 9.18
C ASN G 270 35.14 -22.26 8.25
N CYS G 271 35.65 -22.84 7.17
CA CYS G 271 34.84 -23.62 6.25
C CYS G 271 34.98 -25.10 6.59
N ALA G 272 33.90 -25.85 6.37
CA ALA G 272 33.86 -27.28 6.71
C ALA G 272 33.60 -28.06 5.43
N TYR G 273 34.68 -28.42 4.72
CA TYR G 273 34.55 -29.19 3.49
C TYR G 273 35.80 -30.05 3.31
N GLY G 274 35.59 -31.26 2.80
CA GLY G 274 36.70 -32.09 2.38
C GLY G 274 37.52 -32.66 3.52
N HIS G 275 38.69 -33.18 3.13
CA HIS G 275 39.62 -33.83 4.05
C HIS G 275 41.03 -33.30 3.79
N ILE G 276 41.84 -33.27 4.83
CA ILE G 276 43.22 -32.80 4.77
C ILE G 276 44.14 -34.02 4.95
N PRO G 277 44.83 -34.48 3.91
CA PRO G 277 45.83 -35.53 4.10
C PRO G 277 47.08 -35.01 4.79
N ILE G 278 47.03 -34.88 6.10
CA ILE G 278 48.12 -34.27 6.85
C ILE G 278 49.11 -35.35 7.28
N SER G 279 50.39 -35.07 7.07
CA SER G 279 51.48 -35.95 7.48
C SER G 279 52.25 -35.31 8.61
N ILE G 280 52.39 -36.04 9.71
CA ILE G 280 53.05 -35.54 10.91
C ILE G 280 54.44 -36.16 10.96
N ASP G 281 55.35 -35.52 11.69
CA ASP G 281 56.69 -36.03 11.91
C ASP G 281 57.01 -35.85 13.39
N ILE G 282 56.71 -36.86 14.18
CA ILE G 282 56.83 -36.74 15.64
C ILE G 282 58.31 -36.79 16.03
N PRO G 283 58.77 -35.92 16.92
CA PRO G 283 60.13 -36.06 17.44
C PRO G 283 60.30 -37.38 18.17
N ASP G 284 61.49 -37.97 18.02
CA ASP G 284 61.76 -39.28 18.61
C ASP G 284 61.80 -39.23 20.13
N ALA G 285 61.91 -38.05 20.73
CA ALA G 285 61.95 -37.96 22.19
C ALA G 285 60.57 -38.20 22.80
N ALA G 286 59.51 -37.88 22.06
CA ALA G 286 58.16 -38.09 22.59
C ALA G 286 57.86 -39.58 22.76
N PHE G 287 58.30 -40.41 21.82
CA PHE G 287 58.06 -41.84 21.91
C PHE G 287 58.86 -42.44 23.07
N VAL G 288 58.39 -43.59 23.55
CA VAL G 288 58.99 -44.25 24.69
C VAL G 288 59.05 -45.75 24.43
N ARG G 289 59.99 -46.42 25.10
CA ARG G 289 60.13 -47.87 25.01
C ARG G 289 58.91 -48.58 25.59
N SER G 290 58.56 -49.70 24.95
CA SER G 290 57.49 -50.55 25.48
C SER G 290 57.84 -51.13 26.84
N SER G 291 59.13 -51.33 27.11
CA SER G 291 59.55 -51.94 28.37
C SER G 291 59.17 -51.08 29.55
N GLU G 292 59.24 -49.75 29.40
CA GLU G 292 58.91 -48.84 30.50
C GLU G 292 57.41 -48.53 30.57
N SER G 293 56.69 -48.65 29.48
CA SER G 293 55.27 -48.38 29.56
C SER G 293 54.53 -49.53 30.24
N PRO G 294 53.44 -49.23 30.95
CA PRO G 294 52.65 -50.30 31.57
C PRO G 294 52.07 -51.22 30.51
N THR G 295 51.97 -52.50 30.86
CA THR G 295 51.43 -53.52 29.97
C THR G 295 50.13 -54.05 30.53
N ILE G 296 49.18 -54.36 29.66
CA ILE G 296 47.87 -54.85 30.07
C ILE G 296 47.80 -56.34 29.81
N LEU G 297 47.60 -57.12 30.87
CA LEU G 297 47.54 -58.56 30.76
C LEU G 297 46.17 -59.06 30.32
N GLU G 298 45.10 -58.44 30.81
CA GLU G 298 43.75 -58.85 30.45
C GLU G 298 42.83 -57.65 30.61
N VAL G 299 42.06 -57.35 29.56
CA VAL G 299 41.11 -56.26 29.55
C VAL G 299 39.85 -56.73 28.84
N SER G 300 38.70 -56.32 29.36
CA SER G 300 37.40 -56.68 28.78
C SER G 300 36.48 -55.48 28.86
N CYS G 301 35.79 -55.18 27.76
CA CYS G 301 34.96 -53.98 27.65
C CYS G 301 33.48 -54.35 27.77
N THR G 302 32.80 -53.72 28.72
CA THR G 302 31.35 -53.84 28.86
C THR G 302 30.74 -52.45 28.79
N VAL G 303 29.74 -52.29 27.93
CA VAL G 303 29.15 -51.00 27.62
C VAL G 303 27.76 -50.92 28.24
N ALA G 304 27.53 -49.89 29.05
CA ALA G 304 26.31 -49.82 29.85
C ALA G 304 25.13 -49.28 29.05
N ASP G 305 25.23 -48.05 28.57
CA ASP G 305 24.11 -47.40 27.90
C ASP G 305 24.65 -46.51 26.78
N CYS G 306 23.95 -46.51 25.65
CA CYS G 306 24.40 -45.72 24.51
C CYS G 306 23.21 -45.28 23.68
N ILE G 307 23.23 -44.00 23.30
CA ILE G 307 22.40 -43.45 22.24
C ILE G 307 23.34 -42.82 21.23
N TYR G 308 23.04 -43.01 19.95
CA TYR G 308 23.88 -42.45 18.89
C TYR G 308 23.41 -41.01 18.69
N SER G 309 24.28 -40.08 19.03
CA SER G 309 23.93 -38.66 19.00
C SER G 309 25.17 -37.86 18.61
N ALA G 310 24.97 -36.58 18.33
CA ALA G 310 26.09 -35.71 18.00
C ALA G 310 27.04 -35.54 19.19
N ASP G 311 26.52 -35.62 20.42
CA ASP G 311 27.34 -35.46 21.60
C ASP G 311 27.86 -36.82 22.05
N PHE G 312 28.47 -36.86 23.24
CA PHE G 312 29.02 -38.11 23.79
C PHE G 312 27.91 -38.84 24.53
N GLY G 313 27.10 -39.57 23.77
CA GLY G 313 25.97 -40.26 24.34
C GLY G 313 26.21 -41.73 24.58
N GLY G 314 27.39 -42.08 25.06
CA GLY G 314 27.72 -43.46 25.35
C GLY G 314 28.65 -43.56 26.55
N SER G 315 28.54 -44.68 27.25
CA SER G 315 29.36 -44.95 28.43
C SER G 315 29.95 -46.34 28.31
N LEU G 316 31.16 -46.51 28.84
CA LEU G 316 31.92 -47.74 28.65
C LEU G 316 32.81 -48.00 29.84
N THR G 317 32.62 -49.15 30.48
CA THR G 317 33.47 -49.55 31.59
C THR G 317 34.21 -50.83 31.21
N LEU G 318 35.49 -50.87 31.54
CA LEU G 318 36.33 -52.02 31.23
C LEU G 318 37.21 -52.35 32.42
N GLN G 319 37.38 -53.64 32.68
CA GLN G 319 38.18 -54.13 33.79
C GLN G 319 39.50 -54.66 33.25
N TYR G 320 40.60 -54.14 33.78
CA TYR G 320 41.95 -54.48 33.36
C TYR G 320 42.74 -55.04 34.53
N LYS G 321 43.84 -55.72 34.19
CA LYS G 321 44.82 -56.23 35.16
C LYS G 321 46.20 -55.90 34.59
N ALA G 322 46.79 -54.81 35.08
CA ALA G 322 48.10 -54.35 34.64
C ALA G 322 49.14 -54.59 35.71
N ASP G 323 50.34 -54.98 35.28
CA ASP G 323 51.40 -55.31 36.22
C ASP G 323 52.12 -54.10 36.78
N ARG G 324 51.91 -52.91 36.21
CA ARG G 324 52.67 -51.74 36.61
C ARG G 324 51.82 -50.48 36.40
N GLU G 325 51.99 -49.51 37.30
CA GLU G 325 51.28 -48.25 37.21
C GLU G 325 51.84 -47.41 36.07
N GLY G 326 51.18 -46.28 35.80
CA GLY G 326 51.56 -45.37 34.73
C GLY G 326 50.33 -44.78 34.08
N HIS G 327 50.52 -44.29 32.85
CA HIS G 327 49.42 -43.79 32.02
C HIS G 327 49.32 -44.64 30.76
N CYS G 328 48.10 -44.76 30.23
CA CYS G 328 47.90 -45.52 29.01
C CYS G 328 46.93 -44.81 28.07
N PRO G 329 47.17 -44.89 26.77
CA PRO G 329 46.22 -44.32 25.80
C PRO G 329 44.95 -45.15 25.66
N VAL G 330 43.88 -44.46 25.29
CA VAL G 330 42.62 -45.09 24.92
C VAL G 330 42.20 -44.56 23.56
N HIS G 331 41.80 -45.46 22.68
CA HIS G 331 41.44 -45.08 21.32
C HIS G 331 40.48 -46.11 20.75
N SER G 332 39.53 -45.64 19.96
CA SER G 332 38.56 -46.50 19.30
C SER G 332 38.99 -46.70 17.86
N HIS G 333 39.30 -47.95 17.48
CA HIS G 333 39.78 -48.27 16.15
C HIS G 333 38.62 -48.49 15.18
N SER G 334 37.71 -47.52 15.13
CA SER G 334 36.61 -47.54 14.19
C SER G 334 36.29 -46.11 13.80
N THR G 335 35.76 -45.93 12.59
CA THR G 335 35.37 -44.62 12.12
C THR G 335 33.99 -44.21 12.62
N THR G 336 33.19 -45.15 13.11
CA THR G 336 31.84 -44.86 13.57
C THR G 336 31.75 -44.61 15.07
N ALA G 337 32.86 -44.74 15.81
CA ALA G 337 32.87 -44.50 17.24
C ALA G 337 34.18 -43.82 17.61
N VAL G 338 34.08 -42.73 18.39
CA VAL G 338 35.23 -41.96 18.82
C VAL G 338 35.16 -41.76 20.33
N LEU G 339 36.27 -41.99 21.01
CA LEU G 339 36.34 -41.81 22.46
C LEU G 339 36.54 -40.34 22.79
N LYS G 340 35.99 -39.94 23.93
CA LYS G 340 36.15 -38.56 24.40
C LYS G 340 37.56 -38.28 24.89
N GLU G 341 38.13 -39.18 25.71
CA GLU G 341 39.45 -38.98 26.27
C GLU G 341 40.49 -39.70 25.43
N ALA G 342 41.76 -39.38 25.69
CA ALA G 342 42.88 -39.99 25.00
C ALA G 342 43.82 -40.75 25.92
N THR G 343 43.85 -40.42 27.20
CA THR G 343 44.72 -41.08 28.16
C THR G 343 43.99 -41.25 29.49
N THR G 344 44.51 -42.15 30.32
CA THR G 344 43.89 -42.43 31.61
C THR G 344 44.94 -43.02 32.54
N HIS G 345 44.63 -42.98 33.84
CA HIS G 345 45.52 -43.50 34.87
C HIS G 345 45.34 -45.02 34.95
N VAL G 346 46.46 -45.75 34.92
CA VAL G 346 46.45 -47.20 35.02
C VAL G 346 47.09 -47.59 36.36
N THR G 347 46.34 -48.32 37.18
CA THR G 347 46.79 -48.73 38.50
C THR G 347 46.40 -50.17 38.73
N ALA G 348 47.40 -51.06 38.81
CA ALA G 348 47.22 -52.48 39.08
C ALA G 348 45.98 -53.05 38.39
N THR G 349 44.97 -53.41 39.17
CA THR G 349 43.68 -53.84 38.66
C THR G 349 42.63 -52.78 38.98
N GLY G 350 41.67 -52.62 38.08
CA GLY G 350 40.64 -51.63 38.27
C GLY G 350 39.71 -51.58 37.09
N SER G 351 38.88 -50.55 37.08
CA SER G 351 37.93 -50.30 36.01
C SER G 351 37.86 -48.80 35.72
N ILE G 352 37.61 -48.47 34.46
CA ILE G 352 37.57 -47.08 34.01
C ILE G 352 36.33 -46.87 33.16
N THR G 353 35.68 -45.72 33.34
CA THR G 353 34.49 -45.37 32.57
C THR G 353 34.88 -44.31 31.54
N LEU G 354 34.77 -44.67 30.26
CA LEU G 354 35.12 -43.80 29.15
C LEU G 354 33.87 -43.50 28.34
N HIS G 355 33.60 -42.22 28.10
CA HIS G 355 32.47 -41.83 27.29
C HIS G 355 32.86 -41.72 25.82
N PHE G 356 31.96 -42.15 24.94
CA PHE G 356 32.22 -42.15 23.52
C PHE G 356 31.00 -41.65 22.77
N SER G 357 31.16 -41.46 21.47
CA SER G 357 30.09 -41.05 20.57
C SER G 357 30.06 -41.97 19.37
N THR G 358 28.84 -42.30 18.92
CA THR G 358 28.68 -43.22 17.81
C THR G 358 27.56 -42.72 16.91
N SER G 359 27.59 -43.18 15.66
CA SER G 359 26.52 -42.92 14.71
C SER G 359 25.82 -44.18 14.24
N SER G 360 26.49 -45.33 14.31
CA SER G 360 25.84 -46.59 14.01
C SER G 360 24.87 -46.94 15.14
N PRO G 361 23.77 -47.65 14.84
CA PRO G 361 22.92 -48.12 15.93
C PRO G 361 23.42 -49.43 16.50
N GLN G 362 24.73 -49.60 16.57
CA GLN G 362 25.37 -50.79 17.15
C GLN G 362 26.81 -50.43 17.44
N ALA G 363 27.15 -50.33 18.72
CA ALA G 363 28.53 -50.04 19.12
C ALA G 363 29.32 -51.32 18.98
N ASN G 364 29.90 -51.52 17.79
CA ASN G 364 30.72 -52.69 17.49
C ASN G 364 32.12 -52.21 17.13
N PHE G 365 32.67 -51.38 18.00
CA PHE G 365 33.99 -50.79 17.82
C PHE G 365 34.99 -51.49 18.73
N ILE G 366 36.26 -51.37 18.37
CA ILE G 366 37.35 -52.06 19.04
C ILE G 366 38.23 -51.03 19.72
N VAL G 367 38.36 -51.13 21.05
CA VAL G 367 39.05 -50.15 21.87
C VAL G 367 40.44 -50.66 22.20
N SER G 368 41.39 -49.74 22.35
CA SER G 368 42.76 -50.07 22.67
C SER G 368 43.13 -49.41 24.00
N LEU G 369 43.67 -50.20 24.92
CA LEU G 369 44.22 -49.69 26.17
C LEU G 369 45.72 -49.98 26.15
N CYS G 370 46.49 -49.02 25.65
CA CYS G 370 47.93 -49.15 25.39
C CYS G 370 48.23 -50.53 24.80
N GLY G 371 47.52 -50.86 23.74
CA GLY G 371 47.58 -52.19 23.17
C GLY G 371 46.49 -53.09 23.73
N LYS G 372 46.60 -54.37 23.41
CA LYS G 372 45.65 -55.39 23.85
C LYS G 372 44.22 -55.01 23.48
N LYS G 373 43.98 -54.99 22.17
CA LYS G 373 42.68 -54.62 21.61
C LYS G 373 41.56 -55.43 22.24
N THR G 374 40.40 -54.79 22.38
CA THR G 374 39.19 -55.45 22.85
C THR G 374 38.00 -55.00 22.02
N THR G 375 37.01 -55.87 21.91
CA THR G 375 35.82 -55.59 21.12
C THR G 375 34.64 -55.32 22.05
N CYS G 376 33.85 -54.31 21.71
CA CYS G 376 32.64 -53.96 22.45
C CYS G 376 31.43 -54.22 21.58
N ASN G 377 30.40 -54.83 22.17
CA ASN G 377 29.14 -55.09 21.49
C ASN G 377 28.03 -54.46 22.30
N ALA G 378 27.16 -53.69 21.64
CA ALA G 378 26.17 -52.90 22.35
C ALA G 378 24.89 -52.84 21.54
N GLU G 379 23.91 -52.11 22.08
CA GLU G 379 22.56 -52.00 21.51
C GLU G 379 22.21 -50.52 21.58
N CYS G 380 22.63 -49.75 20.58
CA CYS G 380 22.55 -48.29 20.62
C CYS G 380 21.19 -47.84 20.13
N LYS G 381 20.43 -47.19 21.01
CA LYS G 381 19.10 -46.70 20.70
C LYS G 381 19.14 -45.29 20.13
N PRO G 382 18.11 -44.90 19.38
CA PRO G 382 18.08 -43.55 18.83
C PRO G 382 18.00 -42.52 19.94
N PRO G 383 18.46 -41.30 19.69
CA PRO G 383 18.45 -40.27 20.74
C PRO G 383 17.04 -39.75 21.00
N ALA G 384 16.89 -39.13 22.17
CA ALA G 384 15.63 -38.53 22.55
C ALA G 384 15.45 -37.13 21.95
N ASP G 385 16.50 -36.30 22.02
CA ASP G 385 16.43 -34.96 21.48
C ASP G 385 16.44 -34.99 19.95
N HIS G 386 15.73 -34.05 19.35
CA HIS G 386 15.65 -33.96 17.90
C HIS G 386 16.74 -33.08 17.31
N ILE G 387 16.92 -31.89 17.85
CA ILE G 387 17.87 -30.91 17.32
C ILE G 387 18.89 -30.59 18.41
N ILE G 388 20.17 -30.61 18.04
CA ILE G 388 21.27 -30.39 18.97
C ILE G 388 22.07 -29.18 18.50
N GLY G 389 22.90 -28.66 19.39
CA GLY G 389 23.70 -27.49 19.08
C GLY G 389 25.18 -27.78 18.99
N GLU G 390 25.55 -28.89 18.37
CA GLU G 390 26.94 -29.30 18.31
C GLU G 390 27.13 -30.29 17.17
N PRO G 391 28.18 -30.17 16.36
CA PRO G 391 28.29 -30.97 15.14
C PRO G 391 28.55 -32.44 15.45
N HIS G 392 28.21 -33.27 14.46
CA HIS G 392 28.38 -34.71 14.59
C HIS G 392 29.86 -35.09 14.55
N LYS G 393 30.26 -35.96 15.47
CA LYS G 393 31.68 -36.29 15.63
C LYS G 393 32.14 -37.41 14.70
N VAL G 394 31.24 -38.25 14.22
CA VAL G 394 31.60 -39.36 13.35
C VAL G 394 30.70 -39.34 12.12
N ASP G 395 31.21 -39.92 11.04
CA ASP G 395 30.51 -39.94 9.77
C ASP G 395 29.42 -41.01 9.79
N GLN G 396 28.60 -40.99 8.74
CA GLN G 396 27.54 -41.97 8.58
C GLN G 396 27.92 -42.95 7.48
N GLU G 397 28.32 -44.16 7.86
CA GLU G 397 28.67 -45.19 6.90
C GLU G 397 27.39 -45.85 6.38
N PHE G 398 27.55 -46.93 5.63
CA PHE G 398 26.41 -47.74 5.20
C PHE G 398 26.33 -49.07 5.96
N GLN G 399 27.46 -49.77 6.09
CA GLN G 399 27.45 -51.04 6.80
C GLN G 399 27.10 -50.84 8.26
N ALA G 400 27.65 -49.81 8.89
CA ALA G 400 27.38 -49.55 10.30
C ALA G 400 25.99 -48.93 10.51
N ALA G 401 25.48 -48.19 9.53
CA ALA G 401 24.22 -47.49 9.70
C ALA G 401 23.02 -48.42 9.76
N VAL G 402 23.20 -49.71 9.46
CA VAL G 402 22.13 -50.69 9.54
C VAL G 402 22.45 -51.63 10.69
N SER G 403 21.46 -51.86 11.55
CA SER G 403 21.66 -52.64 12.77
C SER G 403 21.88 -54.11 12.42
N LYS G 404 22.35 -54.87 13.42
CA LYS G 404 22.59 -56.29 13.19
C LYS G 404 21.30 -57.09 13.17
N THR G 405 20.25 -56.65 13.86
CA THR G 405 18.95 -57.30 13.72
C THR G 405 18.40 -57.13 12.31
N SER G 406 18.49 -55.91 11.78
CA SER G 406 18.06 -55.67 10.41
C SER G 406 18.94 -56.43 9.41
N TRP G 407 20.25 -56.49 9.68
CA TRP G 407 21.13 -57.29 8.86
C TRP G 407 20.72 -58.76 8.89
N ASN G 408 20.41 -59.28 10.08
CA ASN G 408 19.99 -60.66 10.20
C ASN G 408 18.75 -60.94 9.37
N TRP G 409 17.77 -60.05 9.43
CA TRP G 409 16.53 -60.34 8.71
C TRP G 409 16.68 -60.15 7.20
N LEU G 410 17.41 -59.11 6.77
CA LEU G 410 17.66 -58.96 5.34
C LEU G 410 18.44 -60.14 4.79
N LEU G 411 19.48 -60.58 5.51
CA LEU G 411 20.22 -61.76 5.12
C LEU G 411 19.34 -63.00 5.15
N ALA G 412 18.42 -63.08 6.11
CA ALA G 412 17.54 -64.23 6.18
C ALA G 412 16.64 -64.31 4.94
N LEU G 413 16.07 -63.19 4.53
CA LEU G 413 15.20 -63.19 3.36
C LEU G 413 15.99 -63.50 2.09
N PHE G 414 17.14 -62.84 1.91
CA PHE G 414 17.94 -63.08 0.70
C PHE G 414 18.48 -64.50 0.68
N GLY G 415 18.95 -65.01 1.83
CA GLY G 415 19.42 -66.37 1.90
C GLY G 415 18.32 -67.39 1.70
N GLY G 416 17.11 -67.09 2.15
CA GLY G 416 15.99 -67.95 1.83
C GLY G 416 15.72 -68.02 0.35
N ALA G 417 15.71 -66.87 -0.31
CA ALA G 417 15.51 -66.86 -1.76
C ALA G 417 16.61 -67.64 -2.48
N SER G 418 17.86 -67.41 -2.08
CA SER G 418 18.96 -68.18 -2.65
C SER G 418 18.82 -69.66 -2.32
N SER G 419 18.24 -69.99 -1.16
CA SER G 419 18.04 -71.38 -0.80
C SER G 419 17.03 -72.05 -1.72
N LEU G 420 15.92 -71.37 -2.01
CA LEU G 420 14.99 -71.93 -3.00
C LEU G 420 15.66 -72.08 -4.35
N ILE G 421 16.48 -71.09 -4.76
CA ILE G 421 17.16 -71.20 -6.05
C ILE G 421 18.06 -72.42 -6.06
N VAL G 422 18.84 -72.62 -5.01
CA VAL G 422 19.80 -73.72 -5.01
C VAL G 422 19.10 -75.08 -4.88
N VAL G 423 17.98 -75.16 -4.15
CA VAL G 423 17.29 -76.44 -4.09
C VAL G 423 16.66 -76.76 -5.43
N GLY G 424 16.16 -75.73 -6.15
CA GLY G 424 15.71 -75.96 -7.51
C GLY G 424 16.84 -76.47 -8.41
N LEU G 425 18.03 -75.87 -8.28
CA LEU G 425 19.17 -76.34 -9.05
C LEU G 425 19.50 -77.79 -8.73
N ILE G 426 19.59 -78.13 -7.44
CA ILE G 426 19.99 -79.49 -7.09
C ILE G 426 18.92 -80.49 -7.52
N VAL G 427 17.63 -80.11 -7.45
CA VAL G 427 16.62 -81.07 -7.84
C VAL G 427 16.61 -81.27 -9.35
N LEU G 428 16.83 -80.21 -10.15
CA LEU G 428 16.81 -80.44 -11.59
C LEU G 428 18.05 -81.23 -12.02
N VAL G 429 19.19 -80.99 -11.37
CA VAL G 429 20.36 -81.81 -11.72
C VAL G 429 20.18 -83.25 -11.23
N CYS G 430 19.47 -83.46 -10.11
CA CYS G 430 19.22 -84.81 -9.64
C CYS G 430 18.20 -85.54 -10.50
N SER G 431 17.28 -84.81 -11.11
CA SER G 431 16.29 -85.42 -11.99
C SER G 431 16.82 -85.66 -13.40
N SER G 432 17.76 -84.85 -13.86
CA SER G 432 18.26 -84.99 -15.22
C SER G 432 18.91 -86.36 -15.43
N MET G 433 19.87 -86.71 -14.58
CA MET G 433 20.55 -87.99 -14.76
C MET G 433 19.68 -89.17 -14.33
N LEU G 434 18.70 -88.94 -13.45
CA LEU G 434 17.74 -90.00 -13.16
C LEU G 434 16.89 -90.33 -14.38
N ILE G 435 16.44 -89.29 -15.10
CA ILE G 435 15.70 -89.53 -16.34
C ILE G 435 16.62 -90.15 -17.38
N ASN G 436 17.89 -89.72 -17.42
CA ASN G 436 18.83 -90.31 -18.37
C ASN G 436 19.01 -91.80 -18.13
N THR G 437 19.13 -92.21 -16.86
CA THR G 437 19.26 -93.61 -16.53
C THR G 437 17.93 -94.36 -16.60
N ARG G 438 16.81 -93.65 -16.64
CA ARG G 438 15.51 -94.31 -16.74
C ARG G 438 15.38 -95.08 -18.05
N ARG G 439 15.80 -94.48 -19.15
CA ARG G 439 15.73 -95.14 -20.44
C ARG G 439 17.09 -95.70 -20.86
N SER H 1 46.26 25.14 -4.02
CA SER H 1 45.73 24.32 -2.94
C SER H 1 44.36 24.80 -2.50
N ILE H 2 43.89 24.27 -1.37
CA ILE H 2 42.57 24.61 -0.84
C ILE H 2 42.73 25.75 0.16
N THR H 3 41.91 26.78 -0.02
CA THR H 3 41.97 27.98 0.81
C THR H 3 40.72 28.10 1.67
N ASP H 4 40.92 28.52 2.92
CA ASP H 4 39.83 28.91 3.81
C ASP H 4 39.66 30.41 3.88
N ASP H 5 40.28 31.14 2.96
CA ASP H 5 40.21 32.60 2.92
C ASP H 5 38.95 33.00 2.17
N PHE H 6 37.90 33.33 2.92
CA PHE H 6 36.65 33.73 2.30
C PHE H 6 36.60 35.21 1.93
N THR H 7 37.66 35.97 2.23
CA THR H 7 37.75 37.33 1.72
C THR H 7 37.94 37.34 0.21
N LEU H 8 38.40 36.23 -0.37
CA LEU H 8 38.57 36.11 -1.81
C LEU H 8 37.32 35.64 -2.52
N THR H 9 36.33 35.12 -1.80
CA THR H 9 35.13 34.54 -2.37
C THR H 9 33.92 35.42 -2.09
N SER H 10 32.88 35.24 -2.90
CA SER H 10 31.66 36.02 -2.79
C SER H 10 30.46 35.12 -3.01
N PRO H 11 29.32 35.44 -2.40
CA PRO H 11 28.09 34.72 -2.71
C PRO H 11 27.51 35.19 -4.04
N TYR H 12 26.53 34.44 -4.54
CA TYR H 12 25.94 34.73 -5.84
C TYR H 12 24.43 34.54 -5.77
N LEU H 13 23.79 34.73 -6.91
CA LEU H 13 22.35 34.58 -7.05
C LEU H 13 22.08 33.38 -7.96
N GLY H 14 21.30 32.42 -7.46
CA GLY H 14 20.95 31.24 -8.22
C GLY H 14 19.57 31.35 -8.83
N PHE H 15 19.09 30.22 -9.33
CA PHE H 15 17.76 30.13 -9.93
C PHE H 15 17.02 28.98 -9.23
N CYS H 16 16.25 29.33 -8.21
CA CYS H 16 15.52 28.31 -7.47
C CYS H 16 14.33 27.84 -8.28
N PRO H 17 14.12 26.52 -8.40
CA PRO H 17 12.92 26.03 -9.09
C PRO H 17 11.63 26.32 -8.33
N TYR H 18 11.71 26.66 -7.05
CA TYR H 18 10.52 26.87 -6.23
C TYR H 18 10.87 27.91 -5.17
N CYS H 19 10.54 29.17 -5.47
CA CYS H 19 10.75 30.26 -4.51
C CYS H 19 9.59 30.28 -3.53
N ARG H 20 9.49 31.35 -2.73
CA ARG H 20 8.40 31.44 -1.78
C ARG H 20 7.05 31.54 -2.50
N HIS H 21 6.98 32.31 -3.57
CA HIS H 21 5.73 32.52 -4.29
C HIS H 21 5.40 31.37 -5.24
N SER H 22 5.97 30.18 -4.99
CA SER H 22 5.65 28.95 -5.72
C SER H 22 6.06 29.00 -7.19
N ALA H 23 6.96 29.91 -7.53
CA ALA H 23 7.43 30.05 -8.91
C ALA H 23 8.94 30.16 -8.95
N PRO H 24 9.56 29.73 -10.04
CA PRO H 24 11.02 29.92 -10.17
C PRO H 24 11.38 31.40 -10.14
N CYS H 25 12.48 31.71 -9.46
CA CYS H 25 12.94 33.08 -9.34
C CYS H 25 14.41 33.07 -8.94
N PHE H 26 15.03 34.24 -9.03
CA PHE H 26 16.45 34.39 -8.67
C PHE H 26 16.53 34.61 -7.17
N SER H 27 17.13 33.65 -6.47
CA SER H 27 17.19 33.64 -5.02
C SER H 27 18.62 33.82 -4.54
N PRO H 28 18.82 34.42 -3.37
CA PRO H 28 20.16 34.44 -2.76
C PRO H 28 20.51 33.19 -1.99
N ILE H 29 19.56 32.27 -1.82
CA ILE H 29 19.77 31.06 -1.02
C ILE H 29 19.51 29.81 -1.84
N LYS H 30 19.81 29.86 -3.14
CA LYS H 30 19.56 28.72 -4.01
C LYS H 30 20.31 27.48 -3.51
N ILE H 31 19.62 26.34 -3.56
CA ILE H 31 20.18 25.07 -3.12
C ILE H 31 20.80 24.37 -4.33
N GLU H 32 22.13 24.22 -4.31
CA GLU H 32 22.84 23.59 -5.42
C GLU H 32 22.84 22.07 -5.31
N ASN H 33 23.23 21.54 -4.15
CA ASN H 33 23.32 20.11 -3.95
C ASN H 33 22.77 19.74 -2.58
N VAL H 34 22.28 18.50 -2.48
CA VAL H 34 21.88 17.90 -1.21
C VAL H 34 22.49 16.51 -1.15
N TRP H 35 23.17 16.21 -0.06
CA TRP H 35 23.83 14.93 0.14
C TRP H 35 23.25 14.28 1.38
N ASP H 36 22.75 13.05 1.24
CA ASP H 36 22.22 12.27 2.36
C ASP H 36 22.86 10.89 2.32
N GLU H 37 24.04 10.78 2.94
CA GLU H 37 24.71 9.51 3.10
C GLU H 37 24.97 9.18 4.56
N SER H 38 24.53 10.03 5.48
CA SER H 38 24.72 9.78 6.90
C SER H 38 23.76 8.68 7.36
N ASP H 39 24.27 7.81 8.24
CA ASP H 39 23.45 6.73 8.76
C ASP H 39 22.53 7.17 9.89
N ASP H 40 22.56 8.44 10.27
CA ASP H 40 21.68 8.96 11.31
C ASP H 40 20.69 10.01 10.79
N GLY H 41 20.63 10.23 9.48
CA GLY H 41 19.61 11.07 8.89
C GLY H 41 20.02 12.51 8.61
N SER H 42 21.26 12.89 8.89
CA SER H 42 21.69 14.26 8.63
C SER H 42 21.99 14.45 7.15
N ILE H 43 21.83 15.69 6.67
CA ILE H 43 22.04 16.01 5.27
C ILE H 43 22.99 17.19 5.17
N ARG H 44 23.66 17.27 4.02
CA ARG H 44 24.53 18.38 3.69
C ARG H 44 23.91 19.17 2.54
N ILE H 45 23.85 20.49 2.69
CA ILE H 45 23.18 21.37 1.75
C ILE H 45 24.17 22.42 1.28
N GLN H 46 24.23 22.64 -0.03
CA GLN H 46 25.02 23.72 -0.61
C GLN H 46 24.08 24.86 -0.99
N VAL H 47 24.40 26.05 -0.51
CA VAL H 47 23.58 27.24 -0.71
C VAL H 47 24.47 28.36 -1.23
N SER H 48 23.95 29.15 -2.17
CA SER H 48 24.75 30.21 -2.78
C SER H 48 25.21 31.24 -1.76
N ALA H 49 24.56 31.32 -0.61
CA ALA H 49 24.98 32.20 0.47
C ALA H 49 26.10 31.56 1.27
N GLN H 50 26.91 32.40 1.90
CA GLN H 50 28.04 31.94 2.71
C GLN H 50 27.72 32.16 4.18
N PHE H 51 27.72 31.08 4.94
CA PHE H 51 27.32 31.10 6.34
C PHE H 51 28.54 31.06 7.24
N GLY H 52 28.45 31.75 8.37
CA GLY H 52 29.56 31.85 9.29
C GLY H 52 30.58 32.90 8.94
N TYR H 53 30.27 33.80 8.00
CA TYR H 53 31.21 34.85 7.61
C TYR H 53 30.45 36.16 7.47
N ASN H 54 31.14 37.25 7.74
CA ASN H 54 30.52 38.57 7.79
C ASN H 54 30.64 39.27 6.43
N GLN H 55 30.39 40.58 6.41
CA GLN H 55 30.49 41.38 5.19
C GLN H 55 31.84 41.20 4.51
N ALA H 56 32.93 41.35 5.27
CA ALA H 56 34.26 41.31 4.67
C ALA H 56 34.73 39.90 4.36
N GLY H 57 34.02 38.88 4.79
CA GLY H 57 34.44 37.51 4.59
C GLY H 57 35.26 36.92 5.71
N THR H 58 35.38 37.62 6.83
CA THR H 58 36.08 37.10 7.99
C THR H 58 35.10 36.33 8.87
N ALA H 59 35.64 35.36 9.62
CA ALA H 59 34.80 34.42 10.34
C ALA H 59 33.93 35.13 11.38
N ASP H 60 32.64 34.82 11.36
CA ASP H 60 31.70 35.31 12.38
C ASP H 60 30.56 34.29 12.43
N VAL H 61 30.53 33.50 13.51
CA VAL H 61 29.63 32.35 13.59
C VAL H 61 28.18 32.77 13.48
N THR H 62 27.83 33.98 13.91
CA THR H 62 26.45 34.41 13.96
C THR H 62 25.95 35.08 12.68
N LYS H 63 26.83 35.32 11.71
CA LYS H 63 26.47 36.08 10.53
C LYS H 63 26.63 35.26 9.26
N PHE H 64 25.78 35.56 8.27
CA PHE H 64 25.90 34.99 6.94
C PHE H 64 25.79 36.11 5.91
N ARG H 65 26.56 35.99 4.83
CA ARG H 65 26.55 36.97 3.76
C ARG H 65 25.77 36.42 2.57
N TYR H 66 25.02 37.30 1.91
CA TYR H 66 24.25 36.94 0.73
C TYR H 66 24.37 38.07 -0.28
N MET H 67 23.78 37.84 -1.46
CA MET H 67 23.84 38.80 -2.55
C MET H 67 22.52 39.57 -2.61
N SER H 68 22.61 40.88 -2.73
CA SER H 68 21.44 41.73 -2.71
C SER H 68 20.84 41.87 -4.10
N TYR H 69 19.51 42.03 -4.15
CA TYR H 69 18.86 42.35 -5.40
C TYR H 69 19.23 43.74 -5.90
N ASP H 70 19.75 44.60 -5.04
CA ASP H 70 20.19 45.92 -5.47
C ASP H 70 21.40 45.76 -6.40
N HIS H 71 21.45 46.62 -7.41
CA HIS H 71 22.16 46.31 -8.64
C HIS H 71 23.66 46.54 -8.60
N ASP H 72 24.23 47.11 -7.53
CA ASP H 72 25.66 47.37 -7.52
C ASP H 72 26.46 46.22 -6.95
N HIS H 73 25.94 44.99 -7.05
CA HIS H 73 26.65 43.78 -6.60
C HIS H 73 27.03 43.88 -5.12
N ASP H 74 26.08 44.34 -4.31
CA ASP H 74 26.33 44.49 -2.88
C ASP H 74 26.25 43.16 -2.17
N ILE H 75 27.12 42.98 -1.19
CA ILE H 75 27.09 41.84 -0.29
C ILE H 75 26.52 42.33 1.03
N LYS H 76 25.50 41.64 1.54
CA LYS H 76 24.83 42.03 2.77
C LYS H 76 24.92 40.91 3.79
N GLU H 77 25.02 41.28 5.06
CA GLU H 77 25.11 40.32 6.15
C GLU H 77 23.83 40.32 6.95
N ASP H 78 23.55 39.19 7.60
CA ASP H 78 22.34 39.05 8.39
C ASP H 78 22.55 37.95 9.42
N SER H 79 21.71 37.96 10.44
CA SER H 79 21.85 37.00 11.53
C SER H 79 21.46 35.59 11.08
N MET H 80 22.22 34.59 11.54
CA MET H 80 21.92 33.21 11.23
C MET H 80 20.64 32.71 11.88
N GLU H 81 20.09 33.45 12.85
CA GLU H 81 18.84 33.04 13.47
C GLU H 81 17.68 33.10 12.48
N LYS H 82 17.86 33.76 11.34
CA LYS H 82 16.85 33.81 10.30
C LYS H 82 16.93 32.63 9.34
N ILE H 83 17.97 31.81 9.42
CA ILE H 83 18.14 30.67 8.51
C ILE H 83 17.36 29.49 9.07
N ALA H 84 16.42 28.99 8.29
CA ALA H 84 15.61 27.83 8.65
C ALA H 84 15.71 26.77 7.56
N ILE H 85 15.73 25.52 7.98
CA ILE H 85 15.76 24.38 7.09
C ILE H 85 14.55 23.51 7.40
N SER H 86 13.88 23.02 6.36
CA SER H 86 12.72 22.18 6.54
C SER H 86 12.65 21.16 5.41
N THR H 87 12.23 19.95 5.75
CA THR H 87 11.98 18.90 4.76
C THR H 87 10.49 18.61 4.66
N SER H 88 9.86 18.26 5.77
CA SER H 88 8.41 18.31 5.95
C SER H 88 8.06 19.10 7.21
N GLY H 89 8.87 18.98 8.26
CA GLY H 89 8.79 19.85 9.41
C GLY H 89 10.11 20.55 9.59
N PRO H 90 10.23 21.36 10.65
CA PRO H 90 11.48 22.08 10.88
C PRO H 90 12.64 21.14 11.14
N CYS H 91 13.81 21.51 10.64
CA CYS H 91 15.03 20.73 10.77
C CYS H 91 15.98 21.40 11.75
N ARG H 92 16.74 20.59 12.47
CA ARG H 92 17.71 21.07 13.44
C ARG H 92 19.03 21.37 12.73
N ARG H 93 19.52 22.59 12.88
CA ARG H 93 20.78 22.99 12.25
C ARG H 93 21.95 22.52 13.10
N LEU H 94 22.80 21.70 12.51
CA LEU H 94 23.92 21.09 13.22
C LEU H 94 25.24 21.82 13.00
N GLY H 95 25.36 22.63 11.96
CA GLY H 95 26.58 23.36 11.71
C GLY H 95 26.50 24.08 10.38
N HIS H 96 27.40 25.04 10.22
CA HIS H 96 27.44 25.84 9.01
C HIS H 96 28.85 26.33 8.75
N LYS H 97 29.24 26.37 7.49
CA LYS H 97 30.50 26.98 7.07
C LYS H 97 30.45 27.19 5.57
N GLY H 98 30.75 28.40 5.13
CA GLY H 98 30.77 28.69 3.70
C GLY H 98 29.43 28.45 3.07
N TYR H 99 29.45 27.88 1.87
CA TYR H 99 28.21 27.56 1.18
C TYR H 99 27.48 26.39 1.80
N PHE H 100 27.84 25.83 2.95
CA PHE H 100 27.35 24.51 3.34
C PHE H 100 26.65 24.55 4.68
N LEU H 101 25.55 23.81 4.78
CA LEU H 101 24.78 23.63 6.00
C LEU H 101 24.66 22.15 6.31
N LEU H 102 24.47 21.84 7.58
CA LEU H 102 24.20 20.49 8.04
C LEU H 102 22.90 20.49 8.82
N ALA H 103 22.02 19.55 8.53
CA ALA H 103 20.69 19.55 9.12
C ALA H 103 20.25 18.13 9.44
N GLN H 104 19.68 17.96 10.63
CA GLN H 104 19.01 16.71 11.01
C GLN H 104 17.54 16.86 10.64
N CYS H 105 17.13 16.20 9.55
CA CYS H 105 15.83 16.48 8.96
C CYS H 105 14.90 15.27 9.08
N PRO H 106 13.61 15.52 9.25
CA PRO H 106 12.64 14.42 9.18
C PRO H 106 12.45 13.96 7.74
N PRO H 107 11.84 12.80 7.52
CA PRO H 107 11.60 12.35 6.15
C PRO H 107 10.66 13.26 5.39
N GLY H 108 10.85 13.31 4.08
CA GLY H 108 10.00 14.14 3.23
C GLY H 108 10.48 14.05 1.79
N ASP H 109 9.79 14.81 0.94
CA ASP H 109 10.05 14.79 -0.50
C ASP H 109 10.74 16.04 -1.02
N SER H 110 11.09 16.99 -0.14
CA SER H 110 11.72 18.22 -0.61
C SER H 110 12.57 18.80 0.52
N VAL H 111 13.48 19.69 0.14
CA VAL H 111 14.36 20.39 1.07
C VAL H 111 14.18 21.88 0.86
N THR H 112 13.95 22.61 1.94
CA THR H 112 13.66 24.04 1.89
C THR H 112 14.64 24.81 2.78
N VAL H 113 15.15 25.92 2.25
CA VAL H 113 15.99 26.84 2.99
C VAL H 113 15.30 28.21 2.96
N SER H 114 15.11 28.79 4.14
CA SER H 114 14.34 30.02 4.28
C SER H 114 15.12 31.06 5.06
N ILE H 115 14.91 32.32 4.70
CA ILE H 115 15.24 33.45 5.55
C ILE H 115 13.92 33.93 6.15
N THR H 116 13.77 33.76 7.45
CA THR H 116 12.45 33.80 8.09
C THR H 116 11.97 35.21 8.40
N SER H 117 12.79 36.23 8.25
CA SER H 117 12.38 37.59 8.52
C SER H 117 13.27 38.56 7.76
N GLY H 118 13.11 39.84 8.03
CA GLY H 118 13.92 40.87 7.41
C GLY H 118 13.49 41.20 6.00
N ALA H 119 14.25 42.11 5.40
CA ALA H 119 13.98 42.51 4.02
C ALA H 119 14.17 41.35 3.05
N SER H 120 15.22 40.56 3.25
CA SER H 120 15.50 39.43 2.36
C SER H 120 14.78 38.17 2.81
N GLU H 121 13.48 38.28 3.04
CA GLU H 121 12.67 37.18 3.53
C GLU H 121 12.26 36.31 2.35
N ASN H 122 12.99 35.22 2.14
CA ASN H 122 12.84 34.41 0.94
C ASN H 122 12.78 32.93 1.32
N SER H 123 12.78 32.08 0.29
CA SER H 123 12.75 30.64 0.47
C SER H 123 13.27 29.98 -0.81
N CYS H 124 13.59 28.69 -0.70
CA CYS H 124 14.03 27.92 -1.85
C CYS H 124 13.77 26.45 -1.57
N THR H 125 13.02 25.79 -2.44
CA THR H 125 12.65 24.40 -2.28
C THR H 125 13.13 23.60 -3.47
N VAL H 126 13.88 22.53 -3.20
CA VAL H 126 14.32 21.60 -4.22
C VAL H 126 13.74 20.23 -3.91
N GLU H 127 13.62 19.40 -4.94
CA GLU H 127 13.00 18.10 -4.81
C GLU H 127 14.07 17.06 -4.49
N LYS H 128 13.94 16.42 -3.33
CA LYS H 128 14.91 15.43 -2.88
C LYS H 128 14.23 14.51 -1.88
N LYS H 129 14.41 13.20 -2.05
CA LYS H 129 13.76 12.21 -1.21
C LYS H 129 14.64 11.95 0.02
N ILE H 130 14.23 12.52 1.15
CA ILE H 130 14.89 12.28 2.42
C ILE H 130 14.11 11.15 3.12
N ARG H 131 14.76 10.01 3.30
CA ARG H 131 14.11 8.85 3.88
C ARG H 131 14.68 8.59 5.28
N ARG H 132 13.99 7.70 6.01
CA ARG H 132 14.44 7.30 7.33
C ARG H 132 15.48 6.20 7.18
N LYS H 133 16.66 6.42 7.76
CA LYS H 133 17.78 5.50 7.64
C LYS H 133 18.02 4.80 8.96
N PHE H 134 18.34 3.51 8.89
CA PHE H 134 18.67 2.72 10.06
C PHE H 134 19.92 1.89 9.75
N VAL H 135 20.60 1.47 10.80
CA VAL H 135 21.80 0.66 10.70
C VAL H 135 21.50 -0.74 11.21
N GLY H 136 21.94 -1.74 10.46
CA GLY H 136 21.81 -3.12 10.88
C GLY H 136 20.60 -3.83 10.29
N ARG H 137 20.25 -4.93 10.93
CA ARG H 137 19.19 -5.80 10.47
C ARG H 137 17.89 -5.66 11.26
N GLU H 138 17.78 -4.61 12.07
CA GLU H 138 16.57 -4.33 12.83
C GLU H 138 16.21 -2.87 12.66
N GLU H 139 14.92 -2.60 12.42
CA GLU H 139 14.47 -1.24 12.20
C GLU H 139 14.19 -0.53 13.52
N TYR H 140 14.38 0.79 13.51
CA TYR H 140 14.10 1.58 14.69
C TYR H 140 13.68 2.98 14.26
N LEU H 141 12.96 3.66 15.16
CA LEU H 141 12.62 5.06 14.94
C LEU H 141 13.76 5.96 15.35
N PHE H 142 14.31 5.74 16.53
CA PHE H 142 15.54 6.34 17.02
C PHE H 142 16.36 5.27 17.70
N PRO H 143 17.67 5.44 17.80
CA PRO H 143 18.52 4.43 18.42
C PRO H 143 18.07 4.12 19.83
N PRO H 144 18.08 2.86 20.22
CA PRO H 144 17.61 2.46 21.56
C PRO H 144 18.65 2.81 22.62
N VAL H 145 18.34 2.43 23.85
CA VAL H 145 19.26 2.63 24.96
C VAL H 145 20.14 1.40 25.17
N HIS H 146 19.55 0.21 25.09
CA HIS H 146 20.30 -1.03 25.20
C HIS H 146 20.44 -1.66 23.83
N GLY H 147 21.66 -2.11 23.52
CA GLY H 147 21.90 -2.76 22.25
C GLY H 147 23.39 -3.03 22.08
N LYS H 148 23.74 -3.44 20.87
CA LYS H 148 25.13 -3.64 20.51
C LYS H 148 25.62 -2.47 19.66
N LEU H 149 26.95 -2.36 19.55
CA LEU H 149 27.59 -1.26 18.86
C LEU H 149 28.03 -1.72 17.47
N LEU H 150 27.50 -1.07 16.44
CA LEU H 150 27.78 -1.41 15.06
C LEU H 150 28.50 -0.25 14.38
N LYS H 151 29.30 -0.58 13.37
CA LYS H 151 30.06 0.44 12.65
C LYS H 151 29.13 1.18 11.69
N CYS H 152 28.97 2.49 11.90
CA CYS H 152 28.14 3.34 11.07
C CYS H 152 28.95 4.54 10.64
N HIS H 153 28.54 5.16 9.54
CA HIS H 153 29.20 6.34 9.00
C HIS H 153 28.24 7.52 9.09
N ILE H 154 28.67 8.59 9.77
CA ILE H 154 27.84 9.76 9.99
C ILE H 154 28.60 11.00 9.53
N TYR H 155 27.89 12.12 9.49
CA TYR H 155 28.48 13.39 9.12
C TYR H 155 29.06 14.07 10.36
N ASP H 156 30.36 14.34 10.34
CA ASP H 156 31.01 14.99 11.47
C ASP H 156 30.45 16.39 11.67
N HIS H 157 30.07 16.70 12.90
CA HIS H 157 29.50 18.02 13.18
C HIS H 157 30.55 19.12 13.17
N LEU H 158 31.83 18.77 13.14
CA LEU H 158 32.89 19.75 13.07
C LEU H 158 33.00 20.32 11.66
N LYS H 159 33.11 21.65 11.57
CA LYS H 159 33.33 22.27 10.27
C LYS H 159 34.78 22.20 9.83
N GLU H 160 35.69 21.80 10.71
CA GLU H 160 37.11 21.70 10.36
C GLU H 160 37.43 20.50 9.48
N THR H 161 36.58 19.49 9.47
CA THR H 161 36.79 18.33 8.62
C THR H 161 36.46 18.68 7.16
N SER H 162 37.01 17.91 6.24
CA SER H 162 36.82 18.15 4.82
C SER H 162 36.52 16.84 4.10
N ALA H 163 35.49 16.86 3.25
CA ALA H 163 35.10 15.71 2.46
C ALA H 163 35.44 15.86 0.98
N GLY H 164 36.08 16.96 0.60
CA GLY H 164 36.39 17.21 -0.78
C GLY H 164 36.62 18.70 -1.00
N TYR H 165 36.55 19.11 -2.26
CA TYR H 165 36.74 20.51 -2.61
C TYR H 165 35.74 20.91 -3.68
N ILE H 166 35.45 22.22 -3.72
CA ILE H 166 34.63 22.82 -4.76
C ILE H 166 35.46 23.89 -5.44
N THR H 167 35.32 23.99 -6.76
CA THR H 167 36.18 24.86 -7.55
C THR H 167 35.61 26.28 -7.58
N MET H 168 36.48 27.26 -7.38
CA MET H 168 36.11 28.67 -7.41
C MET H 168 36.69 29.32 -8.65
N HIS H 169 35.85 29.99 -9.43
CA HIS H 169 36.24 30.60 -10.68
C HIS H 169 36.00 32.10 -10.64
N ARG H 170 36.57 32.79 -11.63
CA ARG H 170 36.41 34.23 -11.71
C ARG H 170 34.95 34.59 -11.99
N PRO H 171 34.45 35.67 -11.40
CA PRO H 171 33.05 36.05 -11.64
C PRO H 171 32.83 36.50 -13.08
N GLY H 172 31.65 36.17 -13.61
CA GLY H 172 31.32 36.51 -14.97
C GLY H 172 30.70 37.88 -15.10
N PRO H 173 30.58 38.36 -16.33
CA PRO H 173 29.91 39.64 -16.55
C PRO H 173 28.45 39.58 -16.16
N HIS H 174 27.97 40.67 -15.56
CA HIS H 174 26.58 40.76 -15.12
C HIS H 174 26.00 42.07 -15.64
N ALA H 175 25.19 41.99 -16.68
CA ALA H 175 24.60 43.17 -17.29
C ALA H 175 23.34 43.56 -16.53
N TYR H 176 23.25 44.84 -16.16
CA TYR H 176 22.09 45.39 -15.47
C TYR H 176 21.44 46.42 -16.36
N LYS H 177 20.15 46.25 -16.63
CA LYS H 177 19.44 47.20 -17.48
C LYS H 177 19.23 48.55 -16.82
N SER H 178 19.49 48.66 -15.52
CA SER H 178 19.39 49.95 -14.84
C SER H 178 20.43 50.95 -15.35
N TYR H 179 21.45 50.49 -16.05
CA TYR H 179 22.45 51.39 -16.62
C TYR H 179 22.06 51.89 -18.01
N LEU H 180 20.92 51.47 -18.54
CA LEU H 180 20.41 51.94 -19.82
C LEU H 180 19.18 52.80 -19.59
N LYS H 181 19.16 53.98 -20.21
CA LYS H 181 18.07 54.94 -20.01
C LYS H 181 17.04 54.89 -21.13
N GLU H 182 17.44 55.16 -22.37
CA GLU H 182 16.54 55.21 -23.52
C GLU H 182 15.34 56.12 -23.23
N ALA H 183 15.65 57.39 -22.92
CA ALA H 183 14.58 58.37 -22.70
C ALA H 183 14.13 58.99 -24.01
N SER H 184 15.06 59.58 -24.76
CA SER H 184 14.77 60.11 -26.08
C SER H 184 14.80 58.95 -27.08
N GLY H 185 14.89 59.27 -28.37
CA GLY H 185 15.01 58.25 -29.38
C GLY H 185 16.37 57.60 -29.39
N GLU H 186 17.24 58.04 -28.49
CA GLU H 186 18.59 57.51 -28.33
C GLU H 186 18.68 56.70 -27.05
N VAL H 187 19.86 56.15 -26.79
CA VAL H 187 20.14 55.42 -25.56
C VAL H 187 21.25 56.14 -24.80
N TYR H 188 21.27 55.94 -23.49
CA TYR H 188 22.26 56.56 -22.61
C TYR H 188 22.83 55.54 -21.64
N ILE H 189 24.13 55.63 -21.39
CA ILE H 189 24.80 54.78 -20.41
C ILE H 189 24.88 55.57 -19.11
N LYS H 190 24.41 54.98 -18.01
CA LYS H 190 24.53 55.62 -16.69
C LYS H 190 25.25 54.70 -15.72
N PRO H 191 26.46 55.04 -15.29
CA PRO H 191 27.14 54.21 -14.29
C PRO H 191 26.55 54.46 -12.91
N PRO H 192 26.71 53.51 -11.99
CA PRO H 192 26.25 53.70 -10.60
C PRO H 192 27.18 54.62 -9.81
N SER H 193 26.98 55.93 -10.01
CA SER H 193 27.79 57.00 -9.39
C SER H 193 29.25 56.73 -9.74
N GLY H 194 30.17 56.72 -8.78
CA GLY H 194 31.59 56.73 -9.08
C GLY H 194 32.24 55.39 -9.31
N LYS H 195 31.79 54.65 -10.30
CA LYS H 195 32.44 53.43 -10.77
C LYS H 195 32.38 53.34 -12.28
N ASN H 196 33.24 52.51 -12.85
CA ASN H 196 33.42 52.43 -14.30
C ASN H 196 32.57 51.29 -14.87
N VAL H 197 31.86 51.60 -15.94
CA VAL H 197 30.95 50.65 -16.60
C VAL H 197 31.42 50.46 -18.04
N THR H 198 31.54 49.20 -18.45
CA THR H 198 31.86 48.86 -19.83
C THR H 198 30.60 48.48 -20.57
N TYR H 199 30.48 48.95 -21.80
CA TYR H 199 29.30 48.71 -22.60
C TYR H 199 29.66 48.05 -23.93
N GLU H 200 28.77 47.18 -24.39
CA GLU H 200 28.89 46.52 -25.69
C GLU H 200 27.60 46.75 -26.45
N CYS H 201 27.72 47.21 -27.70
CA CYS H 201 26.56 47.57 -28.48
C CYS H 201 26.73 47.10 -29.91
N LYS H 202 25.60 46.77 -30.55
CA LYS H 202 25.55 46.34 -31.94
C LYS H 202 24.67 47.26 -32.75
N CYS H 203 24.84 48.57 -32.55
CA CYS H 203 24.09 49.57 -33.31
C CYS H 203 24.82 49.81 -34.62
N GLY H 204 24.66 48.86 -35.54
CA GLY H 204 25.37 48.89 -36.80
C GLY H 204 26.71 48.17 -36.73
N ASP H 205 27.61 48.67 -35.89
CA ASP H 205 28.92 48.08 -35.70
C ASP H 205 29.11 47.74 -34.23
N TYR H 206 30.21 47.04 -33.94
CA TYR H 206 30.54 46.64 -32.58
C TYR H 206 31.20 47.82 -31.87
N SER H 207 30.53 48.36 -30.85
CA SER H 207 31.04 49.48 -30.08
C SER H 207 31.26 49.06 -28.65
N THR H 208 32.48 49.23 -28.16
CA THR H 208 32.83 48.89 -26.79
C THR H 208 33.60 50.05 -26.16
N GLY H 209 33.57 50.12 -24.83
CA GLY H 209 34.30 51.15 -24.13
C GLY H 209 33.95 51.23 -22.66
N ILE H 210 34.82 51.86 -21.88
CA ILE H 210 34.62 52.06 -20.45
C ILE H 210 34.27 53.53 -20.22
N VAL H 211 33.22 53.76 -19.44
CA VAL H 211 32.76 55.12 -19.15
C VAL H 211 32.60 55.29 -17.65
N SER H 212 32.72 56.53 -17.20
CA SER H 212 32.57 56.87 -15.78
C SER H 212 31.44 57.88 -15.55
N THR H 213 30.68 58.21 -16.59
CA THR H 213 29.65 59.24 -16.50
C THR H 213 28.61 58.96 -17.58
N GLN H 214 27.65 59.86 -17.70
CA GLN H 214 26.64 59.77 -18.75
C GLN H 214 27.30 59.73 -20.12
N THR H 215 26.84 58.83 -20.98
CA THR H 215 27.35 58.72 -22.33
C THR H 215 26.19 58.71 -23.32
N LYS H 216 26.28 59.58 -24.32
CA LYS H 216 25.24 59.74 -25.32
C LYS H 216 25.14 58.57 -26.28
N MET H 217 26.22 57.81 -26.46
CA MET H 217 26.35 56.76 -27.46
C MET H 217 26.09 57.27 -28.88
N ASN H 218 26.06 56.35 -29.84
CA ASN H 218 26.04 56.66 -31.26
C ASN H 218 25.27 55.58 -32.00
N GLY H 219 24.28 55.98 -32.78
CA GLY H 219 23.62 55.06 -33.70
C GLY H 219 22.66 54.08 -33.08
N CYS H 220 22.40 54.20 -31.78
CA CYS H 220 21.51 53.27 -31.07
C CYS H 220 20.17 53.95 -30.84
N THR H 221 19.09 53.21 -31.14
CA THR H 221 17.74 53.73 -30.95
C THR H 221 17.02 53.11 -29.77
N LYS H 222 17.28 51.84 -29.46
CA LYS H 222 16.59 51.13 -28.40
C LYS H 222 17.60 50.56 -27.41
N ALA H 223 17.15 50.32 -26.18
CA ALA H 223 18.04 49.91 -25.11
C ALA H 223 18.41 48.43 -25.17
N ARG H 224 17.72 47.63 -25.96
CA ARG H 224 18.06 46.22 -26.06
C ARG H 224 19.26 45.96 -26.97
N GLN H 225 19.74 46.97 -27.69
CA GLN H 225 20.95 46.83 -28.48
C GLN H 225 22.22 47.06 -27.68
N CYS H 226 22.10 47.39 -26.40
CA CYS H 226 23.26 47.69 -25.58
C CYS H 226 23.14 46.99 -24.24
N ILE H 227 24.31 46.59 -23.70
CA ILE H 227 24.41 46.04 -22.36
C ILE H 227 25.52 46.78 -21.63
N ALA H 228 25.45 46.74 -20.30
CA ALA H 228 26.41 47.47 -19.48
C ALA H 228 26.68 46.67 -18.21
N TYR H 229 27.97 46.47 -17.90
CA TYR H 229 28.36 45.70 -16.73
C TYR H 229 29.64 46.29 -16.16
N THR H 230 30.04 45.80 -15.00
CA THR H 230 31.20 46.28 -14.27
C THR H 230 32.21 45.18 -14.07
N ARG H 231 33.49 45.48 -14.29
CA ARG H 231 34.58 44.58 -13.95
C ARG H 231 35.26 44.91 -12.63
N ASP H 232 34.63 45.72 -11.78
CA ASP H 232 35.19 45.97 -10.46
C ASP H 232 35.16 44.71 -9.61
N GLN H 233 34.18 43.85 -9.85
CA GLN H 233 34.07 42.61 -9.08
C GLN H 233 35.15 41.62 -9.47
N THR H 234 35.91 41.15 -8.48
CA THR H 234 36.94 40.15 -8.72
C THR H 234 36.84 38.97 -7.77
N LYS H 235 35.94 38.98 -6.80
CA LYS H 235 35.83 37.90 -5.84
C LYS H 235 35.30 36.64 -6.51
N TRP H 236 35.87 35.50 -6.14
CA TRP H 236 35.57 34.26 -6.83
C TRP H 236 34.16 33.77 -6.52
N VAL H 237 33.66 32.89 -7.40
CA VAL H 237 32.29 32.39 -7.33
C VAL H 237 32.30 30.91 -7.67
N PHE H 238 31.23 30.23 -7.27
CA PHE H 238 31.13 28.80 -7.51
C PHE H 238 30.83 28.52 -8.98
N ASN H 239 31.18 27.31 -9.42
CA ASN H 239 30.89 26.83 -10.77
C ASN H 239 29.41 26.46 -10.84
N SER H 240 28.57 27.50 -10.90
CA SER H 240 27.13 27.31 -10.85
C SER H 240 26.54 27.33 -12.26
N PRO H 241 25.52 26.51 -12.52
CA PRO H 241 24.86 26.53 -13.83
C PRO H 241 24.02 27.78 -14.07
N ASP H 242 23.85 28.65 -13.08
CA ASP H 242 23.02 29.83 -13.20
C ASP H 242 23.82 31.11 -13.38
N LEU H 243 25.13 31.02 -13.58
CA LEU H 243 25.97 32.17 -13.85
C LEU H 243 26.61 32.02 -15.23
N ILE H 244 26.83 33.14 -15.89
CA ILE H 244 27.50 33.15 -17.18
C ILE H 244 29.00 33.25 -16.93
N ARG H 245 29.77 32.36 -17.56
CA ARG H 245 31.17 32.23 -17.26
C ARG H 245 31.97 33.42 -17.79
N HIS H 246 33.18 33.58 -17.26
CA HIS H 246 34.13 34.57 -17.74
C HIS H 246 34.89 34.00 -18.94
N THR H 247 35.51 34.91 -19.69
CA THR H 247 36.34 34.47 -20.82
C THR H 247 37.51 33.62 -20.35
N ASP H 248 37.93 33.77 -19.10
CA ASP H 248 38.91 32.90 -18.47
C ASP H 248 38.21 32.16 -17.34
N HIS H 249 38.03 30.84 -17.51
CA HIS H 249 37.31 30.02 -16.54
C HIS H 249 38.21 28.98 -15.89
N SER H 250 39.49 29.27 -15.75
CA SER H 250 40.39 28.39 -15.04
C SER H 250 40.09 28.42 -13.55
N VAL H 251 40.49 27.37 -12.85
CA VAL H 251 40.23 27.27 -11.41
C VAL H 251 41.16 28.23 -10.70
N GLN H 252 40.60 29.28 -10.09
CA GLN H 252 41.38 30.23 -9.34
C GLN H 252 41.66 29.79 -7.91
N GLY H 253 40.94 28.78 -7.43
CA GLY H 253 41.15 28.29 -6.09
C GLY H 253 40.14 27.20 -5.79
N LYS H 254 40.29 26.62 -4.60
CA LYS H 254 39.40 25.56 -4.15
C LYS H 254 38.97 25.83 -2.72
N LEU H 255 37.80 25.30 -2.36
CA LEU H 255 37.19 25.50 -1.06
C LEU H 255 36.74 24.16 -0.49
N HIS H 256 36.92 24.00 0.83
CA HIS H 256 36.61 22.74 1.48
C HIS H 256 35.10 22.49 1.52
N ILE H 257 34.74 21.21 1.46
CA ILE H 257 33.38 20.76 1.76
C ILE H 257 33.40 20.23 3.19
N PRO H 258 32.79 20.91 4.16
CA PRO H 258 32.92 20.47 5.55
C PRO H 258 32.10 19.23 5.87
N PHE H 259 32.15 18.78 7.12
CA PHE H 259 31.33 17.68 7.62
C PHE H 259 31.61 16.38 6.86
N ARG H 260 32.83 15.88 7.02
CA ARG H 260 33.24 14.63 6.39
C ARG H 260 32.41 13.46 6.92
N LEU H 261 32.34 12.40 6.12
CA LEU H 261 31.69 11.16 6.50
C LEU H 261 32.70 10.31 7.26
N THR H 262 32.59 10.29 8.58
CA THR H 262 33.57 9.59 9.40
C THR H 262 33.02 8.27 9.92
N PRO H 263 33.89 7.29 10.15
CA PRO H 263 33.44 6.05 10.80
C PRO H 263 33.22 6.26 12.28
N THR H 264 32.16 5.65 12.80
CA THR H 264 31.78 5.76 14.21
C THR H 264 30.98 4.52 14.58
N VAL H 265 30.41 4.52 15.78
CA VAL H 265 29.67 3.38 16.30
C VAL H 265 28.26 3.82 16.68
N CYS H 266 27.28 3.01 16.30
CA CYS H 266 25.87 3.28 16.56
C CYS H 266 25.30 2.20 17.45
N ARG H 267 24.30 2.56 18.24
CA ARG H 267 23.60 1.61 19.11
C ARG H 267 22.35 1.12 18.38
N VAL H 268 22.31 -0.18 18.08
CA VAL H 268 21.22 -0.77 17.32
C VAL H 268 20.43 -1.70 18.21
N PRO H 269 19.14 -1.92 17.95
CA PRO H 269 18.34 -2.76 18.83
C PRO H 269 18.73 -4.23 18.76
N LEU H 270 18.44 -4.92 19.85
CA LEU H 270 18.55 -6.38 19.91
C LEU H 270 17.13 -6.95 20.00
N ALA H 271 16.78 -7.80 19.06
CA ALA H 271 15.43 -8.31 19.00
C ALA H 271 15.19 -9.34 20.11
N HIS H 272 13.92 -9.70 20.28
CA HIS H 272 13.56 -10.70 21.28
C HIS H 272 14.05 -12.07 20.85
N THR H 273 14.78 -12.74 21.74
CA THR H 273 15.38 -14.02 21.40
C THR H 273 14.29 -15.03 21.07
N PRO H 274 14.33 -15.67 19.90
CA PRO H 274 13.23 -16.53 19.49
C PRO H 274 13.21 -17.84 20.27
N THR H 275 12.01 -18.42 20.37
CA THR H 275 11.83 -19.72 20.97
C THR H 275 11.91 -20.79 19.89
N VAL H 276 12.64 -21.86 20.16
CA VAL H 276 12.88 -22.91 19.18
C VAL H 276 12.05 -24.13 19.56
N THR H 277 11.16 -24.54 18.65
CA THR H 277 10.44 -25.80 18.77
C THR H 277 11.16 -26.83 17.90
N LYS H 278 11.56 -27.94 18.50
CA LYS H 278 12.40 -28.92 17.85
C LYS H 278 11.57 -30.14 17.47
N TRP H 279 11.63 -30.53 16.21
CA TRP H 279 11.01 -31.76 15.73
C TRP H 279 11.98 -32.48 14.80
N PHE H 280 11.48 -33.50 14.11
CA PHE H 280 12.33 -34.32 13.26
C PHE H 280 12.84 -33.53 12.06
N LYS H 281 14.15 -33.33 12.00
CA LYS H 281 14.80 -32.67 10.88
C LYS H 281 14.19 -31.30 10.58
N GLY H 282 14.08 -30.47 11.62
CA GLY H 282 13.57 -29.14 11.45
C GLY H 282 13.42 -28.43 12.77
N ILE H 283 13.23 -27.11 12.68
CA ILE H 283 12.96 -26.27 13.84
C ILE H 283 11.82 -25.32 13.49
N THR H 284 11.17 -24.81 14.53
CA THR H 284 10.19 -23.75 14.43
C THR H 284 10.67 -22.56 15.25
N LEU H 285 10.71 -21.39 14.63
CA LEU H 285 11.11 -20.16 15.31
C LEU H 285 9.87 -19.34 15.59
N HIS H 286 9.59 -19.13 16.87
CA HIS H 286 8.48 -18.29 17.31
C HIS H 286 9.05 -16.90 17.55
N LEU H 287 8.88 -16.03 16.56
CA LEU H 287 9.60 -14.76 16.50
C LEU H 287 8.67 -13.61 16.88
N THR H 288 9.14 -12.75 17.77
CA THR H 288 8.43 -11.53 18.15
C THR H 288 9.22 -10.33 17.62
N ALA H 289 8.56 -9.49 16.83
CA ALA H 289 9.21 -8.33 16.24
C ALA H 289 8.20 -7.21 16.13
N THR H 290 8.40 -6.15 16.92
CA THR H 290 7.54 -4.98 16.82
C THR H 290 7.84 -4.15 15.58
N ARG H 291 9.05 -4.23 15.06
CA ARG H 291 9.50 -3.52 13.88
C ARG H 291 10.11 -4.52 12.91
N PRO H 292 10.19 -4.17 11.62
CA PRO H 292 10.77 -5.11 10.64
C PRO H 292 12.17 -5.56 11.03
N THR H 293 12.33 -6.88 11.14
CA THR H 293 13.58 -7.51 11.53
C THR H 293 13.94 -8.56 10.49
N LEU H 294 15.24 -8.82 10.34
CA LEU H 294 15.73 -9.69 9.28
C LEU H 294 16.03 -11.07 9.83
N LEU H 295 15.42 -12.09 9.24
CA LEU H 295 15.69 -13.49 9.56
C LEU H 295 16.42 -14.11 8.37
N THR H 296 17.68 -14.47 8.58
CA THR H 296 18.51 -15.07 7.53
C THR H 296 18.91 -16.47 7.98
N THR H 297 18.70 -17.45 7.12
CA THR H 297 19.12 -18.82 7.39
C THR H 297 19.97 -19.32 6.23
N ARG H 298 20.74 -20.37 6.52
CA ARG H 298 21.52 -21.04 5.49
C ARG H 298 21.97 -22.39 6.03
N LYS H 299 22.00 -23.39 5.15
CA LYS H 299 22.50 -24.70 5.52
C LYS H 299 24.01 -24.73 5.41
N LEU H 300 24.63 -25.54 6.27
CA LEU H 300 26.08 -25.60 6.38
C LEU H 300 26.68 -26.74 5.56
N GLY H 301 26.05 -27.08 4.43
CA GLY H 301 26.55 -28.12 3.57
C GLY H 301 26.92 -27.64 2.19
N LEU H 302 26.88 -28.54 1.20
CA LEU H 302 27.29 -28.18 -0.15
C LEU H 302 26.37 -27.15 -0.77
N ARG H 303 25.10 -27.14 -0.37
CA ARG H 303 24.13 -26.17 -0.87
C ARG H 303 23.63 -25.33 0.30
N ALA H 304 23.52 -24.02 0.07
CA ALA H 304 23.16 -23.11 1.15
C ALA H 304 21.65 -23.05 1.35
N ASP H 305 20.88 -22.95 0.27
CA ASP H 305 19.44 -22.76 0.34
C ASP H 305 19.10 -21.57 1.24
N ALA H 306 19.86 -20.49 1.08
CA ALA H 306 19.73 -19.33 1.95
C ALA H 306 18.37 -18.67 1.80
N THR H 307 17.84 -18.16 2.90
CA THR H 307 16.58 -17.44 2.92
C THR H 307 16.80 -16.04 3.48
N ALA H 308 15.86 -15.15 3.17
CA ALA H 308 15.88 -13.80 3.70
C ALA H 308 14.44 -13.30 3.80
N GLU H 309 14.10 -12.71 4.93
CA GLU H 309 12.75 -12.22 5.17
C GLU H 309 12.81 -11.07 6.16
N TRP H 310 11.97 -10.07 5.91
CA TRP H 310 11.74 -8.98 6.87
C TRP H 310 10.43 -9.28 7.58
N ILE H 311 10.51 -9.51 8.89
CA ILE H 311 9.40 -10.03 9.66
C ILE H 311 8.87 -8.94 10.58
N THR H 312 7.57 -8.70 10.52
CA THR H 312 6.88 -7.80 11.43
C THR H 312 5.75 -8.57 12.11
N GLY H 313 5.60 -8.35 13.40
CA GLY H 313 4.59 -9.06 14.17
C GLY H 313 5.10 -10.39 14.70
N THR H 314 4.21 -11.05 15.44
CA THR H 314 4.50 -12.36 16.02
C THR H 314 4.06 -13.44 15.06
N THR H 315 5.01 -14.27 14.61
CA THR H 315 4.72 -15.31 13.65
C THR H 315 5.59 -16.53 13.98
N SER H 316 5.48 -17.56 13.15
CA SER H 316 6.30 -18.75 13.25
C SER H 316 6.80 -19.11 11.87
N ARG H 317 8.03 -19.60 11.78
CA ARG H 317 8.62 -19.99 10.51
C ARG H 317 9.23 -21.38 10.65
N ASN H 318 8.87 -22.27 9.73
CA ASN H 318 9.38 -23.63 9.73
C ASN H 318 10.61 -23.75 8.84
N PHE H 319 11.69 -24.27 9.40
CA PHE H 319 12.92 -24.48 8.67
C PHE H 319 13.32 -25.95 8.78
N SER H 320 14.08 -26.41 7.79
CA SER H 320 14.51 -27.80 7.71
C SER H 320 15.98 -27.90 8.07
N VAL H 321 16.29 -28.78 9.02
CA VAL H 321 17.67 -29.01 9.47
C VAL H 321 18.05 -30.43 9.07
N GLY H 322 19.32 -30.62 8.72
CA GLY H 322 19.83 -31.93 8.37
C GLY H 322 21.03 -32.31 9.20
N ARG H 323 21.72 -33.37 8.80
CA ARG H 323 22.93 -33.78 9.52
C ARG H 323 24.03 -32.73 9.40
N GLU H 324 23.96 -31.87 8.37
CA GLU H 324 25.02 -30.90 8.13
C GLU H 324 24.86 -29.63 8.95
N GLY H 325 23.63 -29.28 9.31
CA GLY H 325 23.38 -28.16 10.20
C GLY H 325 22.58 -27.06 9.54
N LEU H 326 22.29 -26.04 10.33
CA LEU H 326 21.54 -24.88 9.88
C LEU H 326 21.91 -23.68 10.75
N GLU H 327 22.18 -22.55 10.12
CA GLU H 327 22.58 -21.33 10.80
C GLU H 327 21.50 -20.28 10.57
N TYR H 328 20.95 -19.74 11.65
CA TYR H 328 19.95 -18.69 11.54
C TYR H 328 20.40 -17.46 12.33
N VAL H 329 20.18 -16.29 11.75
CA VAL H 329 20.54 -15.01 12.34
C VAL H 329 19.27 -14.21 12.50
N TRP H 330 18.96 -13.83 13.73
CA TRP H 330 17.73 -13.10 14.05
C TRP H 330 18.12 -11.67 14.41
N GLY H 331 17.85 -10.73 13.50
CA GLY H 331 18.19 -9.34 13.74
C GLY H 331 19.68 -9.16 13.94
N ASN H 332 20.03 -8.36 14.94
CA ASN H 332 21.43 -8.10 15.26
C ASN H 332 21.95 -9.08 16.30
N HIS H 333 21.75 -10.37 16.07
CA HIS H 333 22.17 -11.41 16.98
C HIS H 333 23.28 -12.23 16.34
N GLU H 334 24.14 -12.79 17.18
CA GLU H 334 25.21 -13.64 16.67
C GLU H 334 24.61 -14.93 16.12
N PRO H 335 25.18 -15.48 15.05
CA PRO H 335 24.60 -16.69 14.44
C PRO H 335 24.59 -17.86 15.42
N VAL H 336 23.48 -18.60 15.39
CA VAL H 336 23.30 -19.77 16.24
C VAL H 336 23.04 -20.97 15.34
N ARG H 337 23.76 -22.05 15.57
CA ARG H 337 23.77 -23.21 14.68
C ARG H 337 23.07 -24.39 15.33
N VAL H 338 22.38 -25.17 14.51
CA VAL H 338 21.60 -26.32 14.98
C VAL H 338 21.84 -27.49 14.03
N TRP H 339 22.06 -28.67 14.60
CA TRP H 339 22.25 -29.89 13.84
C TRP H 339 21.15 -30.89 14.18
N ALA H 340 20.87 -31.79 13.26
CA ALA H 340 19.79 -32.76 13.40
C ALA H 340 20.34 -34.15 13.64
N GLN H 341 19.85 -34.80 14.69
CA GLN H 341 20.19 -36.18 15.00
C GLN H 341 19.18 -37.12 14.36
N GLU H 342 19.51 -38.41 14.36
CA GLU H 342 18.63 -39.42 13.76
C GLU H 342 17.59 -39.90 14.78
N SER H 343 16.75 -38.97 15.20
CA SER H 343 15.70 -39.24 16.18
C SER H 343 14.39 -39.64 15.51
N ALA H 344 14.46 -40.63 14.62
CA ALA H 344 13.27 -41.06 13.92
C ALA H 344 12.40 -41.94 14.81
N PRO H 345 11.08 -41.86 14.68
CA PRO H 345 10.21 -42.79 15.40
C PRO H 345 10.43 -44.22 14.93
N GLY H 346 10.16 -45.16 15.82
CA GLY H 346 10.48 -46.54 15.54
C GLY H 346 11.82 -46.94 16.15
N ASP H 347 11.96 -48.23 16.43
CA ASP H 347 13.11 -48.71 17.18
C ASP H 347 13.92 -49.62 16.27
N PRO H 348 15.15 -49.25 15.92
CA PRO H 348 15.90 -50.00 14.89
C PRO H 348 16.43 -51.36 15.36
N HIS H 349 15.98 -51.85 16.50
CA HIS H 349 16.47 -53.08 17.10
C HIS H 349 15.36 -54.04 17.49
N GLY H 350 14.10 -53.68 17.26
CA GLY H 350 12.99 -54.50 17.68
C GLY H 350 12.30 -55.27 16.57
N TRP H 351 11.08 -54.86 16.24
CA TRP H 351 10.18 -55.65 15.42
C TRP H 351 10.14 -55.12 13.98
N PRO H 352 9.53 -55.87 13.05
CA PRO H 352 9.63 -55.50 11.62
C PRO H 352 9.16 -54.09 11.33
N HIS H 353 7.91 -53.80 11.67
CA HIS H 353 7.35 -52.47 11.39
C HIS H 353 8.15 -51.39 12.10
N GLU H 354 8.66 -51.66 13.31
CA GLU H 354 9.43 -50.65 14.00
C GLU H 354 10.72 -50.31 13.26
N ILE H 355 11.50 -51.32 12.89
CA ILE H 355 12.75 -51.04 12.20
C ILE H 355 12.48 -50.40 10.84
N ILE H 356 11.42 -50.86 10.17
CA ILE H 356 11.11 -50.34 8.84
C ILE H 356 10.67 -48.88 8.92
N ILE H 357 9.85 -48.52 9.92
CA ILE H 357 9.39 -47.14 10.03
C ILE H 357 10.56 -46.24 10.42
N HIS H 358 11.46 -46.73 11.28
CA HIS H 358 12.64 -45.95 11.63
C HIS H 358 13.48 -45.65 10.40
N TYR H 359 13.82 -46.69 9.63
CA TYR H 359 14.67 -46.49 8.46
C TYR H 359 13.96 -45.71 7.36
N TYR H 360 12.65 -45.84 7.25
CA TYR H 360 11.91 -45.07 6.26
C TYR H 360 11.89 -43.59 6.64
N HIS H 361 11.73 -43.28 7.93
CA HIS H 361 11.82 -41.89 8.35
C HIS H 361 13.22 -41.34 8.15
N ARG H 362 14.26 -42.18 8.26
CA ARG H 362 15.61 -41.68 8.06
C ARG H 362 15.96 -41.59 6.57
N HIS H 363 15.95 -42.73 5.87
CA HIS H 363 16.25 -42.79 4.44
C HIS H 363 15.08 -43.43 3.70
N PRO H 364 14.10 -42.62 3.28
CA PRO H 364 12.87 -43.19 2.69
C PRO H 364 13.11 -43.92 1.38
N VAL H 365 13.80 -43.26 0.45
CA VAL H 365 14.02 -43.86 -0.87
C VAL H 365 14.86 -45.13 -0.74
N TYR H 366 15.92 -45.08 0.08
CA TYR H 366 16.77 -46.25 0.27
C TYR H 366 15.99 -47.40 0.88
N THR H 367 15.18 -47.12 1.91
CA THR H 367 14.43 -48.18 2.57
C THR H 367 13.39 -48.78 1.62
N VAL H 368 12.70 -47.93 0.84
CA VAL H 368 11.73 -48.43 -0.13
C VAL H 368 12.43 -49.30 -1.18
N ILE H 369 13.61 -48.87 -1.63
CA ILE H 369 14.35 -49.64 -2.62
C ILE H 369 14.73 -51.00 -2.05
N VAL H 370 15.19 -51.04 -0.80
CA VAL H 370 15.61 -52.30 -0.20
C VAL H 370 14.40 -53.22 0.00
N LEU H 371 13.27 -52.67 0.45
CA LEU H 371 12.07 -53.47 0.59
C LEU H 371 11.59 -54.03 -0.74
N CYS H 372 11.64 -53.22 -1.80
CA CYS H 372 11.29 -53.71 -3.12
C CYS H 372 12.26 -54.80 -3.56
N GLY H 373 13.54 -54.66 -3.20
CA GLY H 373 14.51 -55.69 -3.51
C GLY H 373 14.18 -57.02 -2.84
N VAL H 374 13.82 -56.98 -1.56
CA VAL H 374 13.49 -58.22 -0.87
C VAL H 374 12.20 -58.81 -1.42
N ALA H 375 11.24 -57.96 -1.82
CA ALA H 375 10.02 -58.47 -2.43
C ALA H 375 10.32 -59.16 -3.76
N LEU H 376 11.17 -58.55 -4.59
CA LEU H 376 11.55 -59.19 -5.84
C LEU H 376 12.30 -60.49 -5.58
N ALA H 377 13.17 -60.50 -4.57
CA ALA H 377 13.93 -61.70 -4.26
C ALA H 377 13.03 -62.84 -3.79
N ILE H 378 12.02 -62.54 -2.97
CA ILE H 378 11.15 -63.61 -2.49
C ILE H 378 10.26 -64.11 -3.62
N LEU H 379 9.76 -63.20 -4.47
CA LEU H 379 8.87 -63.64 -5.54
C LEU H 379 9.62 -64.42 -6.62
N VAL H 380 10.84 -64.00 -6.95
CA VAL H 380 11.73 -64.82 -7.80
C VAL H 380 12.44 -65.79 -6.87
N GLY H 381 11.86 -66.98 -6.72
CA GLY H 381 12.32 -67.94 -5.74
C GLY H 381 11.14 -68.66 -5.14
N THR H 382 10.00 -67.95 -5.01
CA THR H 382 8.73 -68.64 -4.92
C THR H 382 8.13 -68.92 -6.29
N ALA H 383 8.66 -68.30 -7.34
CA ALA H 383 8.26 -68.60 -8.71
C ALA H 383 9.30 -69.44 -9.45
N SER H 384 10.56 -69.03 -9.42
CA SER H 384 11.59 -69.75 -10.17
C SER H 384 11.80 -71.16 -9.63
N SER H 385 12.00 -71.28 -8.32
CA SER H 385 12.19 -72.60 -7.72
C SER H 385 10.94 -73.46 -7.87
N ALA H 386 9.76 -72.86 -7.71
CA ALA H 386 8.52 -73.61 -7.88
C ALA H 386 8.39 -74.14 -9.30
N ALA H 387 8.72 -73.31 -10.29
CA ALA H 387 8.68 -73.76 -11.68
C ALA H 387 9.69 -74.87 -11.92
N CYS H 388 10.88 -74.76 -11.31
CA CYS H 388 11.88 -75.80 -11.49
C CYS H 388 11.41 -77.14 -10.94
N ILE H 389 10.89 -77.15 -9.71
CA ILE H 389 10.42 -78.41 -9.14
C ILE H 389 9.21 -78.91 -9.92
N ALA H 390 8.35 -78.01 -10.39
CA ALA H 390 7.22 -78.44 -11.20
C ALA H 390 7.68 -79.11 -12.49
N LYS H 391 8.68 -78.54 -13.17
CA LYS H 391 9.17 -79.14 -14.40
C LYS H 391 9.81 -80.50 -14.13
N ALA H 392 10.55 -80.62 -13.03
CA ALA H 392 11.14 -81.90 -12.67
C ALA H 392 10.06 -82.94 -12.40
N ARG H 393 9.02 -82.56 -11.65
CA ARG H 393 7.96 -83.50 -11.30
C ARG H 393 7.23 -83.92 -12.58
N ARG H 394 7.01 -82.96 -13.49
CA ARG H 394 6.32 -83.22 -14.76
C ARG H 394 7.12 -84.21 -15.62
N ASP H 395 8.40 -83.92 -15.87
CA ASP H 395 9.18 -84.80 -16.73
C ASP H 395 9.70 -86.02 -16.00
N CYS H 396 9.37 -86.17 -14.72
CA CYS H 396 9.55 -87.42 -14.01
C CYS H 396 8.33 -88.32 -14.10
N LEU H 397 7.14 -87.74 -14.14
CA LEU H 397 5.93 -88.55 -14.22
C LEU H 397 5.53 -88.89 -15.65
N THR H 398 5.87 -88.03 -16.63
CA THR H 398 5.50 -88.32 -18.01
C THR H 398 6.21 -89.52 -18.60
N PRO H 399 7.56 -89.67 -18.50
CA PRO H 399 8.27 -90.60 -19.40
C PRO H 399 7.81 -92.05 -19.32
N TYR H 400 7.79 -92.62 -18.12
CA TYR H 400 7.41 -94.01 -17.95
C TYR H 400 6.41 -94.24 -16.82
N ALA H 401 6.33 -93.34 -15.85
CA ALA H 401 5.39 -93.52 -14.75
C ALA H 401 3.96 -93.46 -15.23
N LEU H 402 3.65 -92.50 -16.10
CA LEU H 402 2.31 -92.34 -16.66
C LEU H 402 2.30 -92.57 -18.16
N ALA H 403 3.22 -93.39 -18.65
CA ALA H 403 3.21 -93.79 -20.04
C ALA H 403 2.00 -94.70 -20.29
N PRO H 404 1.50 -94.73 -21.53
CA PRO H 404 0.38 -95.63 -21.82
C PRO H 404 0.75 -97.09 -21.56
N ASN H 405 -0.19 -97.81 -20.95
CA ASN H 405 -0.03 -99.23 -20.63
C ASN H 405 1.27 -99.48 -19.86
N ALA H 406 1.56 -98.61 -18.91
CA ALA H 406 2.77 -98.69 -18.11
C ALA H 406 2.41 -98.99 -16.66
N THR H 407 3.24 -99.79 -16.01
CA THR H 407 3.08 -100.17 -14.62
C THR H 407 4.29 -99.73 -13.82
N VAL H 408 4.05 -98.99 -12.74
CA VAL H 408 5.11 -98.54 -11.85
C VAL H 408 4.72 -98.92 -10.42
N PRO H 409 5.46 -99.79 -9.75
CA PRO H 409 5.13 -100.17 -8.38
C PRO H 409 5.51 -99.08 -7.38
N THR H 410 5.14 -99.33 -6.12
CA THR H 410 5.24 -98.30 -5.09
C THR H 410 6.67 -97.86 -4.83
N ALA H 411 7.63 -98.80 -4.93
CA ALA H 411 9.01 -98.50 -4.56
C ALA H 411 9.54 -97.26 -5.29
N LEU H 412 9.21 -97.12 -6.57
CA LEU H 412 9.53 -95.90 -7.30
C LEU H 412 8.30 -95.09 -7.67
N ALA H 413 7.14 -95.40 -7.06
CA ALA H 413 5.94 -94.60 -7.26
C ALA H 413 5.65 -93.62 -6.13
N VAL H 414 6.14 -93.89 -4.92
CA VAL H 414 5.87 -93.00 -3.79
C VAL H 414 7.14 -92.33 -3.27
N LEU H 415 8.32 -92.78 -3.70
CA LEU H 415 9.57 -92.26 -3.14
C LEU H 415 9.66 -90.74 -3.26
N CYS H 416 9.16 -90.19 -4.38
CA CYS H 416 9.08 -88.75 -4.55
C CYS H 416 7.75 -88.27 -5.11
N CYS H 417 7.00 -89.11 -5.81
CA CYS H 417 5.71 -88.71 -6.35
C CYS H 417 4.64 -88.74 -5.26
N ILE H 418 3.51 -88.09 -5.56
CA ILE H 418 2.37 -88.01 -4.66
C ILE H 418 2.79 -87.41 -3.32
N LYS I 1 0.40 33.31 -38.27
CA LYS I 1 -0.23 33.36 -36.95
C LYS I 1 0.17 32.15 -36.12
N CYS I 2 -0.27 32.12 -34.87
CA CYS I 2 0.02 31.02 -33.97
C CYS I 2 -1.15 30.85 -33.00
N GLU I 3 -1.14 29.74 -32.26
CA GLU I 3 -2.25 29.37 -31.41
C GLU I 3 -2.42 30.37 -30.27
N PRO I 4 -3.63 30.46 -29.69
CA PRO I 4 -3.88 31.46 -28.63
C PRO I 4 -3.01 31.30 -27.40
N SER I 5 -2.33 30.18 -27.23
CA SER I 5 -1.42 30.02 -26.10
C SER I 5 -0.16 30.87 -26.23
N GLN I 6 -0.05 31.70 -27.27
CA GLN I 6 1.08 32.59 -27.47
C GLN I 6 0.59 33.96 -27.92
N PHE I 7 1.39 34.98 -27.64
CA PHE I 7 1.14 36.34 -28.11
C PHE I 7 2.04 36.63 -29.30
N GLN I 8 1.50 37.37 -30.26
CA GLN I 8 2.21 37.70 -31.48
C GLN I 8 2.77 39.12 -31.35
N CYS I 9 4.10 39.23 -31.41
CA CYS I 9 4.71 40.54 -31.44
C CYS I 9 4.34 41.24 -32.74
N THR I 10 4.43 42.58 -32.74
CA THR I 10 4.14 43.29 -33.97
C THR I 10 5.37 43.29 -34.88
N ASN I 11 5.97 42.11 -35.03
CA ASN I 11 7.01 41.83 -36.01
C ASN I 11 6.70 40.60 -36.85
N GLY I 12 6.12 39.55 -36.27
CA GLY I 12 5.87 38.30 -36.96
C GLY I 12 6.23 37.11 -36.11
N ARG I 13 7.27 37.25 -35.30
CA ARG I 13 7.63 36.23 -34.31
C ARG I 13 6.74 36.37 -33.08
N CYS I 14 6.25 35.24 -32.58
CA CYS I 14 5.30 35.26 -31.48
C CYS I 14 5.83 34.45 -30.31
N ILE I 15 5.90 35.11 -29.14
CA ILE I 15 6.41 34.55 -27.89
C ILE I 15 5.28 33.93 -27.10
N THR I 16 5.62 33.12 -26.09
CA THR I 16 4.62 32.54 -25.22
C THR I 16 3.90 33.61 -24.40
N LEU I 17 2.77 33.22 -23.81
CA LEU I 17 1.90 34.18 -23.14
C LEU I 17 2.47 34.64 -21.81
N LEU I 18 3.25 33.80 -21.12
CA LEU I 18 3.84 34.20 -19.85
C LEU I 18 4.80 35.36 -19.97
N TRP I 19 5.33 35.61 -21.17
CA TRP I 19 6.29 36.69 -21.37
C TRP I 19 5.62 38.04 -21.62
N LYS I 20 4.30 38.10 -21.60
CA LYS I 20 3.55 39.34 -21.75
C LYS I 20 3.30 39.97 -20.37
N CYS I 21 3.54 41.27 -20.28
CA CYS I 21 3.27 42.04 -19.06
C CYS I 21 3.96 41.40 -17.86
N ASP I 22 5.25 41.10 -18.02
CA ASP I 22 6.02 40.39 -17.01
C ASP I 22 7.24 41.19 -16.56
N GLY I 23 7.33 42.46 -16.92
CA GLY I 23 8.44 43.30 -16.53
C GLY I 23 9.64 43.25 -17.45
N ASP I 24 9.64 42.38 -18.45
CA ASP I 24 10.75 42.25 -19.40
C ASP I 24 10.24 42.53 -20.81
N GLU I 25 11.12 43.06 -21.65
CA GLU I 25 10.82 43.31 -23.05
C GLU I 25 11.34 42.14 -23.88
N ASP I 26 10.47 41.54 -24.68
CA ASP I 26 10.84 40.39 -25.51
C ASP I 26 10.75 40.66 -27.01
N CYS I 27 9.96 41.63 -27.46
CA CYS I 27 9.90 41.98 -28.87
C CYS I 27 10.93 43.05 -29.19
N VAL I 28 11.34 43.09 -30.46
CA VAL I 28 12.32 44.07 -30.91
C VAL I 28 11.77 45.49 -30.79
N ASP I 29 10.44 45.65 -30.77
CA ASP I 29 9.82 46.96 -30.74
C ASP I 29 8.95 47.18 -29.51
N GLY I 30 9.06 46.32 -28.49
CA GLY I 30 8.40 46.57 -27.22
C GLY I 30 6.90 46.41 -27.22
N SER I 31 6.36 45.65 -28.17
CA SER I 31 4.90 45.47 -28.22
C SER I 31 4.38 44.65 -27.05
N ASP I 32 5.19 43.71 -26.54
CA ASP I 32 4.73 42.82 -25.49
C ASP I 32 4.59 43.52 -24.14
N GLU I 33 5.04 44.77 -24.01
CA GLU I 33 5.03 45.47 -22.73
C GLU I 33 4.18 46.73 -22.73
N LYS I 34 4.24 47.54 -23.79
CA LYS I 34 3.50 48.80 -23.79
C LYS I 34 2.05 48.59 -24.22
N ASN I 35 1.39 47.61 -23.61
CA ASN I 35 -0.04 47.40 -23.79
C ASN I 35 -0.80 47.08 -22.52
N CYS I 36 -0.13 46.64 -21.45
CA CYS I 36 -0.80 46.19 -20.24
C CYS I 36 -0.80 47.29 -19.19
N VAL I 37 -1.43 47.01 -18.05
CA VAL I 37 -1.69 48.02 -17.03
C VAL I 37 -0.88 47.73 -15.77
N LYS I 38 0.27 47.08 -15.92
CA LYS I 38 1.14 46.80 -14.78
C LYS I 38 2.03 48.02 -14.53
N LYS I 39 1.41 49.04 -13.95
CA LYS I 39 2.11 50.26 -13.57
C LYS I 39 2.70 50.17 -12.17
N THR I 40 2.70 48.99 -11.57
CA THR I 40 3.25 48.82 -10.23
C THR I 40 4.73 49.14 -10.21
N CYS I 41 5.19 49.71 -9.10
CA CYS I 41 6.56 50.14 -8.93
C CYS I 41 7.27 49.23 -7.93
N ALA I 42 8.53 48.92 -8.23
CA ALA I 42 9.30 48.01 -7.39
C ALA I 42 9.69 48.69 -6.08
N GLU I 43 10.13 47.87 -5.13
CA GLU I 43 10.48 48.37 -3.80
C GLU I 43 11.65 49.35 -3.88
N SER I 44 12.64 49.03 -4.70
CA SER I 44 13.81 49.89 -4.89
C SER I 44 13.60 50.91 -6.01
N ASP I 45 12.40 50.99 -6.57
CA ASP I 45 12.12 51.86 -7.70
C ASP I 45 11.40 53.12 -7.21
N PHE I 46 11.98 54.28 -7.51
CA PHE I 46 11.36 55.55 -7.17
C PHE I 46 10.29 55.93 -8.20
N VAL I 47 9.21 56.53 -7.72
CA VAL I 47 8.09 56.94 -8.56
C VAL I 47 8.17 58.44 -8.75
N CYS I 48 8.46 58.87 -9.98
CA CYS I 48 8.56 60.29 -10.26
C CYS I 48 7.16 60.90 -10.38
N ASN I 49 7.08 62.22 -10.21
CA ASN I 49 5.79 62.91 -10.18
C ASN I 49 4.97 62.70 -11.46
N ASN I 50 5.63 62.53 -12.61
CA ASN I 50 4.93 62.28 -13.86
C ASN I 50 4.18 60.95 -13.82
N GLY I 51 4.78 59.90 -13.28
CA GLY I 51 4.11 58.63 -13.12
C GLY I 51 4.89 57.41 -13.54
N GLN I 52 5.83 57.53 -14.47
CA GLN I 52 6.61 56.36 -14.88
C GLN I 52 7.63 56.02 -13.78
N CYS I 53 8.01 54.75 -13.74
CA CYS I 53 8.82 54.21 -12.66
C CYS I 53 10.29 54.29 -13.06
N VAL I 54 11.12 54.85 -12.17
CA VAL I 54 12.53 55.06 -12.44
C VAL I 54 13.33 54.54 -11.24
N PRO I 55 14.45 53.83 -11.45
CA PRO I 55 15.20 53.28 -10.31
C PRO I 55 15.69 54.38 -9.38
N SER I 56 15.83 54.02 -8.11
CA SER I 56 16.04 55.03 -7.06
C SER I 56 17.38 55.74 -7.19
N ARG I 57 18.41 55.09 -7.73
CA ARG I 57 19.70 55.75 -7.80
C ARG I 57 19.64 56.95 -8.75
N TRP I 58 18.78 56.88 -9.76
CA TRP I 58 18.59 57.99 -10.69
C TRP I 58 18.20 59.27 -9.99
N LYS I 59 17.59 59.18 -8.82
CA LYS I 59 17.09 60.37 -8.14
C LYS I 59 18.24 61.27 -7.72
N CYS I 60 18.24 62.50 -8.22
CA CYS I 60 19.16 63.54 -7.80
C CYS I 60 20.62 63.12 -8.01
N ASP I 61 20.86 62.54 -9.18
CA ASP I 61 22.19 62.08 -9.54
C ASP I 61 22.97 63.12 -10.34
N GLY I 62 22.41 64.31 -10.53
CA GLY I 62 23.06 65.36 -11.30
C GLY I 62 22.66 65.43 -12.75
N ASP I 63 21.85 64.50 -13.25
CA ASP I 63 21.42 64.52 -14.63
C ASP I 63 19.91 64.33 -14.72
N PRO I 64 19.25 64.99 -15.66
CA PRO I 64 17.79 64.88 -15.75
C PRO I 64 17.37 63.52 -16.27
N ASP I 65 16.38 62.92 -15.59
CA ASP I 65 15.90 61.60 -15.96
C ASP I 65 14.40 61.59 -16.23
N CYS I 66 13.65 62.34 -15.42
CA CYS I 66 12.19 62.40 -15.58
C CYS I 66 11.81 63.37 -16.69
N GLU I 67 10.62 63.15 -17.25
CA GLU I 67 10.14 64.03 -18.32
C GLU I 67 9.93 65.45 -17.81
N ASP I 68 9.32 65.60 -16.64
CA ASP I 68 9.13 66.90 -16.03
C ASP I 68 10.31 67.32 -15.15
N GLY I 69 11.31 66.46 -14.98
CA GLY I 69 12.49 66.83 -14.23
C GLY I 69 12.34 66.84 -12.73
N SER I 70 11.37 66.11 -12.18
CA SER I 70 11.23 66.03 -10.74
C SER I 70 12.42 65.32 -10.09
N ASP I 71 13.11 64.47 -10.84
CA ASP I 71 14.27 63.79 -10.30
C ASP I 71 15.39 64.77 -9.97
N GLU I 72 15.44 65.89 -10.70
CA GLU I 72 16.44 66.93 -10.48
C GLU I 72 15.86 68.17 -9.81
N SER I 73 14.63 68.11 -9.33
CA SER I 73 14.02 69.26 -8.68
C SER I 73 14.73 69.55 -7.36
N PRO I 74 15.09 70.81 -7.09
CA PRO I 74 15.76 71.12 -5.80
C PRO I 74 14.90 70.86 -4.59
N GLU I 75 13.57 70.87 -4.73
CA GLU I 75 12.70 70.58 -3.59
C GLU I 75 12.88 69.14 -3.14
N GLN I 76 13.05 68.21 -4.09
CA GLN I 76 13.23 66.80 -3.73
C GLN I 76 14.51 66.61 -2.94
N CYS I 77 15.60 67.22 -3.37
CA CYS I 77 16.87 67.15 -2.64
C CYS I 77 17.44 68.56 -2.56
N HIS I 78 17.60 69.07 -1.34
CA HIS I 78 18.17 70.40 -1.14
C HIS I 78 19.64 70.42 -1.57
N MET I 79 19.98 71.43 -2.37
CA MET I 79 21.36 71.56 -2.87
C MET I 79 22.09 72.71 -2.17
CA CA J . -30.69 45.56 36.68
CA CA K . -29.86 20.59 29.40
CA CA L . 37.71 27.15 47.52
CA CA M . 35.19 8.26 29.60
CA CA N . 18.53 62.22 -11.86
CA CA O . 8.03 40.41 -21.55
#